data_9F05
#
_entry.id   9F05
#
_entity_poly.entity_id   1
_entity_poly.type   'polypeptide(L)'
_entity_poly.pdbx_seq_one_letter_code
;MAVEPFPRRPITRPHASIEVDTSGIGGSAGSSEKVFCLIGQAEGGEPNTVYELRNYSQAKRLFRSGELLDAIELAWGSNP
NYTAGRILAMRIEDAKPASAEIGGLKITSKIYGNVANNIQVGLEKNTLSDSLRLRVIFQDDRFNEVYDNIGNIFTIKYKG
EEANATFSVEHDEETQKASRLVLKVGDQEVKSYDLTGGAYDYTNAIITDINQLPDFEAKLSPFGDKNLESSKLDKIENAN
IKDKAVYVKAVFGDLEKQTAYNGIVSFEQLNAEGEVPSNVEVEAGEESATVTATSPIKTIEPFELTKLKGGTNGEPPATW
ADKLDKFAHEGGYYIVPLSSKQSVHAEVASFVKERSDAGEPMRAIVGGGFNESKEQLFGRQASLSNPRVSLVANSGTFVM
DDGRKNHVPAYMVAVALGGLASGLEIGESITFKPLRVSSLDQIYESIDLDELNENGIISIEFVRNRTNTFFRIVDDVTTF
NDKSDPVKAEMAVGEANDFLVSELKVQLEDQFIGTRTINTSASIIKDFIQSYLGRKKRDNEIQDFPAEDVQVIVEGNEAR
ISMTVYPIRSFKKISVSLVYKQQTLQA
;
_entity_poly.pdbx_strand_id   A,B,C,D,E,F,G,H
#
# COMPACT_ATOMS: atom_id res chain seq x y z
N VAL A 3 -87.97 41.75 -1.76
CA VAL A 3 -87.49 41.93 -0.39
C VAL A 3 -87.67 43.39 0.03
N GLU A 4 -88.77 43.66 0.71
CA GLU A 4 -89.06 45.02 1.15
C GLU A 4 -88.27 45.33 2.42
N PRO A 5 -87.38 46.33 2.43
CA PRO A 5 -86.66 46.65 3.66
C PRO A 5 -87.54 47.43 4.63
N PHE A 6 -87.01 47.59 5.85
CA PHE A 6 -87.69 48.33 6.90
C PHE A 6 -86.65 48.89 7.87
N PRO A 7 -86.57 50.23 8.07
CA PRO A 7 -87.32 51.33 7.46
C PRO A 7 -86.86 51.59 6.03
N ARG A 8 -87.73 52.13 5.17
CA ARG A 8 -87.33 52.40 3.79
C ARG A 8 -86.30 53.52 3.71
N ARG A 9 -86.39 54.50 4.60
CA ARG A 9 -85.41 55.57 4.66
C ARG A 9 -84.16 55.07 5.38
N PRO A 10 -82.97 55.08 4.75
CA PRO A 10 -81.77 54.69 5.50
C PRO A 10 -81.46 55.68 6.60
N ILE A 11 -80.90 55.15 7.70
CA ILE A 11 -80.43 55.95 8.82
C ILE A 11 -79.05 55.43 9.22
N THR A 12 -78.09 56.34 9.36
CA THR A 12 -76.72 55.95 9.66
C THR A 12 -76.47 55.75 11.15
N ARG A 13 -77.34 56.27 12.02
CA ARG A 13 -77.16 56.08 13.45
C ARG A 13 -77.47 54.63 13.82
N PRO A 14 -77.04 54.18 15.01
CA PRO A 14 -77.35 52.80 15.41
C PRO A 14 -78.86 52.54 15.45
N HIS A 15 -79.25 51.37 14.99
CA HIS A 15 -80.66 51.02 14.84
C HIS A 15 -80.73 49.52 14.54
N ALA A 16 -81.96 49.05 14.28
CA ALA A 16 -82.22 47.68 13.85
C ALA A 16 -83.00 47.73 12.55
N SER A 17 -82.55 46.96 11.56
CA SER A 17 -83.16 46.91 10.24
C SER A 17 -83.71 45.52 9.99
N ILE A 18 -84.92 45.46 9.43
CA ILE A 18 -85.61 44.22 9.13
C ILE A 18 -85.91 44.19 7.64
N GLU A 19 -85.48 43.11 6.97
CA GLU A 19 -85.76 42.89 5.56
C GLU A 19 -86.88 41.86 5.45
N VAL A 20 -88.02 42.29 4.91
CA VAL A 20 -89.21 41.46 4.81
C VAL A 20 -89.25 40.84 3.42
N ASP A 21 -89.26 39.52 3.36
CA ASP A 21 -89.34 38.75 2.11
C ASP A 21 -90.75 38.19 2.01
N THR A 22 -91.56 38.78 1.13
CA THR A 22 -92.96 38.40 0.98
C THR A 22 -93.17 37.23 0.02
N SER A 23 -92.11 36.72 -0.60
CA SER A 23 -92.25 35.58 -1.51
C SER A 23 -92.56 34.31 -0.72
N GLY A 24 -93.13 33.34 -1.41
CA GLY A 24 -93.47 32.06 -0.81
C GLY A 24 -94.86 31.96 -0.23
N ILE A 25 -95.61 33.07 -0.19
CA ILE A 25 -96.99 33.08 0.29
C ILE A 25 -97.93 33.56 -0.81
N GLY A 26 -97.41 34.37 -1.74
CA GLY A 26 -98.20 34.87 -2.83
C GLY A 26 -98.55 33.78 -3.84
N SER A 32 -107.03 28.93 -16.75
CA SER A 32 -107.57 30.06 -17.48
C SER A 32 -109.10 30.02 -17.47
N GLU A 33 -109.71 31.20 -17.59
CA GLU A 33 -111.17 31.29 -17.56
C GLU A 33 -111.80 30.78 -18.85
N LYS A 34 -111.12 30.96 -19.99
CA LYS A 34 -111.63 30.55 -21.30
C LYS A 34 -112.96 31.24 -21.59
N VAL A 35 -112.89 32.57 -21.72
CA VAL A 35 -114.08 33.38 -21.91
C VAL A 35 -114.66 33.14 -23.31
N PHE A 36 -115.98 33.22 -23.40
CA PHE A 36 -116.72 33.02 -24.64
C PHE A 36 -117.10 34.37 -25.25
N CYS A 37 -117.25 34.38 -26.58
CA CYS A 37 -117.53 35.60 -27.33
C CYS A 37 -118.73 35.39 -28.25
N LEU A 38 -119.45 36.48 -28.51
CA LEU A 38 -120.60 36.46 -29.40
C LEU A 38 -120.69 37.79 -30.12
N ILE A 39 -121.03 37.73 -31.42
CA ILE A 39 -121.25 38.92 -32.23
C ILE A 39 -122.55 38.71 -33.02
N GLY A 40 -123.41 39.71 -33.02
CA GLY A 40 -124.66 39.60 -33.76
C GLY A 40 -125.50 40.84 -33.58
N GLN A 41 -126.69 40.80 -34.18
CA GLN A 41 -127.61 41.92 -34.12
C GLN A 41 -128.21 42.05 -32.73
N ALA A 42 -128.47 43.29 -32.33
CA ALA A 42 -129.09 43.57 -31.04
C ALA A 42 -129.79 44.92 -31.10
N GLU A 43 -130.72 45.13 -30.18
CA GLU A 43 -131.48 46.36 -30.08
C GLU A 43 -130.99 47.27 -28.95
N GLY A 44 -129.77 47.06 -28.46
CA GLY A 44 -129.25 47.87 -27.39
C GLY A 44 -127.75 47.70 -27.27
N GLY A 45 -127.15 48.62 -26.52
CA GLY A 45 -125.71 48.64 -26.31
C GLY A 45 -125.01 49.56 -27.29
N GLU A 46 -123.86 50.07 -26.87
CA GLU A 46 -123.11 50.99 -27.70
C GLU A 46 -122.50 50.24 -28.89
N PRO A 47 -122.26 50.93 -30.00
CA PRO A 47 -121.63 50.26 -31.15
C PRO A 47 -120.13 50.13 -30.97
N ASN A 48 -119.59 49.03 -31.49
CA ASN A 48 -118.15 48.75 -31.45
C ASN A 48 -117.64 48.75 -30.01
N THR A 49 -118.41 48.17 -29.10
CA THR A 49 -118.07 48.10 -27.68
C THR A 49 -118.29 46.68 -27.19
N VAL A 50 -117.35 46.19 -26.38
CA VAL A 50 -117.40 44.86 -25.79
C VAL A 50 -117.82 44.99 -24.34
N TYR A 51 -118.87 44.25 -23.96
CA TYR A 51 -119.42 44.27 -22.62
C TYR A 51 -119.28 42.90 -21.99
N GLU A 52 -118.76 42.85 -20.77
CA GLU A 52 -118.64 41.60 -20.04
C GLU A 52 -119.99 41.23 -19.43
N LEU A 53 -120.44 40.01 -19.71
CA LEU A 53 -121.74 39.52 -19.27
C LEU A 53 -121.55 38.37 -18.29
N ARG A 54 -122.28 38.42 -17.18
CA ARG A 54 -122.25 37.38 -16.16
C ARG A 54 -123.62 36.81 -15.82
N ASN A 55 -124.71 37.55 -16.08
CA ASN A 55 -126.07 37.10 -15.81
C ASN A 55 -126.95 37.48 -16.99
N TYR A 56 -128.04 36.71 -17.16
CA TYR A 56 -128.97 37.00 -18.24
C TYR A 56 -129.69 38.33 -18.02
N SER A 57 -129.90 38.73 -16.77
CA SER A 57 -130.55 40.00 -16.49
C SER A 57 -129.71 41.16 -17.00
N GLN A 58 -128.39 41.10 -16.82
CA GLN A 58 -127.52 42.16 -17.32
C GLN A 58 -127.59 42.26 -18.84
N ALA A 59 -127.60 41.11 -19.53
CA ALA A 59 -127.67 41.12 -20.98
C ALA A 59 -129.00 41.70 -21.47
N LYS A 60 -130.10 41.32 -20.82
CA LYS A 60 -131.41 41.83 -21.23
C LYS A 60 -131.50 43.33 -21.04
N ARG A 61 -130.98 43.85 -19.93
CA ARG A 61 -130.98 45.29 -19.71
C ARG A 61 -130.12 46.00 -20.74
N LEU A 62 -128.96 45.42 -21.07
CA LEU A 62 -128.08 46.00 -22.07
C LEU A 62 -128.64 45.80 -23.48
N PHE A 63 -128.79 44.54 -23.89
CA PHE A 63 -129.37 44.20 -25.19
C PHE A 63 -130.86 43.93 -24.99
N ARG A 64 -131.70 44.81 -25.51
CA ARG A 64 -133.13 44.71 -25.29
C ARG A 64 -133.70 43.44 -25.92
N SER A 65 -133.32 43.16 -27.16
CA SER A 65 -133.83 42.00 -27.88
C SER A 65 -132.98 41.80 -29.12
N GLY A 66 -133.15 40.63 -29.74
CA GLY A 66 -132.46 40.27 -30.95
C GLY A 66 -131.93 38.85 -30.89
N GLU A 67 -131.27 38.45 -31.97
CA GLU A 67 -130.69 37.11 -32.03
C GLU A 67 -129.49 36.99 -31.10
N LEU A 68 -128.80 38.09 -30.82
CA LEU A 68 -127.66 38.04 -29.92
C LEU A 68 -128.09 37.67 -28.51
N LEU A 69 -129.23 38.22 -28.05
CA LEU A 69 -129.72 37.89 -26.72
C LEU A 69 -130.10 36.41 -26.61
N ASP A 70 -130.71 35.86 -27.67
CA ASP A 70 -131.04 34.45 -27.68
C ASP A 70 -129.79 33.59 -27.63
N ALA A 71 -128.72 34.01 -28.32
CA ALA A 71 -127.47 33.27 -28.30
C ALA A 71 -126.88 33.22 -26.89
N ILE A 72 -126.96 34.34 -26.17
CA ILE A 72 -126.47 34.37 -24.79
C ILE A 72 -127.29 33.43 -23.92
N GLU A 73 -128.61 33.41 -24.12
CA GLU A 73 -129.47 32.50 -23.36
C GLU A 73 -129.13 31.05 -23.68
N LEU A 74 -128.90 30.75 -24.96
CA LEU A 74 -128.62 29.37 -25.36
C LEU A 74 -127.24 28.91 -24.91
N ALA A 75 -126.29 29.84 -24.78
CA ALA A 75 -124.93 29.47 -24.40
C ALA A 75 -124.88 28.89 -23.00
N TRP A 76 -125.56 29.54 -22.05
CA TRP A 76 -125.58 29.06 -20.68
C TRP A 76 -126.48 27.85 -20.50
N GLY A 77 -127.54 27.73 -21.30
CA GLY A 77 -128.45 26.61 -21.20
C GLY A 77 -127.93 25.32 -21.80
N SER A 78 -126.83 25.37 -22.55
CA SER A 78 -126.29 24.15 -23.16
C SER A 78 -125.56 23.28 -22.15
N ASN A 79 -125.12 23.84 -21.03
CA ASN A 79 -124.35 23.11 -20.01
C ASN A 79 -124.93 23.42 -18.63
N PRO A 80 -126.09 22.85 -18.28
CA PRO A 80 -126.62 23.06 -16.92
C PRO A 80 -125.73 22.51 -15.82
N ASN A 81 -124.88 21.53 -16.12
CA ASN A 81 -124.07 20.85 -15.12
C ASN A 81 -122.68 21.46 -14.95
N TYR A 82 -122.39 22.58 -15.62
CA TYR A 82 -121.08 23.23 -15.56
C TYR A 82 -121.26 24.70 -15.23
N THR A 83 -120.17 25.33 -14.81
CA THR A 83 -120.22 26.72 -14.39
C THR A 83 -120.55 27.62 -15.58
N ALA A 84 -121.33 28.66 -15.31
CA ALA A 84 -121.70 29.65 -16.32
C ALA A 84 -120.60 30.70 -16.39
N GLY A 85 -119.78 30.62 -17.44
CA GLY A 85 -118.66 31.52 -17.59
C GLY A 85 -119.06 32.85 -18.19
N ARG A 86 -118.07 33.74 -18.26
CA ARG A 86 -118.28 35.06 -18.84
C ARG A 86 -118.53 34.96 -20.34
N ILE A 87 -119.32 35.92 -20.85
CA ILE A 87 -119.62 36.03 -22.27
C ILE A 87 -119.37 37.47 -22.70
N LEU A 88 -118.70 37.64 -23.83
CA LEU A 88 -118.43 38.95 -24.42
C LEU A 88 -119.34 39.15 -25.62
N ALA A 89 -120.01 40.31 -25.67
CA ALA A 89 -121.03 40.58 -26.66
C ALA A 89 -120.74 41.90 -27.36
N MET A 90 -121.18 42.00 -28.61
CA MET A 90 -121.02 43.21 -29.41
C MET A 90 -122.20 43.34 -30.36
N ARG A 91 -122.57 44.59 -30.64
CA ARG A 91 -123.66 44.91 -31.57
C ARG A 91 -123.04 45.33 -32.89
N ILE A 92 -123.34 44.57 -33.95
CA ILE A 92 -122.81 44.91 -35.27
C ILE A 92 -123.43 46.20 -35.80
N GLU A 93 -124.70 46.45 -35.49
CA GLU A 93 -125.40 47.61 -36.02
C GLU A 93 -124.75 48.91 -35.57
N ASP A 94 -124.54 49.82 -36.52
CA ASP A 94 -123.95 51.13 -36.23
C ASP A 94 -125.04 52.12 -35.83
N ALA A 95 -125.69 51.81 -34.71
CA ALA A 95 -126.77 52.64 -34.22
C ALA A 95 -126.24 53.98 -33.72
N LYS A 96 -127.13 54.96 -33.67
CA LYS A 96 -126.83 56.32 -33.21
C LYS A 96 -127.86 56.73 -32.17
N PRO A 97 -127.52 57.64 -31.26
CA PRO A 97 -128.46 58.01 -30.19
C PRO A 97 -129.48 59.04 -30.66
N ALA A 98 -130.71 58.87 -30.18
CA ALA A 98 -131.75 59.85 -30.45
C ALA A 98 -131.45 61.14 -29.71
N SER A 99 -131.70 62.27 -30.37
CA SER A 99 -131.43 63.58 -29.79
C SER A 99 -132.43 64.59 -30.33
N ALA A 100 -132.61 65.66 -29.57
CA ALA A 100 -133.52 66.74 -29.96
C ALA A 100 -133.05 68.03 -29.30
N GLU A 101 -132.76 69.03 -30.12
CA GLU A 101 -132.30 70.33 -29.65
C GLU A 101 -133.51 71.23 -29.45
N ILE A 102 -133.97 71.33 -28.20
CA ILE A 102 -135.09 72.18 -27.82
C ILE A 102 -134.70 72.96 -26.57
N GLY A 103 -135.03 74.26 -26.56
CA GLY A 103 -134.65 75.09 -25.45
C GLY A 103 -133.15 75.29 -25.38
N GLY A 104 -132.65 75.52 -24.17
CA GLY A 104 -131.25 75.73 -23.93
C GLY A 104 -130.43 74.49 -23.62
N LEU A 105 -131.01 73.30 -23.77
CA LEU A 105 -130.36 72.04 -23.46
C LEU A 105 -130.33 71.16 -24.70
N LYS A 106 -129.18 70.56 -24.97
CA LYS A 106 -129.03 69.57 -26.03
C LYS A 106 -129.31 68.19 -25.44
N ILE A 107 -130.46 67.63 -25.78
CA ILE A 107 -130.91 66.37 -25.19
C ILE A 107 -130.38 65.22 -26.03
N THR A 108 -129.78 64.23 -25.37
CA THR A 108 -129.27 63.04 -26.02
C THR A 108 -129.64 61.82 -25.19
N SER A 109 -130.02 60.75 -25.87
CA SER A 109 -130.48 59.52 -25.22
C SER A 109 -129.34 58.50 -25.19
N LYS A 110 -129.16 57.88 -24.02
CA LYS A 110 -128.14 56.84 -23.87
C LYS A 110 -128.46 55.57 -24.65
N ILE A 111 -129.74 55.33 -24.95
CA ILE A 111 -130.12 54.16 -25.73
C ILE A 111 -129.87 54.43 -27.20
N TYR A 112 -129.30 53.45 -27.89
CA TYR A 112 -128.96 53.55 -29.31
C TYR A 112 -129.91 52.69 -30.12
N GLY A 113 -130.49 53.29 -31.16
CA GLY A 113 -131.39 52.61 -32.07
C GLY A 113 -132.72 53.32 -32.19
N ASN A 114 -133.62 52.69 -32.95
CA ASN A 114 -134.95 53.25 -33.15
C ASN A 114 -135.79 53.25 -31.87
N VAL A 115 -135.43 52.41 -30.88
CA VAL A 115 -136.18 52.37 -29.64
C VAL A 115 -136.07 53.69 -28.90
N ALA A 116 -134.94 54.38 -29.02
CA ALA A 116 -134.75 55.64 -28.32
C ALA A 116 -135.68 56.74 -28.82
N ASN A 117 -136.25 56.61 -30.01
CA ASN A 117 -137.14 57.63 -30.54
C ASN A 117 -138.41 57.79 -29.71
N ASN A 118 -138.81 56.76 -28.97
CA ASN A 118 -140.01 56.84 -28.13
C ASN A 118 -139.79 57.60 -26.84
N ILE A 119 -138.55 57.98 -26.52
CA ILE A 119 -138.27 58.69 -25.28
C ILE A 119 -138.90 60.09 -25.34
N GLN A 120 -139.53 60.50 -24.25
CA GLN A 120 -140.17 61.80 -24.12
C GLN A 120 -139.49 62.58 -23.00
N VAL A 121 -139.20 63.86 -23.26
CA VAL A 121 -138.55 64.74 -22.31
C VAL A 121 -139.29 66.07 -22.29
N GLY A 122 -139.53 66.59 -21.09
CA GLY A 122 -140.22 67.86 -20.93
C GLY A 122 -139.90 68.55 -19.63
N LEU A 123 -139.84 69.88 -19.65
CA LEU A 123 -139.56 70.70 -18.48
C LEU A 123 -140.79 71.52 -18.12
N GLU A 124 -141.07 71.60 -16.81
CA GLU A 124 -142.16 72.40 -16.28
C GLU A 124 -141.63 73.24 -15.12
N LYS A 125 -142.15 74.45 -15.01
CA LYS A 125 -141.74 75.41 -13.99
C LYS A 125 -142.77 75.46 -12.88
N ASN A 126 -142.33 75.27 -11.64
CA ASN A 126 -143.20 75.32 -10.47
C ASN A 126 -143.25 76.76 -9.99
N THR A 127 -144.41 77.41 -10.17
CA THR A 127 -144.56 78.79 -9.73
C THR A 127 -144.51 78.91 -8.21
N LEU A 128 -145.00 77.90 -7.49
CA LEU A 128 -145.00 77.95 -6.03
C LEU A 128 -143.59 77.99 -5.46
N SER A 129 -142.67 77.19 -5.99
CA SER A 129 -141.29 77.15 -5.52
C SER A 129 -140.30 77.84 -6.44
N ASP A 130 -140.71 78.29 -7.63
CA ASP A 130 -139.81 78.94 -8.59
C ASP A 130 -138.67 78.00 -8.98
N SER A 131 -139.02 76.73 -9.21
CA SER A 131 -138.05 75.70 -9.56
C SER A 131 -138.58 74.89 -10.74
N LEU A 132 -137.65 74.42 -11.57
CA LEU A 132 -138.00 73.63 -12.74
C LEU A 132 -138.38 72.22 -12.33
N ARG A 133 -139.06 71.52 -13.24
CA ARG A 133 -139.51 70.15 -13.02
C ARG A 133 -139.31 69.36 -14.30
N LEU A 134 -138.46 68.34 -14.24
CA LEU A 134 -138.14 67.50 -15.38
C LEU A 134 -138.88 66.17 -15.24
N ARG A 135 -139.53 65.75 -16.33
CA ARG A 135 -140.26 64.49 -16.38
C ARG A 135 -139.84 63.73 -17.63
N VAL A 136 -139.50 62.45 -17.46
CA VAL A 136 -139.08 61.57 -18.55
C VAL A 136 -140.04 60.40 -18.60
N ILE A 137 -140.61 60.16 -19.78
CA ILE A 137 -141.59 59.10 -20.00
C ILE A 137 -141.04 58.17 -21.07
N PHE A 138 -141.07 56.86 -20.79
CA PHE A 138 -140.59 55.85 -21.74
C PHE A 138 -141.47 54.62 -21.55
N GLN A 139 -142.48 54.48 -22.41
CA GLN A 139 -143.50 53.46 -22.20
C GLN A 139 -142.95 52.05 -22.38
N ASP A 140 -141.88 51.89 -23.16
CA ASP A 140 -141.36 50.55 -23.43
C ASP A 140 -140.85 49.89 -22.15
N ASP A 141 -140.14 50.64 -21.31
CA ASP A 141 -139.68 50.15 -20.02
C ASP A 141 -140.66 50.47 -18.88
N ARG A 142 -141.79 51.12 -19.18
CA ARG A 142 -142.73 51.59 -18.15
C ARG A 142 -142.03 52.51 -17.16
N PHE A 143 -141.11 53.33 -17.67
CA PHE A 143 -140.32 54.25 -16.85
C PHE A 143 -140.99 55.62 -16.86
N ASN A 144 -141.31 56.13 -15.67
CA ASN A 144 -141.94 57.45 -15.55
C ASN A 144 -141.58 57.99 -14.18
N GLU A 145 -140.62 58.93 -14.16
CA GLU A 145 -140.17 59.58 -12.93
C GLU A 145 -140.08 61.08 -13.15
N VAL A 146 -140.24 61.83 -12.07
CA VAL A 146 -140.23 63.29 -12.08
C VAL A 146 -139.12 63.76 -11.16
N TYR A 147 -138.24 64.61 -11.70
CA TYR A 147 -137.15 65.21 -10.94
C TYR A 147 -137.62 66.60 -10.50
N ASP A 148 -138.26 66.65 -9.35
CA ASP A 148 -138.84 67.88 -8.83
C ASP A 148 -137.78 68.69 -8.08
N ASN A 149 -138.07 69.98 -7.91
CA ASN A 149 -137.20 70.90 -7.15
C ASN A 149 -135.83 71.02 -7.80
N ILE A 150 -135.80 71.17 -9.12
CA ILE A 150 -134.54 71.40 -9.82
C ILE A 150 -134.02 72.78 -9.46
N GLY A 151 -132.74 72.87 -9.14
CA GLY A 151 -132.17 74.10 -8.66
C GLY A 151 -132.54 74.35 -7.21
N ASN A 152 -132.47 75.61 -6.81
CA ASN A 152 -132.77 76.04 -5.44
C ASN A 152 -131.86 75.33 -4.43
N ILE A 153 -130.55 75.52 -4.62
CA ILE A 153 -129.58 74.78 -3.84
C ILE A 153 -129.57 75.24 -2.38
N PHE A 154 -129.70 76.55 -2.14
CA PHE A 154 -129.71 77.07 -0.79
C PHE A 154 -130.25 78.50 -0.80
N THR A 155 -130.42 79.05 0.40
CA THR A 155 -130.98 80.37 0.61
C THR A 155 -129.93 81.30 1.24
N ILE A 156 -130.11 82.59 1.01
CA ILE A 156 -129.32 83.64 1.66
C ILE A 156 -130.28 84.64 2.24
N LYS A 157 -130.11 84.96 3.53
CA LYS A 157 -130.99 85.88 4.25
C LYS A 157 -130.16 86.88 5.03
N TYR A 158 -130.73 88.08 5.20
CA TYR A 158 -130.08 89.17 5.90
C TYR A 158 -131.03 89.71 6.97
N LYS A 159 -130.54 89.81 8.20
CA LYS A 159 -131.33 90.26 9.34
C LYS A 159 -130.79 91.54 9.98
N GLY A 160 -129.84 92.21 9.34
CA GLY A 160 -129.30 93.43 9.90
C GLY A 160 -130.30 94.58 9.83
N GLU A 161 -129.96 95.65 10.54
CA GLU A 161 -130.81 96.84 10.62
C GLU A 161 -130.53 97.83 9.49
N GLU A 162 -129.62 97.53 8.58
CA GLU A 162 -129.33 98.44 7.49
C GLU A 162 -130.51 98.51 6.52
N ALA A 163 -130.44 99.48 5.62
CA ALA A 163 -131.56 99.74 4.71
C ALA A 163 -131.79 98.56 3.77
N ASN A 164 -130.73 98.09 3.11
CA ASN A 164 -130.84 97.02 2.13
C ASN A 164 -129.55 96.22 2.09
N ALA A 165 -129.66 95.00 1.57
CA ALA A 165 -128.52 94.12 1.37
C ALA A 165 -128.71 93.35 0.07
N THR A 166 -127.63 93.24 -0.71
CA THR A 166 -127.68 92.58 -2.01
C THR A 166 -126.42 91.74 -2.19
N PHE A 167 -126.52 90.76 -3.10
CA PHE A 167 -125.40 89.91 -3.46
C PHE A 167 -125.38 89.73 -4.96
N SER A 168 -124.20 89.40 -5.49
CA SER A 168 -124.02 89.21 -6.92
C SER A 168 -122.97 88.13 -7.15
N VAL A 169 -123.02 87.55 -8.34
CA VAL A 169 -122.10 86.48 -8.75
C VAL A 169 -121.44 86.91 -10.06
N GLU A 170 -120.11 86.78 -10.10
CA GLU A 170 -119.32 87.14 -11.26
C GLU A 170 -118.79 85.88 -11.94
N HIS A 171 -118.79 85.89 -13.27
CA HIS A 171 -118.38 84.75 -14.09
C HIS A 171 -117.17 85.12 -14.93
N ASP A 172 -116.26 84.16 -15.08
CA ASP A 172 -115.11 84.36 -15.95
C ASP A 172 -115.54 84.31 -17.41
N GLU A 173 -115.08 85.31 -18.18
CA GLU A 173 -115.52 85.42 -19.57
C GLU A 173 -115.04 84.23 -20.40
N GLU A 174 -113.79 83.79 -20.18
CA GLU A 174 -113.23 82.73 -21.02
C GLU A 174 -113.95 81.40 -20.80
N THR A 175 -114.19 81.04 -19.53
CA THR A 175 -114.78 79.76 -19.18
C THR A 175 -116.27 79.82 -18.88
N GLN A 176 -116.82 81.01 -18.68
CA GLN A 176 -118.25 81.17 -18.32
C GLN A 176 -118.59 80.40 -17.05
N LYS A 177 -117.66 80.43 -16.08
CA LYS A 177 -117.82 79.77 -14.80
C LYS A 177 -117.76 80.80 -13.68
N ALA A 178 -118.56 80.59 -12.64
CA ALA A 178 -118.58 81.50 -11.51
C ALA A 178 -117.21 81.52 -10.83
N SER A 179 -116.78 82.72 -10.43
CA SER A 179 -115.46 82.93 -9.85
C SER A 179 -115.53 83.65 -8.51
N ARG A 180 -116.57 84.45 -8.30
CA ARG A 180 -116.72 85.23 -7.08
C ARG A 180 -118.18 85.25 -6.65
N LEU A 181 -118.39 85.44 -5.35
CA LEU A 181 -119.73 85.59 -4.77
C LEU A 181 -119.62 86.66 -3.70
N VAL A 182 -120.04 87.89 -4.03
CA VAL A 182 -119.85 89.06 -3.19
C VAL A 182 -121.16 89.35 -2.46
N LEU A 183 -121.07 89.55 -1.14
CA LEU A 183 -122.19 89.99 -0.32
C LEU A 183 -122.03 91.49 -0.08
N LYS A 184 -123.06 92.26 -0.44
CA LYS A 184 -123.01 93.72 -0.40
C LYS A 184 -124.12 94.24 0.50
N VAL A 185 -123.76 95.17 1.38
CA VAL A 185 -124.72 95.91 2.21
C VAL A 185 -124.58 97.38 1.85
N GLY A 186 -125.68 98.02 1.48
CA GLY A 186 -125.62 99.37 0.98
C GLY A 186 -124.88 99.45 -0.34
N ASP A 187 -123.84 100.26 -0.41
CA ASP A 187 -123.01 100.42 -1.60
C ASP A 187 -121.69 99.67 -1.51
N GLN A 188 -120.97 99.82 -0.40
CA GLN A 188 -119.67 99.19 -0.27
C GLN A 188 -119.81 97.69 -0.04
N GLU A 189 -118.78 96.96 -0.45
CA GLU A 189 -118.75 95.51 -0.28
C GLU A 189 -118.38 95.14 1.15
N VAL A 190 -119.03 94.11 1.68
CA VAL A 190 -118.78 93.64 3.04
C VAL A 190 -117.75 92.51 2.99
N LYS A 191 -118.08 91.43 2.29
CA LYS A 191 -117.19 90.29 2.18
C LYS A 191 -117.49 89.56 0.88
N SER A 192 -116.46 88.93 0.32
CA SER A 192 -116.55 88.19 -0.93
C SER A 192 -115.86 86.85 -0.78
N TYR A 193 -116.43 85.84 -1.45
CA TYR A 193 -115.89 84.48 -1.47
C TYR A 193 -115.34 84.19 -2.86
N ASP A 194 -114.10 83.70 -2.90
CA ASP A 194 -113.45 83.36 -4.17
C ASP A 194 -113.81 81.92 -4.53
N LEU A 195 -114.42 81.75 -5.70
CA LEU A 195 -114.89 80.45 -6.17
C LEU A 195 -113.91 79.80 -7.17
N THR A 196 -112.70 80.35 -7.31
CA THR A 196 -111.73 79.77 -8.24
C THR A 196 -111.35 78.35 -7.82
N GLY A 197 -111.12 78.14 -6.54
CA GLY A 197 -110.78 76.82 -6.04
C GLY A 197 -110.14 76.90 -4.67
N GLY A 198 -109.82 75.74 -4.15
CA GLY A 198 -109.16 75.63 -2.87
C GLY A 198 -110.12 75.59 -1.69
N ALA A 199 -110.27 76.72 -1.00
CA ALA A 199 -111.09 76.75 0.20
C ALA A 199 -112.57 76.63 -0.11
N TYR A 200 -112.99 77.02 -1.31
CA TYR A 200 -114.41 77.05 -1.71
C TYR A 200 -114.61 76.26 -2.98
N ASP A 201 -114.08 75.02 -3.01
CA ASP A 201 -114.31 74.15 -4.15
C ASP A 201 -115.79 73.81 -4.31
N TYR A 202 -116.47 73.54 -3.19
CA TYR A 202 -117.87 73.17 -3.16
C TYR A 202 -118.67 74.20 -2.40
N THR A 203 -119.99 74.20 -2.63
CA THR A 203 -120.88 75.17 -2.02
C THR A 203 -121.06 74.95 -0.52
N ASN A 204 -120.71 73.76 -0.01
CA ASN A 204 -120.89 73.48 1.41
C ASN A 204 -120.05 74.42 2.27
N ALA A 205 -118.80 74.68 1.86
CA ALA A 205 -117.96 75.60 2.63
C ALA A 205 -118.51 77.01 2.60
N ILE A 206 -119.13 77.42 1.49
CA ILE A 206 -119.69 78.78 1.40
C ILE A 206 -120.84 78.94 2.39
N ILE A 207 -121.69 77.92 2.54
CA ILE A 207 -122.85 78.01 3.42
C ILE A 207 -122.40 78.18 4.87
N THR A 208 -121.38 77.42 5.28
CA THR A 208 -120.92 77.49 6.66
C THR A 208 -120.36 78.87 6.99
N ASP A 209 -119.58 79.45 6.08
CA ASP A 209 -118.98 80.76 6.34
C ASP A 209 -120.04 81.86 6.41
N ILE A 210 -121.11 81.74 5.61
CA ILE A 210 -122.16 82.75 5.63
C ILE A 210 -122.84 82.79 7.00
N ASN A 211 -123.11 81.62 7.57
CA ASN A 211 -123.78 81.57 8.88
C ASN A 211 -122.92 82.17 9.97
N GLN A 212 -121.59 82.12 9.83
CA GLN A 212 -120.71 82.67 10.85
C GLN A 212 -120.83 84.17 10.97
N LEU A 213 -121.25 84.87 9.91
CA LEU A 213 -121.35 86.31 9.95
C LEU A 213 -122.49 86.74 10.88
N PRO A 214 -122.46 87.98 11.40
CA PRO A 214 -123.50 88.39 12.36
C PRO A 214 -124.89 88.44 11.76
N ASP A 215 -125.05 89.12 10.62
CA ASP A 215 -126.35 89.35 10.02
C ASP A 215 -126.72 88.32 8.96
N PHE A 216 -125.79 87.90 8.12
CA PHE A 216 -126.05 86.98 7.04
C PHE A 216 -126.33 85.58 7.58
N GLU A 217 -127.25 84.88 6.92
CA GLU A 217 -127.59 83.51 7.27
C GLU A 217 -127.87 82.72 6.00
N ALA A 218 -127.70 81.41 6.10
CA ALA A 218 -127.91 80.51 4.96
C ALA A 218 -128.29 79.14 5.48
N LYS A 219 -129.05 78.41 4.66
CA LYS A 219 -129.49 77.06 4.98
C LYS A 219 -129.53 76.23 3.71
N LEU A 220 -129.00 75.01 3.80
CA LEU A 220 -129.03 74.10 2.67
C LEU A 220 -130.46 73.64 2.39
N SER A 221 -130.74 73.41 1.11
CA SER A 221 -132.09 73.02 0.71
C SER A 221 -132.41 71.63 1.26
N PRO A 222 -133.66 71.36 1.65
CA PRO A 222 -133.98 70.03 2.20
C PRO A 222 -134.15 68.95 1.15
N PHE A 223 -134.25 69.30 -0.13
CA PHE A 223 -134.52 68.32 -1.19
C PHE A 223 -133.22 67.64 -1.60
N GLY A 224 -132.71 66.81 -0.69
CA GLY A 224 -131.53 66.03 -0.96
C GLY A 224 -130.24 66.81 -0.74
N ASP A 225 -129.14 66.06 -0.64
CA ASP A 225 -127.82 66.63 -0.46
C ASP A 225 -127.20 66.83 -1.84
N LYS A 226 -127.26 68.07 -2.33
CA LYS A 226 -126.77 68.37 -3.67
C LYS A 226 -125.25 68.57 -3.67
N ASN A 227 -124.77 69.55 -2.90
CA ASN A 227 -123.34 69.84 -2.78
C ASN A 227 -122.74 70.15 -4.15
N LEU A 228 -123.43 71.00 -4.91
CA LEU A 228 -122.97 71.38 -6.24
C LEU A 228 -121.68 72.20 -6.14
N GLU A 229 -120.85 72.09 -7.17
CA GLU A 229 -119.61 72.85 -7.23
C GLU A 229 -119.91 74.34 -7.35
N SER A 230 -119.04 75.16 -6.74
CA SER A 230 -119.24 76.60 -6.76
C SER A 230 -119.08 77.17 -8.16
N SER A 231 -118.26 76.54 -9.00
CA SER A 231 -118.05 77.05 -10.36
C SER A 231 -119.29 76.95 -11.22
N LYS A 232 -120.23 76.07 -10.88
CA LYS A 232 -121.43 75.84 -11.67
C LYS A 232 -122.61 76.73 -11.26
N LEU A 233 -122.41 77.64 -10.30
CA LEU A 233 -123.49 78.52 -9.88
C LEU A 233 -123.89 79.46 -11.01
N ASP A 234 -125.16 79.86 -11.01
CA ASP A 234 -125.70 80.73 -12.04
C ASP A 234 -125.29 82.18 -11.80
N LYS A 235 -125.54 83.01 -12.81
CA LYS A 235 -125.17 84.42 -12.76
C LYS A 235 -126.35 85.24 -12.25
N ILE A 236 -126.16 85.90 -11.11
CA ILE A 236 -127.15 86.76 -10.49
C ILE A 236 -126.47 88.06 -10.10
N GLU A 237 -127.16 89.18 -10.32
CA GLU A 237 -126.64 90.50 -9.98
C GLU A 237 -127.76 91.36 -9.43
N ASN A 238 -127.49 92.05 -8.33
CA ASN A 238 -128.43 93.00 -7.71
C ASN A 238 -129.74 92.32 -7.33
N ALA A 239 -129.63 91.33 -6.44
CA ALA A 239 -130.80 90.62 -5.91
C ALA A 239 -131.04 91.06 -4.47
N ASN A 240 -132.23 91.58 -4.20
CA ASN A 240 -132.55 92.06 -2.86
C ASN A 240 -132.72 90.88 -1.92
N ILE A 241 -132.07 90.95 -0.76
CA ILE A 241 -132.07 89.87 0.22
C ILE A 241 -132.99 90.16 1.38
N LYS A 242 -133.04 91.42 1.83
CA LYS A 242 -133.79 91.77 3.03
C LYS A 242 -135.29 91.54 2.84
N ASP A 243 -135.82 91.88 1.66
CA ASP A 243 -137.25 91.73 1.42
C ASP A 243 -137.68 90.27 1.49
N LYS A 244 -136.96 89.39 0.80
CA LYS A 244 -137.25 87.97 0.82
C LYS A 244 -135.97 87.19 0.58
N ALA A 245 -135.96 85.94 1.02
CA ALA A 245 -134.81 85.07 0.80
C ALA A 245 -134.66 84.78 -0.68
N VAL A 246 -133.42 84.87 -1.18
CA VAL A 246 -133.10 84.66 -2.59
C VAL A 246 -132.51 83.26 -2.75
N TYR A 247 -133.08 82.49 -3.67
CA TYR A 247 -132.60 81.15 -3.96
C TYR A 247 -131.57 81.20 -5.09
N VAL A 248 -130.41 80.60 -4.86
CA VAL A 248 -129.43 80.41 -5.93
C VAL A 248 -129.87 79.22 -6.77
N LYS A 249 -130.13 79.46 -8.06
CA LYS A 249 -130.78 78.44 -8.88
C LYS A 249 -129.79 77.36 -9.31
N ALA A 250 -128.81 77.73 -10.13
CA ALA A 250 -127.84 76.80 -10.72
C ALA A 250 -128.57 75.63 -11.38
N VAL A 251 -129.42 75.98 -12.35
CA VAL A 251 -130.32 75.00 -12.94
C VAL A 251 -129.55 73.92 -13.70
N PHE A 252 -128.51 74.31 -14.43
CA PHE A 252 -127.79 73.32 -15.23
C PHE A 252 -126.97 72.38 -14.35
N GLY A 253 -126.37 72.90 -13.28
CA GLY A 253 -125.56 72.06 -12.42
C GLY A 253 -126.37 70.98 -11.71
N ASP A 254 -127.59 71.33 -11.31
CA ASP A 254 -128.44 70.35 -10.61
C ASP A 254 -128.84 69.21 -11.52
N LEU A 255 -129.07 69.50 -12.81
CA LEU A 255 -129.46 68.44 -13.75
C LEU A 255 -128.37 67.39 -13.89
N GLU A 256 -127.10 67.82 -13.95
CA GLU A 256 -126.00 66.87 -14.12
C GLU A 256 -125.90 65.93 -12.92
N LYS A 257 -126.10 66.46 -11.71
CA LYS A 257 -125.99 65.63 -10.51
C LYS A 257 -127.02 64.51 -10.51
N GLN A 258 -128.24 64.81 -10.96
CA GLN A 258 -129.33 63.85 -10.95
C GLN A 258 -129.44 63.03 -12.24
N THR A 259 -128.57 63.29 -13.23
CA THR A 259 -128.64 62.59 -14.51
C THR A 259 -127.28 62.14 -15.04
N ALA A 260 -126.17 62.44 -14.36
CA ALA A 260 -124.86 62.01 -14.86
C ALA A 260 -124.74 60.49 -14.87
N TYR A 261 -125.24 59.83 -13.82
CA TYR A 261 -125.18 58.39 -13.68
C TYR A 261 -126.54 57.80 -13.28
N ASN A 262 -127.63 58.49 -13.60
CA ASN A 262 -128.97 58.02 -13.29
C ASN A 262 -129.89 58.40 -14.44
N GLY A 263 -131.00 57.68 -14.54
CA GLY A 263 -131.94 57.90 -15.62
C GLY A 263 -131.46 57.31 -16.94
N ILE A 264 -132.12 57.72 -18.01
CA ILE A 264 -131.85 57.21 -19.35
C ILE A 264 -131.35 58.34 -20.25
N VAL A 265 -131.77 59.57 -19.98
CA VAL A 265 -131.50 60.71 -20.84
C VAL A 265 -130.40 61.55 -20.23
N SER A 266 -129.42 61.92 -21.05
CA SER A 266 -128.36 62.85 -20.69
C SER A 266 -128.66 64.23 -21.26
N PHE A 267 -128.04 65.25 -20.66
CA PHE A 267 -128.26 66.64 -21.05
C PHE A 267 -126.93 67.36 -21.19
N GLU A 268 -126.90 68.31 -22.12
CA GLU A 268 -125.73 69.15 -22.36
C GLU A 268 -126.20 70.55 -22.68
N GLN A 269 -125.31 71.52 -22.43
CA GLN A 269 -125.61 72.94 -22.64
C GLN A 269 -125.03 73.38 -23.98
N LEU A 270 -125.85 74.06 -24.78
CA LEU A 270 -125.42 74.55 -26.09
C LEU A 270 -124.35 75.63 -25.93
N LYS A 298 -126.71 80.19 -24.12
CA LYS A 298 -128.15 80.02 -24.21
C LYS A 298 -128.78 80.02 -22.83
N THR A 299 -130.07 80.35 -22.77
CA THR A 299 -130.83 80.40 -21.53
C THR A 299 -131.77 79.20 -21.46
N ILE A 300 -131.73 78.49 -20.34
CA ILE A 300 -132.58 77.32 -20.15
C ILE A 300 -133.96 77.78 -19.72
N GLU A 301 -134.98 77.32 -20.43
CA GLU A 301 -136.37 77.65 -20.15
C GLU A 301 -137.22 76.40 -20.32
N PRO A 302 -138.42 76.37 -19.75
CA PRO A 302 -139.28 75.19 -19.91
C PRO A 302 -139.68 74.98 -21.36
N PHE A 303 -139.89 73.71 -21.72
CA PHE A 303 -140.40 73.34 -23.03
C PHE A 303 -141.40 72.21 -22.87
N GLU A 304 -142.31 72.10 -23.83
CA GLU A 304 -143.37 71.10 -23.77
C GLU A 304 -142.81 69.70 -23.99
N LEU A 305 -143.60 68.71 -23.58
CA LEU A 305 -143.22 67.31 -23.74
C LEU A 305 -143.15 66.94 -25.22
N THR A 306 -141.96 66.56 -25.68
CA THR A 306 -141.72 66.24 -27.09
C THR A 306 -140.87 64.99 -27.19
N LYS A 307 -141.20 64.14 -28.17
CA LYS A 307 -140.43 62.93 -28.41
C LYS A 307 -139.09 63.26 -29.06
N LEU A 308 -138.09 62.46 -28.75
CA LEU A 308 -136.78 62.61 -29.36
C LEU A 308 -136.79 62.06 -30.79
N LYS A 309 -135.76 62.45 -31.56
CA LYS A 309 -135.64 62.06 -32.95
C LYS A 309 -134.17 61.74 -33.24
N GLY A 310 -133.92 61.27 -34.46
CA GLY A 310 -132.59 60.93 -34.90
C GLY A 310 -132.15 59.51 -34.63
N GLY A 311 -132.94 58.74 -33.89
CA GLY A 311 -132.58 57.35 -33.65
C GLY A 311 -132.62 56.55 -34.94
N THR A 312 -131.52 55.86 -35.23
CA THR A 312 -131.42 55.07 -36.46
C THR A 312 -130.38 53.98 -36.25
N ASN A 313 -130.79 52.72 -36.42
CA ASN A 313 -129.84 51.61 -36.28
C ASN A 313 -128.77 51.66 -37.36
N GLY A 314 -129.09 52.20 -38.54
CA GLY A 314 -128.14 52.30 -39.63
C GLY A 314 -128.09 51.05 -40.46
N GLU A 315 -127.47 51.17 -41.63
CA GLU A 315 -127.32 50.04 -42.52
C GLU A 315 -126.34 49.03 -41.92
N PRO A 316 -126.48 47.74 -42.26
CA PRO A 316 -125.57 46.75 -41.69
C PRO A 316 -124.16 46.93 -42.21
N PRO A 317 -123.15 46.52 -41.46
CA PRO A 317 -121.77 46.73 -41.92
C PRO A 317 -121.45 45.89 -43.16
N ALA A 318 -120.61 46.46 -44.02
CA ALA A 318 -120.19 45.74 -45.22
C ALA A 318 -119.28 44.57 -44.86
N THR A 319 -118.39 44.77 -43.88
CA THR A 319 -117.46 43.74 -43.44
C THR A 319 -117.37 43.78 -41.92
N TRP A 320 -117.11 42.62 -41.32
CA TRP A 320 -117.01 42.46 -39.88
C TRP A 320 -115.56 42.52 -39.38
N ALA A 321 -114.60 42.83 -40.26
CA ALA A 321 -113.20 42.85 -39.85
C ALA A 321 -112.95 43.91 -38.78
N ASP A 322 -113.54 45.09 -38.95
CA ASP A 322 -113.36 46.15 -37.96
C ASP A 322 -113.98 45.76 -36.62
N LYS A 323 -115.14 45.09 -36.67
CA LYS A 323 -115.80 44.68 -35.43
C LYS A 323 -114.96 43.69 -34.64
N LEU A 324 -114.33 42.74 -35.34
CA LEU A 324 -113.58 41.69 -34.67
C LEU A 324 -112.33 42.23 -33.98
N ASP A 325 -111.79 43.34 -34.48
CA ASP A 325 -110.55 43.88 -33.92
C ASP A 325 -110.72 44.30 -32.47
N LYS A 326 -111.93 44.68 -32.06
CA LYS A 326 -112.17 45.08 -30.68
C LYS A 326 -112.04 43.92 -29.70
N PHE A 327 -112.17 42.67 -30.17
CA PHE A 327 -112.01 41.49 -29.34
C PHE A 327 -110.56 41.03 -29.25
N ALA A 328 -109.60 41.85 -29.69
CA ALA A 328 -108.22 41.40 -29.75
C ALA A 328 -107.65 41.12 -28.36
N HIS A 329 -107.81 42.08 -27.44
CA HIS A 329 -107.21 42.00 -26.11
C HIS A 329 -108.24 41.78 -25.01
N GLU A 330 -109.40 41.22 -25.35
CA GLU A 330 -110.45 40.95 -24.36
C GLU A 330 -110.28 39.63 -23.63
N GLY A 331 -109.32 38.79 -24.05
CA GLY A 331 -109.05 37.54 -23.36
C GLY A 331 -109.93 36.38 -23.77
N GLY A 332 -110.79 36.54 -24.77
CA GLY A 332 -111.63 35.44 -25.20
C GLY A 332 -110.88 34.41 -26.02
N TYR A 333 -111.44 33.20 -26.06
CA TYR A 333 -110.89 32.08 -26.82
C TYR A 333 -111.83 31.59 -27.90
N TYR A 334 -113.10 31.37 -27.59
CA TYR A 334 -114.09 30.89 -28.54
C TYR A 334 -114.95 32.05 -29.02
N ILE A 335 -115.18 32.10 -30.33
CA ILE A 335 -116.00 33.12 -30.97
C ILE A 335 -116.96 32.43 -31.93
N VAL A 336 -118.23 32.84 -31.90
CA VAL A 336 -119.28 32.25 -32.72
C VAL A 336 -119.98 33.36 -33.49
N PRO A 337 -119.57 33.69 -34.72
CA PRO A 337 -120.28 34.74 -35.46
C PRO A 337 -121.69 34.32 -35.81
N LEU A 338 -122.66 35.15 -35.47
CA LEU A 338 -124.08 34.86 -35.70
C LEU A 338 -124.49 35.33 -37.10
N SER A 339 -123.87 34.70 -38.11
CA SER A 339 -124.17 34.99 -39.50
C SER A 339 -123.84 33.76 -40.34
N SER A 340 -124.70 33.49 -41.31
CA SER A 340 -124.52 32.34 -42.21
C SER A 340 -123.71 32.66 -43.45
N LYS A 341 -123.34 33.92 -43.67
CA LYS A 341 -122.59 34.29 -44.87
C LYS A 341 -121.19 33.68 -44.82
N GLN A 342 -120.75 33.16 -45.96
CA GLN A 342 -119.41 32.58 -46.05
C GLN A 342 -118.34 33.66 -45.91
N SER A 343 -118.63 34.89 -46.38
CA SER A 343 -117.67 35.98 -46.26
C SER A 343 -117.40 36.31 -44.80
N VAL A 344 -118.45 36.30 -43.97
CA VAL A 344 -118.28 36.58 -42.55
C VAL A 344 -117.43 35.50 -41.89
N HIS A 345 -117.64 34.24 -42.29
CA HIS A 345 -116.84 33.15 -41.73
C HIS A 345 -115.36 33.30 -42.08
N ALA A 346 -115.06 33.74 -43.30
CA ALA A 346 -113.68 33.91 -43.71
C ALA A 346 -112.98 34.98 -42.89
N GLU A 347 -113.67 36.09 -42.62
CA GLU A 347 -113.07 37.15 -41.81
C GLU A 347 -112.75 36.68 -40.41
N VAL A 348 -113.66 35.94 -39.78
CA VAL A 348 -113.40 35.38 -38.46
C VAL A 348 -112.29 34.34 -38.52
N ALA A 349 -112.24 33.58 -39.62
CA ALA A 349 -111.16 32.60 -39.78
C ALA A 349 -109.81 33.27 -39.84
N SER A 350 -109.71 34.41 -40.52
CA SER A 350 -108.47 35.16 -40.54
C SER A 350 -108.18 35.83 -39.21
N PHE A 351 -109.23 36.27 -38.50
CA PHE A 351 -109.03 36.97 -37.24
C PHE A 351 -108.40 36.06 -36.18
N VAL A 352 -108.92 34.85 -36.03
CA VAL A 352 -108.39 33.93 -35.02
C VAL A 352 -106.96 33.54 -35.38
N LYS A 353 -106.66 33.41 -36.67
CA LYS A 353 -105.30 33.13 -37.10
C LYS A 353 -104.37 34.30 -36.75
N GLU A 354 -104.84 35.53 -36.93
CA GLU A 354 -104.00 36.69 -36.67
C GLU A 354 -103.61 36.77 -35.19
N ARG A 355 -104.57 36.57 -34.29
CA ARG A 355 -104.26 36.66 -32.87
C ARG A 355 -103.40 35.50 -32.40
N SER A 356 -103.57 34.32 -32.99
CA SER A 356 -102.71 33.20 -32.64
C SER A 356 -101.26 33.48 -33.01
N ASP A 357 -101.04 34.10 -34.17
CA ASP A 357 -99.68 34.48 -34.56
C ASP A 357 -99.09 35.52 -33.62
N ALA A 358 -99.94 36.33 -32.99
CA ALA A 358 -99.50 37.37 -32.06
C ALA A 358 -99.41 36.88 -30.61
N GLY A 359 -99.66 35.60 -30.35
CA GLY A 359 -99.58 35.06 -29.01
C GLY A 359 -100.89 35.01 -28.25
N GLU A 360 -102.02 35.18 -28.94
CA GLU A 360 -103.35 35.16 -28.32
C GLU A 360 -104.23 34.20 -29.12
N PRO A 361 -104.03 32.89 -28.97
CA PRO A 361 -104.78 31.94 -29.80
C PRO A 361 -106.27 31.98 -29.53
N MET A 362 -107.04 31.74 -30.60
CA MET A 362 -108.49 31.71 -30.53
C MET A 362 -109.00 30.68 -31.52
N ARG A 363 -110.25 30.26 -31.33
CA ARG A 363 -110.90 29.30 -32.21
C ARG A 363 -112.31 29.77 -32.51
N ALA A 364 -112.84 29.33 -33.66
CA ALA A 364 -114.13 29.77 -34.15
C ALA A 364 -115.01 28.57 -34.47
N ILE A 365 -116.32 28.75 -34.26
CA ILE A 365 -117.32 27.75 -34.61
C ILE A 365 -118.43 28.46 -35.39
N VAL A 366 -118.78 27.92 -36.55
CA VAL A 366 -119.73 28.55 -37.46
C VAL A 366 -120.72 27.49 -37.95
N GLY A 367 -121.83 27.99 -38.50
CA GLY A 367 -122.86 27.12 -39.07
C GLY A 367 -123.49 27.77 -40.27
N GLY A 368 -123.92 26.94 -41.21
CA GLY A 368 -124.43 27.41 -42.48
C GLY A 368 -125.93 27.29 -42.66
N GLY A 369 -126.63 28.42 -42.58
CA GLY A 369 -128.00 28.55 -43.05
C GLY A 369 -128.98 27.58 -42.41
N PHE A 370 -130.06 27.30 -43.14
CA PHE A 370 -131.11 26.39 -42.72
C PHE A 370 -131.11 25.17 -43.63
N ASN A 371 -130.99 23.98 -43.04
CA ASN A 371 -131.19 22.71 -43.74
C ASN A 371 -130.26 22.57 -44.95
N GLU A 372 -129.00 22.97 -44.78
CA GLU A 372 -128.03 22.83 -45.85
C GLU A 372 -127.69 21.36 -46.08
N SER A 373 -127.50 20.99 -47.34
CA SER A 373 -127.20 19.62 -47.71
C SER A 373 -125.72 19.32 -47.52
N LYS A 374 -125.34 18.05 -47.73
CA LYS A 374 -123.95 17.65 -47.57
C LYS A 374 -123.06 18.33 -48.61
N GLU A 375 -123.54 18.46 -49.84
CA GLU A 375 -122.75 19.08 -50.89
C GLU A 375 -122.43 20.53 -50.57
N GLN A 376 -123.41 21.27 -50.05
CA GLN A 376 -123.17 22.65 -49.65
C GLN A 376 -122.16 22.74 -48.52
N LEU A 377 -122.24 21.81 -47.55
CA LEU A 377 -121.34 21.84 -46.42
C LEU A 377 -119.89 21.58 -46.85
N PHE A 378 -119.70 20.70 -47.85
CA PHE A 378 -118.36 20.44 -48.34
C PHE A 378 -117.74 21.69 -48.95
N GLY A 379 -118.56 22.50 -49.64
CA GLY A 379 -118.04 23.74 -50.19
C GLY A 379 -117.57 24.71 -49.13
N ARG A 380 -118.33 24.83 -48.04
CA ARG A 380 -117.91 25.70 -46.94
C ARG A 380 -116.63 25.19 -46.28
N GLN A 381 -116.56 23.87 -46.04
CA GLN A 381 -115.38 23.31 -45.39
C GLN A 381 -114.14 23.44 -46.27
N ALA A 382 -114.28 23.20 -47.57
CA ALA A 382 -113.14 23.30 -48.47
C ALA A 382 -112.62 24.72 -48.55
N SER A 383 -113.53 25.71 -48.53
CA SER A 383 -113.11 27.11 -48.65
C SER A 383 -112.26 27.53 -47.47
N LEU A 384 -112.62 27.09 -46.25
CA LEU A 384 -111.91 27.54 -45.06
C LEU A 384 -110.62 26.76 -44.86
N SER A 385 -110.73 25.45 -44.62
CA SER A 385 -109.57 24.57 -44.44
C SER A 385 -108.65 25.08 -43.33
N ASN A 386 -109.25 25.62 -42.26
CA ASN A 386 -108.53 26.22 -41.16
C ASN A 386 -108.57 25.31 -39.94
N PRO A 387 -107.45 24.98 -39.30
CA PRO A 387 -107.54 24.20 -38.05
C PRO A 387 -108.33 24.88 -36.96
N ARG A 388 -108.28 26.21 -36.88
CA ARG A 388 -108.92 26.96 -35.81
C ARG A 388 -110.36 27.36 -36.15
N VAL A 389 -111.01 26.65 -37.06
CA VAL A 389 -112.40 26.90 -37.43
C VAL A 389 -113.13 25.56 -37.51
N SER A 390 -114.34 25.53 -36.96
CA SER A 390 -115.19 24.34 -36.97
C SER A 390 -116.54 24.69 -37.59
N LEU A 391 -117.04 23.78 -38.43
CA LEU A 391 -118.30 23.97 -39.14
C LEU A 391 -119.36 23.06 -38.54
N VAL A 392 -120.53 23.63 -38.28
CA VAL A 392 -121.66 22.91 -37.70
C VAL A 392 -122.72 22.73 -38.79
N ALA A 393 -123.16 21.49 -38.99
CA ALA A 393 -124.10 21.15 -40.05
C ALA A 393 -125.56 21.16 -39.57
N ASN A 394 -125.83 20.51 -38.44
CA ASN A 394 -127.19 20.32 -37.99
C ASN A 394 -127.82 21.65 -37.56
N SER A 395 -129.12 21.77 -37.83
CA SER A 395 -129.94 22.89 -37.38
C SER A 395 -131.23 22.33 -36.81
N GLY A 396 -131.78 23.03 -35.83
CA GLY A 396 -132.97 22.55 -35.15
C GLY A 396 -133.67 23.63 -34.37
N THR A 397 -134.58 23.18 -33.50
CA THR A 397 -135.42 24.06 -32.69
C THR A 397 -135.06 23.91 -31.22
N PHE A 398 -134.94 25.05 -30.53
CA PHE A 398 -134.62 25.10 -29.12
C PHE A 398 -135.77 25.75 -28.35
N VAL A 399 -136.08 25.20 -27.19
CA VAL A 399 -137.13 25.73 -26.33
C VAL A 399 -136.49 26.76 -25.41
N MET A 400 -136.87 28.03 -25.58
CA MET A 400 -136.30 29.11 -24.80
C MET A 400 -137.01 29.22 -23.46
N ASP A 401 -136.48 30.09 -22.59
CA ASP A 401 -137.08 30.32 -21.29
C ASP A 401 -138.49 30.91 -21.42
N ASP A 402 -138.72 31.70 -22.46
CA ASP A 402 -140.05 32.25 -22.70
C ASP A 402 -141.06 31.21 -23.17
N GLY A 403 -140.60 30.02 -23.57
CA GLY A 403 -141.46 28.97 -24.06
C GLY A 403 -141.59 28.89 -25.57
N ARG A 404 -140.85 29.72 -26.31
CA ARG A 404 -140.94 29.69 -27.77
C ARG A 404 -140.17 28.51 -28.33
N LYS A 405 -140.82 27.77 -29.22
CA LYS A 405 -140.14 26.72 -29.99
C LYS A 405 -139.54 27.34 -31.25
N ASN A 406 -138.52 28.17 -31.02
CA ASN A 406 -137.92 28.97 -32.08
C ASN A 406 -136.99 28.10 -32.93
N HIS A 407 -137.37 27.89 -34.19
CA HIS A 407 -136.48 27.23 -35.14
C HIS A 407 -135.35 28.19 -35.50
N VAL A 408 -134.12 27.70 -35.43
CA VAL A 408 -132.93 28.53 -35.60
C VAL A 408 -132.00 27.87 -36.61
N PRO A 409 -131.12 28.65 -37.23
CA PRO A 409 -130.19 28.07 -38.22
C PRO A 409 -129.06 27.33 -37.54
N ALA A 410 -128.13 26.83 -38.37
CA ALA A 410 -127.04 25.99 -37.88
C ALA A 410 -126.11 26.76 -36.94
N TYR A 411 -125.80 28.02 -37.27
CA TYR A 411 -124.82 28.75 -36.48
C TYR A 411 -125.30 29.05 -35.06
N MET A 412 -126.62 29.03 -34.82
CA MET A 412 -127.11 29.15 -33.46
C MET A 412 -126.84 27.87 -32.67
N VAL A 413 -126.79 26.73 -33.33
CA VAL A 413 -126.41 25.49 -32.66
C VAL A 413 -124.95 25.56 -32.23
N ALA A 414 -124.11 26.24 -33.01
CA ALA A 414 -122.71 26.39 -32.65
C ALA A 414 -122.53 27.15 -31.34
N VAL A 415 -123.49 28.02 -31.00
CA VAL A 415 -123.43 28.72 -29.73
C VAL A 415 -123.52 27.73 -28.57
N ALA A 416 -124.41 26.75 -28.68
CA ALA A 416 -124.50 25.72 -27.65
C ALA A 416 -123.21 24.92 -27.56
N LEU A 417 -122.63 24.56 -28.71
CA LEU A 417 -121.35 23.86 -28.70
C LEU A 417 -120.25 24.76 -28.14
N GLY A 418 -120.23 26.03 -28.54
CA GLY A 418 -119.25 26.95 -28.01
C GLY A 418 -119.44 27.20 -26.52
N GLY A 419 -120.69 27.37 -26.10
CA GLY A 419 -120.96 27.52 -24.67
C GLY A 419 -120.61 26.28 -23.88
N LEU A 420 -120.92 25.11 -24.42
CA LEU A 420 -120.53 23.86 -23.77
C LEU A 420 -119.01 23.73 -23.71
N ALA A 421 -118.32 24.07 -24.80
CA ALA A 421 -116.86 23.97 -24.81
C ALA A 421 -116.23 24.91 -23.79
N SER A 422 -116.75 26.13 -23.68
CA SER A 422 -116.20 27.08 -22.73
C SER A 422 -116.37 26.62 -21.30
N GLY A 423 -117.53 26.02 -20.99
CA GLY A 423 -117.77 25.56 -19.63
C GLY A 423 -116.94 24.35 -19.25
N LEU A 424 -116.52 23.55 -20.23
CA LEU A 424 -115.70 22.39 -19.95
C LEU A 424 -114.30 22.80 -19.53
N GLU A 425 -113.62 21.90 -18.83
CA GLU A 425 -112.27 22.16 -18.35
C GLU A 425 -111.30 22.19 -19.53
N ILE A 426 -110.06 22.62 -19.24
CA ILE A 426 -109.04 22.70 -20.27
C ILE A 426 -108.65 21.29 -20.70
N GLY A 427 -108.65 21.05 -22.01
CA GLY A 427 -108.30 19.77 -22.58
C GLY A 427 -109.46 18.81 -22.75
N GLU A 428 -110.63 19.13 -22.22
CA GLU A 428 -111.80 18.28 -22.40
C GLU A 428 -112.39 18.48 -23.80
N SER A 429 -113.16 17.48 -24.23
CA SER A 429 -113.77 17.45 -25.55
C SER A 429 -115.28 17.47 -25.42
N ILE A 430 -115.94 17.89 -26.51
CA ILE A 430 -117.40 17.93 -26.58
C ILE A 430 -117.92 16.66 -27.25
N THR A 431 -117.08 15.63 -27.35
CA THR A 431 -117.48 14.39 -28.02
C THR A 431 -118.46 13.62 -27.16
N PHE A 432 -119.56 13.17 -27.77
CA PHE A 432 -120.62 12.37 -27.14
C PHE A 432 -121.34 13.12 -26.02
N LYS A 433 -121.13 14.43 -25.87
CA LYS A 433 -121.82 15.17 -24.83
C LYS A 433 -123.25 15.50 -25.26
N PRO A 434 -124.18 15.66 -24.32
CA PRO A 434 -125.55 16.01 -24.72
C PRO A 434 -125.64 17.45 -25.20
N LEU A 435 -126.64 17.70 -26.05
CA LEU A 435 -126.90 19.02 -26.60
C LEU A 435 -128.17 19.67 -26.06
N ARG A 436 -129.15 18.88 -25.64
CA ARG A 436 -130.42 19.38 -25.12
C ARG A 436 -131.14 20.24 -26.18
N VAL A 437 -131.49 19.58 -27.28
CA VAL A 437 -132.19 20.19 -28.39
C VAL A 437 -133.51 19.45 -28.60
N SER A 438 -134.58 20.21 -28.82
CA SER A 438 -135.90 19.61 -28.96
C SER A 438 -135.98 18.70 -30.17
N SER A 439 -135.46 19.15 -31.31
CA SER A 439 -135.51 18.36 -32.54
C SER A 439 -134.52 18.95 -33.53
N LEU A 440 -134.25 18.18 -34.59
CA LEU A 440 -133.34 18.58 -35.65
C LEU A 440 -134.03 18.44 -36.99
N ASP A 441 -133.68 19.34 -37.92
CA ASP A 441 -134.30 19.32 -39.25
C ASP A 441 -133.95 18.04 -40.00
N GLN A 442 -132.68 17.61 -39.92
CA GLN A 442 -132.20 16.42 -40.60
C GLN A 442 -131.65 15.44 -39.57
N ILE A 443 -132.12 14.20 -39.62
CA ILE A 443 -131.62 13.12 -38.77
C ILE A 443 -130.71 12.27 -39.66
N TYR A 444 -129.41 12.57 -39.60
CA TYR A 444 -128.45 11.87 -40.44
C TYR A 444 -128.35 10.41 -40.04
N GLU A 445 -128.23 9.53 -41.04
CA GLU A 445 -128.06 8.11 -40.79
C GLU A 445 -126.59 7.82 -40.43
N SER A 446 -126.30 6.56 -40.17
CA SER A 446 -124.94 6.17 -39.79
C SER A 446 -123.95 6.46 -40.91
N ILE A 447 -124.34 6.16 -42.16
CA ILE A 447 -123.44 6.39 -43.28
C ILE A 447 -123.24 7.89 -43.51
N ASP A 448 -124.30 8.68 -43.33
CA ASP A 448 -124.19 10.12 -43.54
C ASP A 448 -123.27 10.77 -42.51
N LEU A 449 -123.34 10.32 -41.26
CA LEU A 449 -122.49 10.88 -40.21
C LEU A 449 -121.01 10.60 -40.50
N ASP A 450 -120.71 9.40 -41.00
CA ASP A 450 -119.31 9.06 -41.30
C ASP A 450 -118.75 9.97 -42.38
N GLU A 451 -119.53 10.27 -43.41
CA GLU A 451 -119.04 11.12 -44.49
C GLU A 451 -118.72 12.53 -43.98
N LEU A 452 -119.60 13.08 -43.14
CA LEU A 452 -119.34 14.40 -42.57
C LEU A 452 -118.10 14.39 -41.70
N ASN A 453 -117.91 13.33 -40.90
CA ASN A 453 -116.73 13.22 -40.08
C ASN A 453 -115.46 13.11 -40.93
N GLU A 454 -115.54 12.36 -42.03
CA GLU A 454 -114.38 12.22 -42.90
C GLU A 454 -114.02 13.54 -43.56
N ASN A 455 -114.99 14.43 -43.76
CA ASN A 455 -114.77 15.74 -44.36
C ASN A 455 -114.54 16.83 -43.32
N GLY A 456 -114.34 16.47 -42.06
CA GLY A 456 -114.07 17.45 -41.02
C GLY A 456 -115.24 18.38 -40.73
N ILE A 457 -116.44 17.83 -40.62
CA ILE A 457 -117.65 18.60 -40.34
C ILE A 457 -118.31 17.99 -39.09
N ILE A 458 -118.65 18.84 -38.13
CA ILE A 458 -119.31 18.38 -36.91
C ILE A 458 -120.76 18.07 -37.22
N SER A 459 -121.23 16.91 -36.78
CA SER A 459 -122.60 16.48 -36.99
C SER A 459 -123.17 15.97 -35.67
N ILE A 460 -124.50 16.03 -35.58
CA ILE A 460 -125.24 15.64 -34.37
C ILE A 460 -126.19 14.51 -34.74
N GLU A 461 -126.15 13.44 -33.95
CA GLU A 461 -126.91 12.23 -34.23
C GLU A 461 -128.00 12.05 -33.20
N PHE A 462 -129.15 11.55 -33.66
CA PHE A 462 -130.27 11.21 -32.77
C PHE A 462 -130.13 9.76 -32.36
N VAL A 463 -129.88 9.52 -31.08
CA VAL A 463 -129.59 8.18 -30.58
C VAL A 463 -130.93 7.44 -30.44
N ARG A 464 -131.11 6.40 -31.25
CA ARG A 464 -132.31 5.56 -31.24
C ARG A 464 -132.05 4.19 -30.64
N ASN A 465 -130.87 3.96 -30.05
CA ASN A 465 -130.54 2.66 -29.48
C ASN A 465 -131.15 2.43 -28.10
N ARG A 466 -131.76 3.45 -27.49
CA ARG A 466 -132.35 3.35 -26.17
C ARG A 466 -133.73 3.99 -26.19
N THR A 467 -134.57 3.59 -25.22
CA THR A 467 -135.89 4.19 -25.10
C THR A 467 -135.79 5.67 -24.78
N ASN A 468 -134.86 6.05 -23.90
CA ASN A 468 -134.61 7.46 -23.55
C ASN A 468 -133.68 8.04 -24.60
N THR A 469 -134.25 8.31 -25.78
CA THR A 469 -133.47 8.85 -26.89
C THR A 469 -132.99 10.26 -26.58
N PHE A 470 -131.80 10.59 -27.08
CA PHE A 470 -131.21 11.90 -26.88
C PHE A 470 -130.21 12.17 -27.99
N PHE A 471 -129.84 13.44 -28.12
CA PHE A 471 -128.89 13.89 -29.12
C PHE A 471 -127.50 14.01 -28.51
N ARG A 472 -126.49 13.76 -29.34
CA ARG A 472 -125.10 13.86 -28.90
C ARG A 472 -124.23 14.25 -30.08
N ILE A 473 -123.04 14.75 -29.77
CA ILE A 473 -122.08 15.20 -30.77
C ILE A 473 -121.15 14.01 -31.07
N VAL A 474 -121.06 13.65 -32.36
CA VAL A 474 -120.27 12.48 -32.73
C VAL A 474 -118.78 12.75 -32.55
N ASP A 475 -118.33 13.95 -32.90
CA ASP A 475 -116.91 14.27 -32.81
C ASP A 475 -116.75 15.79 -32.89
N ASP A 476 -115.60 16.26 -32.40
CA ASP A 476 -115.24 17.67 -32.41
C ASP A 476 -114.15 17.95 -33.43
N VAL A 477 -114.19 17.25 -34.56
CA VAL A 477 -113.16 17.39 -35.58
C VAL A 477 -113.25 18.77 -36.21
N THR A 478 -112.10 19.33 -36.56
CA THR A 478 -112.01 20.64 -37.19
C THR A 478 -112.11 20.51 -38.71
N THR A 479 -112.14 21.66 -39.38
CA THR A 479 -112.19 21.66 -40.84
C THR A 479 -110.94 21.06 -41.45
N PHE A 480 -109.79 21.19 -40.79
CA PHE A 480 -108.55 20.61 -41.28
C PHE A 480 -108.66 19.09 -41.22
N ASN A 481 -108.74 18.46 -42.40
CA ASN A 481 -109.04 17.04 -42.48
C ASN A 481 -107.83 16.14 -42.23
N ASP A 482 -106.64 16.70 -42.11
CA ASP A 482 -105.43 15.90 -41.88
C ASP A 482 -105.46 15.36 -40.47
N LYS A 483 -105.95 14.13 -40.31
CA LYS A 483 -106.03 13.50 -38.99
C LYS A 483 -104.67 13.05 -38.48
N SER A 484 -103.62 13.08 -39.31
CA SER A 484 -102.30 12.69 -38.84
C SER A 484 -101.79 13.62 -37.75
N ASP A 485 -102.18 14.89 -37.80
CA ASP A 485 -101.80 15.89 -36.81
C ASP A 485 -102.97 16.11 -35.84
N PRO A 486 -103.04 15.38 -34.72
CA PRO A 486 -104.20 15.57 -33.82
C PRO A 486 -104.30 16.96 -33.22
N VAL A 487 -103.20 17.71 -33.14
CA VAL A 487 -103.26 19.06 -32.61
C VAL A 487 -104.14 19.94 -33.49
N LYS A 488 -103.95 19.87 -34.81
CA LYS A 488 -104.76 20.66 -35.73
C LYS A 488 -106.13 20.03 -35.94
N ALA A 489 -106.21 18.70 -35.99
CA ALA A 489 -107.47 18.04 -36.31
C ALA A 489 -108.46 18.09 -35.15
N GLU A 490 -107.99 17.86 -33.93
CA GLU A 490 -108.85 17.74 -32.75
C GLU A 490 -108.85 19.05 -31.98
N MET A 491 -110.04 19.57 -31.68
CA MET A 491 -110.15 20.81 -30.93
C MET A 491 -109.61 20.66 -29.52
N ALA A 492 -109.94 19.55 -28.85
CA ALA A 492 -109.52 19.37 -27.46
C ALA A 492 -108.01 19.28 -27.34
N VAL A 493 -107.36 18.53 -28.23
CA VAL A 493 -105.91 18.40 -28.18
C VAL A 493 -105.24 19.73 -28.47
N GLY A 494 -105.73 20.45 -29.49
CA GLY A 494 -105.19 21.76 -29.80
C GLY A 494 -105.48 22.78 -28.72
N GLU A 495 -106.65 22.67 -28.07
CA GLU A 495 -106.99 23.58 -26.99
C GLU A 495 -106.00 23.46 -25.84
N ALA A 496 -105.64 22.23 -25.47
CA ALA A 496 -104.67 22.03 -24.39
C ALA A 496 -103.30 22.58 -24.77
N ASN A 497 -102.90 22.39 -26.03
CA ASN A 497 -101.62 22.91 -26.48
C ASN A 497 -101.57 24.43 -26.43
N ASP A 498 -102.67 25.09 -26.82
CA ASP A 498 -102.69 26.54 -26.83
C ASP A 498 -102.58 27.11 -25.42
N PHE A 499 -103.39 26.60 -24.48
CA PHE A 499 -103.35 27.09 -23.11
C PHE A 499 -102.02 26.74 -22.44
N LEU A 500 -101.51 25.52 -22.69
CA LEU A 500 -100.23 25.13 -22.12
C LEU A 500 -99.11 26.02 -22.64
N VAL A 501 -99.09 26.28 -23.95
CA VAL A 501 -98.05 27.11 -24.53
C VAL A 501 -98.23 28.57 -24.13
N SER A 502 -99.46 29.07 -24.18
CA SER A 502 -99.70 30.49 -23.90
C SER A 502 -99.43 30.82 -22.44
N GLU A 503 -99.91 29.98 -21.52
CA GLU A 503 -99.70 30.23 -20.09
C GLU A 503 -98.21 30.18 -19.75
N LEU A 504 -97.48 29.23 -20.30
CA LEU A 504 -96.05 29.15 -20.06
C LEU A 504 -95.33 30.38 -20.60
N LYS A 505 -95.79 30.91 -21.74
CA LYS A 505 -95.16 32.08 -22.33
C LYS A 505 -95.29 33.29 -21.43
N VAL A 506 -96.48 33.52 -20.87
CA VAL A 506 -96.72 34.70 -20.06
C VAL A 506 -95.97 34.59 -18.72
N GLN A 507 -96.04 33.42 -18.09
CA GLN A 507 -95.48 33.27 -16.75
C GLN A 507 -93.95 33.45 -16.75
N LEU A 508 -93.27 32.91 -17.76
CA LEU A 508 -91.82 33.00 -17.80
C LEU A 508 -91.37 34.45 -17.96
N GLU A 509 -92.07 35.24 -18.77
CA GLU A 509 -91.67 36.62 -19.01
C GLU A 509 -91.78 37.45 -17.73
N ASP A 510 -92.88 37.29 -16.99
CA ASP A 510 -93.06 38.09 -15.78
C ASP A 510 -92.08 37.70 -14.68
N GLN A 511 -91.63 36.44 -14.68
CA GLN A 511 -90.82 35.92 -13.59
C GLN A 511 -89.32 36.17 -13.82
N PHE A 512 -88.79 35.68 -14.93
CA PHE A 512 -87.34 35.57 -15.12
C PHE A 512 -86.72 36.70 -15.92
N ILE A 513 -87.46 37.30 -16.84
CA ILE A 513 -86.89 38.39 -17.64
C ILE A 513 -86.68 39.60 -16.74
N GLY A 514 -85.49 40.21 -16.85
CA GLY A 514 -85.11 41.33 -16.02
C GLY A 514 -84.39 40.96 -14.74
N THR A 515 -84.29 39.67 -14.42
CA THR A 515 -83.58 39.22 -13.23
C THR A 515 -82.13 38.91 -13.55
N ARG A 516 -81.30 38.94 -12.51
CA ARG A 516 -79.88 38.68 -12.67
C ARG A 516 -79.64 37.22 -13.06
N THR A 517 -78.60 37.01 -13.86
CA THR A 517 -78.18 35.66 -14.27
C THR A 517 -77.24 35.09 -13.22
N ILE A 518 -77.81 34.82 -12.05
CA ILE A 518 -77.03 34.27 -10.93
C ILE A 518 -76.66 32.83 -11.24
N ASN A 519 -75.76 32.27 -10.43
CA ASN A 519 -75.32 30.89 -10.66
C ASN A 519 -76.48 29.91 -10.52
N THR A 520 -77.37 30.14 -9.56
CA THR A 520 -78.50 29.26 -9.32
C THR A 520 -79.70 29.59 -10.21
N SER A 521 -79.52 30.39 -11.27
CA SER A 521 -80.64 30.71 -12.14
C SER A 521 -81.18 29.47 -12.85
N ALA A 522 -80.28 28.60 -13.31
CA ALA A 522 -80.71 27.39 -14.01
C ALA A 522 -81.52 26.48 -13.09
N SER A 523 -81.06 26.30 -11.85
CA SER A 523 -81.79 25.47 -10.91
C SER A 523 -83.16 26.05 -10.58
N ILE A 524 -83.23 27.37 -10.41
CA ILE A 524 -84.51 28.01 -10.10
C ILE A 524 -85.48 27.86 -11.25
N ILE A 525 -85.00 28.02 -12.49
CA ILE A 525 -85.86 27.87 -13.66
C ILE A 525 -86.37 26.44 -13.76
N LYS A 526 -85.50 25.47 -13.49
CA LYS A 526 -85.91 24.07 -13.55
C LYS A 526 -86.98 23.77 -12.49
N ASP A 527 -86.82 24.31 -11.29
CA ASP A 527 -87.82 24.10 -10.24
C ASP A 527 -89.15 24.74 -10.62
N PHE A 528 -89.11 25.93 -11.23
CA PHE A 528 -90.35 26.58 -11.66
C PHE A 528 -91.07 25.76 -12.71
N ILE A 529 -90.32 25.18 -13.66
CA ILE A 529 -90.94 24.39 -14.72
C ILE A 529 -91.60 23.15 -14.14
N GLN A 530 -90.92 22.46 -13.22
CA GLN A 530 -91.47 21.25 -12.63
C GLN A 530 -92.74 21.54 -11.85
N SER A 531 -92.76 22.64 -11.10
CA SER A 531 -93.96 23.04 -10.37
C SER A 531 -95.10 23.36 -11.33
N TYR A 532 -94.79 24.05 -12.42
CA TYR A 532 -95.82 24.40 -13.40
C TYR A 532 -96.40 23.14 -14.05
N LEU A 533 -95.53 22.21 -14.45
CA LEU A 533 -96.01 20.97 -15.06
C LEU A 533 -96.75 20.09 -14.04
N GLY A 534 -96.33 20.15 -12.78
CA GLY A 534 -97.03 19.38 -11.75
C GLY A 534 -98.47 19.84 -11.57
N ARG A 535 -98.70 21.15 -11.66
CA ARG A 535 -100.06 21.66 -11.56
C ARG A 535 -100.92 21.17 -12.73
N LYS A 536 -100.33 21.13 -13.93
CA LYS A 536 -101.07 20.64 -15.09
C LYS A 536 -101.47 19.18 -14.91
N LYS A 537 -100.55 18.36 -14.39
CA LYS A 537 -100.88 16.97 -14.10
C LYS A 537 -101.93 16.89 -13.00
N ARG A 538 -101.85 17.78 -12.01
CA ARG A 538 -102.83 17.80 -10.94
C ARG A 538 -104.22 18.11 -11.48
N ASP A 539 -104.33 19.04 -12.42
CA ASP A 539 -105.59 19.41 -13.04
C ASP A 539 -105.93 18.54 -14.25
N ASN A 540 -105.13 17.51 -14.54
CA ASN A 540 -105.37 16.60 -15.65
C ASN A 540 -105.35 17.32 -17.00
N GLU A 541 -104.63 18.45 -17.09
CA GLU A 541 -104.45 19.11 -18.37
C GLU A 541 -103.41 18.41 -19.24
N ILE A 542 -102.51 17.62 -18.63
CA ILE A 542 -101.56 16.80 -19.36
C ILE A 542 -101.56 15.41 -18.73
N GLN A 543 -101.05 14.44 -19.49
CA GLN A 543 -101.00 13.06 -19.00
C GLN A 543 -99.89 12.89 -17.97
N ASP A 544 -98.65 13.13 -18.38
CA ASP A 544 -97.49 13.01 -17.50
C ASP A 544 -96.31 13.65 -18.19
N PHE A 545 -95.26 13.91 -17.42
CA PHE A 545 -94.00 14.44 -17.94
C PHE A 545 -92.84 13.80 -17.19
N PRO A 546 -91.71 13.54 -17.85
CA PRO A 546 -90.52 13.10 -17.10
C PRO A 546 -89.75 14.29 -16.55
N ALA A 547 -89.56 14.32 -15.23
CA ALA A 547 -88.85 15.42 -14.61
C ALA A 547 -87.37 15.42 -14.97
N GLU A 548 -86.78 14.23 -15.16
CA GLU A 548 -85.34 14.15 -15.43
C GLU A 548 -84.99 14.81 -16.75
N ASP A 549 -85.82 14.62 -17.78
CA ASP A 549 -85.53 15.16 -19.10
C ASP A 549 -85.60 16.68 -19.16
N VAL A 550 -86.17 17.34 -18.16
CA VAL A 550 -86.24 18.80 -18.15
C VAL A 550 -84.83 19.33 -17.94
N GLN A 551 -84.26 19.94 -18.97
CA GLN A 551 -82.91 20.49 -18.94
C GLN A 551 -82.97 21.99 -19.25
N VAL A 552 -82.18 22.77 -18.51
CA VAL A 552 -82.12 24.21 -18.65
C VAL A 552 -80.68 24.60 -18.91
N ILE A 553 -80.45 25.39 -19.95
CA ILE A 553 -79.12 25.90 -20.31
C ILE A 553 -79.21 27.42 -20.37
N VAL A 554 -78.30 28.08 -19.66
CA VAL A 554 -78.24 29.53 -19.59
C VAL A 554 -76.90 29.98 -20.13
N GLU A 555 -76.91 30.91 -21.09
CA GLU A 555 -75.69 31.44 -21.68
C GLU A 555 -75.99 32.87 -22.14
N GLY A 556 -75.44 33.85 -21.42
CA GLY A 556 -75.69 35.23 -21.76
C GLY A 556 -77.15 35.59 -21.58
N ASN A 557 -77.65 36.44 -22.48
CA ASN A 557 -79.06 36.84 -22.42
C ASN A 557 -79.98 35.65 -22.64
N GLU A 558 -79.63 34.78 -23.59
CA GLU A 558 -80.49 33.64 -23.91
C GLU A 558 -80.51 32.64 -22.76
N ALA A 559 -81.64 31.93 -22.65
CA ALA A 559 -81.82 30.87 -21.65
C ALA A 559 -82.59 29.74 -22.34
N ARG A 560 -81.86 28.77 -22.88
CA ARG A 560 -82.47 27.66 -23.60
C ARG A 560 -83.12 26.70 -22.62
N ILE A 561 -84.35 26.29 -22.93
CA ILE A 561 -85.12 25.37 -22.10
C ILE A 561 -85.60 24.23 -22.98
N SER A 562 -85.49 23.01 -22.46
CA SER A 562 -85.98 21.81 -23.15
C SER A 562 -86.77 20.97 -22.16
N MET A 563 -87.92 20.47 -22.60
CA MET A 563 -88.79 19.67 -21.75
C MET A 563 -89.55 18.68 -22.61
N THR A 564 -90.04 17.62 -21.96
CA THR A 564 -90.86 16.59 -22.58
C THR A 564 -92.18 16.50 -21.84
N VAL A 565 -93.27 16.41 -22.60
CA VAL A 565 -94.61 16.33 -22.04
C VAL A 565 -95.40 15.30 -22.83
N TYR A 566 -96.15 14.44 -22.12
CA TYR A 566 -97.05 13.50 -22.76
C TYR A 566 -98.43 14.15 -22.84
N PRO A 567 -98.94 14.50 -24.02
CA PRO A 567 -100.18 15.30 -24.07
C PRO A 567 -101.39 14.48 -23.66
N ILE A 568 -102.39 15.19 -23.13
CA ILE A 568 -103.67 14.56 -22.80
C ILE A 568 -104.46 14.34 -24.09
N ARG A 569 -105.17 13.21 -24.15
CA ARG A 569 -105.92 12.82 -25.34
C ARG A 569 -107.31 12.34 -24.93
N SER A 570 -108.25 12.47 -25.85
CA SER A 570 -109.63 12.04 -25.65
C SER A 570 -109.86 10.73 -26.39
N PHE A 571 -110.48 9.77 -25.70
CA PHE A 571 -110.75 8.47 -26.31
C PHE A 571 -111.68 8.62 -27.50
N LYS A 572 -111.33 7.97 -28.61
CA LYS A 572 -112.17 7.94 -29.79
C LYS A 572 -112.24 6.57 -30.45
N LYS A 573 -111.58 5.55 -29.90
CA LYS A 573 -111.66 4.19 -30.43
C LYS A 573 -111.31 3.22 -29.33
N ILE A 574 -112.18 2.23 -29.10
CA ILE A 574 -111.98 1.21 -28.08
C ILE A 574 -112.06 -0.15 -28.78
N SER A 575 -110.96 -0.89 -28.74
CA SER A 575 -110.86 -2.21 -29.36
C SER A 575 -110.89 -3.27 -28.28
N VAL A 576 -111.77 -4.25 -28.45
CA VAL A 576 -111.94 -5.36 -27.50
C VAL A 576 -111.67 -6.66 -28.26
N SER A 577 -110.81 -7.50 -27.70
CA SER A 577 -110.46 -8.80 -28.25
C SER A 577 -111.01 -9.86 -27.30
N LEU A 578 -112.24 -10.29 -27.55
CA LEU A 578 -112.91 -11.29 -26.72
C LEU A 578 -112.54 -12.68 -27.21
N VAL A 579 -112.03 -13.52 -26.31
CA VAL A 579 -111.60 -14.87 -26.61
C VAL A 579 -112.37 -15.83 -25.72
N TYR A 580 -112.99 -16.83 -26.34
CA TYR A 580 -113.72 -17.87 -25.63
C TYR A 580 -112.84 -19.10 -25.45
N LYS A 581 -112.92 -19.71 -24.27
CA LYS A 581 -112.12 -20.89 -23.95
C LYS A 581 -112.97 -21.85 -23.14
N GLN A 582 -112.51 -23.11 -23.10
CA GLN A 582 -113.18 -24.16 -22.36
C GLN A 582 -112.66 -24.22 -20.92
N GLN A 583 -113.54 -24.67 -20.02
CA GLN A 583 -113.20 -24.88 -18.63
C GLN A 583 -113.79 -26.22 -18.18
N THR A 584 -113.02 -26.95 -17.37
CA THR A 584 -113.41 -28.27 -16.89
C THR A 584 -113.80 -28.17 -15.42
N LEU A 585 -114.93 -28.78 -15.08
CA LEU A 585 -115.45 -28.81 -13.72
C LEU A 585 -115.29 -30.21 -13.13
N GLN A 586 -115.15 -30.27 -11.81
CA GLN A 586 -115.00 -31.53 -11.10
C GLN A 586 -115.67 -31.42 -9.73
N ALA A 587 -116.00 -32.58 -9.18
CA ALA A 587 -116.62 -32.66 -7.85
C ALA A 587 -117.95 -31.93 -7.81
N VAL B 3 -49.45 49.43 12.65
CA VAL B 3 -48.95 48.91 13.92
C VAL B 3 -48.59 50.06 14.84
N GLU B 4 -49.53 50.41 15.71
CA GLU B 4 -49.32 51.52 16.64
C GLU B 4 -48.49 51.03 17.82
N PRO B 5 -47.30 51.59 18.07
CA PRO B 5 -46.52 51.17 19.25
C PRO B 5 -47.07 51.76 20.54
N PHE B 6 -46.53 51.26 21.65
CA PHE B 6 -46.91 51.73 22.98
C PHE B 6 -45.75 51.51 23.95
N PRO B 7 -45.20 52.55 24.60
CA PRO B 7 -45.49 53.99 24.51
C PRO B 7 -44.95 54.60 23.22
N ARG B 8 -45.56 55.68 22.72
CA ARG B 8 -45.08 56.29 21.50
C ARG B 8 -43.71 56.94 21.69
N ARG B 9 -43.46 57.49 22.88
CA ARG B 9 -42.15 58.06 23.18
C ARG B 9 -41.17 56.93 23.52
N PRO B 10 -40.06 56.77 22.80
CA PRO B 10 -39.08 55.75 23.19
C PRO B 10 -38.45 56.07 24.53
N ILE B 11 -38.13 55.02 25.28
CA ILE B 11 -37.41 55.13 26.54
C ILE B 11 -36.33 54.06 26.56
N THR B 12 -35.10 54.46 26.89
CA THR B 12 -33.97 53.55 26.86
C THR B 12 -33.83 52.74 28.13
N ARG B 13 -34.46 53.15 29.23
CA ARG B 13 -34.37 52.39 30.47
C ARG B 13 -35.18 51.10 30.32
N PRO B 14 -34.97 50.12 31.21
CA PRO B 14 -35.76 48.89 31.14
C PRO B 14 -37.25 49.16 31.26
N HIS B 15 -38.04 48.45 30.47
CA HIS B 15 -39.47 48.68 30.39
C HIS B 15 -40.08 47.52 29.59
N ALA B 16 -41.39 47.64 29.34
CA ALA B 16 -42.12 46.70 28.49
C ALA B 16 -42.83 47.50 27.39
N SER B 17 -42.66 47.06 26.15
CA SER B 17 -43.23 47.72 24.98
C SER B 17 -44.25 46.80 24.32
N ILE B 18 -45.39 47.37 23.94
CA ILE B 18 -46.48 46.64 23.31
C ILE B 18 -46.74 47.28 21.95
N GLU B 19 -46.74 46.46 20.90
CA GLU B 19 -47.05 46.90 19.54
C GLU B 19 -48.47 46.43 19.22
N VAL B 20 -49.37 47.38 19.01
CA VAL B 20 -50.78 47.10 18.78
C VAL B 20 -51.02 47.11 17.27
N ASP B 21 -51.52 46.00 16.75
CA ASP B 21 -51.85 45.84 15.33
C ASP B 21 -53.36 45.87 15.21
N THR B 22 -53.90 46.99 14.71
CA THR B 22 -55.34 47.18 14.61
C THR B 22 -55.94 46.62 13.33
N SER B 23 -55.13 46.05 12.44
CA SER B 23 -55.66 45.46 11.22
C SER B 23 -56.41 44.17 11.54
N GLY B 24 -57.30 43.78 10.61
CA GLY B 24 -58.07 42.57 10.75
C GLY B 24 -59.42 42.74 11.43
N ILE B 25 -59.72 43.92 11.97
CA ILE B 25 -61.01 44.22 12.59
C ILE B 25 -61.69 45.37 11.87
N GLY B 26 -60.91 46.23 11.24
CA GLY B 26 -61.46 47.34 10.48
C GLY B 26 -62.15 46.91 9.22
N SER B 32 -71.67 50.46 -3.39
CA SER B 32 -71.77 51.90 -3.59
C SER B 32 -73.20 52.39 -3.41
N GLU B 33 -73.36 53.65 -3.01
CA GLU B 33 -74.68 54.20 -2.77
C GLU B 33 -75.43 54.47 -4.07
N LYS B 34 -74.73 54.82 -5.14
CA LYS B 34 -75.33 55.13 -6.44
C LYS B 34 -76.33 56.30 -6.30
N VAL B 35 -75.77 57.46 -5.96
CA VAL B 35 -76.59 58.63 -5.69
C VAL B 35 -77.20 59.15 -6.99
N PHE B 36 -78.40 59.70 -6.88
CA PHE B 36 -79.16 60.24 -8.01
C PHE B 36 -79.02 61.76 -8.04
N CYS B 37 -79.14 62.33 -9.25
CA CYS B 37 -78.96 63.76 -9.48
C CYS B 37 -80.14 64.32 -10.25
N LEU B 38 -80.41 65.60 -10.02
CA LEU B 38 -81.48 66.31 -10.70
C LEU B 38 -81.08 67.77 -10.89
N ILE B 39 -81.41 68.32 -12.05
CA ILE B 39 -81.18 69.73 -12.37
C ILE B 39 -82.45 70.27 -13.01
N GLY B 40 -82.90 71.44 -12.54
CA GLY B 40 -84.09 72.04 -13.10
C GLY B 40 -84.44 73.32 -12.39
N GLN B 41 -85.55 73.92 -12.81
CA GLN B 41 -86.01 75.17 -12.24
C GLN B 41 -86.54 74.96 -10.83
N ALA B 42 -86.34 75.96 -9.97
CA ALA B 42 -86.83 75.93 -8.61
C ALA B 42 -86.99 77.36 -8.11
N GLU B 43 -87.79 77.49 -7.04
CA GLU B 43 -88.07 78.78 -6.41
C GLU B 43 -87.30 78.97 -5.11
N GLY B 44 -86.24 78.20 -4.89
CA GLY B 44 -85.47 78.31 -3.67
C GLY B 44 -84.13 77.62 -3.81
N GLY B 45 -83.25 77.92 -2.87
CA GLY B 45 -81.91 77.37 -2.85
C GLY B 45 -80.91 78.29 -3.51
N GLU B 46 -79.66 78.19 -3.09
CA GLU B 46 -78.61 79.04 -3.63
C GLU B 46 -78.31 78.65 -5.07
N PRO B 47 -77.82 79.58 -5.90
CA PRO B 47 -77.46 79.22 -7.27
C PRO B 47 -76.10 78.54 -7.34
N ASN B 48 -76.00 77.60 -8.29
CA ASN B 48 -74.76 76.87 -8.52
C ASN B 48 -74.28 76.15 -7.26
N THR B 49 -75.23 75.56 -6.53
CA THR B 49 -74.96 74.85 -5.28
C THR B 49 -75.68 73.50 -5.30
N VAL B 50 -74.98 72.47 -4.85
CA VAL B 50 -75.52 71.12 -4.77
C VAL B 50 -75.89 70.82 -3.33
N TYR B 51 -77.13 70.40 -3.11
CA TYR B 51 -77.65 70.08 -1.78
C TYR B 51 -78.01 68.62 -1.72
N GLU B 52 -77.57 67.94 -0.66
CA GLU B 52 -77.91 66.55 -0.44
C GLU B 52 -79.30 66.45 0.15
N LEU B 53 -80.17 65.66 -0.48
CA LEU B 53 -81.56 65.51 -0.08
C LEU B 53 -81.80 64.08 0.39
N ARG B 54 -82.49 63.95 1.53
CA ARG B 54 -82.84 62.66 2.10
C ARG B 54 -84.33 62.50 2.38
N ASN B 55 -85.07 63.60 2.54
CA ASN B 55 -86.50 63.57 2.80
C ASN B 55 -87.18 64.64 1.96
N TYR B 56 -88.46 64.41 1.66
CA TYR B 56 -89.22 65.39 0.89
C TYR B 56 -89.41 66.69 1.65
N SER B 57 -89.48 66.63 2.99
CA SER B 57 -89.64 67.84 3.78
C SER B 57 -88.43 68.76 3.61
N GLN B 58 -87.22 68.19 3.58
CA GLN B 58 -86.02 69.00 3.38
C GLN B 58 -86.04 69.68 2.03
N ALA B 59 -86.45 68.95 0.98
CA ALA B 59 -86.49 69.54 -0.36
C ALA B 59 -87.52 70.66 -0.44
N LYS B 60 -88.69 70.47 0.18
CA LYS B 60 -89.72 71.50 0.14
C LYS B 60 -89.28 72.76 0.86
N ARG B 61 -88.63 72.60 2.01
CA ARG B 61 -88.10 73.76 2.73
C ARG B 61 -87.03 74.47 1.91
N LEU B 62 -86.16 73.71 1.26
CA LEU B 62 -85.11 74.30 0.43
C LEU B 62 -85.69 74.84 -0.87
N PHE B 63 -86.27 73.96 -1.69
CA PHE B 63 -86.93 74.35 -2.93
C PHE B 63 -88.41 74.54 -2.65
N ARG B 64 -88.88 75.80 -2.72
CA ARG B 64 -90.26 76.10 -2.37
C ARG B 64 -91.23 75.43 -3.33
N SER B 65 -90.97 75.54 -4.63
CA SER B 65 -91.85 74.98 -5.64
C SER B 65 -91.12 74.99 -6.97
N GLY B 66 -91.69 74.28 -7.94
CA GLY B 66 -91.16 74.18 -9.28
C GLY B 66 -91.18 72.76 -9.78
N GLU B 67 -90.69 72.60 -11.02
CA GLU B 67 -90.64 71.27 -11.62
C GLU B 67 -89.57 70.41 -10.96
N LEU B 68 -88.53 71.03 -10.41
CA LEU B 68 -87.49 70.27 -9.72
C LEU B 68 -88.05 69.55 -8.50
N LEU B 69 -88.92 70.23 -7.74
CA LEU B 69 -89.51 69.61 -6.56
C LEU B 69 -90.39 68.42 -6.94
N ASP B 70 -91.14 68.56 -8.03
CA ASP B 70 -91.97 67.46 -8.51
C ASP B 70 -91.11 66.27 -8.93
N ALA B 71 -89.95 66.54 -9.55
CA ALA B 71 -89.06 65.46 -9.95
C ALA B 71 -88.54 64.70 -8.73
N ILE B 72 -88.22 65.42 -7.66
CA ILE B 72 -87.76 64.76 -6.44
C ILE B 72 -88.88 63.89 -5.87
N GLU B 73 -90.12 64.39 -5.88
CA GLU B 73 -91.25 63.61 -5.40
C GLU B 73 -91.45 62.37 -6.26
N LEU B 74 -91.34 62.51 -7.58
CA LEU B 74 -91.56 61.38 -8.47
C LEU B 74 -90.44 60.35 -8.39
N ALA B 75 -89.22 60.78 -8.07
CA ALA B 75 -88.09 59.86 -8.02
C ALA B 75 -88.28 58.82 -6.93
N TRP B 76 -88.69 59.25 -5.74
CA TRP B 76 -88.88 58.31 -4.63
C TRP B 76 -90.17 57.51 -4.79
N GLY B 77 -91.19 58.07 -5.44
CA GLY B 77 -92.43 57.36 -5.63
C GLY B 77 -92.42 56.30 -6.71
N SER B 78 -91.37 56.27 -7.54
CA SER B 78 -91.29 55.27 -8.59
C SER B 78 -90.94 53.88 -8.07
N ASN B 79 -90.33 53.79 -6.89
CA ASN B 79 -89.90 52.53 -6.29
C ASN B 79 -90.34 52.46 -4.83
N PRO B 80 -91.62 52.23 -4.57
CA PRO B 80 -92.06 52.08 -3.17
C PRO B 80 -91.44 50.89 -2.46
N ASN B 81 -91.00 49.86 -3.19
CA ASN B 81 -90.49 48.63 -2.61
C ASN B 81 -88.98 48.62 -2.41
N TYR B 82 -88.30 49.74 -2.67
CA TYR B 82 -86.86 49.84 -2.55
C TYR B 82 -86.49 51.04 -1.69
N THR B 83 -85.25 51.05 -1.21
CA THR B 83 -84.79 52.12 -0.34
C THR B 83 -84.77 53.45 -1.06
N ALA B 84 -85.13 54.52 -0.34
CA ALA B 84 -85.11 55.88 -0.88
C ALA B 84 -83.71 56.43 -0.71
N GLY B 85 -82.96 56.48 -1.81
CA GLY B 85 -81.59 56.93 -1.77
C GLY B 85 -81.47 58.44 -1.80
N ARG B 86 -80.22 58.91 -1.68
CA ARG B 86 -79.94 60.34 -1.71
C ARG B 86 -80.19 60.91 -3.10
N ILE B 87 -80.57 62.19 -3.15
CA ILE B 87 -80.79 62.92 -4.38
C ILE B 87 -80.05 64.23 -4.29
N LEU B 88 -79.34 64.58 -5.36
CA LEU B 88 -78.62 65.84 -5.47
C LEU B 88 -79.39 66.78 -6.40
N ALA B 89 -79.59 68.02 -5.95
CA ALA B 89 -80.43 68.98 -6.64
C ALA B 89 -79.68 70.29 -6.86
N MET B 90 -80.04 70.99 -7.93
CA MET B 90 -79.44 72.28 -8.25
C MET B 90 -80.49 73.15 -8.93
N ARG B 91 -80.39 74.46 -8.70
CA ARG B 91 -81.27 75.45 -9.30
C ARG B 91 -80.53 76.12 -10.46
N ILE B 92 -81.07 75.96 -11.67
CA ILE B 92 -80.45 76.57 -12.84
C ILE B 92 -80.55 78.08 -12.79
N GLU B 93 -81.65 78.62 -12.26
CA GLU B 93 -81.88 80.06 -12.25
C GLU B 93 -80.81 80.78 -11.45
N ASP B 94 -80.27 81.85 -12.03
CA ASP B 94 -79.25 82.67 -11.37
C ASP B 94 -79.93 83.75 -10.50
N ALA B 95 -80.65 83.27 -9.50
CA ALA B 95 -81.37 84.17 -8.61
C ALA B 95 -80.39 84.95 -7.73
N LYS B 96 -80.87 86.09 -7.23
CA LYS B 96 -80.12 86.98 -6.36
C LYS B 96 -80.94 87.28 -5.11
N PRO B 97 -80.29 87.62 -3.99
CA PRO B 97 -81.05 87.85 -2.76
C PRO B 97 -81.63 89.24 -2.68
N ALA B 98 -82.85 89.34 -2.15
CA ALA B 98 -83.46 90.64 -1.92
C ALA B 98 -82.72 91.37 -0.81
N SER B 99 -82.54 92.68 -0.99
CA SER B 99 -81.82 93.49 -0.02
C SER B 99 -82.38 94.90 -0.04
N ALA B 100 -82.18 95.61 1.07
CA ALA B 100 -82.64 96.99 1.21
C ALA B 100 -81.75 97.69 2.22
N GLU B 101 -81.11 98.78 1.79
CA GLU B 101 -80.21 99.56 2.63
C GLU B 101 -81.02 100.67 3.29
N ILE B 102 -81.42 100.44 4.54
CA ILE B 102 -82.16 101.41 5.33
C ILE B 102 -81.53 101.48 6.71
N GLY B 103 -81.38 102.70 7.23
CA GLY B 103 -80.74 102.87 8.51
C GLY B 103 -79.26 102.52 8.44
N GLY B 104 -78.73 102.07 9.59
CA GLY B 104 -77.34 101.70 9.72
C GLY B 104 -77.04 100.24 9.45
N LEU B 105 -78.01 99.46 8.97
CA LEU B 105 -77.84 98.04 8.72
C LEU B 105 -78.12 97.74 7.26
N LYS B 106 -77.26 96.92 6.65
CA LYS B 106 -77.48 96.43 5.29
C LYS B 106 -78.23 95.11 5.38
N ILE B 107 -79.51 95.14 5.01
CA ILE B 107 -80.39 93.99 5.17
C ILE B 107 -80.29 93.13 3.90
N THR B 108 -80.11 91.83 4.09
CA THR B 108 -80.04 90.87 3.00
C THR B 108 -80.84 89.64 3.39
N SER B 109 -81.57 89.10 2.41
CA SER B 109 -82.45 87.94 2.64
C SER B 109 -81.76 86.67 2.16
N LYS B 110 -81.83 85.63 3.00
CA LYS B 110 -81.24 84.34 2.64
C LYS B 110 -81.99 83.66 1.51
N ILE B 111 -83.26 83.99 1.30
CA ILE B 111 -84.04 83.40 0.21
C ILE B 111 -83.70 84.11 -1.08
N TYR B 112 -83.51 83.33 -2.14
CA TYR B 112 -83.14 83.83 -3.46
C TYR B 112 -84.33 83.73 -4.40
N GLY B 113 -84.64 84.82 -5.08
CA GLY B 113 -85.70 84.89 -6.06
C GLY B 113 -86.69 85.99 -5.74
N ASN B 114 -87.75 86.04 -6.55
CA ASN B 114 -88.79 87.04 -6.37
C ASN B 114 -89.58 86.84 -5.08
N VAL B 115 -89.55 85.63 -4.51
CA VAL B 115 -90.30 85.37 -3.28
C VAL B 115 -89.73 86.19 -2.13
N ALA B 116 -88.42 86.45 -2.15
CA ALA B 116 -87.78 87.22 -1.07
C ALA B 116 -88.26 88.66 -1.02
N ASN B 117 -88.83 89.18 -2.11
CA ASN B 117 -89.29 90.57 -2.12
C ASN B 117 -90.42 90.83 -1.13
N ASN B 118 -91.17 89.79 -0.76
CA ASN B 118 -92.27 89.94 0.19
C ASN B 118 -91.81 90.03 1.64
N ILE B 119 -90.51 89.84 1.91
CA ILE B 119 -90.02 89.88 3.29
C ILE B 119 -90.09 91.32 3.80
N GLN B 120 -90.55 91.48 5.04
CA GLN B 120 -90.68 92.77 5.70
C GLN B 120 -89.78 92.79 6.92
N VAL B 121 -89.05 93.89 7.11
CA VAL B 121 -88.13 94.07 8.22
C VAL B 121 -88.34 95.46 8.81
N GLY B 122 -88.40 95.53 10.14
CA GLY B 122 -88.59 96.80 10.82
C GLY B 122 -88.05 96.79 12.24
N LEU B 123 -87.52 97.93 12.68
CA LEU B 123 -86.98 98.10 14.02
C LEU B 123 -87.83 99.08 14.80
N GLU B 124 -88.09 98.75 16.07
CA GLU B 124 -88.81 99.61 16.98
C GLU B 124 -88.03 99.71 18.29
N LYS B 125 -88.09 100.90 18.90
CA LYS B 125 -87.36 101.20 20.12
C LYS B 125 -88.33 101.18 21.30
N ASN B 126 -87.98 100.39 22.32
CA ASN B 126 -88.79 100.28 23.54
C ASN B 126 -88.33 101.36 24.50
N THR B 127 -89.18 102.37 24.71
CA THR B 127 -88.83 103.45 25.63
C THR B 127 -88.75 102.96 27.08
N LEU B 128 -89.58 101.98 27.44
CA LEU B 128 -89.58 101.47 28.81
C LEU B 128 -88.25 100.83 29.18
N SER B 129 -87.67 100.02 28.28
CA SER B 129 -86.41 99.34 28.53
C SER B 129 -85.22 99.95 27.80
N ASP B 130 -85.44 100.94 26.92
CA ASP B 130 -84.36 101.55 26.14
C ASP B 130 -83.63 100.50 25.30
N SER B 131 -84.40 99.60 24.69
CA SER B 131 -83.87 98.52 23.87
C SER B 131 -84.63 98.46 22.55
N LEU B 132 -83.93 98.05 21.49
CA LEU B 132 -84.53 97.94 20.17
C LEU B 132 -85.39 96.68 20.10
N ARG B 133 -86.27 96.66 19.09
CA ARG B 133 -87.19 95.54 18.87
C ARG B 133 -87.27 95.28 17.38
N LEU B 134 -86.84 94.09 16.96
CA LEU B 134 -86.84 93.69 15.56
C LEU B 134 -88.01 92.74 15.30
N ARG B 135 -88.74 93.01 14.23
CA ARG B 135 -89.88 92.18 13.83
C ARG B 135 -89.75 91.86 12.35
N VAL B 136 -89.90 90.58 12.01
CA VAL B 136 -89.81 90.09 10.64
C VAL B 136 -91.14 89.43 10.30
N ILE B 137 -91.74 89.86 9.18
CA ILE B 137 -93.03 89.36 8.72
C ILE B 137 -92.83 88.77 7.33
N PHE B 138 -93.34 87.55 7.13
CA PHE B 138 -93.24 86.89 5.83
C PHE B 138 -94.50 86.04 5.68
N GLN B 139 -95.50 86.59 4.97
CA GLN B 139 -96.81 85.98 4.91
C GLN B 139 -96.81 84.64 4.19
N ASP B 140 -95.86 84.43 3.27
CA ASP B 140 -95.85 83.20 2.48
C ASP B 140 -95.63 81.98 3.35
N ASP B 141 -94.71 82.06 4.32
CA ASP B 141 -94.47 81.00 5.28
C ASP B 141 -95.27 81.19 6.57
N ARG B 142 -96.09 82.23 6.67
CA ARG B 142 -96.80 82.56 7.91
C ARG B 142 -95.83 82.75 9.07
N PHE B 143 -94.68 83.34 8.77
CA PHE B 143 -93.62 83.55 9.76
C PHE B 143 -93.74 84.97 10.32
N ASN B 144 -93.88 85.06 11.64
CA ASN B 144 -93.99 86.36 12.30
C ASN B 144 -93.47 86.19 13.73
N GLU B 145 -92.25 86.68 13.96
CA GLU B 145 -91.61 86.61 15.26
C GLU B 145 -90.99 87.96 15.58
N VAL B 146 -90.88 88.25 16.88
CA VAL B 146 -90.35 89.52 17.38
C VAL B 146 -89.14 89.21 18.25
N TYR B 147 -88.01 89.84 17.95
CA TYR B 147 -86.78 89.70 18.73
C TYR B 147 -86.72 90.89 19.69
N ASP B 148 -87.32 90.71 20.86
CA ASP B 148 -87.42 91.77 21.85
C ASP B 148 -86.16 91.83 22.71
N ASN B 149 -85.96 92.98 23.35
CA ASN B 149 -84.84 93.19 24.27
C ASN B 149 -83.50 93.07 23.54
N ILE B 150 -83.40 93.70 22.37
CA ILE B 150 -82.14 93.73 21.64
C ILE B 150 -81.16 94.62 22.41
N GLY B 151 -79.94 94.13 22.57
CA GLY B 151 -78.96 94.83 23.39
C GLY B 151 -79.23 94.61 24.87
N ASN B 152 -78.71 95.53 25.69
CA ASN B 152 -78.86 95.49 27.13
C ASN B 152 -78.28 94.18 27.69
N ILE B 153 -77.00 93.99 27.42
CA ILE B 153 -76.36 92.71 27.76
C ILE B 153 -76.20 92.56 29.28
N PHE B 154 -75.86 93.65 29.97
CA PHE B 154 -75.69 93.59 31.42
C PHE B 154 -75.68 95.00 31.98
N THR B 155 -75.66 95.08 33.31
CA THR B 155 -75.70 96.33 34.05
C THR B 155 -74.41 96.53 34.83
N ILE B 156 -74.09 97.79 35.11
CA ILE B 156 -72.98 98.18 35.97
C ILE B 156 -73.54 99.16 37.00
N LYS B 157 -73.27 98.89 38.28
CA LYS B 157 -73.77 99.70 39.39
C LYS B 157 -72.64 99.99 40.36
N TYR B 158 -72.75 101.15 41.01
CA TYR B 158 -71.76 101.61 41.98
C TYR B 158 -72.46 102.00 43.26
N LYS B 159 -71.98 101.44 44.39
CA LYS B 159 -72.57 101.67 45.70
C LYS B 159 -71.61 102.35 46.68
N GLY B 160 -70.47 102.85 46.21
CA GLY B 160 -69.54 103.51 47.09
C GLY B 160 -70.05 104.86 47.55
N GLU B 161 -69.37 105.40 48.57
CA GLU B 161 -69.72 106.67 49.16
C GLU B 161 -69.11 107.87 48.44
N GLU B 162 -68.34 107.64 47.36
CA GLU B 162 -67.73 108.75 46.65
C GLU B 162 -68.80 109.57 45.93
N ALA B 163 -68.37 110.74 45.43
CA ALA B 163 -69.31 111.67 44.82
C ALA B 163 -69.95 111.09 43.56
N ASN B 164 -69.12 110.57 42.65
CA ASN B 164 -69.60 110.06 41.37
C ASN B 164 -68.68 108.95 40.89
N ALA B 165 -69.21 108.13 39.99
CA ALA B 165 -68.46 107.07 39.35
C ALA B 165 -68.91 106.96 37.89
N THR B 166 -67.94 106.79 36.99
CA THR B 166 -68.20 106.74 35.56
C THR B 166 -67.33 105.65 34.93
N PHE B 167 -67.75 105.19 33.76
CA PHE B 167 -67.01 104.21 32.99
C PHE B 167 -67.04 104.62 31.52
N SER B 168 -66.06 104.14 30.77
CA SER B 168 -65.94 104.45 29.35
C SER B 168 -65.35 103.25 28.62
N VAL B 169 -65.59 103.21 27.31
CA VAL B 169 -65.12 102.15 26.44
C VAL B 169 -64.33 102.78 25.30
N GLU B 170 -63.14 102.24 25.05
CA GLU B 170 -62.25 102.71 23.99
C GLU B 170 -62.21 101.71 22.85
N HIS B 171 -62.19 102.23 21.63
CA HIS B 171 -62.20 101.42 20.42
C HIS B 171 -60.94 101.65 19.61
N ASP B 172 -60.43 100.57 19.02
CA ASP B 172 -59.28 100.67 18.13
C ASP B 172 -59.68 101.34 16.82
N GLU B 173 -58.89 102.33 16.40
CA GLU B 173 -59.24 103.09 15.21
C GLU B 173 -59.20 102.22 13.96
N GLU B 174 -58.21 101.35 13.84
CA GLU B 174 -58.05 100.56 12.62
C GLU B 174 -59.20 99.57 12.46
N THR B 175 -59.58 98.87 13.53
CA THR B 175 -60.58 97.82 13.46
C THR B 175 -61.96 98.26 13.94
N GLN B 176 -62.06 99.40 14.64
CA GLN B 176 -63.31 99.89 15.20
C GLN B 176 -63.93 98.85 16.14
N LYS B 177 -63.07 98.20 16.93
CA LYS B 177 -63.47 97.19 17.91
C LYS B 177 -63.05 97.64 19.30
N ALA B 178 -63.89 97.33 20.28
CA ALA B 178 -63.58 97.70 21.66
C ALA B 178 -62.32 97.00 22.13
N SER B 179 -61.48 97.74 22.87
CA SER B 179 -60.18 97.26 23.31
C SER B 179 -60.01 97.39 24.83
N ARG B 180 -60.69 98.36 25.44
CA ARG B 180 -60.57 98.61 26.86
C ARG B 180 -61.92 98.96 27.45
N LEU B 181 -62.07 98.71 28.75
CA LEU B 181 -63.26 99.06 29.51
C LEU B 181 -62.78 99.55 30.87
N VAL B 182 -62.74 100.87 31.05
CA VAL B 182 -62.16 101.50 32.23
C VAL B 182 -63.27 101.92 33.17
N LEU B 183 -63.13 101.56 34.44
CA LEU B 183 -64.03 102.02 35.50
C LEU B 183 -63.34 103.15 36.24
N LYS B 184 -64.02 104.30 36.31
CA LYS B 184 -63.45 105.53 36.86
C LYS B 184 -64.31 106.02 38.03
N VAL B 185 -63.65 106.36 39.13
CA VAL B 185 -64.28 107.01 40.27
C VAL B 185 -63.61 108.36 40.46
N GLY B 186 -64.41 109.43 40.47
CA GLY B 186 -63.87 110.77 40.49
C GLY B 186 -63.14 111.08 39.20
N ASP B 187 -61.86 111.45 39.29
CA ASP B 187 -61.03 111.77 38.14
C ASP B 187 -60.07 110.64 37.79
N GLN B 188 -59.35 110.11 38.78
CA GLN B 188 -58.37 109.07 38.52
C GLN B 188 -59.04 107.74 38.21
N GLU B 189 -58.34 106.91 37.44
CA GLU B 189 -58.84 105.59 37.07
C GLU B 189 -58.64 104.61 38.23
N VAL B 190 -59.63 103.74 38.43
CA VAL B 190 -59.58 102.74 39.48
C VAL B 190 -59.02 101.44 38.91
N LYS B 191 -59.71 100.88 37.92
CA LYS B 191 -59.29 99.64 37.29
C LYS B 191 -59.81 99.59 35.87
N SER B 192 -59.07 98.92 35.00
CA SER B 192 -59.41 98.80 33.59
C SER B 192 -59.25 97.34 33.15
N TYR B 193 -60.14 96.91 32.25
CA TYR B 193 -60.12 95.57 31.68
C TYR B 193 -59.70 95.66 30.22
N ASP B 194 -58.72 94.84 29.85
CA ASP B 194 -58.22 94.80 28.48
C ASP B 194 -59.07 93.82 27.67
N LEU B 195 -59.69 94.32 26.60
CA LEU B 195 -60.57 93.53 25.76
C LEU B 195 -59.89 93.02 24.50
N THR B 196 -58.56 93.15 24.40
CA THR B 196 -57.87 92.67 23.21
C THR B 196 -58.02 91.16 23.04
N GLY B 197 -57.90 90.42 24.13
CA GLY B 197 -58.05 88.98 24.06
C GLY B 197 -57.45 88.31 25.28
N GLY B 198 -57.57 86.99 25.31
CA GLY B 198 -57.01 86.20 26.38
C GLY B 198 -57.94 86.05 27.57
N ALA B 199 -57.67 86.80 28.64
CA ALA B 199 -58.45 86.66 29.87
C ALA B 199 -59.87 87.16 29.71
N TYR B 200 -60.10 88.10 28.80
CA TYR B 200 -61.40 88.76 28.62
C TYR B 200 -61.87 88.62 27.18
N ASP B 201 -61.82 87.40 26.65
CA ASP B 201 -62.34 87.15 25.31
C ASP B 201 -63.83 87.41 25.24
N TYR B 202 -64.58 86.98 26.26
CA TYR B 202 -66.02 87.12 26.32
C TYR B 202 -66.40 88.00 27.51
N THR B 203 -67.64 88.52 27.45
CA THR B 203 -68.11 89.44 28.49
C THR B 203 -68.38 88.73 29.82
N ASN B 204 -68.48 87.40 29.82
CA ASN B 204 -68.77 86.69 31.06
C ASN B 204 -67.66 86.88 32.09
N ALA B 205 -66.40 86.84 31.64
CA ALA B 205 -65.29 87.07 32.56
C ALA B 205 -65.30 88.48 33.13
N ILE B 206 -65.72 89.46 32.32
CA ILE B 206 -65.75 90.84 32.79
C ILE B 206 -66.78 91.00 33.91
N ILE B 207 -67.93 90.34 33.77
CA ILE B 207 -68.99 90.49 34.78
C ILE B 207 -68.53 89.92 36.12
N THR B 208 -67.85 88.78 36.10
CA THR B 208 -67.42 88.16 37.36
C THR B 208 -66.41 89.04 38.08
N ASP B 209 -65.45 89.62 37.34
CA ASP B 209 -64.43 90.46 37.97
C ASP B 209 -65.03 91.73 38.57
N ILE B 210 -66.05 92.29 37.92
CA ILE B 210 -66.67 93.51 38.43
C ILE B 210 -67.31 93.25 39.79
N ASN B 211 -67.99 92.12 39.94
CA ASN B 211 -68.65 91.81 41.22
C ASN B 211 -67.64 91.63 42.34
N GLN B 212 -66.42 91.18 42.02
CA GLN B 212 -65.41 90.97 43.05
C GLN B 212 -64.97 92.27 43.71
N LEU B 213 -65.12 93.41 43.03
CA LEU B 213 -64.69 94.67 43.60
C LEU B 213 -65.60 95.07 44.76
N PRO B 214 -65.14 95.95 45.68
CA PRO B 214 -65.96 96.28 46.83
C PRO B 214 -67.25 97.02 46.48
N ASP B 215 -67.13 98.08 45.69
CA ASP B 215 -68.26 98.95 45.37
C ASP B 215 -68.96 98.59 44.08
N PHE B 216 -68.23 98.23 43.03
CA PHE B 216 -68.80 97.94 41.74
C PHE B 216 -69.56 96.61 41.77
N GLU B 217 -70.66 96.57 41.03
CA GLU B 217 -71.48 95.38 40.90
C GLU B 217 -72.00 95.26 39.49
N ALA B 218 -72.32 94.03 39.08
CA ALA B 218 -72.83 93.77 37.74
C ALA B 218 -73.69 92.52 37.77
N LYS B 219 -74.65 92.46 36.85
CA LYS B 219 -75.55 91.32 36.74
C LYS B 219 -75.87 91.09 35.26
N LEU B 220 -75.82 89.83 34.85
CA LEU B 220 -76.16 89.47 33.47
C LEU B 220 -77.66 89.68 33.23
N SER B 221 -77.99 90.06 32.01
CA SER B 221 -79.38 90.32 31.67
C SER B 221 -80.19 89.03 31.71
N PRO B 222 -81.46 89.07 32.13
CA PRO B 222 -82.24 87.83 32.22
C PRO B 222 -82.78 87.34 30.88
N PHE B 223 -82.73 88.17 29.84
CA PHE B 223 -83.32 87.82 28.54
C PHE B 223 -82.34 86.94 27.75
N GLY B 224 -82.18 85.72 28.22
CA GLY B 224 -81.36 84.74 27.55
C GLY B 224 -79.87 84.89 27.87
N ASP B 225 -79.13 83.84 27.57
CA ASP B 225 -77.67 83.81 27.76
C ASP B 225 -77.01 84.30 26.48
N LYS B 226 -76.63 85.57 26.47
CA LYS B 226 -76.04 86.18 25.28
C LYS B 226 -74.56 85.83 25.16
N ASN B 227 -73.76 86.22 26.16
CA ASN B 227 -72.32 85.96 26.18
C ASN B 227 -71.63 86.54 24.96
N LEU B 228 -71.97 87.79 24.64
CA LEU B 228 -71.38 88.47 23.49
C LEU B 228 -69.89 88.70 23.72
N GLU B 229 -69.15 88.72 22.61
CA GLU B 229 -67.72 88.98 22.67
C GLU B 229 -67.46 90.41 23.13
N SER B 230 -66.35 90.58 23.87
CA SER B 230 -66.02 91.90 24.40
C SER B 230 -65.65 92.87 23.28
N SER B 231 -65.11 92.38 22.18
CA SER B 231 -64.71 93.25 21.09
C SER B 231 -65.90 93.91 20.40
N LYS B 232 -67.10 93.35 20.52
CA LYS B 232 -68.29 93.84 19.85
C LYS B 232 -69.07 94.85 20.71
N LEU B 233 -68.57 95.22 21.88
CA LEU B 233 -69.27 96.17 22.73
C LEU B 233 -69.29 97.55 22.06
N ASP B 234 -70.33 98.32 22.37
CA ASP B 234 -70.51 99.64 21.80
C ASP B 234 -69.61 100.67 22.49
N LYS B 235 -69.52 101.85 21.88
CA LYS B 235 -68.68 102.92 22.37
C LYS B 235 -69.48 103.83 23.30
N ILE B 236 -69.09 103.89 24.56
CA ILE B 236 -69.71 104.74 25.57
C ILE B 236 -68.61 105.49 26.30
N GLU B 237 -68.84 106.77 26.58
CA GLU B 237 -67.89 107.61 27.30
C GLU B 237 -68.63 108.52 28.27
N ASN B 238 -68.14 108.59 29.50
CA ASN B 238 -68.67 109.50 30.52
C ASN B 238 -70.15 109.21 30.80
N ALA B 239 -70.42 107.99 31.27
CA ALA B 239 -71.77 107.57 31.65
C ALA B 239 -71.86 107.48 33.17
N ASN B 240 -72.78 108.23 33.76
CA ASN B 240 -72.92 108.24 35.20
C ASN B 240 -73.52 106.92 35.68
N ILE B 241 -72.89 106.33 36.69
CA ILE B 241 -73.29 105.02 37.21
C ILE B 241 -74.07 105.16 38.52
N LYS B 242 -73.66 106.09 39.38
CA LYS B 242 -74.25 106.18 40.71
C LYS B 242 -75.73 106.57 40.64
N ASP B 243 -76.08 107.48 39.73
CA ASP B 243 -77.47 107.93 39.64
C ASP B 243 -78.40 106.80 39.25
N LYS B 244 -78.03 106.05 38.20
CA LYS B 244 -78.82 104.91 37.75
C LYS B 244 -77.89 103.91 37.09
N ALA B 245 -78.35 102.66 37.04
CA ALA B 245 -77.58 101.60 36.39
C ALA B 245 -77.52 101.86 34.89
N VAL B 246 -76.34 101.69 34.31
CA VAL B 246 -76.10 101.95 32.89
C VAL B 246 -76.05 100.61 32.17
N TYR B 247 -76.85 100.48 31.11
CA TYR B 247 -76.88 99.27 30.30
C TYR B 247 -75.90 99.40 29.15
N VAL B 248 -75.03 98.40 28.99
CA VAL B 248 -74.16 98.31 27.81
C VAL B 248 -75.00 97.75 26.67
N LYS B 249 -75.13 98.53 25.60
CA LYS B 249 -76.10 98.18 24.55
C LYS B 249 -75.56 97.09 23.64
N ALA B 250 -74.50 97.38 22.89
CA ALA B 250 -73.93 96.47 21.90
C ALA B 250 -75.02 95.96 20.95
N VAL B 251 -75.69 96.92 20.29
CA VAL B 251 -76.88 96.60 19.50
C VAL B 251 -76.53 95.69 18.33
N PHE B 252 -75.42 95.95 17.65
CA PHE B 252 -75.07 95.16 16.46
C PHE B 252 -74.67 93.75 16.83
N GLY B 253 -73.93 93.59 17.95
CA GLY B 253 -73.49 92.26 18.34
C GLY B 253 -74.64 91.35 18.71
N ASP B 254 -75.67 91.89 19.37
CA ASP B 254 -76.81 91.08 19.77
C ASP B 254 -77.60 90.58 18.56
N LEU B 255 -77.68 91.38 17.50
CA LEU B 255 -78.42 90.96 16.31
C LEU B 255 -77.77 89.74 15.68
N GLU B 256 -76.44 89.71 15.60
CA GLU B 256 -75.75 88.58 14.97
C GLU B 256 -76.01 87.28 15.73
N LYS B 257 -76.02 87.35 17.07
CA LYS B 257 -76.22 86.15 17.87
C LYS B 257 -77.59 85.52 17.60
N GLN B 258 -78.61 86.36 17.44
CA GLN B 258 -79.98 85.90 17.25
C GLN B 258 -80.35 85.72 15.78
N THR B 259 -79.44 86.02 14.84
CA THR B 259 -79.74 85.92 13.41
C THR B 259 -78.64 85.28 12.59
N ALA B 260 -77.50 84.91 13.19
CA ALA B 260 -76.44 84.29 12.41
C ALA B 260 -76.87 82.94 11.85
N TYR B 261 -77.57 82.14 12.65
CA TYR B 261 -78.05 80.82 12.24
C TYR B 261 -79.51 80.62 12.58
N ASN B 262 -80.29 81.70 12.67
CA ASN B 262 -81.71 81.64 12.96
C ASN B 262 -82.42 82.71 12.15
N GLY B 263 -83.72 82.50 11.93
CA GLY B 263 -84.50 83.43 11.13
C GLY B 263 -84.25 83.24 9.65
N ILE B 264 -84.70 84.23 8.88
CA ILE B 264 -84.63 84.20 7.42
C ILE B 264 -83.74 85.34 6.93
N VAL B 265 -83.69 86.45 7.67
CA VAL B 265 -83.03 87.67 7.25
C VAL B 265 -81.69 87.78 7.97
N SER B 266 -80.64 88.09 7.22
CA SER B 266 -79.32 88.39 7.76
C SER B 266 -79.11 89.90 7.75
N PHE B 267 -78.16 90.34 8.59
CA PHE B 267 -77.87 91.76 8.77
C PHE B 267 -76.36 91.99 8.71
N GLU B 268 -75.98 93.15 8.19
CA GLU B 268 -74.59 93.56 8.12
C GLU B 268 -74.51 95.06 8.39
N GLN B 269 -73.34 95.50 8.84
CA GLN B 269 -73.10 96.90 9.20
C GLN B 269 -72.39 97.60 8.04
N LEU B 270 -72.91 98.76 7.65
CA LEU B 270 -72.31 99.53 6.56
C LEU B 270 -70.93 100.04 6.96
N LYS B 298 -71.50 104.08 10.56
CA LYS B 298 -72.91 104.46 10.59
C LYS B 298 -73.52 104.14 11.95
N THR B 299 -74.60 104.84 12.29
CA THR B 299 -75.30 104.67 13.55
C THR B 299 -76.61 103.93 13.30
N ILE B 300 -76.85 102.88 14.08
CA ILE B 300 -78.06 102.08 13.95
C ILE B 300 -79.19 102.78 14.68
N GLU B 301 -80.30 103.00 13.99
CA GLU B 301 -81.48 103.65 14.54
C GLU B 301 -82.71 102.92 14.06
N PRO B 302 -83.86 103.08 14.73
CA PRO B 302 -85.08 102.42 14.26
C PRO B 302 -85.51 102.92 12.89
N PHE B 303 -86.17 102.04 12.14
CA PHE B 303 -86.76 102.39 10.85
C PHE B 303 -88.10 101.68 10.72
N GLU B 304 -88.97 102.25 9.90
CA GLU B 304 -90.32 101.73 9.75
C GLU B 304 -90.30 100.41 8.97
N LEU B 305 -91.40 99.67 9.09
CA LEU B 305 -91.55 98.40 8.41
C LEU B 305 -91.59 98.61 6.89
N THR B 306 -90.62 98.06 6.17
CA THR B 306 -90.50 98.24 4.73
C THR B 306 -90.16 96.91 4.07
N LYS B 307 -90.76 96.66 2.91
CA LYS B 307 -90.47 95.45 2.16
C LYS B 307 -89.10 95.54 1.50
N LEU B 308 -88.45 94.38 1.38
CA LEU B 308 -87.16 94.30 0.70
C LEU B 308 -87.36 94.37 -0.81
N LYS B 309 -86.26 94.65 -1.51
CA LYS B 309 -86.26 94.79 -2.96
C LYS B 309 -85.01 94.14 -3.52
N GLY B 310 -84.94 94.11 -4.85
CA GLY B 310 -83.80 93.54 -5.56
C GLY B 310 -83.91 92.07 -5.86
N GLY B 311 -84.93 91.38 -5.35
CA GLY B 311 -85.10 89.97 -5.67
C GLY B 311 -85.40 89.79 -7.15
N THR B 312 -84.63 88.92 -7.80
CA THR B 312 -84.80 88.67 -9.23
C THR B 312 -84.23 87.31 -9.55
N ASN B 313 -85.06 86.42 -10.11
CA ASN B 313 -84.58 85.10 -10.50
C ASN B 313 -83.54 85.19 -11.61
N GLY B 314 -83.64 86.20 -12.47
CA GLY B 314 -82.71 86.38 -13.55
C GLY B 314 -83.09 85.60 -14.79
N GLU B 315 -82.46 85.95 -15.91
CA GLU B 315 -82.72 85.26 -17.16
C GLU B 315 -82.19 83.82 -17.08
N PRO B 316 -82.76 82.89 -17.84
CA PRO B 316 -82.28 81.51 -17.78
C PRO B 316 -80.90 81.39 -18.37
N PRO B 317 -80.10 80.42 -17.95
CA PRO B 317 -78.74 80.30 -18.49
C PRO B 317 -78.73 79.94 -19.96
N ALA B 318 -77.73 80.48 -20.67
CA ALA B 318 -77.58 80.16 -22.08
C ALA B 318 -77.15 78.71 -22.28
N THR B 319 -76.27 78.21 -21.42
CA THR B 319 -75.79 76.84 -21.49
C THR B 319 -75.70 76.28 -20.09
N TRP B 320 -75.88 74.96 -19.98
CA TRP B 320 -75.86 74.24 -18.71
C TRP B 320 -74.49 73.62 -18.41
N ALA B 321 -73.48 73.89 -19.24
CA ALA B 321 -72.17 73.28 -19.03
C ALA B 321 -71.57 73.71 -17.70
N ASP B 322 -71.68 74.99 -17.35
CA ASP B 322 -71.14 75.47 -16.08
C ASP B 322 -71.88 74.84 -14.90
N LYS B 323 -73.20 74.66 -15.04
CA LYS B 323 -73.98 74.07 -13.95
C LYS B 323 -73.56 72.63 -13.69
N LEU B 324 -73.32 71.86 -14.75
CA LEU B 324 -73.00 70.45 -14.60
C LEU B 324 -71.64 70.24 -13.93
N ASP B 325 -70.72 71.21 -14.06
CA ASP B 325 -69.38 71.04 -13.51
C ASP B 325 -69.41 70.91 -12.00
N LYS B 326 -70.42 71.48 -11.33
CA LYS B 326 -70.50 71.39 -9.88
C LYS B 326 -70.82 69.97 -9.41
N PHE B 327 -71.38 69.13 -10.27
CA PHE B 327 -71.67 67.74 -9.94
C PHE B 327 -70.48 66.81 -10.20
N ALA B 328 -69.28 67.36 -10.43
CA ALA B 328 -68.15 66.54 -10.82
C ALA B 328 -67.74 65.58 -9.72
N HIS B 329 -67.55 66.11 -8.50
CA HIS B 329 -67.03 65.33 -7.37
C HIS B 329 -68.10 65.08 -6.30
N GLU B 330 -69.37 65.10 -6.67
CA GLU B 330 -70.45 64.87 -5.72
C GLU B 330 -70.77 63.38 -5.54
N GLY B 331 -70.18 62.50 -6.33
CA GLY B 331 -70.39 61.08 -6.19
C GLY B 331 -71.62 60.52 -6.86
N GLY B 332 -72.35 61.32 -7.63
CA GLY B 332 -73.53 60.82 -8.31
C GLY B 332 -73.19 59.99 -9.52
N TYR B 333 -74.15 59.16 -9.93
CA TYR B 333 -74.03 58.30 -11.09
C TYR B 333 -75.07 58.59 -12.16
N TYR B 334 -76.34 58.72 -11.78
CA TYR B 334 -77.43 58.99 -12.71
C TYR B 334 -77.80 60.47 -12.63
N ILE B 335 -77.98 61.08 -13.80
CA ILE B 335 -78.38 62.48 -13.92
C ILE B 335 -79.51 62.57 -14.94
N VAL B 336 -80.54 63.34 -14.60
CA VAL B 336 -81.73 63.50 -15.45
C VAL B 336 -81.98 64.99 -15.67
N PRO B 337 -81.46 65.60 -16.74
CA PRO B 337 -81.73 67.02 -16.96
C PRO B 337 -83.20 67.25 -17.26
N LEU B 338 -83.80 68.18 -16.52
CA LEU B 338 -85.23 68.49 -16.67
C LEU B 338 -85.44 69.56 -17.74
N SER B 339 -85.08 69.20 -18.97
CA SER B 339 -85.23 70.07 -20.12
C SER B 339 -85.36 69.22 -21.37
N SER B 340 -86.24 69.64 -22.28
CA SER B 340 -86.48 68.94 -23.52
C SER B 340 -85.59 69.41 -24.67
N LYS B 341 -84.80 70.45 -24.47
CA LYS B 341 -83.95 70.96 -25.53
C LYS B 341 -82.87 69.95 -25.89
N GLN B 342 -82.63 69.78 -27.19
CA GLN B 342 -81.58 68.87 -27.64
C GLN B 342 -80.19 69.39 -27.27
N SER B 343 -80.02 70.72 -27.23
CA SER B 343 -78.74 71.28 -26.85
C SER B 343 -78.39 70.93 -25.41
N VAL B 344 -79.38 70.97 -24.52
CA VAL B 344 -79.13 70.61 -23.12
C VAL B 344 -78.73 69.14 -23.01
N HIS B 345 -79.37 68.28 -23.80
CA HIS B 345 -79.04 66.86 -23.78
C HIS B 345 -77.60 66.62 -24.23
N ALA B 346 -77.15 67.36 -25.24
CA ALA B 346 -75.79 67.19 -25.73
C ALA B 346 -74.75 67.57 -24.68
N GLU B 347 -75.01 68.65 -23.94
CA GLU B 347 -74.07 69.07 -22.89
C GLU B 347 -73.96 68.02 -21.81
N VAL B 348 -75.09 67.45 -21.38
CA VAL B 348 -75.06 66.39 -20.39
C VAL B 348 -74.41 65.14 -20.95
N ALA B 349 -74.61 64.88 -22.25
CA ALA B 349 -73.97 63.74 -22.88
C ALA B 349 -72.45 63.88 -22.86
N SER B 350 -71.94 65.08 -23.10
CA SER B 350 -70.51 65.32 -23.01
C SER B 350 -70.01 65.29 -21.57
N PHE B 351 -70.84 65.75 -20.63
CA PHE B 351 -70.42 65.81 -19.24
C PHE B 351 -70.17 64.43 -18.66
N VAL B 352 -71.10 63.50 -18.89
CA VAL B 352 -70.94 62.15 -18.35
C VAL B 352 -69.74 61.46 -19.00
N LYS B 353 -69.50 61.74 -20.28
CA LYS B 353 -68.32 61.20 -20.95
C LYS B 353 -67.04 61.76 -20.33
N GLU B 354 -67.04 63.05 -20.00
CA GLU B 354 -65.83 63.67 -19.45
C GLU B 354 -65.45 63.06 -18.10
N ARG B 355 -66.44 62.86 -17.21
CA ARG B 355 -66.13 62.30 -15.90
C ARG B 355 -65.74 60.83 -16.00
N SER B 356 -66.33 60.09 -16.94
CA SER B 356 -65.93 58.70 -17.13
C SER B 356 -64.47 58.59 -17.55
N ASP B 357 -64.03 59.49 -18.43
CA ASP B 357 -62.63 59.50 -18.82
C ASP B 357 -61.72 59.85 -17.66
N ALA B 358 -62.22 60.60 -16.68
CA ALA B 358 -61.45 60.99 -15.51
C ALA B 358 -61.55 60.00 -14.35
N GLY B 359 -62.24 58.88 -14.54
CA GLY B 359 -62.38 57.88 -13.50
C GLY B 359 -63.63 57.99 -12.65
N GLU B 360 -64.62 58.77 -13.07
CA GLU B 360 -65.87 58.97 -12.34
C GLU B 360 -67.02 58.75 -13.31
N PRO B 361 -67.31 57.50 -13.67
CA PRO B 361 -68.34 57.24 -14.69
C PRO B 361 -69.73 57.69 -14.23
N MET B 362 -70.52 58.14 -15.20
CA MET B 362 -71.89 58.56 -14.97
C MET B 362 -72.72 58.22 -16.20
N ARG B 363 -74.04 58.21 -16.01
CA ARG B 363 -74.98 57.94 -17.09
C ARG B 363 -76.12 58.93 -17.01
N ALA B 364 -76.77 59.16 -18.16
CA ALA B 364 -77.80 60.16 -18.30
C ALA B 364 -79.06 59.54 -18.91
N ILE B 365 -80.21 60.05 -18.49
CA ILE B 365 -81.51 59.67 -19.04
C ILE B 365 -82.27 60.95 -19.36
N VAL B 366 -82.78 61.05 -20.59
CA VAL B 366 -83.43 62.25 -21.09
C VAL B 366 -84.73 61.87 -21.80
N GLY B 367 -85.58 62.86 -21.99
CA GLY B 367 -86.84 62.68 -22.69
C GLY B 367 -87.18 63.90 -23.49
N GLY B 368 -87.88 63.69 -24.61
CA GLY B 368 -88.17 64.76 -25.55
C GLY B 368 -89.61 65.22 -25.58
N GLY B 369 -89.87 66.40 -25.01
CA GLY B 369 -91.09 67.16 -25.22
C GLY B 369 -92.35 66.41 -24.85
N PHE B 370 -93.45 66.80 -25.48
CA PHE B 370 -94.77 66.21 -25.29
C PHE B 370 -95.18 65.50 -26.57
N ASN B 371 -95.51 64.21 -26.46
CA ASN B 371 -96.14 63.46 -27.54
C ASN B 371 -95.32 63.48 -28.83
N GLU B 372 -94.00 63.33 -28.68
CA GLU B 372 -93.14 63.29 -29.86
C GLU B 372 -93.35 62.00 -30.62
N SER B 373 -93.28 62.09 -31.95
CA SER B 373 -93.50 60.94 -32.82
C SER B 373 -92.23 60.11 -32.94
N LYS B 374 -92.33 58.98 -33.63
CA LYS B 374 -91.18 58.10 -33.80
C LYS B 374 -90.09 58.78 -34.63
N GLU B 375 -90.48 59.52 -35.66
CA GLU B 375 -89.50 60.18 -36.52
C GLU B 375 -88.69 61.21 -35.74
N GLN B 376 -89.34 61.98 -34.87
CA GLN B 376 -88.62 62.94 -34.05
C GLN B 376 -87.67 62.24 -33.09
N LEU B 377 -88.10 61.11 -32.52
CA LEU B 377 -87.24 60.39 -31.58
C LEU B 377 -85.99 59.85 -32.25
N PHE B 378 -86.11 59.40 -33.50
CA PHE B 378 -84.95 58.90 -34.23
C PHE B 378 -83.92 60.01 -34.42
N GLY B 379 -84.37 61.24 -34.67
CA GLY B 379 -83.44 62.36 -34.81
C GLY B 379 -82.67 62.61 -33.54
N ARG B 380 -83.34 62.57 -32.39
CA ARG B 380 -82.65 62.76 -31.11
C ARG B 380 -81.66 61.65 -30.85
N GLN B 381 -82.05 60.40 -31.11
CA GLN B 381 -81.17 59.26 -30.85
C GLN B 381 -79.95 59.30 -31.77
N ALA B 382 -80.16 59.63 -33.05
CA ALA B 382 -79.05 59.67 -33.99
C ALA B 382 -78.05 60.76 -33.63
N SER B 383 -78.54 61.90 -33.14
CA SER B 383 -77.65 63.01 -32.80
C SER B 383 -76.71 62.64 -31.66
N LEU B 384 -77.22 61.93 -30.65
CA LEU B 384 -76.41 61.62 -29.47
C LEU B 384 -75.48 60.44 -29.74
N SER B 385 -76.07 59.25 -29.96
CA SER B 385 -75.31 58.04 -30.25
C SER B 385 -74.27 57.75 -29.16
N ASN B 386 -74.66 58.01 -27.91
CA ASN B 386 -73.78 57.87 -26.76
C ASN B 386 -74.17 56.64 -25.96
N PRO B 387 -73.24 55.72 -25.62
CA PRO B 387 -73.62 54.61 -24.73
C PRO B 387 -74.12 55.05 -23.38
N ARG B 388 -73.60 56.15 -22.83
CA ARG B 388 -73.94 56.62 -21.50
C ARG B 388 -75.12 57.58 -21.49
N VAL B 389 -75.99 57.52 -22.51
CA VAL B 389 -77.19 58.34 -22.57
C VAL B 389 -78.34 57.46 -23.03
N SER B 390 -79.50 57.64 -22.39
CA SER B 390 -80.71 56.91 -22.71
C SER B 390 -81.84 57.90 -22.99
N LEU B 391 -82.63 57.61 -24.03
CA LEU B 391 -83.73 58.46 -24.47
C LEU B 391 -85.04 57.81 -24.09
N VAL B 392 -85.94 58.59 -23.51
CA VAL B 392 -87.26 58.13 -23.08
C VAL B 392 -88.30 58.74 -24.01
N ALA B 393 -89.16 57.90 -24.59
CA ALA B 393 -90.14 58.33 -25.57
C ALA B 393 -91.49 58.64 -24.94
N ASN B 394 -92.00 57.74 -24.10
CA ASN B 394 -93.34 57.88 -23.56
C ASN B 394 -93.46 59.07 -22.62
N SER B 395 -94.62 59.71 -22.67
CA SER B 395 -95.00 60.78 -21.75
C SER B 395 -96.41 60.52 -21.25
N GLY B 396 -96.68 60.94 -20.02
CA GLY B 396 -97.97 60.66 -19.43
C GLY B 396 -98.24 61.55 -18.23
N THR B 397 -99.26 61.14 -17.47
CA THR B 397 -99.73 61.87 -16.30
C THR B 397 -99.46 61.06 -15.03
N PHE B 398 -98.96 61.75 -14.00
CA PHE B 398 -98.65 61.14 -12.71
C PHE B 398 -99.50 61.80 -11.63
N VAL B 399 -100.00 60.98 -10.71
CA VAL B 399 -100.81 61.47 -9.59
C VAL B 399 -99.85 61.80 -8.45
N MET B 400 -99.74 63.08 -8.12
CA MET B 400 -98.83 63.53 -7.08
C MET B 400 -99.47 63.36 -5.70
N ASP B 401 -98.66 63.61 -4.67
CA ASP B 401 -99.17 63.51 -3.30
C ASP B 401 -100.25 64.54 -3.03
N ASP B 402 -100.18 65.70 -3.69
CA ASP B 402 -101.22 66.72 -3.55
C ASP B 402 -102.53 66.33 -4.22
N GLY B 403 -102.51 65.30 -5.08
CA GLY B 403 -103.70 64.87 -5.79
C GLY B 403 -103.83 65.42 -7.20
N ARG B 404 -102.84 66.16 -7.68
CA ARG B 404 -102.92 66.72 -9.02
C ARG B 404 -102.61 65.66 -10.06
N LYS B 405 -103.47 65.56 -11.08
CA LYS B 405 -103.21 64.72 -12.25
C LYS B 405 -102.41 65.53 -13.27
N ASN B 406 -101.17 65.81 -12.89
CA ASN B 406 -100.31 66.70 -13.67
C ASN B 406 -99.76 65.97 -14.87
N HIS B 407 -100.16 66.39 -16.07
CA HIS B 407 -99.56 65.89 -17.29
C HIS B 407 -98.16 66.46 -17.44
N VAL B 408 -97.19 65.60 -17.70
CA VAL B 408 -95.77 65.97 -17.70
C VAL B 408 -95.14 65.48 -18.99
N PRO B 409 -94.02 66.09 -19.41
CA PRO B 409 -93.36 65.66 -20.64
C PRO B 409 -92.57 64.37 -20.43
N ALA B 410 -91.87 63.95 -21.48
CA ALA B 410 -91.16 62.67 -21.46
C ALA B 410 -90.04 62.67 -20.44
N TYR B 411 -89.28 63.77 -20.33
CA TYR B 411 -88.12 63.77 -19.47
C TYR B 411 -88.47 63.65 -17.99
N MET B 412 -89.71 63.99 -17.61
CA MET B 412 -90.14 63.74 -16.24
C MET B 412 -90.36 62.25 -15.99
N VAL B 413 -90.72 61.50 -17.03
CA VAL B 413 -90.82 60.05 -16.90
C VAL B 413 -89.43 59.45 -16.66
N ALA B 414 -88.39 60.07 -17.25
CA ALA B 414 -87.03 59.58 -17.03
C ALA B 414 -86.62 59.68 -15.57
N VAL B 415 -87.20 60.63 -14.83
CA VAL B 415 -86.91 60.73 -13.39
C VAL B 415 -87.36 59.46 -12.67
N ALA B 416 -88.54 58.96 -13.01
CA ALA B 416 -89.01 57.71 -12.42
C ALA B 416 -88.10 56.55 -12.78
N LEU B 417 -87.67 56.48 -14.05
CA LEU B 417 -86.73 55.44 -14.45
C LEU B 417 -85.39 55.63 -13.75
N GLY B 418 -84.90 56.87 -13.68
CA GLY B 418 -83.66 57.12 -12.97
C GLY B 418 -83.77 56.85 -11.49
N GLY B 419 -84.88 57.25 -10.87
CA GLY B 419 -85.08 56.95 -9.46
C GLY B 419 -85.21 55.46 -9.22
N LEU B 420 -85.93 54.76 -10.10
CA LEU B 420 -86.02 53.30 -10.00
C LEU B 420 -84.65 52.65 -10.17
N ALA B 421 -83.86 53.13 -11.14
CA ALA B 421 -82.55 52.56 -11.38
C ALA B 421 -81.63 52.76 -10.19
N SER B 422 -81.68 53.95 -9.58
CA SER B 422 -80.82 54.23 -8.43
C SER B 422 -81.18 53.34 -7.25
N GLY B 423 -82.47 53.10 -7.03
CA GLY B 423 -82.88 52.27 -5.91
C GLY B 423 -82.54 50.80 -6.09
N LEU B 424 -82.42 50.35 -7.33
CA LEU B 424 -82.08 48.96 -7.59
C LEU B 424 -80.63 48.68 -7.23
N GLU B 425 -80.33 47.41 -6.99
CA GLU B 425 -78.98 47.00 -6.63
C GLU B 425 -78.05 47.15 -7.83
N ILE B 426 -76.75 46.99 -7.57
CA ILE B 426 -75.75 47.10 -8.63
C ILE B 426 -75.89 45.92 -9.58
N GLY B 427 -75.96 46.21 -10.87
CA GLY B 427 -76.09 45.20 -11.89
C GLY B 427 -77.52 44.82 -12.24
N GLU B 428 -78.50 45.30 -11.50
CA GLU B 428 -79.89 45.03 -11.82
C GLU B 428 -80.35 45.92 -12.96
N SER B 429 -81.43 45.49 -13.62
CA SER B 429 -81.99 46.16 -14.78
C SER B 429 -83.40 46.65 -14.47
N ILE B 430 -83.85 47.64 -15.23
CA ILE B 430 -85.20 48.19 -15.11
C ILE B 430 -86.14 47.53 -16.11
N THR B 431 -85.72 46.39 -16.68
CA THR B 431 -86.53 45.72 -17.69
C THR B 431 -87.74 45.06 -17.04
N PHE B 432 -88.92 45.28 -17.63
CA PHE B 432 -90.19 44.71 -17.19
C PHE B 432 -90.61 45.16 -15.80
N LYS B 433 -89.95 46.17 -15.23
CA LYS B 433 -90.34 46.65 -13.90
C LYS B 433 -91.55 47.57 -14.01
N PRO B 434 -92.37 47.67 -12.97
CA PRO B 434 -93.51 48.58 -13.03
C PRO B 434 -93.07 50.04 -12.95
N LEU B 435 -93.91 50.91 -13.52
CA LEU B 435 -93.67 52.35 -13.53
C LEU B 435 -94.62 53.13 -12.64
N ARG B 436 -95.83 52.61 -12.40
CA ARG B 436 -96.84 53.29 -11.58
C ARG B 436 -97.19 54.66 -12.17
N VAL B 437 -97.74 54.62 -13.38
CA VAL B 437 -98.16 55.81 -14.11
C VAL B 437 -99.65 55.70 -14.40
N SER B 438 -100.38 56.80 -14.19
CA SER B 438 -101.83 56.78 -14.36
C SER B 438 -102.21 56.48 -15.80
N SER B 439 -101.56 57.12 -16.76
CA SER B 439 -101.87 56.93 -18.17
C SER B 439 -100.72 57.47 -19.01
N LEU B 440 -100.73 57.12 -20.29
CA LEU B 440 -99.73 57.55 -21.26
C LEU B 440 -100.42 58.18 -22.46
N ASP B 441 -99.75 59.19 -23.03
CA ASP B 441 -100.32 59.88 -24.19
C ASP B 441 -100.45 58.93 -25.39
N GLN B 442 -99.43 58.12 -25.63
CA GLN B 442 -99.40 57.18 -26.75
C GLN B 442 -99.24 55.76 -26.21
N ILE B 443 -100.12 54.87 -26.65
CA ILE B 443 -100.06 53.45 -26.30
C ILE B 443 -99.50 52.75 -27.54
N TYR B 444 -98.19 52.55 -27.55
CA TYR B 444 -97.54 51.94 -28.70
C TYR B 444 -97.97 50.49 -28.86
N GLU B 445 -98.17 50.08 -30.11
CA GLU B 445 -98.52 48.69 -30.42
C GLU B 445 -97.26 47.83 -30.36
N SER B 446 -97.44 46.53 -30.61
CA SER B 446 -96.31 45.60 -30.56
C SER B 446 -95.28 45.94 -31.63
N ILE B 447 -95.74 46.28 -32.83
CA ILE B 447 -94.80 46.60 -33.91
C ILE B 447 -94.07 47.91 -33.62
N ASP B 448 -94.77 48.88 -33.03
CA ASP B 448 -94.15 50.16 -32.73
C ASP B 448 -93.07 50.02 -31.66
N LEU B 449 -93.32 49.18 -30.65
CA LEU B 449 -92.34 48.98 -29.59
C LEU B 449 -91.05 48.35 -30.14
N ASP B 450 -91.19 47.42 -31.08
CA ASP B 450 -90.01 46.76 -31.64
C ASP B 450 -89.14 47.77 -32.40
N GLU B 451 -89.76 48.67 -33.15
CA GLU B 451 -88.98 49.65 -33.90
C GLU B 451 -88.19 50.57 -32.97
N LEU B 452 -88.81 51.02 -31.87
CA LEU B 452 -88.10 51.85 -30.92
C LEU B 452 -86.95 51.09 -30.26
N ASN B 453 -87.18 49.82 -29.93
CA ASN B 453 -86.11 49.01 -29.35
C ASN B 453 -84.97 48.82 -30.34
N GLU B 454 -85.30 48.60 -31.62
CA GLU B 454 -84.26 48.43 -32.63
C GLU B 454 -83.43 49.69 -32.82
N ASN B 455 -84.02 50.87 -32.56
CA ASN B 455 -83.32 52.14 -32.67
C ASN B 455 -82.73 52.62 -31.35
N GLY B 456 -82.70 51.76 -30.33
CA GLY B 456 -82.10 52.12 -29.06
C GLY B 456 -82.86 53.20 -28.32
N ILE B 457 -84.18 53.10 -28.25
CA ILE B 457 -85.04 54.06 -27.56
C ILE B 457 -85.89 53.29 -26.56
N ILE B 458 -85.91 53.77 -25.31
CA ILE B 458 -86.70 53.13 -24.26
C ILE B 458 -88.16 53.49 -24.48
N SER B 459 -89.02 52.47 -24.42
CA SER B 459 -90.46 52.63 -24.60
C SER B 459 -91.19 51.88 -23.49
N ILE B 460 -92.41 52.34 -23.21
CA ILE B 460 -93.24 51.82 -22.14
C ILE B 460 -94.53 51.30 -22.77
N GLU B 461 -94.89 50.06 -22.43
CA GLU B 461 -96.03 49.37 -23.01
C GLU B 461 -97.14 49.20 -21.98
N PHE B 462 -98.38 49.34 -22.44
CA PHE B 462 -99.55 49.09 -21.61
C PHE B 462 -99.96 47.63 -21.76
N VAL B 463 -99.81 46.86 -20.68
CA VAL B 463 -100.04 45.42 -20.74
C VAL B 463 -101.55 45.17 -20.70
N ARG B 464 -102.08 44.64 -21.80
CA ARG B 464 -103.50 44.32 -21.93
C ARG B 464 -103.76 42.82 -21.90
N ASN B 465 -102.75 42.00 -21.59
CA ASN B 465 -102.92 40.56 -21.57
C ASN B 465 -103.59 40.04 -20.30
N ARG B 466 -103.79 40.90 -19.29
CA ARG B 466 -104.40 40.51 -18.03
C ARG B 466 -105.45 41.53 -17.65
N THR B 467 -106.39 41.10 -16.78
CA THR B 467 -107.41 42.02 -16.29
C THR B 467 -106.78 43.15 -15.49
N ASN B 468 -105.79 42.82 -14.64
CA ASN B 468 -105.07 43.82 -13.87
C ASN B 468 -103.97 44.42 -14.74
N THR B 469 -104.39 45.28 -15.66
CA THR B 469 -103.46 45.90 -16.59
C THR B 469 -102.50 46.83 -15.86
N PHE B 470 -101.27 46.91 -16.36
CA PHE B 470 -100.25 47.76 -15.77
C PHE B 470 -99.21 48.08 -16.84
N PHE B 471 -98.40 49.10 -16.56
CA PHE B 471 -97.35 49.55 -17.45
C PHE B 471 -96.01 48.94 -17.02
N ARG B 472 -95.14 48.71 -17.99
CA ARG B 472 -93.82 48.16 -17.73
C ARG B 472 -92.85 48.64 -18.79
N ILE B 473 -91.56 48.56 -18.47
CA ILE B 473 -90.49 48.99 -19.36
C ILE B 473 -90.06 47.79 -20.19
N VAL B 474 -90.09 47.93 -21.51
CA VAL B 474 -89.77 46.79 -22.38
C VAL B 474 -88.28 46.46 -22.30
N ASP B 475 -87.42 47.46 -22.25
CA ASP B 475 -85.98 47.24 -22.24
C ASP B 475 -85.29 48.51 -21.79
N ASP B 476 -84.06 48.35 -21.30
CA ASP B 476 -83.20 49.45 -20.86
C ASP B 476 -82.08 49.72 -21.85
N VAL B 477 -82.36 49.53 -23.14
CA VAL B 477 -81.33 49.70 -24.16
C VAL B 477 -80.91 51.17 -24.24
N THR B 478 -79.63 51.39 -24.52
CA THR B 478 -79.08 52.72 -24.64
C THR B 478 -79.20 53.22 -26.08
N THR B 479 -78.80 54.48 -26.29
CA THR B 479 -78.83 55.06 -27.63
C THR B 479 -77.88 54.34 -28.57
N PHE B 480 -76.77 53.82 -28.05
CA PHE B 480 -75.81 53.08 -28.87
C PHE B 480 -76.47 51.79 -29.35
N ASN B 481 -76.76 51.71 -30.65
CA ASN B 481 -77.55 50.62 -31.20
C ASN B 481 -76.74 49.35 -31.43
N ASP B 482 -75.42 49.39 -31.28
CA ASP B 482 -74.60 48.20 -31.51
C ASP B 482 -74.83 47.21 -30.38
N LYS B 483 -75.74 46.25 -30.61
CA LYS B 483 -76.04 45.24 -29.61
C LYS B 483 -74.95 44.19 -29.46
N SER B 484 -73.95 44.18 -30.36
CA SER B 484 -72.86 43.22 -30.23
C SER B 484 -72.06 43.44 -28.96
N ASP B 485 -71.97 44.69 -28.49
CA ASP B 485 -71.27 45.05 -27.27
C ASP B 485 -72.29 45.27 -26.16
N PRO B 486 -72.63 44.24 -25.36
CA PRO B 486 -73.66 44.45 -24.31
C PRO B 486 -73.25 45.45 -23.25
N VAL B 487 -71.96 45.70 -23.05
CA VAL B 487 -71.53 46.69 -22.07
C VAL B 487 -72.04 48.08 -22.46
N LYS B 488 -71.85 48.44 -23.73
CA LYS B 488 -72.32 49.75 -24.20
C LYS B 488 -73.83 49.75 -24.44
N ALA B 489 -74.37 48.64 -24.95
CA ALA B 489 -75.79 48.62 -25.33
C ALA B 489 -76.71 48.56 -24.11
N GLU B 490 -76.36 47.74 -23.11
CA GLU B 490 -77.22 47.50 -21.97
C GLU B 490 -76.75 48.32 -20.77
N MET B 491 -77.69 49.05 -20.17
CA MET B 491 -77.35 49.88 -19.01
C MET B 491 -76.92 49.04 -17.83
N ALA B 492 -77.63 47.94 -17.57
CA ALA B 492 -77.32 47.11 -16.40
C ALA B 492 -75.94 46.48 -16.51
N VAL B 493 -75.60 45.96 -17.69
CA VAL B 493 -74.29 45.33 -17.87
C VAL B 493 -73.19 46.37 -17.75
N GLY B 494 -73.37 47.53 -18.38
CA GLY B 494 -72.39 48.60 -18.26
C GLY B 494 -72.30 49.16 -16.86
N GLU B 495 -73.44 49.22 -16.15
CA GLU B 495 -73.44 49.71 -14.78
C GLU B 495 -72.57 48.84 -13.88
N ALA B 496 -72.69 47.52 -14.02
CA ALA B 496 -71.87 46.61 -13.22
C ALA B 496 -70.39 46.77 -13.55
N ASN B 497 -70.07 46.95 -14.83
CA ASN B 497 -68.68 47.13 -15.23
C ASN B 497 -68.09 48.41 -14.64
N ASP B 498 -68.87 49.49 -14.63
CA ASP B 498 -68.37 50.76 -14.12
C ASP B 498 -68.08 50.68 -12.62
N PHE B 499 -69.04 50.16 -11.84
CA PHE B 499 -68.82 50.05 -10.40
C PHE B 499 -67.73 49.04 -10.08
N LEU B 500 -67.69 47.92 -10.80
CA LEU B 500 -66.63 46.93 -10.58
C LEU B 500 -65.26 47.52 -10.88
N VAL B 501 -65.14 48.23 -12.00
CA VAL B 501 -63.86 48.81 -12.38
C VAL B 501 -63.52 49.98 -11.46
N SER B 502 -64.48 50.86 -11.18
CA SER B 502 -64.20 52.04 -10.38
C SER B 502 -63.84 51.68 -8.94
N GLU B 503 -64.60 50.77 -8.33
CA GLU B 503 -64.33 50.39 -6.95
C GLU B 503 -62.97 49.71 -6.83
N LEU B 504 -62.63 48.85 -7.79
CA LEU B 504 -61.31 48.21 -7.77
C LEU B 504 -60.20 49.23 -7.92
N LYS B 505 -60.43 50.27 -8.73
CA LYS B 505 -59.41 51.30 -8.94
C LYS B 505 -59.10 52.04 -7.66
N VAL B 506 -60.13 52.43 -6.92
CA VAL B 506 -59.93 53.22 -5.70
C VAL B 506 -59.31 52.38 -4.60
N GLN B 507 -59.78 51.14 -4.41
CA GLN B 507 -59.32 50.32 -3.30
C GLN B 507 -57.85 49.96 -3.43
N LEU B 508 -57.40 49.64 -4.64
CA LEU B 508 -56.01 49.26 -4.84
C LEU B 508 -55.06 50.41 -4.52
N GLU B 509 -55.43 51.63 -4.92
CA GLU B 509 -54.56 52.78 -4.68
C GLU B 509 -54.37 53.04 -3.19
N ASP B 510 -55.46 53.00 -2.43
CA ASP B 510 -55.37 53.29 -1.00
C ASP B 510 -54.60 52.21 -0.25
N GLN B 511 -54.62 50.97 -0.75
CA GLN B 511 -54.06 49.83 -0.02
C GLN B 511 -52.59 49.63 -0.33
N PHE B 512 -52.25 49.44 -1.61
CA PHE B 512 -50.94 48.93 -2.00
C PHE B 512 -49.94 50.00 -2.42
N ILE B 513 -50.41 51.13 -2.98
CA ILE B 513 -49.48 52.18 -3.39
C ILE B 513 -48.85 52.81 -2.15
N GLY B 514 -47.52 52.97 -2.19
CA GLY B 514 -46.77 53.49 -1.07
C GLY B 514 -46.24 52.45 -0.11
N THR B 515 -46.61 51.18 -0.29
CA THR B 515 -46.14 50.10 0.57
C THR B 515 -44.89 49.46 -0.02
N ARG B 516 -44.12 48.81 0.85
CA ARG B 516 -42.89 48.18 0.43
C ARG B 516 -43.17 46.98 -0.48
N THR B 517 -42.27 46.76 -1.44
CA THR B 517 -42.37 45.61 -2.35
C THR B 517 -41.70 44.40 -1.69
N ILE B 518 -42.35 43.91 -0.64
CA ILE B 518 -41.84 42.76 0.10
C ILE B 518 -42.00 41.51 -0.74
N ASN B 519 -41.37 40.42 -0.30
CA ASN B 519 -41.46 39.16 -1.06
C ASN B 519 -42.88 38.65 -1.14
N THR B 520 -43.65 38.79 -0.05
CA THR B 520 -45.03 38.33 0.00
C THR B 520 -46.02 39.35 -0.57
N SER B 521 -45.55 40.38 -1.28
CA SER B 521 -46.47 41.37 -1.83
C SER B 521 -47.40 40.74 -2.86
N ALA B 522 -46.88 39.86 -3.72
CA ALA B 522 -47.70 39.24 -4.73
C ALA B 522 -48.79 38.37 -4.11
N SER B 523 -48.44 37.61 -3.07
CA SER B 523 -49.44 36.76 -2.41
C SER B 523 -50.51 37.60 -1.73
N ILE B 524 -50.11 38.71 -1.09
CA ILE B 524 -51.07 39.57 -0.41
C ILE B 524 -52.02 40.20 -1.42
N ILE B 525 -51.49 40.64 -2.56
CA ILE B 525 -52.34 41.24 -3.58
C ILE B 525 -53.33 40.22 -4.13
N LYS B 526 -52.87 38.99 -4.34
CA LYS B 526 -53.76 37.94 -4.83
C LYS B 526 -54.87 37.65 -3.83
N ASP B 527 -54.53 37.60 -2.54
CA ASP B 527 -55.56 37.36 -1.52
C ASP B 527 -56.57 38.50 -1.48
N PHE B 528 -56.11 39.75 -1.63
CA PHE B 528 -57.01 40.88 -1.63
C PHE B 528 -57.97 40.83 -2.80
N ILE B 529 -57.48 40.44 -3.98
CA ILE B 529 -58.33 40.36 -5.17
C ILE B 529 -59.39 39.29 -4.99
N GLN B 530 -59.01 38.12 -4.47
CA GLN B 530 -59.97 37.05 -4.29
C GLN B 530 -61.06 37.43 -3.30
N SER B 531 -60.69 38.10 -2.21
CA SER B 531 -61.67 38.56 -1.24
C SER B 531 -62.61 39.60 -1.87
N TYR B 532 -62.06 40.50 -2.68
CA TYR B 532 -62.89 41.51 -3.33
C TYR B 532 -63.87 40.88 -4.31
N LEU B 533 -63.40 39.92 -5.12
CA LEU B 533 -64.28 39.26 -6.06
C LEU B 533 -65.28 38.35 -5.34
N GLY B 534 -64.90 37.78 -4.20
CA GLY B 534 -65.84 36.98 -3.44
C GLY B 534 -67.02 37.79 -2.93
N ARG B 535 -66.76 39.03 -2.50
CA ARG B 535 -67.85 39.90 -2.06
C ARG B 535 -68.80 40.20 -3.20
N LYS B 536 -68.26 40.43 -4.41
CA LYS B 536 -69.12 40.68 -5.57
C LYS B 536 -70.01 39.49 -5.86
N LYS B 537 -69.46 38.28 -5.80
CA LYS B 537 -70.27 37.08 -5.98
C LYS B 537 -71.29 36.94 -4.86
N ARG B 538 -70.90 37.32 -3.64
CA ARG B 538 -71.84 37.26 -2.51
C ARG B 538 -73.02 38.20 -2.73
N ASP B 539 -72.75 39.39 -3.25
CA ASP B 539 -73.80 40.37 -3.53
C ASP B 539 -74.42 40.20 -4.92
N ASN B 540 -74.03 39.14 -5.66
CA ASN B 540 -74.58 38.86 -6.98
C ASN B 540 -74.29 39.99 -7.97
N GLU B 541 -73.21 40.75 -7.75
CA GLU B 541 -72.79 41.74 -8.72
C GLU B 541 -72.05 41.12 -9.90
N ILE B 542 -71.51 39.90 -9.74
CA ILE B 542 -70.91 39.16 -10.83
C ILE B 542 -71.40 37.72 -10.74
N GLN B 543 -71.28 36.99 -11.86
CA GLN B 543 -71.73 35.61 -11.89
C GLN B 543 -70.77 34.69 -11.14
N ASP B 544 -69.52 34.64 -11.59
CA ASP B 544 -68.50 33.81 -10.97
C ASP B 544 -67.15 34.23 -11.53
N PHE B 545 -66.08 33.80 -10.85
CA PHE B 545 -64.73 34.03 -11.31
C PHE B 545 -63.88 32.80 -10.98
N PRO B 546 -62.91 32.45 -11.83
CA PRO B 546 -61.96 31.39 -11.45
C PRO B 546 -60.82 31.95 -10.62
N ALA B 547 -60.65 31.41 -9.41
CA ALA B 547 -59.59 31.89 -8.52
C ALA B 547 -58.21 31.52 -9.04
N GLU B 548 -58.08 30.37 -9.72
CA GLU B 548 -56.78 29.92 -10.18
C GLU B 548 -56.19 30.86 -11.22
N ASP B 549 -57.03 31.37 -12.13
CA ASP B 549 -56.54 32.23 -13.20
C ASP B 549 -56.06 33.60 -12.71
N VAL B 550 -56.37 33.97 -11.46
CA VAL B 550 -55.91 35.26 -10.93
C VAL B 550 -54.40 35.16 -10.71
N GLN B 551 -53.64 35.88 -11.53
CA GLN B 551 -52.18 35.89 -11.47
C GLN B 551 -51.70 37.32 -11.23
N VAL B 552 -50.69 37.45 -10.36
CA VAL B 552 -50.11 38.73 -9.99
C VAL B 552 -48.62 38.67 -10.26
N ILE B 553 -48.11 39.66 -10.98
CA ILE B 553 -46.69 39.79 -11.30
C ILE B 553 -46.23 41.15 -10.81
N VAL B 554 -45.14 41.15 -10.03
CA VAL B 554 -44.56 42.36 -9.45
C VAL B 554 -43.14 42.50 -9.97
N GLU B 555 -42.82 43.67 -10.50
CA GLU B 555 -41.48 43.94 -11.02
C GLU B 555 -41.23 45.43 -10.90
N GLY B 556 -40.38 45.82 -9.96
CA GLY B 556 -40.11 47.23 -9.75
C GLY B 556 -41.34 47.97 -9.26
N ASN B 557 -41.50 49.21 -9.74
CA ASN B 557 -42.67 50.00 -9.36
C ASN B 557 -43.95 49.38 -9.87
N GLU B 558 -43.94 48.86 -11.10
CA GLU B 558 -45.14 48.29 -11.69
C GLU B 558 -45.53 47.01 -10.99
N ALA B 559 -46.84 46.72 -11.00
CA ALA B 559 -47.41 45.50 -10.43
C ALA B 559 -48.53 45.04 -11.37
N ARG B 560 -48.18 44.17 -12.30
CA ARG B 560 -49.14 43.68 -13.29
C ARG B 560 -50.11 42.70 -12.64
N ILE B 561 -51.39 42.88 -12.92
CA ILE B 561 -52.46 42.04 -12.38
C ILE B 561 -53.31 41.56 -13.55
N SER B 562 -53.65 40.26 -13.52
CA SER B 562 -54.52 39.65 -14.51
C SER B 562 -55.58 38.82 -13.79
N MET B 563 -56.82 38.95 -14.23
CA MET B 563 -57.93 38.23 -13.63
C MET B 563 -59.00 37.95 -14.68
N THR B 564 -59.83 36.95 -14.40
CA THR B 564 -60.95 36.58 -15.23
C THR B 564 -62.24 36.67 -14.41
N VAL B 565 -63.28 37.24 -15.01
CA VAL B 565 -64.57 37.42 -14.35
C VAL B 565 -65.66 37.10 -15.35
N TYR B 566 -66.67 36.34 -14.90
CA TYR B 566 -67.85 36.08 -15.72
C TYR B 566 -68.90 37.14 -15.39
N PRO B 567 -69.24 38.06 -16.29
CA PRO B 567 -70.10 39.17 -15.89
C PRO B 567 -71.54 38.72 -15.65
N ILE B 568 -72.22 39.47 -14.79
CA ILE B 568 -73.64 39.24 -14.54
C ILE B 568 -74.45 39.79 -15.71
N ARG B 569 -75.51 39.09 -16.09
CA ARG B 569 -76.34 39.45 -17.22
C ARG B 569 -77.81 39.34 -16.84
N SER B 570 -78.64 40.13 -17.53
CA SER B 570 -80.08 40.15 -17.32
C SER B 570 -80.75 39.37 -18.44
N PHE B 571 -81.68 38.49 -18.07
CA PHE B 571 -82.40 37.70 -19.06
C PHE B 571 -83.20 38.59 -20.00
N LYS B 572 -83.09 38.32 -21.30
CA LYS B 572 -83.88 39.04 -22.31
C LYS B 572 -84.43 38.12 -23.39
N LYS B 573 -84.18 36.81 -23.33
CA LYS B 573 -84.74 35.88 -24.29
C LYS B 573 -84.79 34.50 -23.66
N ILE B 574 -85.94 33.85 -23.70
CA ILE B 574 -86.14 32.52 -23.14
C ILE B 574 -86.70 31.65 -24.26
N SER B 575 -85.94 30.61 -24.63
CA SER B 575 -86.31 29.68 -25.68
C SER B 575 -86.73 28.36 -25.05
N VAL B 576 -87.92 27.87 -25.46
CA VAL B 576 -88.48 26.63 -24.95
C VAL B 576 -88.69 25.70 -26.14
N SER B 577 -88.19 24.47 -26.03
CA SER B 577 -88.33 23.44 -27.06
C SER B 577 -89.22 22.34 -26.48
N LEU B 578 -90.53 22.49 -26.71
CA LEU B 578 -91.52 21.54 -26.21
C LEU B 578 -91.67 20.40 -27.22
N VAL B 579 -91.51 19.17 -26.74
CA VAL B 579 -91.59 17.97 -27.56
C VAL B 579 -92.66 17.07 -26.98
N TYR B 580 -93.59 16.64 -27.83
CA TYR B 580 -94.66 15.73 -27.45
C TYR B 580 -94.28 14.31 -27.84
N LYS B 581 -94.58 13.36 -26.95
CA LYS B 581 -94.26 11.96 -27.17
C LYS B 581 -95.41 11.09 -26.66
N GLN B 582 -95.44 9.85 -27.13
CA GLN B 582 -96.45 8.89 -26.73
C GLN B 582 -96.01 8.12 -25.50
N GLN B 583 -96.99 7.69 -24.70
CA GLN B 583 -96.77 6.86 -23.53
C GLN B 583 -97.80 5.73 -23.52
N THR B 584 -97.36 4.55 -23.12
CA THR B 584 -98.21 3.36 -23.11
C THR B 584 -98.56 3.01 -21.66
N LEU B 585 -99.83 2.74 -21.42
CA LEU B 585 -100.34 2.37 -20.11
C LEU B 585 -100.70 0.89 -20.08
N GLN B 586 -100.61 0.30 -18.90
CA GLN B 586 -100.93 -1.11 -18.72
C GLN B 586 -101.53 -1.31 -17.32
N ALA B 587 -102.26 -2.41 -17.17
CA ALA B 587 -102.89 -2.78 -15.90
C ALA B 587 -103.86 -1.70 -15.43
N VAL C 3 -10.93 37.61 23.92
CA VAL C 3 -10.66 36.51 24.84
C VAL C 3 -9.94 37.04 26.06
N GLU C 4 -10.69 37.33 27.12
CA GLU C 4 -10.11 37.85 28.34
C GLU C 4 -9.52 36.71 29.16
N PRO C 5 -8.21 36.70 29.44
CA PRO C 5 -7.66 35.63 30.28
C PRO C 5 -7.96 35.84 31.74
N PHE C 6 -7.67 34.81 32.53
CA PHE C 6 -7.87 34.84 33.98
C PHE C 6 -6.88 33.89 34.65
N PRO C 7 -5.99 34.35 35.56
CA PRO C 7 -5.74 35.72 36.03
C PRO C 7 -5.01 36.55 34.99
N ARG C 8 -5.19 37.88 34.99
CA ARG C 8 -4.50 38.71 34.01
C ARG C 8 -3.00 38.73 34.26
N ARG C 9 -2.57 38.66 35.51
CA ARG C 9 -1.15 38.60 35.83
C ARG C 9 -0.64 37.18 35.62
N PRO C 10 0.34 36.95 34.75
CA PRO C 10 0.88 35.58 34.63
C PRO C 10 1.58 35.14 35.91
N ILE C 11 1.49 33.84 36.18
CA ILE C 11 2.18 33.21 37.30
C ILE C 11 2.80 31.92 36.80
N THR C 12 4.09 31.74 37.11
CA THR C 12 4.82 30.58 36.61
C THR C 12 4.65 29.34 37.48
N ARG C 13 4.19 29.49 38.71
CA ARG C 13 3.97 28.34 39.58
C ARG C 13 2.76 27.56 39.09
N PRO C 14 2.60 26.31 39.53
CA PRO C 14 1.41 25.54 39.12
C PRO C 14 0.12 26.22 39.52
N HIS C 15 -0.85 26.18 38.63
CA HIS C 15 -2.12 26.90 38.82
C HIS C 15 -3.09 26.41 37.74
N ALA C 16 -4.26 27.03 37.70
CA ALA C 16 -5.27 26.80 36.68
C ALA C 16 -5.63 28.14 36.05
N SER C 17 -5.61 28.17 34.71
CA SER C 17 -5.90 29.37 33.95
C SER C 17 -7.17 29.18 33.13
N ILE C 18 -8.02 30.19 33.12
CA ILE C 18 -9.30 30.18 32.41
C ILE C 18 -9.29 31.33 31.42
N GLU C 19 -9.57 31.02 30.15
CA GLU C 19 -9.69 32.01 29.09
C GLU C 19 -11.17 32.21 28.80
N VAL C 20 -11.67 33.42 29.07
CA VAL C 20 -13.09 33.74 28.93
C VAL C 20 -13.29 34.40 27.57
N ASP C 21 -14.14 33.79 26.74
CA ASP C 21 -14.48 34.31 25.42
C ASP C 21 -15.89 34.89 25.50
N THR C 22 -15.98 36.23 25.51
CA THR C 22 -17.25 36.91 25.67
C THR C 22 -18.00 37.11 24.36
N SER C 23 -17.44 36.69 23.22
CA SER C 23 -18.14 36.83 21.96
C SER C 23 -19.30 35.84 21.88
N GLY C 24 -20.25 36.16 21.00
CA GLY C 24 -21.42 35.32 20.79
C GLY C 24 -22.62 35.67 21.64
N ILE C 25 -22.48 36.58 22.61
CA ILE C 25 -23.59 37.03 23.45
C ILE C 25 -23.80 38.54 23.26
N GLY C 26 -22.75 39.26 22.90
CA GLY C 26 -22.86 40.68 22.67
C GLY C 26 -23.66 41.02 21.42
N SER C 32 -31.10 52.06 12.21
CA SER C 32 -30.67 53.41 12.56
C SER C 32 -31.83 54.24 13.08
N GLU C 33 -31.52 55.23 13.91
CA GLU C 33 -32.57 56.07 14.50
C GLU C 33 -33.16 57.05 13.49
N LYS C 34 -32.36 57.51 12.53
CA LYS C 34 -32.79 58.47 11.52
C LYS C 34 -33.30 59.76 12.19
N VAL C 35 -32.37 60.44 12.86
CA VAL C 35 -32.72 61.63 13.63
C VAL C 35 -33.08 62.78 12.68
N PHE C 36 -34.01 63.62 13.13
CA PHE C 36 -34.50 64.76 12.37
C PHE C 36 -33.83 66.04 12.87
N CYS C 37 -33.72 67.03 11.97
CA CYS C 37 -33.04 68.28 12.25
C CYS C 37 -33.93 69.46 11.87
N LEU C 38 -33.73 70.57 12.59
CA LEU C 38 -34.46 71.80 12.34
C LEU C 38 -33.56 72.98 12.64
N ILE C 39 -33.65 74.02 11.80
CA ILE C 39 -32.93 75.28 11.98
C ILE C 39 -33.91 76.42 11.74
N GLY C 40 -33.92 77.39 12.64
CA GLY C 40 -34.81 78.53 12.49
C GLY C 40 -34.67 79.48 13.65
N GLN C 41 -35.51 80.53 13.61
CA GLN C 41 -35.48 81.54 14.65
C GLN C 41 -36.06 81.01 15.95
N ALA C 42 -35.53 81.49 17.07
CA ALA C 42 -36.03 81.10 18.38
C ALA C 42 -35.67 82.19 19.38
N GLU C 43 -36.37 82.18 20.51
CA GLU C 43 -36.18 83.15 21.59
C GLU C 43 -35.42 82.55 22.76
N GLY C 44 -34.71 81.45 22.56
CA GLY C 44 -33.96 80.82 23.63
C GLY C 44 -32.96 79.83 23.09
N GLY C 45 -32.04 79.44 23.96
CA GLY C 45 -30.98 78.51 23.61
C GLY C 45 -29.71 79.22 23.20
N GLU C 46 -28.58 78.55 23.41
CA GLU C 46 -27.30 79.13 23.07
C GLU C 46 -27.13 79.24 21.55
N PRO C 47 -26.34 80.19 21.07
CA PRO C 47 -26.11 80.27 19.63
C PRO C 47 -25.09 79.26 19.15
N ASN C 48 -25.31 78.76 17.93
CA ASN C 48 -24.42 77.80 17.29
C ASN C 48 -24.26 76.55 18.14
N THR C 49 -25.36 76.09 18.73
CA THR C 49 -25.38 74.91 19.59
C THR C 49 -26.52 74.00 19.18
N VAL C 50 -26.25 72.70 19.15
CA VAL C 50 -27.24 71.69 18.80
C VAL C 50 -27.71 71.01 20.08
N TYR C 51 -29.02 70.98 20.29
CA TYR C 51 -29.64 70.39 21.47
C TYR C 51 -30.51 69.22 21.04
N GLU C 52 -30.35 68.09 21.72
CA GLU C 52 -31.16 66.91 21.47
C GLU C 52 -32.52 67.08 22.16
N LEU C 53 -33.60 66.92 21.41
CA LEU C 53 -34.96 67.12 21.89
C LEU C 53 -35.70 65.79 21.84
N ARG C 54 -36.40 65.48 22.94
CA ARG C 54 -37.20 64.27 23.05
C ARG C 54 -38.65 64.53 23.44
N ASN C 55 -38.95 65.66 24.09
CA ASN C 55 -40.30 66.02 24.49
C ASN C 55 -40.54 67.49 24.17
N TYR C 56 -41.82 67.84 23.98
CA TYR C 56 -42.17 69.23 23.71
C TYR C 56 -41.88 70.13 24.91
N SER C 57 -41.99 69.59 26.13
CA SER C 57 -41.70 70.39 27.31
C SER C 57 -40.25 70.84 27.33
N GLN C 58 -39.32 69.95 26.95
CA GLN C 58 -37.91 70.31 26.91
C GLN C 58 -37.66 71.43 25.89
N ALA C 59 -38.30 71.34 24.72
CA ALA C 59 -38.10 72.36 23.70
C ALA C 59 -38.66 73.70 24.15
N LYS C 60 -39.82 73.70 24.80
CA LYS C 60 -40.42 74.95 25.26
C LYS C 60 -39.56 75.61 26.32
N ARG C 61 -39.03 74.82 27.25
CA ARG C 61 -38.13 75.37 28.26
C ARG C 61 -36.87 75.93 27.63
N LEU C 62 -36.32 75.23 26.64
CA LEU C 62 -35.11 75.70 25.95
C LEU C 62 -35.44 76.86 25.01
N PHE C 63 -36.30 76.61 24.02
CA PHE C 63 -36.75 77.63 23.08
C PHE C 63 -38.07 78.18 23.60
N ARG C 64 -38.05 79.44 24.04
CA ARG C 64 -39.24 80.03 24.65
C ARG C 64 -40.37 80.16 23.64
N SER C 65 -40.07 80.66 22.45
CA SER C 65 -41.08 80.86 21.42
C SER C 65 -40.38 81.12 20.10
N GLY C 66 -41.16 81.06 19.02
CA GLY C 66 -40.68 81.31 17.67
C GLY C 66 -41.20 80.29 16.70
N GLU C 67 -40.79 80.45 15.44
CA GLU C 67 -41.20 79.52 14.40
C GLU C 67 -40.54 78.15 14.58
N LEU C 68 -39.35 78.12 15.18
CA LEU C 68 -38.66 76.86 15.41
C LEU C 68 -39.45 75.97 16.36
N LEU C 69 -40.02 76.56 17.41
CA LEU C 69 -40.82 75.78 18.37
C LEU C 69 -42.06 75.21 17.69
N ASP C 70 -42.70 75.99 16.82
CA ASP C 70 -43.86 75.49 16.09
C ASP C 70 -43.48 74.33 15.17
N ALA C 71 -42.30 74.42 14.54
CA ALA C 71 -41.84 73.34 13.68
C ALA C 71 -41.65 72.04 14.46
N ILE C 72 -41.11 72.15 15.68
CA ILE C 72 -40.94 70.96 16.52
C ILE C 72 -42.29 70.38 16.87
N GLU C 73 -43.27 71.23 17.20
CA GLU C 73 -44.61 70.75 17.51
C GLU C 73 -45.24 70.07 16.29
N LEU C 74 -45.06 70.66 15.10
CA LEU C 74 -45.67 70.10 13.91
C LEU C 74 -44.99 68.81 13.47
N ALA C 75 -43.70 68.64 13.77
CA ALA C 75 -42.98 67.45 13.34
C ALA C 75 -43.53 66.20 14.00
N TRP C 76 -43.79 66.26 15.31
CA TRP C 76 -44.31 65.11 16.03
C TRP C 76 -45.80 64.90 15.76
N GLY C 77 -46.55 65.98 15.48
CA GLY C 77 -47.96 65.86 15.21
C GLY C 77 -48.31 65.34 13.83
N SER C 78 -47.34 65.27 12.92
CA SER C 78 -47.61 64.79 11.58
C SER C 78 -47.78 63.28 11.53
N ASN C 79 -47.26 62.55 12.51
CA ASN C 79 -47.32 61.08 12.55
C ASN C 79 -47.77 60.62 13.93
N PRO C 80 -49.06 60.75 14.26
CA PRO C 80 -49.54 60.24 15.55
C PRO C 80 -49.40 58.74 15.71
N ASN C 81 -49.34 57.98 14.60
CA ASN C 81 -49.32 56.53 14.63
C ASN C 81 -47.92 55.94 14.63
N TYR C 82 -46.87 56.78 14.70
CA TYR C 82 -45.50 56.33 14.68
C TYR C 82 -44.73 56.92 15.86
N THR C 83 -43.58 56.32 16.15
CA THR C 83 -42.78 56.75 17.28
C THR C 83 -42.28 58.18 17.08
N ALA C 84 -42.23 58.94 18.17
CA ALA C 84 -41.72 60.31 18.16
C ALA C 84 -40.21 60.25 18.34
N GLY C 85 -39.48 60.46 17.24
CA GLY C 85 -38.04 60.37 17.27
C GLY C 85 -37.38 61.65 17.77
N ARG C 86 -36.06 61.59 17.89
CA ARG C 86 -35.28 62.73 18.33
C ARG C 86 -35.30 63.84 17.28
N ILE C 87 -35.20 65.07 17.75
CA ILE C 87 -35.12 66.26 16.89
C ILE C 87 -33.95 67.11 17.35
N LEU C 88 -33.15 67.57 16.40
CA LEU C 88 -32.02 68.45 16.66
C LEU C 88 -32.39 69.87 16.23
N ALA C 89 -32.15 70.84 17.11
CA ALA C 89 -32.57 72.21 16.92
C ALA C 89 -31.40 73.16 17.10
N MET C 90 -31.47 74.30 16.41
CA MET C 90 -30.44 75.33 16.49
C MET C 90 -31.09 76.69 16.30
N ARG C 91 -30.54 77.69 16.97
CA ARG C 91 -30.99 79.08 16.87
C ARG C 91 -30.05 79.83 15.94
N ILE C 92 -30.60 80.35 14.83
CA ILE C 92 -29.78 81.11 13.89
C ILE C 92 -29.34 82.43 14.50
N GLU C 93 -30.18 83.05 15.32
CA GLU C 93 -29.87 84.36 15.86
C GLU C 93 -28.62 84.33 16.74
N ASP C 94 -27.73 85.30 16.51
CA ASP C 94 -26.50 85.41 17.28
C ASP C 94 -26.75 86.23 18.56
N ALA C 95 -27.60 85.69 19.41
CA ALA C 95 -27.97 86.37 20.64
C ALA C 95 -26.78 86.38 21.62
N LYS C 96 -26.83 87.32 22.54
CA LYS C 96 -25.81 87.51 23.57
C LYS C 96 -26.49 87.59 24.93
N PRO C 97 -25.77 87.23 26.01
CA PRO C 97 -26.42 87.21 27.33
C PRO C 97 -26.46 88.59 27.97
N ALA C 98 -27.57 88.88 28.65
CA ALA C 98 -27.68 90.12 29.41
C ALA C 98 -26.74 90.08 30.61
N SER C 99 -26.09 91.21 30.88
CA SER C 99 -25.14 91.31 31.98
C SER C 99 -25.16 92.72 32.54
N ALA C 100 -24.73 92.84 33.79
CA ALA C 100 -24.67 94.12 34.47
C ALA C 100 -23.58 94.06 35.54
N GLU C 101 -22.60 94.94 35.45
CA GLU C 101 -21.49 94.98 36.40
C GLU C 101 -21.86 95.97 37.50
N ILE C 102 -22.33 95.43 38.63
CA ILE C 102 -22.68 96.23 39.80
C ILE C 102 -22.09 95.55 41.03
N GLY C 103 -21.52 96.36 41.92
CA GLY C 103 -20.87 95.80 43.09
C GLY C 103 -19.61 95.02 42.72
N GLY C 104 -19.29 94.03 43.55
CA GLY C 104 -18.13 93.19 43.37
C GLY C 104 -18.38 91.93 42.56
N LEU C 105 -19.55 91.77 41.95
CA LEU C 105 -19.92 90.58 41.20
C LEU C 105 -20.26 90.97 39.76
N LYS C 106 -19.74 90.21 38.81
CA LYS C 106 -20.10 90.36 37.40
C LYS C 106 -21.28 89.46 37.11
N ILE C 107 -22.46 90.04 36.94
CA ILE C 107 -23.70 89.29 36.78
C ILE C 107 -23.90 89.00 35.29
N THR C 108 -24.19 87.74 34.97
CA THR C 108 -24.46 87.30 33.62
C THR C 108 -25.66 86.37 33.63
N SER C 109 -26.53 86.51 32.64
CA SER C 109 -27.75 85.73 32.53
C SER C 109 -27.56 84.58 31.56
N LYS C 110 -28.01 83.39 31.97
CA LYS C 110 -27.92 82.22 31.10
C LYS C 110 -28.86 82.30 29.91
N ILE C 111 -29.92 83.10 29.98
CA ILE C 111 -30.84 83.26 28.87
C ILE C 111 -30.25 84.25 27.88
N TYR C 112 -30.34 83.92 26.59
CA TYR C 112 -29.79 84.73 25.51
C TYR C 112 -30.93 85.39 24.74
N GLY C 113 -30.83 86.70 24.55
CA GLY C 113 -31.78 87.48 23.81
C GLY C 113 -32.31 88.65 24.61
N ASN C 114 -33.28 89.35 24.01
CA ASN C 114 -33.88 90.50 24.67
C ASN C 114 -34.71 90.10 25.89
N VAL C 115 -35.13 88.84 25.98
CA VAL C 115 -35.93 88.40 27.12
C VAL C 115 -35.12 88.48 28.41
N ALA C 116 -33.80 88.27 28.32
CA ALA C 116 -32.95 88.31 29.51
C ALA C 116 -32.87 89.69 30.13
N ASN C 117 -33.20 90.75 29.39
CA ASN C 117 -33.13 92.10 29.93
C ASN C 117 -34.11 92.33 31.07
N ASN C 118 -35.19 91.54 31.15
CA ASN C 118 -36.17 91.69 32.21
C ASN C 118 -35.73 91.07 33.53
N ILE C 119 -34.60 90.35 33.55
CA ILE C 119 -34.13 89.71 34.77
C ILE C 119 -33.69 90.78 35.77
N GLN C 120 -34.07 90.60 37.03
CA GLN C 120 -33.74 91.51 38.12
C GLN C 120 -32.91 90.76 39.15
N VAL C 121 -31.84 91.39 39.62
CA VAL C 121 -30.92 90.81 40.61
C VAL C 121 -30.64 91.85 41.67
N GLY C 122 -30.68 91.44 42.93
CA GLY C 122 -30.41 92.34 44.04
C GLY C 122 -29.92 91.61 45.28
N LEU C 123 -29.02 92.25 46.03
CA LEU C 123 -28.47 91.71 47.26
C LEU C 123 -28.92 92.54 48.45
N GLU C 124 -29.30 91.87 49.54
CA GLU C 124 -29.68 92.50 50.78
C GLU C 124 -28.94 91.85 51.93
N LYS C 125 -28.56 92.65 52.91
CA LYS C 125 -27.80 92.20 54.07
C LYS C 125 -28.72 92.05 55.27
N ASN C 126 -28.70 90.88 55.89
CA ASN C 126 -29.50 90.60 57.07
C ASN C 126 -28.70 91.00 58.30
N THR C 127 -29.13 92.09 58.97
CA THR C 127 -28.42 92.55 60.15
C THR C 127 -28.55 91.55 61.31
N LEU C 128 -29.68 90.85 61.40
CA LEU C 128 -29.87 89.89 62.48
C LEU C 128 -28.87 88.75 62.43
N SER C 129 -28.61 88.20 61.23
CA SER C 129 -27.68 87.10 61.07
C SER C 129 -26.34 87.50 60.46
N ASP C 130 -26.18 88.75 60.02
CA ASP C 130 -24.95 89.21 59.39
C ASP C 130 -24.63 88.37 58.15
N SER C 131 -25.66 88.10 57.35
CA SER C 131 -25.55 87.30 56.14
C SER C 131 -26.26 88.01 54.99
N LEU C 132 -25.74 87.81 53.79
CA LEU C 132 -26.33 88.41 52.60
C LEU C 132 -27.59 87.65 52.18
N ARG C 133 -28.40 88.31 51.36
CA ARG C 133 -29.65 87.75 50.87
C ARG C 133 -29.80 88.11 49.40
N LEU C 134 -29.82 87.09 48.54
CA LEU C 134 -29.95 87.27 47.10
C LEU C 134 -31.37 86.95 46.67
N ARG C 135 -31.96 87.83 45.86
CA ARG C 135 -33.31 87.65 45.33
C ARG C 135 -33.28 87.89 43.83
N VAL C 136 -33.88 86.97 43.08
CA VAL C 136 -33.96 87.03 41.63
C VAL C 136 -35.43 87.04 41.24
N ILE C 137 -35.82 88.04 40.44
CA ILE C 137 -37.20 88.22 40.00
C ILE C 137 -37.20 88.16 38.48
N PHE C 138 -38.11 87.37 37.92
CA PHE C 138 -38.25 87.24 36.46
C PHE C 138 -39.73 87.00 36.18
N GLN C 139 -40.43 88.08 35.84
CA GLN C 139 -41.89 88.01 35.74
C GLN C 139 -42.35 87.14 34.58
N ASP C 140 -41.54 86.98 33.53
CA ASP C 140 -41.96 86.22 32.37
C ASP C 140 -42.21 84.76 32.72
N ASP C 141 -41.33 84.16 33.51
CA ASP C 141 -41.50 82.80 34.01
C ASP C 141 -42.20 82.74 35.37
N ARG C 142 -42.59 83.88 35.93
CA ARG C 142 -43.15 83.93 37.28
C ARG C 142 -42.19 83.33 38.30
N PHE C 143 -40.90 83.56 38.10
CA PHE C 143 -39.85 83.02 38.96
C PHE C 143 -39.46 84.07 39.99
N ASN C 144 -39.56 83.70 41.27
CA ASN C 144 -39.22 84.60 42.36
C ASN C 144 -38.81 83.74 43.55
N GLU C 145 -37.50 83.66 43.79
CA GLU C 145 -36.94 82.90 44.90
C GLU C 145 -35.87 83.73 45.59
N VAL C 146 -35.69 83.45 46.88
CA VAL C 146 -34.75 84.17 47.73
C VAL C 146 -33.74 83.16 48.28
N TYR C 147 -32.46 83.44 48.08
CA TYR C 147 -31.37 82.62 48.60
C TYR C 147 -30.90 83.26 49.91
N ASP C 148 -31.54 82.87 51.01
CA ASP C 148 -31.26 83.44 52.32
C ASP C 148 -30.07 82.74 52.96
N ASN C 149 -29.49 83.42 53.95
CA ASN C 149 -28.36 82.88 54.74
C ASN C 149 -27.15 82.59 53.85
N ILE C 150 -26.82 83.54 52.98
CA ILE C 150 -25.63 83.43 52.16
C ILE C 150 -24.40 83.57 53.06
N GLY C 151 -23.43 82.68 52.88
CA GLY C 151 -22.29 82.64 53.77
C GLY C 151 -22.64 81.99 55.09
N ASN C 152 -21.84 82.30 56.11
CA ASN C 152 -22.00 81.76 57.45
C ASN C 152 -21.94 80.22 57.43
N ILE C 153 -20.80 79.72 56.95
CA ILE C 153 -20.68 78.28 56.73
C ILE C 153 -20.60 77.53 58.05
N PHE C 154 -19.89 78.08 59.05
CA PHE C 154 -19.79 77.42 60.34
C PHE C 154 -19.27 78.42 61.37
N THR C 155 -19.24 77.99 62.62
CA THR C 155 -18.84 78.81 63.77
C THR C 155 -17.56 78.24 64.39
N ILE C 156 -16.82 79.12 65.05
CA ILE C 156 -15.66 78.76 65.86
C ILE C 156 -15.84 79.40 67.23
N LYS C 157 -15.71 78.59 68.29
CA LYS C 157 -15.89 79.04 69.66
C LYS C 157 -14.75 78.55 70.53
N TYR C 158 -14.43 79.32 71.56
CA TYR C 158 -13.36 79.03 72.49
C TYR C 158 -13.90 79.11 73.92
N LYS C 159 -13.66 78.05 74.70
CA LYS C 159 -14.15 77.94 76.06
C LYS C 159 -13.02 77.83 77.09
N GLY C 160 -11.77 78.06 76.69
CA GLY C 160 -10.68 77.99 77.63
C GLY C 160 -10.67 79.14 78.60
N GLU C 161 -9.85 78.99 79.64
CA GLU C 161 -9.73 79.99 80.70
C GLU C 161 -8.72 81.08 80.38
N GLU C 162 -8.08 81.04 79.22
CA GLU C 162 -7.11 82.06 78.86
C GLU C 162 -7.79 83.40 78.62
N ALA C 163 -6.97 84.44 78.52
CA ALA C 163 -7.50 85.80 78.41
C ALA C 163 -8.28 86.00 77.11
N ASN C 164 -7.69 85.60 75.98
CA ASN C 164 -8.31 85.81 74.68
C ASN C 164 -7.84 84.74 73.72
N ALA C 165 -8.63 84.54 72.66
CA ALA C 165 -8.29 83.61 71.59
C ALA C 165 -8.74 84.22 70.27
N THR C 166 -7.88 84.09 69.25
CA THR C 166 -8.12 84.67 67.94
C THR C 166 -7.69 83.68 66.86
N PHE C 167 -8.24 83.87 65.67
CA PHE C 167 -7.89 83.07 64.51
C PHE C 167 -7.75 83.98 63.29
N SER C 168 -7.00 83.52 62.30
CA SER C 168 -6.75 84.29 61.09
C SER C 168 -6.63 83.33 59.91
N VAL C 169 -6.85 83.87 58.71
CA VAL C 169 -6.78 83.12 57.47
C VAL C 169 -5.80 83.84 56.55
N GLU C 170 -4.89 83.06 55.97
CA GLU C 170 -3.87 83.58 55.06
C GLU C 170 -4.18 83.13 53.64
N HIS C 171 -3.95 84.03 52.67
CA HIS C 171 -4.25 83.79 51.27
C HIS C 171 -2.98 83.87 50.45
N ASP C 172 -2.88 83.00 49.44
CA ASP C 172 -1.75 83.03 48.53
C ASP C 172 -1.87 84.24 47.60
N GLU C 173 -0.77 84.98 47.47
CA GLU C 173 -0.82 86.21 46.67
C GLU C 173 -1.08 85.92 45.21
N GLU C 174 -0.45 84.87 44.66
CA GLU C 174 -0.58 84.60 43.23
C GLU C 174 -2.01 84.20 42.86
N THR C 175 -2.62 83.32 43.65
CA THR C 175 -3.94 82.78 43.34
C THR C 175 -5.07 83.44 44.13
N GLN C 176 -4.76 84.19 45.18
CA GLN C 176 -5.77 84.83 46.03
C GLN C 176 -6.72 83.78 46.61
N LYS C 177 -6.17 82.63 47.00
CA LYS C 177 -6.91 81.53 47.59
C LYS C 177 -6.38 81.25 49.00
N ALA C 178 -7.28 80.89 49.91
CA ALA C 178 -6.89 80.59 51.27
C ALA C 178 -5.96 79.38 51.29
N SER C 179 -4.92 79.46 52.13
CA SER C 179 -3.89 78.43 52.21
C SER C 179 -3.71 77.92 53.63
N ARG C 180 -4.00 78.75 54.63
CA ARG C 180 -3.81 78.38 56.03
C ARG C 180 -4.96 78.93 56.87
N LEU C 181 -5.20 78.26 58.00
CA LEU C 181 -6.19 78.69 58.98
C LEU C 181 -5.59 78.43 60.35
N VAL C 182 -5.08 79.49 60.98
CA VAL C 182 -4.32 79.38 62.23
C VAL C 182 -5.22 79.77 63.38
N LEU C 183 -5.24 78.92 64.42
CA LEU C 183 -5.92 79.22 65.67
C LEU C 183 -4.88 79.69 66.68
N LYS C 184 -5.11 80.89 67.25
CA LYS C 184 -4.14 81.54 68.12
C LYS C 184 -4.78 81.81 69.48
N VAL C 185 -4.06 81.47 70.54
CA VAL C 185 -4.43 81.81 71.90
C VAL C 185 -3.31 82.68 72.48
N GLY C 186 -3.68 83.85 72.97
CA GLY C 186 -2.69 84.82 73.40
C GLY C 186 -1.88 85.34 72.23
N ASP C 187 -0.56 85.19 72.29
CA ASP C 187 0.34 85.62 71.23
C ASP C 187 0.84 84.46 70.38
N GLN C 188 1.29 83.38 71.01
CA GLN C 188 1.85 82.25 70.28
C GLN C 188 0.76 81.44 69.60
N GLU C 189 1.12 80.79 68.51
CA GLU C 189 0.18 79.96 67.76
C GLU C 189 0.01 78.61 68.44
N VAL C 190 -1.23 78.11 68.45
CA VAL C 190 -1.57 76.83 69.06
C VAL C 190 -1.50 75.74 68.00
N LYS C 191 -2.33 75.87 66.97
CA LYS C 191 -2.38 74.89 65.89
C LYS C 191 -2.86 75.58 64.62
N SER C 192 -2.39 75.07 63.48
CA SER C 192 -2.75 75.61 62.18
C SER C 192 -3.12 74.47 61.24
N TYR C 193 -4.08 74.74 60.36
CA TYR C 193 -4.55 73.79 59.35
C TYR C 193 -4.10 74.27 57.97
N ASP C 194 -3.47 73.38 57.22
CA ASP C 194 -3.01 73.70 55.87
C ASP C 194 -4.14 73.44 54.88
N LEU C 195 -4.53 74.49 54.15
CA LEU C 195 -5.63 74.43 53.20
C LEU C 195 -5.16 74.24 51.76
N THR C 196 -3.88 73.93 51.54
CA THR C 196 -3.38 73.74 50.19
C THR C 196 -4.06 72.56 49.51
N GLY C 197 -4.23 71.46 50.23
CA GLY C 197 -4.89 70.29 49.68
C GLY C 197 -4.58 69.06 50.50
N GLY C 198 -5.17 67.95 50.06
CA GLY C 198 -4.94 66.67 50.71
C GLY C 198 -5.88 66.40 51.87
N ALA C 199 -5.37 66.56 53.09
CA ALA C 199 -6.16 66.22 54.28
C ALA C 199 -7.30 67.20 54.49
N TYR C 200 -7.18 68.44 54.01
CA TYR C 200 -8.15 69.51 54.24
C TYR C 200 -8.62 70.09 52.91
N ASP C 201 -9.01 69.22 51.98
CA ASP C 201 -9.56 69.68 50.71
C ASP C 201 -10.87 70.44 50.94
N TYR C 202 -11.72 69.93 51.82
CA TYR C 202 -13.02 70.52 52.11
C TYR C 202 -13.08 70.97 53.57
N THR C 203 -14.04 71.85 53.86
CA THR C 203 -14.17 72.40 55.20
C THR C 203 -14.69 71.39 56.20
N ASN C 204 -15.26 70.27 55.75
CA ASN C 204 -15.80 69.28 56.68
C ASN C 204 -14.72 68.69 57.56
N ALA C 205 -13.54 68.41 56.98
CA ALA C 205 -12.44 67.87 57.77
C ALA C 205 -11.95 68.88 58.80
N ILE C 206 -11.98 70.17 58.46
CA ILE C 206 -11.52 71.20 59.39
C ILE C 206 -12.42 71.25 60.61
N ILE C 207 -13.74 71.13 60.40
CA ILE C 207 -14.69 71.22 61.50
C ILE C 207 -14.47 70.08 62.49
N THR C 208 -14.26 68.87 61.98
CA THR C 208 -14.09 67.72 62.87
C THR C 208 -12.84 67.86 63.73
N ASP C 209 -11.73 68.32 63.13
CA ASP C 209 -10.49 68.46 63.88
C ASP C 209 -10.59 69.52 64.96
N ILE C 210 -11.34 70.60 64.70
CA ILE C 210 -11.49 71.67 65.68
C ILE C 210 -12.18 71.15 66.93
N ASN C 211 -13.24 70.33 66.75
CA ASN C 211 -13.97 69.82 67.90
C ASN C 211 -13.12 68.89 68.75
N GLN C 212 -12.13 68.21 68.14
CA GLN C 212 -11.28 67.31 68.90
C GLN C 212 -10.41 68.03 69.92
N LEU C 213 -10.13 69.31 69.71
CA LEU C 213 -9.27 70.04 70.63
C LEU C 213 -10.00 70.26 71.95
N PRO C 214 -9.27 70.52 73.05
CA PRO C 214 -9.93 70.64 74.36
C PRO C 214 -10.86 71.84 74.45
N ASP C 215 -10.36 73.02 74.08
CA ASP C 215 -11.09 74.27 74.25
C ASP C 215 -11.87 74.69 73.01
N PHE C 216 -11.29 74.52 71.82
CA PHE C 216 -11.92 74.96 70.58
C PHE C 216 -13.10 74.06 70.24
N GLU C 217 -14.14 74.67 69.67
CA GLU C 217 -15.34 73.96 69.24
C GLU C 217 -15.84 74.58 67.95
N ALA C 218 -16.57 73.78 67.18
CA ALA C 218 -17.13 74.23 65.91
C ALA C 218 -18.38 73.43 65.59
N LYS C 219 -19.28 74.05 64.84
CA LYS C 219 -20.53 73.42 64.43
C LYS C 219 -20.90 73.88 63.03
N LEU C 220 -21.30 72.94 62.19
CA LEU C 220 -21.73 73.27 60.83
C LEU C 220 -23.04 74.04 60.87
N SER C 221 -23.20 74.94 59.91
CA SER C 221 -24.40 75.77 59.87
C SER C 221 -25.62 74.90 59.55
N PRO C 222 -26.79 75.21 60.12
CA PRO C 222 -27.97 74.36 59.85
C PRO C 222 -28.64 74.64 58.50
N PHE C 223 -28.28 75.73 57.82
CA PHE C 223 -28.94 76.12 56.58
C PHE C 223 -28.33 75.34 55.40
N GLY C 224 -28.63 74.04 55.39
CA GLY C 224 -28.20 73.17 54.31
C GLY C 224 -26.77 72.69 54.48
N ASP C 225 -26.45 71.64 53.72
CA ASP C 225 -25.10 71.05 53.72
C ASP C 225 -24.30 71.74 52.62
N LYS C 226 -23.48 72.71 53.02
CA LYS C 226 -22.69 73.48 52.06
C LYS C 226 -21.43 72.73 51.65
N ASN C 227 -20.57 72.42 52.61
CA ASN C 227 -19.33 71.70 52.35
C ASN C 227 -18.45 72.43 51.34
N LEU C 228 -18.30 73.73 51.54
CA LEU C 228 -17.50 74.56 50.64
C LEU C 228 -16.03 74.17 50.74
N GLU C 229 -15.31 74.35 49.63
CA GLU C 229 -13.89 74.08 49.61
C GLU C 229 -13.14 75.05 50.52
N SER C 230 -12.06 74.55 51.13
CA SER C 230 -11.28 75.37 52.03
C SER C 230 -10.57 76.51 51.31
N SER C 231 -10.22 76.32 50.03
CA SER C 231 -9.52 77.35 49.29
C SER C 231 -10.40 78.58 49.03
N LYS C 232 -11.72 78.45 49.10
CA LYS C 232 -12.63 79.54 48.81
C LYS C 232 -13.02 80.34 50.05
N LEU C 233 -12.43 80.04 51.21
CA LEU C 233 -12.75 80.79 52.42
C LEU C 233 -12.26 82.23 52.30
N ASP C 234 -12.97 83.12 52.99
CA ASP C 234 -12.65 84.54 52.96
C ASP C 234 -11.46 84.86 53.84
N LYS C 235 -10.95 86.08 53.69
CA LYS C 235 -9.76 86.53 54.43
C LYS C 235 -10.21 87.24 55.70
N ILE C 236 -9.82 86.68 56.85
CA ILE C 236 -10.12 87.25 58.17
C ILE C 236 -8.84 87.23 58.98
N GLU C 237 -8.59 88.31 59.72
CA GLU C 237 -7.41 88.44 60.56
C GLU C 237 -7.79 89.12 61.88
N ASN C 238 -7.32 88.54 62.99
CA ASN C 238 -7.51 89.12 64.32
C ASN C 238 -9.00 89.26 64.66
N ALA C 239 -9.69 88.13 64.69
CA ALA C 239 -11.10 88.08 65.07
C ALA C 239 -11.23 87.45 66.45
N ASN C 240 -11.82 88.19 67.38
CA ASN C 240 -11.98 87.70 68.74
C ASN C 240 -13.02 86.58 68.78
N ILE C 241 -12.66 85.48 69.43
CA ILE C 241 -13.50 84.29 69.49
C ILE C 241 -14.20 84.17 70.84
N LYS C 242 -13.49 84.51 71.92
CA LYS C 242 -14.03 84.29 73.26
C LYS C 242 -15.27 85.14 73.52
N ASP C 243 -15.26 86.39 73.05
CA ASP C 243 -16.39 87.28 73.30
C ASP C 243 -17.67 86.76 72.64
N LYS C 244 -17.58 86.40 71.37
CA LYS C 244 -18.72 85.85 70.63
C LYS C 244 -18.20 84.92 69.55
N ALA C 245 -19.08 84.01 69.12
CA ALA C 245 -18.73 83.09 68.05
C ALA C 245 -18.57 83.87 66.74
N VAL C 246 -17.52 83.55 66.00
CA VAL C 246 -17.18 84.22 64.75
C VAL C 246 -17.60 83.32 63.59
N TYR C 247 -18.39 83.88 62.67
CA TYR C 247 -18.83 83.15 61.48
C TYR C 247 -17.85 83.37 60.35
N VAL C 248 -17.41 82.28 59.73
CA VAL C 248 -16.62 82.35 58.51
C VAL C 248 -17.58 82.58 57.35
N LYS C 249 -17.42 83.70 56.65
CA LYS C 249 -18.43 84.13 55.68
C LYS C 249 -18.31 83.35 54.37
N ALA C 250 -17.20 83.53 53.66
CA ALA C 250 -16.99 82.92 52.34
C ALA C 250 -18.18 83.21 51.42
N VAL C 251 -18.44 84.51 51.23
CA VAL C 251 -19.66 84.93 50.54
C VAL C 251 -19.64 84.48 49.08
N PHE C 252 -18.50 84.59 48.41
CA PHE C 252 -18.46 84.24 46.98
C PHE C 252 -18.59 82.74 46.78
N GLY C 253 -17.98 81.93 47.65
CA GLY C 253 -18.04 80.49 47.48
C GLY C 253 -19.45 79.95 47.65
N ASP C 254 -20.22 80.52 48.58
CA ASP C 254 -21.58 80.04 48.81
C ASP C 254 -22.48 80.33 47.61
N LEU C 255 -22.26 81.47 46.92
CA LEU C 255 -23.09 81.80 45.77
C LEU C 255 -22.91 80.77 44.66
N GLU C 256 -21.68 80.32 44.42
CA GLU C 256 -21.44 79.35 43.35
C GLU C 256 -22.14 78.04 43.62
N LYS C 257 -22.16 77.59 44.87
CA LYS C 257 -22.78 76.32 45.20
C LYS C 257 -24.28 76.35 44.91
N GLN C 258 -24.93 77.47 45.20
CA GLN C 258 -26.37 77.60 45.02
C GLN C 258 -26.76 78.14 43.64
N THR C 259 -25.80 78.44 42.77
CA THR C 259 -26.10 79.00 41.45
C THR C 259 -25.28 78.38 40.32
N ALA C 260 -24.36 77.46 40.59
CA ALA C 260 -23.58 76.85 39.52
C ALA C 260 -24.46 76.05 38.58
N TYR C 261 -25.42 75.29 39.12
CA TYR C 261 -26.33 74.47 38.33
C TYR C 261 -27.78 74.67 38.75
N ASN C 262 -28.11 75.83 39.32
CA ASN C 262 -29.46 76.14 39.75
C ASN C 262 -29.73 77.61 39.47
N GLY C 263 -31.01 77.95 39.36
CA GLY C 263 -31.39 79.31 39.05
C GLY C 263 -31.21 79.63 37.57
N ILE C 264 -31.28 80.93 37.26
CA ILE C 264 -31.20 81.42 35.90
C ILE C 264 -29.95 82.29 35.74
N VAL C 265 -29.52 82.96 36.82
CA VAL C 265 -28.45 83.94 36.78
C VAL C 265 -27.18 83.32 37.32
N SER C 266 -26.07 83.51 36.60
CA SER C 266 -24.75 83.13 37.04
C SER C 266 -24.00 84.35 37.55
N PHE C 267 -22.97 84.10 38.36
CA PHE C 267 -22.19 85.16 39.00
C PHE C 267 -20.70 84.86 38.84
N GLU C 268 -19.92 85.94 38.72
CA GLU C 268 -18.47 85.86 38.63
C GLU C 268 -17.86 87.01 39.40
N GLN C 269 -16.62 86.83 39.85
CA GLN C 269 -15.90 87.82 40.63
C GLN C 269 -14.98 88.62 39.72
N LEU C 270 -15.03 89.94 39.85
CA LEU C 270 -14.19 90.82 39.04
C LEU C 270 -12.72 90.64 39.42
N LYS C 298 -11.85 92.96 44.26
CA LYS C 298 -13.03 93.75 44.60
C LYS C 298 -13.72 93.16 45.83
N THR C 299 -14.49 94.00 46.51
CA THR C 299 -15.21 93.61 47.72
C THR C 299 -16.70 93.51 47.39
N ILE C 300 -17.31 92.39 47.76
CA ILE C 300 -18.72 92.16 47.50
C ILE C 300 -19.53 92.87 48.58
N GLU C 301 -20.48 93.69 48.16
CA GLU C 301 -21.36 94.44 49.05
C GLU C 301 -22.77 94.41 48.48
N PRO C 302 -23.78 94.68 49.31
CA PRO C 302 -25.15 94.70 48.78
C PRO C 302 -25.37 95.80 47.76
N PHE C 303 -26.28 95.53 46.83
CA PHE C 303 -26.69 96.52 45.84
C PHE C 303 -28.20 96.41 45.63
N GLU C 304 -28.78 97.52 45.19
CA GLU C 304 -30.23 97.58 45.03
C GLU C 304 -30.68 96.74 43.84
N LEU C 305 -31.97 96.42 43.81
CA LEU C 305 -32.56 95.63 42.74
C LEU C 305 -32.51 96.41 41.43
N THR C 306 -31.80 95.87 40.44
CA THR C 306 -31.59 96.53 39.16
C THR C 306 -31.75 95.51 38.03
N LYS C 307 -32.38 95.94 36.94
CA LYS C 307 -32.54 95.09 35.77
C LYS C 307 -31.22 94.95 35.03
N LEU C 308 -31.03 93.77 34.43
CA LEU C 308 -29.85 93.53 33.61
C LEU C 308 -29.98 94.23 32.26
N LYS C 309 -28.85 94.36 31.57
CA LYS C 309 -28.79 95.04 30.28
C LYS C 309 -27.84 94.26 29.37
N GLY C 310 -27.77 94.72 28.12
CA GLY C 310 -26.91 94.11 27.13
C GLY C 310 -27.53 92.99 26.33
N GLY C 311 -28.74 92.55 26.68
CA GLY C 311 -29.40 91.52 25.90
C GLY C 311 -29.73 92.01 24.51
N THR C 312 -29.31 91.26 23.50
CA THR C 312 -29.54 91.64 22.11
C THR C 312 -29.50 90.39 21.25
N ASN C 313 -30.58 90.12 20.52
CA ASN C 313 -30.60 88.96 19.62
C ASN C 313 -29.59 89.12 18.50
N GLY C 314 -29.31 90.35 18.08
CA GLY C 314 -28.36 90.61 17.02
C GLY C 314 -28.98 90.52 15.64
N GLU C 315 -28.25 91.03 14.65
CA GLU C 315 -28.73 90.99 13.28
C GLU C 315 -28.74 89.54 12.78
N PRO C 316 -29.61 89.23 11.81
CA PRO C 316 -29.67 87.85 11.32
C PRO C 316 -28.40 87.51 10.55
N PRO C 317 -28.01 86.23 10.49
CA PRO C 317 -26.78 85.87 9.79
C PRO C 317 -26.88 86.13 8.29
N ALA C 318 -25.74 86.51 7.71
CA ALA C 318 -25.70 86.73 6.26
C ALA C 318 -25.82 85.42 5.51
N THR C 319 -25.18 84.36 6.02
CA THR C 319 -25.22 83.04 5.41
C THR C 319 -25.37 81.98 6.48
N TRP C 320 -26.01 80.87 6.13
CA TRP C 320 -26.26 79.77 7.05
C TRP C 320 -25.22 78.66 6.93
N ALA C 321 -24.15 78.87 6.14
CA ALA C 321 -23.16 77.82 5.96
C ALA C 321 -22.46 77.48 7.26
N ASP C 322 -22.11 78.50 8.06
CA ASP C 322 -21.46 78.24 9.34
C ASP C 322 -22.39 77.50 10.30
N LYS C 323 -23.68 77.85 10.28
CA LYS C 323 -24.64 77.19 11.17
C LYS C 323 -24.76 75.71 10.84
N LEU C 324 -24.79 75.37 9.55
CA LEU C 324 -25.01 73.98 9.16
C LEU C 324 -23.83 73.09 9.52
N ASP C 325 -22.62 73.67 9.63
CA ASP C 325 -21.44 72.85 9.91
C ASP C 325 -21.53 72.17 11.27
N LYS C 326 -22.26 72.77 12.22
CA LYS C 326 -22.40 72.17 13.54
C LYS C 326 -23.21 70.88 13.51
N PHE C 327 -24.03 70.66 12.48
CA PHE C 327 -24.80 69.43 12.32
C PHE C 327 -24.02 68.34 11.60
N ALA C 328 -22.70 68.49 11.44
CA ALA C 328 -21.93 67.55 10.64
C ALA C 328 -21.91 66.17 11.27
N HIS C 329 -21.56 66.09 12.57
CA HIS C 329 -21.37 64.82 13.26
C HIS C 329 -22.46 64.57 14.30
N GLU C 330 -23.64 65.15 14.12
CA GLU C 330 -24.75 64.95 15.05
C GLU C 330 -25.59 63.72 14.73
N GLY C 331 -25.34 63.06 13.60
CA GLY C 331 -26.05 61.84 13.27
C GLY C 331 -27.39 62.03 12.59
N GLY C 332 -27.77 63.26 12.26
CA GLY C 332 -29.04 63.48 11.61
C GLY C 332 -29.01 63.11 10.13
N TYR C 333 -30.20 62.87 9.58
CA TYR C 333 -30.39 62.52 8.17
C TYR C 333 -31.23 63.54 7.43
N TYR C 334 -32.37 63.93 7.99
CA TYR C 334 -33.28 64.88 7.36
C TYR C 334 -33.11 66.25 8.00
N ILE C 335 -33.04 67.28 7.16
CA ILE C 335 -32.90 68.67 7.60
C ILE C 335 -33.91 69.52 6.84
N VAL C 336 -34.61 70.40 7.55
CA VAL C 336 -35.64 71.25 6.98
C VAL C 336 -35.34 72.70 7.33
N PRO C 337 -34.62 73.46 6.49
CA PRO C 337 -34.36 74.87 6.83
C PRO C 337 -35.64 75.68 6.82
N LEU C 338 -35.89 76.39 7.91
CA LEU C 338 -37.10 77.20 8.06
C LEU C 338 -36.89 78.59 7.47
N SER C 339 -36.67 78.63 6.17
CA SER C 339 -36.49 79.87 5.43
C SER C 339 -36.91 79.65 3.99
N SER C 340 -37.57 80.65 3.41
CA SER C 340 -38.02 80.60 2.03
C SER C 340 -37.01 81.14 1.03
N LYS C 341 -35.89 81.70 1.49
CA LYS C 341 -34.90 82.25 0.58
C LYS C 341 -34.25 81.15 -0.25
N GLN C 342 -34.08 81.42 -1.55
CA GLN C 342 -33.42 80.45 -2.42
C GLN C 342 -31.95 80.30 -2.06
N SER C 343 -31.31 81.36 -1.57
CA SER C 343 -29.91 81.27 -1.17
C SER C 343 -29.73 80.30 -0.02
N VAL C 344 -30.65 80.32 0.96
CA VAL C 344 -30.57 79.41 2.09
C VAL C 344 -30.73 77.96 1.62
N HIS C 345 -31.62 77.75 0.65
CA HIS C 345 -31.81 76.39 0.13
C HIS C 345 -30.55 75.88 -0.55
N ALA C 346 -29.85 76.75 -1.28
CA ALA C 346 -28.64 76.33 -1.97
C ALA C 346 -27.55 75.91 -0.99
N GLU C 347 -27.41 76.64 0.12
CA GLU C 347 -26.40 76.29 1.11
C GLU C 347 -26.68 74.93 1.73
N VAL C 348 -27.95 74.67 2.07
CA VAL C 348 -28.31 73.36 2.61
C VAL C 348 -28.14 72.28 1.54
N ALA C 349 -28.41 72.61 0.29
CA ALA C 349 -28.22 71.65 -0.80
C ALA C 349 -26.75 71.25 -0.92
N SER C 350 -25.84 72.22 -0.76
CA SER C 350 -24.42 71.90 -0.78
C SER C 350 -23.99 71.17 0.48
N PHE C 351 -24.61 71.49 1.62
CA PHE C 351 -24.20 70.87 2.88
C PHE C 351 -24.48 69.37 2.88
N VAL C 352 -25.68 68.97 2.46
CA VAL C 352 -26.02 67.55 2.45
C VAL C 352 -25.14 66.80 1.46
N LYS C 353 -24.80 67.44 0.34
CA LYS C 353 -23.88 66.83 -0.62
C LYS C 353 -22.50 66.65 -0.01
N GLU C 354 -22.03 67.63 0.76
CA GLU C 354 -20.69 67.56 1.34
C GLU C 354 -20.58 66.39 2.32
N ARG C 355 -21.58 66.21 3.19
CA ARG C 355 -21.51 65.13 4.17
C ARG C 355 -21.68 63.77 3.52
N SER C 356 -22.47 63.69 2.45
CA SER C 356 -22.62 62.43 1.72
C SER C 356 -21.28 62.00 1.11
N ASP C 357 -20.52 62.96 0.57
CA ASP C 357 -19.21 62.65 0.03
C ASP C 357 -18.25 62.20 1.12
N ALA C 358 -18.46 62.64 2.35
CA ALA C 358 -17.62 62.28 3.48
C ALA C 358 -18.09 61.02 4.21
N GLY C 359 -19.14 60.35 3.72
CA GLY C 359 -19.64 59.15 4.35
C GLY C 359 -20.77 59.34 5.32
N GLU C 360 -21.40 60.51 5.34
CA GLU C 360 -22.51 60.83 6.24
C GLU C 360 -23.65 61.40 5.41
N PRO C 361 -24.37 60.54 4.67
CA PRO C 361 -25.41 61.05 3.77
C PRO C 361 -26.54 61.73 4.52
N MET C 362 -27.11 62.75 3.88
CA MET C 362 -28.24 63.50 4.42
C MET C 362 -29.12 63.95 3.27
N ARG C 363 -30.36 64.32 3.61
CA ARG C 363 -31.32 64.81 2.63
C ARG C 363 -32.04 66.02 3.19
N ALA C 364 -32.53 66.87 2.29
CA ALA C 364 -33.15 68.14 2.65
C ALA C 364 -34.52 68.25 2.02
N ILE C 365 -35.42 68.93 2.73
CA ILE C 365 -36.77 69.24 2.26
C ILE C 365 -37.01 70.72 2.50
N VAL C 366 -37.44 71.44 1.46
CA VAL C 366 -37.62 72.88 1.52
C VAL C 366 -38.95 73.26 0.89
N GLY C 367 -39.38 74.48 1.17
CA GLY C 367 -40.61 75.01 0.62
C GLY C 367 -40.48 76.48 0.36
N GLY C 368 -41.19 76.96 -0.67
CA GLY C 368 -41.07 78.33 -1.12
C GLY C 368 -42.25 79.22 -0.80
N GLY C 369 -42.07 80.11 0.18
CA GLY C 369 -42.94 81.25 0.40
C GLY C 369 -44.39 80.90 0.64
N PHE C 370 -45.27 81.85 0.33
CA PHE C 370 -46.71 81.71 0.46
C PHE C 370 -47.35 81.73 -0.92
N ASN C 371 -48.10 80.68 -1.24
CA ASN C 371 -48.96 80.65 -2.43
C ASN C 371 -48.16 80.88 -3.71
N GLU C 372 -46.99 80.25 -3.80
CA GLU C 372 -46.18 80.37 -5.01
C GLU C 372 -46.83 79.61 -6.16
N SER C 373 -46.73 80.17 -7.36
CA SER C 373 -47.33 79.58 -8.54
C SER C 373 -46.43 78.48 -9.11
N LYS C 374 -46.93 77.80 -10.14
CA LYS C 374 -46.17 76.73 -10.76
C LYS C 374 -44.90 77.26 -11.42
N GLU C 375 -44.99 78.42 -12.06
CA GLU C 375 -43.83 78.98 -12.75
C GLU C 375 -42.71 79.30 -11.76
N GLN C 376 -43.05 79.85 -10.60
CA GLN C 376 -42.04 80.13 -9.58
C GLN C 376 -41.42 78.85 -9.07
N LEU C 377 -42.22 77.80 -8.89
CA LEU C 377 -41.71 76.53 -8.38
C LEU C 377 -40.72 75.90 -9.36
N PHE C 378 -40.98 76.03 -10.66
CA PHE C 378 -40.06 75.49 -11.65
C PHE C 378 -38.69 76.16 -11.56
N GLY C 379 -38.68 77.47 -11.29
CA GLY C 379 -37.41 78.16 -11.14
C GLY C 379 -36.61 77.65 -9.97
N ARG C 380 -37.27 77.40 -8.84
CA ARG C 380 -36.57 76.86 -7.67
C ARG C 380 -36.05 75.45 -7.96
N GLN C 381 -36.87 74.61 -8.59
CA GLN C 381 -36.45 73.24 -8.87
C GLN C 381 -35.29 73.21 -9.86
N ALA C 382 -35.35 74.04 -10.90
CA ALA C 382 -34.29 74.07 -11.89
C ALA C 382 -32.97 74.53 -11.29
N SER C 383 -33.02 75.49 -10.37
CA SER C 383 -31.80 76.02 -9.78
C SER C 383 -31.06 74.96 -8.96
N LEU C 384 -31.81 74.13 -8.22
CA LEU C 384 -31.18 73.15 -7.34
C LEU C 384 -30.74 71.92 -8.13
N SER C 385 -31.71 71.18 -8.69
CA SER C 385 -31.43 69.98 -9.49
C SER C 385 -30.59 68.98 -8.71
N ASN C 386 -30.86 68.85 -7.41
CA ASN C 386 -30.10 68.00 -6.51
C ASN C 386 -30.91 66.76 -6.15
N PRO C 387 -30.39 65.54 -6.28
CA PRO C 387 -31.15 64.37 -5.81
C PRO C 387 -31.48 64.40 -4.34
N ARG C 388 -30.60 64.98 -3.51
CA ARG C 388 -30.77 64.98 -2.06
C ARG C 388 -31.53 66.20 -1.55
N VAL C 389 -32.34 66.83 -2.41
CA VAL C 389 -33.16 67.97 -2.04
C VAL C 389 -34.55 67.78 -2.62
N SER C 390 -35.58 68.08 -1.83
CA SER C 390 -36.97 67.98 -2.23
C SER C 390 -37.67 69.31 -2.00
N LEU C 391 -38.49 69.72 -2.96
CA LEU C 391 -39.20 70.99 -2.92
C LEU C 391 -40.68 70.74 -2.65
N VAL C 392 -41.24 71.49 -1.72
CA VAL C 392 -42.64 71.38 -1.32
C VAL C 392 -43.38 72.61 -1.83
N ALA C 393 -44.47 72.38 -2.56
CA ALA C 393 -45.23 73.46 -3.19
C ALA C 393 -46.38 73.95 -2.32
N ASN C 394 -47.19 73.02 -1.80
CA ASN C 394 -48.39 73.39 -1.10
C ASN C 394 -48.09 74.10 0.21
N SER C 395 -48.95 75.07 0.55
CA SER C 395 -48.92 75.76 1.83
C SER C 395 -50.34 75.83 2.37
N GLY C 396 -50.46 75.82 3.70
CA GLY C 396 -51.76 75.79 4.32
C GLY C 396 -51.72 76.18 5.77
N THR C 397 -52.82 75.89 6.46
CA THR C 397 -53.02 76.24 7.86
C THR C 397 -53.07 74.97 8.71
N PHE C 398 -52.37 75.00 9.83
CA PHE C 398 -52.33 73.89 10.78
C PHE C 398 -52.89 74.34 12.12
N VAL C 399 -53.66 73.46 12.74
CA VAL C 399 -54.25 73.72 14.05
C VAL C 399 -53.25 73.25 15.10
N MET C 400 -52.69 74.19 15.86
CA MET C 400 -51.69 73.88 16.87
C MET C 400 -52.37 73.42 18.17
N ASP C 401 -51.54 72.97 19.12
CA ASP C 401 -52.06 72.55 20.40
C ASP C 401 -52.71 73.70 21.16
N ASP C 402 -52.22 74.92 20.96
CA ASP C 402 -52.82 76.09 21.58
C ASP C 402 -54.17 76.45 20.97
N GLY C 403 -54.52 75.89 19.82
CA GLY C 403 -55.77 76.18 19.15
C GLY C 403 -55.68 77.24 18.06
N ARG C 404 -54.48 77.73 17.76
CA ARG C 404 -54.34 78.74 16.72
C ARG C 404 -54.42 78.12 15.34
N LYS C 405 -55.24 78.71 14.48
CA LYS C 405 -55.29 78.34 13.06
C LYS C 405 -54.23 79.16 12.31
N ASN C 406 -52.98 78.83 12.60
CA ASN C 406 -51.84 79.61 12.09
C ASN C 406 -51.58 79.24 10.64
N HIS C 407 -51.80 80.19 9.74
CA HIS C 407 -51.40 80.02 8.35
C HIS C 407 -49.88 80.10 8.25
N VAL C 408 -49.28 79.12 7.58
CA VAL C 408 -47.83 78.97 7.53
C VAL C 408 -47.40 78.82 6.08
N PRO C 409 -46.13 79.12 5.77
CA PRO C 409 -45.66 79.00 4.39
C PRO C 409 -45.39 77.54 4.03
N ALA C 410 -44.87 77.35 2.81
CA ALA C 410 -44.67 75.99 2.30
C ALA C 410 -43.63 75.23 3.10
N TYR C 411 -42.53 75.88 3.49
CA TYR C 411 -41.45 75.15 4.15
C TYR C 411 -41.85 74.62 5.52
N MET C 412 -42.89 75.18 6.15
CA MET C 412 -43.39 74.59 7.38
C MET C 412 -44.14 73.29 7.11
N VAL C 413 -44.73 73.16 5.92
CA VAL C 413 -45.34 71.89 5.54
C VAL C 413 -44.26 70.82 5.37
N ALA C 414 -43.08 71.22 4.92
CA ALA C 414 -41.99 70.26 4.77
C ALA C 414 -41.58 69.65 6.11
N VAL C 415 -41.79 70.38 7.20
CA VAL C 415 -41.49 69.84 8.53
C VAL C 415 -42.38 68.63 8.81
N ALA C 416 -43.66 68.71 8.46
CA ALA C 416 -44.56 67.57 8.62
C ALA C 416 -44.12 66.40 7.76
N LEU C 417 -43.73 66.68 6.50
CA LEU C 417 -43.21 65.61 5.64
C LEU C 417 -41.91 65.06 6.19
N GLY C 418 -41.01 65.94 6.65
CA GLY C 418 -39.76 65.48 7.23
C GLY C 418 -39.98 64.70 8.52
N GLY C 419 -40.88 65.20 9.37
CA GLY C 419 -41.20 64.48 10.59
C GLY C 419 -41.86 63.13 10.31
N LEU C 420 -42.77 63.11 9.32
CA LEU C 420 -43.37 61.84 8.91
C LEU C 420 -42.33 60.89 8.35
N ALA C 421 -41.41 61.41 7.52
CA ALA C 421 -40.39 60.56 6.93
C ALA C 421 -39.47 59.97 8.00
N SER C 422 -39.10 60.79 8.99
CA SER C 422 -38.21 60.30 10.05
C SER C 422 -38.88 59.21 10.86
N GLY C 423 -40.18 59.35 11.14
CA GLY C 423 -40.87 58.35 11.93
C GLY C 423 -41.08 57.03 11.20
N LEU C 424 -41.12 57.07 9.87
CA LEU C 424 -41.30 55.87 9.10
C LEU C 424 -40.04 55.00 9.16
N GLU C 425 -40.22 53.71 8.89
CA GLU C 425 -39.12 52.77 8.90
C GLU C 425 -38.18 53.03 7.72
N ILE C 426 -37.03 52.36 7.75
CA ILE C 426 -36.04 52.53 6.68
C ILE C 426 -36.58 51.91 5.40
N GLY C 427 -36.52 52.67 4.31
CA GLY C 427 -37.01 52.23 3.02
C GLY C 427 -38.46 52.52 2.74
N GLU C 428 -39.22 52.98 3.74
CA GLU C 428 -40.61 53.34 3.51
C GLU C 428 -40.71 54.70 2.83
N SER C 429 -41.86 54.93 2.19
CA SER C 429 -42.12 56.15 1.44
C SER C 429 -43.27 56.92 2.07
N ILE C 430 -43.32 58.22 1.77
CA ILE C 430 -44.39 59.09 2.25
C ILE C 430 -45.49 59.22 1.20
N THR C 431 -45.49 58.31 0.22
CA THR C 431 -46.48 58.39 -0.84
C THR C 431 -47.86 57.98 -0.33
N PHE C 432 -48.87 58.78 -0.66
CA PHE C 432 -50.27 58.56 -0.30
C PHE C 432 -50.52 58.57 1.21
N LYS C 433 -49.54 59.00 2.02
CA LYS C 433 -49.75 59.04 3.45
C LYS C 433 -50.55 60.28 3.84
N PRO C 434 -51.28 60.25 4.95
CA PRO C 434 -52.03 61.45 5.36
C PRO C 434 -51.09 62.53 5.89
N LEU C 435 -51.55 63.78 5.79
CA LEU C 435 -50.81 64.94 6.26
C LEU C 435 -51.44 65.60 7.49
N ARG C 436 -52.75 65.47 7.66
CA ARG C 436 -53.46 66.08 8.79
C ARG C 436 -53.29 67.61 8.78
N VAL C 437 -53.80 68.22 7.73
CA VAL C 437 -53.75 69.67 7.53
C VAL C 437 -55.18 70.18 7.41
N SER C 438 -55.47 71.29 8.08
CA SER C 438 -56.82 71.83 8.10
C SER C 438 -57.28 72.24 6.70
N SER C 439 -56.41 72.93 5.96
CA SER C 439 -56.76 73.40 4.63
C SER C 439 -55.48 73.81 3.91
N LEU C 440 -55.61 73.99 2.59
CA LEU C 440 -54.51 74.39 1.73
C LEU C 440 -54.91 75.62 0.92
N ASP C 441 -53.92 76.49 0.67
CA ASP C 441 -54.18 77.70 -0.09
C ASP C 441 -54.62 77.39 -1.51
N GLN C 442 -53.96 76.43 -2.16
CA GLN C 442 -54.26 76.03 -3.54
C GLN C 442 -54.64 74.56 -3.56
N ILE C 443 -55.77 74.25 -4.17
CA ILE C 443 -56.22 72.88 -4.37
C ILE C 443 -55.94 72.55 -5.83
N TYR C 444 -54.78 71.94 -6.08
CA TYR C 444 -54.38 71.63 -7.44
C TYR C 444 -55.31 70.58 -8.05
N GLU C 445 -55.62 70.77 -9.33
CA GLU C 445 -56.43 69.81 -10.07
C GLU C 445 -55.58 68.61 -10.48
N SER C 446 -56.22 67.65 -11.16
CA SER C 446 -55.50 66.46 -11.59
C SER C 446 -54.40 66.80 -12.58
N ILE C 447 -54.68 67.71 -13.53
CA ILE C 447 -53.69 68.08 -14.52
C ILE C 447 -52.53 68.85 -13.87
N ASP C 448 -52.85 69.70 -12.89
CA ASP C 448 -51.81 70.48 -12.23
C ASP C 448 -50.87 69.59 -11.43
N LEU C 449 -51.41 68.56 -10.76
CA LEU C 449 -50.58 67.66 -9.97
C LEU C 449 -49.60 66.90 -10.87
N ASP C 450 -50.05 66.49 -12.05
CA ASP C 450 -49.18 65.75 -12.96
C ASP C 450 -47.99 66.60 -13.41
N GLU C 451 -48.24 67.88 -13.71
CA GLU C 451 -47.15 68.75 -14.14
C GLU C 451 -46.10 68.92 -13.06
N LEU C 452 -46.53 69.09 -11.80
CA LEU C 452 -45.58 69.22 -10.71
C LEU C 452 -44.79 67.93 -10.52
N ASN C 453 -45.45 66.78 -10.64
CA ASN C 453 -44.76 65.51 -10.52
C ASN C 453 -43.75 65.32 -11.65
N GLU C 454 -44.12 65.73 -12.87
CA GLU C 454 -43.20 65.62 -14.00
C GLU C 454 -41.98 66.50 -13.83
N ASN C 455 -42.11 67.61 -13.09
CA ASN C 455 -41.00 68.51 -12.83
C ASN C 455 -40.29 68.22 -11.51
N GLY C 456 -40.57 67.09 -10.88
CA GLY C 456 -39.92 66.72 -9.65
C GLY C 456 -40.24 67.63 -8.48
N ILE C 457 -41.51 67.96 -8.29
CA ILE C 457 -41.97 68.81 -7.20
C ILE C 457 -43.05 68.05 -6.43
N ILE C 458 -42.92 68.00 -5.11
CA ILE C 458 -43.89 67.32 -4.26
C ILE C 458 -45.14 68.20 -4.16
N SER C 459 -46.30 67.59 -4.36
CA SER C 459 -47.58 68.28 -4.30
C SER C 459 -48.54 67.47 -3.44
N ILE C 460 -49.52 68.18 -2.86
CA ILE C 460 -50.50 67.59 -1.95
C ILE C 460 -51.88 67.82 -2.55
N GLU C 461 -52.67 66.75 -2.63
CA GLU C 461 -53.97 66.75 -3.29
C GLU C 461 -55.07 66.59 -2.26
N PHE C 462 -56.18 67.30 -2.47
CA PHE C 462 -57.38 67.18 -1.64
C PHE C 462 -58.27 66.10 -2.26
N VAL C 463 -58.44 64.98 -1.56
CA VAL C 463 -59.16 63.84 -2.09
C VAL C 463 -60.66 64.11 -1.96
N ARG C 464 -61.33 64.27 -3.10
CA ARG C 464 -62.77 64.51 -3.15
C ARG C 464 -63.56 63.29 -3.63
N ASN C 465 -62.91 62.13 -3.76
CA ASN C 465 -63.59 60.93 -4.24
C ASN C 465 -64.42 60.23 -3.16
N ARG C 466 -64.30 60.66 -1.90
CA ARG C 466 -65.02 60.05 -0.79
C ARG C 466 -65.65 61.15 0.06
N THR C 467 -66.68 60.76 0.81
CA THR C 467 -67.31 61.71 1.74
C THR C 467 -66.33 62.16 2.80
N ASN C 468 -65.53 61.23 3.34
CA ASN C 468 -64.51 61.56 4.33
C ASN C 468 -63.26 62.03 3.59
N THR C 469 -63.33 63.26 3.10
CA THR C 469 -62.22 63.84 2.34
C THR C 469 -61.01 64.04 3.24
N PHE C 470 -59.83 63.88 2.64
CA PHE C 470 -58.58 64.05 3.36
C PHE C 470 -57.48 64.37 2.37
N PHE C 471 -56.36 64.88 2.89
CA PHE C 471 -55.20 65.25 2.10
C PHE C 471 -54.18 64.12 2.11
N ARG C 472 -53.45 63.99 1.01
CA ARG C 472 -52.41 62.97 0.90
C ARG C 472 -51.32 63.46 -0.04
N ILE C 473 -50.15 62.85 0.07
CA ILE C 473 -48.99 63.19 -0.74
C ILE C 473 -49.00 62.31 -1.98
N VAL C 474 -48.96 62.94 -3.16
CA VAL C 474 -49.06 62.19 -4.40
C VAL C 474 -47.80 61.36 -4.64
N ASP C 475 -46.63 61.92 -4.33
CA ASP C 475 -45.37 61.23 -4.58
C ASP C 475 -44.27 61.93 -3.80
N ASP C 476 -43.19 61.20 -3.57
CA ASP C 476 -42.00 61.68 -2.87
C ASP C 476 -40.84 61.91 -3.83
N VAL C 477 -41.15 62.34 -5.05
CA VAL C 477 -40.12 62.53 -6.07
C VAL C 477 -39.20 63.67 -5.67
N THR C 478 -37.92 63.54 -6.01
CA THR C 478 -36.93 64.55 -5.72
C THR C 478 -36.85 65.56 -6.86
N THR C 479 -36.02 66.60 -6.65
CA THR C 479 -35.82 67.60 -7.68
C THR C 479 -35.18 67.02 -8.93
N PHE C 480 -34.34 66.01 -8.77
CA PHE C 480 -33.69 65.36 -9.92
C PHE C 480 -34.77 64.64 -10.74
N ASN C 481 -35.05 65.16 -11.93
CA ASN C 481 -36.18 64.70 -12.73
C ASN C 481 -35.87 63.42 -13.50
N ASP C 482 -34.63 62.95 -13.51
CA ASP C 482 -34.29 61.73 -14.25
C ASP C 482 -34.87 60.53 -13.53
N LYS C 483 -36.06 60.10 -13.97
CA LYS C 483 -36.72 58.95 -13.37
C LYS C 483 -36.07 57.63 -13.74
N SER C 484 -35.14 57.61 -14.70
CA SER C 484 -34.47 56.37 -15.07
C SER C 484 -33.66 55.81 -13.90
N ASP C 485 -33.14 56.68 -13.04
CA ASP C 485 -32.36 56.29 -11.87
C ASP C 485 -33.25 56.40 -10.62
N PRO C 486 -33.95 55.33 -10.22
CA PRO C 486 -34.85 55.46 -9.05
C PRO C 486 -34.12 55.79 -7.75
N VAL C 487 -32.83 55.49 -7.64
CA VAL C 487 -32.09 55.83 -6.44
C VAL C 487 -32.05 57.34 -6.24
N LYS C 488 -31.73 58.09 -7.30
CA LYS C 488 -31.70 59.53 -7.22
C LYS C 488 -33.09 60.14 -7.25
N ALA C 489 -34.00 59.56 -8.05
CA ALA C 489 -35.32 60.16 -8.23
C ALA C 489 -36.21 59.96 -7.00
N GLU C 490 -36.20 58.77 -6.43
CA GLU C 490 -37.10 58.40 -5.34
C GLU C 490 -36.39 58.51 -4.00
N MET C 491 -37.00 59.22 -3.06
CA MET C 491 -36.41 59.39 -1.75
C MET C 491 -36.32 58.06 -1.00
N ALA C 492 -37.38 57.26 -1.07
CA ALA C 492 -37.41 56.00 -0.31
C ALA C 492 -36.35 55.03 -0.81
N VAL C 493 -36.20 54.91 -2.14
CA VAL C 493 -35.20 54.00 -2.69
C VAL C 493 -33.80 54.48 -2.34
N GLY C 494 -33.54 55.79 -2.49
CA GLY C 494 -32.24 56.32 -2.12
C GLY C 494 -31.99 56.25 -0.63
N GLU C 495 -33.03 56.41 0.18
CA GLU C 495 -32.86 56.32 1.63
C GLU C 495 -32.39 54.93 2.03
N ALA C 496 -32.97 53.89 1.45
CA ALA C 496 -32.54 52.54 1.77
C ALA C 496 -31.10 52.29 1.34
N ASN C 497 -30.72 52.83 0.17
CA ASN C 497 -29.36 52.66 -0.30
C ASN C 497 -28.35 53.34 0.62
N ASP C 498 -28.70 54.54 1.11
CA ASP C 498 -27.78 55.27 1.98
C ASP C 498 -27.56 54.53 3.29
N PHE C 499 -28.64 54.11 3.96
CA PHE C 499 -28.49 53.40 5.22
C PHE C 499 -27.85 52.04 5.02
N LEU C 500 -28.20 51.33 3.95
CA LEU C 500 -27.58 50.04 3.68
C LEU C 500 -26.08 50.20 3.44
N VAL C 501 -25.70 51.20 2.63
CA VAL C 501 -24.29 51.41 2.33
C VAL C 501 -23.55 51.95 3.56
N SER C 502 -24.15 52.92 4.25
CA SER C 502 -23.46 53.55 5.38
C SER C 502 -23.28 52.57 6.53
N GLU C 503 -24.32 51.81 6.88
CA GLU C 503 -24.23 50.87 7.98
C GLU C 503 -23.19 49.78 7.68
N LEU C 504 -23.17 49.29 6.45
CA LEU C 504 -22.18 48.28 6.07
C LEU C 504 -20.77 48.84 6.15
N LYS C 505 -20.60 50.12 5.80
CA LYS C 505 -19.28 50.74 5.84
C LYS C 505 -18.74 50.80 7.26
N VAL C 506 -19.58 51.20 8.22
CA VAL C 506 -19.12 51.35 9.60
C VAL C 506 -18.85 50.00 10.23
N GLN C 507 -19.75 49.03 10.02
CA GLN C 507 -19.63 47.75 10.70
C GLN C 507 -18.38 46.99 10.27
N LEU C 508 -18.06 47.02 8.97
CA LEU C 508 -16.89 46.28 8.49
C LEU C 508 -15.60 46.84 9.07
N GLU C 509 -15.51 48.17 9.19
CA GLU C 509 -14.27 48.77 9.71
C GLU C 509 -14.02 48.38 11.16
N ASP C 510 -15.06 48.41 12.00
CA ASP C 510 -14.89 48.10 13.40
C ASP C 510 -14.58 46.62 13.62
N GLN C 511 -15.04 45.76 12.72
CA GLN C 511 -14.93 44.32 12.91
C GLN C 511 -13.63 43.75 12.35
N PHE C 512 -13.36 43.96 11.06
CA PHE C 512 -12.32 43.23 10.36
C PHE C 512 -10.99 43.98 10.24
N ILE C 513 -11.01 45.31 10.18
CA ILE C 513 -9.77 46.05 10.05
C ILE C 513 -8.97 45.92 11.34
N GLY C 514 -7.67 45.63 11.21
CA GLY C 514 -6.80 45.41 12.34
C GLY C 514 -6.69 43.96 12.77
N THR C 515 -7.49 43.06 12.21
CA THR C 515 -7.45 41.65 12.56
C THR C 515 -6.50 40.90 11.64
N ARG C 516 -6.03 39.74 12.11
CA ARG C 516 -5.10 38.94 11.33
C ARG C 516 -5.79 38.36 10.11
N THR C 517 -5.01 38.22 9.03
CA THR C 517 -5.51 37.61 7.78
C THR C 517 -5.32 36.09 7.87
N ILE C 518 -6.12 35.49 8.76
CA ILE C 518 -6.07 34.05 8.97
C ILE C 518 -6.66 33.34 7.76
N ASN C 519 -6.47 32.02 7.69
CA ASN C 519 -6.98 31.25 6.55
C ASN C 519 -8.50 31.33 6.48
N THR C 520 -9.18 31.30 7.62
CA THR C 520 -10.63 31.34 7.69
C THR C 520 -11.19 32.77 7.66
N SER C 521 -10.37 33.76 7.31
CA SER C 521 -10.86 35.14 7.25
C SER C 521 -11.94 35.30 6.20
N ALA C 522 -11.76 34.68 5.02
CA ALA C 522 -12.75 34.81 3.96
C ALA C 522 -14.08 34.20 4.37
N SER C 523 -14.04 33.02 5.01
CA SER C 523 -15.28 32.38 5.45
C SER C 523 -15.99 33.21 6.51
N ILE C 524 -15.23 33.79 7.45
CA ILE C 524 -15.82 34.60 8.51
C ILE C 524 -16.47 35.85 7.93
N ILE C 525 -15.80 36.48 6.95
CA ILE C 525 -16.37 37.68 6.33
C ILE C 525 -17.64 37.33 5.59
N LYS C 526 -17.66 36.19 4.89
CA LYS C 526 -18.87 35.78 4.17
C LYS C 526 -20.02 35.52 5.14
N ASP C 527 -19.74 34.89 6.27
CA ASP C 527 -20.78 34.64 7.26
C ASP C 527 -21.32 35.94 7.83
N PHE C 528 -20.44 36.91 8.08
CA PHE C 528 -20.87 38.20 8.60
C PHE C 528 -21.79 38.91 7.60
N ILE C 529 -21.44 38.85 6.32
CA ILE C 529 -22.25 39.52 5.30
C ILE C 529 -23.63 38.90 5.21
N GLN C 530 -23.71 37.56 5.22
CA GLN C 530 -24.99 36.89 5.13
C GLN C 530 -25.88 37.21 6.33
N SER C 531 -25.30 37.25 7.53
CA SER C 531 -26.07 37.62 8.70
C SER C 531 -26.56 39.05 8.61
N TYR C 532 -25.71 39.96 8.12
CA TYR C 532 -26.12 41.36 7.98
C TYR C 532 -27.25 41.51 6.97
N LEU C 533 -27.14 40.84 5.82
CA LEU C 533 -28.19 40.91 4.82
C LEU C 533 -29.46 40.21 5.29
N GLY C 534 -29.32 39.16 6.10
CA GLY C 534 -30.50 38.49 6.64
C GLY C 534 -31.31 39.39 7.53
N ARG C 535 -30.63 40.22 8.34
CA ARG C 535 -31.34 41.16 9.20
C ARG C 535 -32.11 42.18 8.36
N LYS C 536 -31.51 42.64 7.27
CA LYS C 536 -32.20 43.60 6.39
C LYS C 536 -33.45 42.98 5.80
N LYS C 537 -33.37 41.73 5.36
CA LYS C 537 -34.57 41.04 4.86
C LYS C 537 -35.58 40.84 5.99
N ARG C 538 -35.10 40.57 7.20
CA ARG C 538 -36.00 40.40 8.33
C ARG C 538 -36.76 41.69 8.62
N ASP C 539 -36.10 42.83 8.53
CA ASP C 539 -36.70 44.13 8.75
C ASP C 539 -37.33 44.71 7.48
N ASN C 540 -37.33 43.96 6.37
CA ASN C 540 -37.93 44.39 5.11
C ASN C 540 -37.24 45.65 4.55
N GLU C 541 -35.96 45.86 4.91
CA GLU C 541 -35.20 46.93 4.31
C GLU C 541 -34.72 46.60 2.90
N ILE C 542 -34.66 45.31 2.55
CA ILE C 542 -34.36 44.87 1.19
C ILE C 542 -35.33 43.76 0.83
N GLN C 543 -35.46 43.52 -0.47
CA GLN C 543 -36.39 42.49 -0.95
C GLN C 543 -35.83 41.10 -0.70
N ASP C 544 -34.67 40.80 -1.30
CA ASP C 544 -34.03 39.50 -1.14
C ASP C 544 -32.61 39.62 -1.67
N PHE C 545 -31.78 38.64 -1.35
CA PHE C 545 -30.42 38.55 -1.85
C PHE C 545 -30.07 37.09 -2.10
N PRO C 546 -29.28 36.77 -3.13
CA PRO C 546 -28.79 35.39 -3.28
C PRO C 546 -27.53 35.18 -2.44
N ALA C 547 -27.58 34.20 -1.54
CA ALA C 547 -26.43 33.92 -0.68
C ALA C 547 -25.27 33.33 -1.47
N GLU C 548 -25.56 32.55 -2.52
CA GLU C 548 -24.50 31.89 -3.27
C GLU C 548 -23.59 32.91 -3.96
N ASP C 549 -24.17 33.98 -4.52
CA ASP C 549 -23.40 34.96 -5.27
C ASP C 549 -22.47 35.79 -4.39
N VAL C 550 -22.64 35.74 -3.06
CA VAL C 550 -21.77 36.49 -2.17
C VAL C 550 -20.39 35.82 -2.18
N GLN C 551 -19.40 36.49 -2.79
CA GLN C 551 -18.04 35.99 -2.91
C GLN C 551 -17.08 36.96 -2.24
N VAL C 552 -16.11 36.40 -1.51
CA VAL C 552 -15.11 37.18 -0.78
C VAL C 552 -13.73 36.72 -1.24
N ILE C 553 -12.89 37.69 -1.62
CA ILE C 553 -11.52 37.43 -2.04
C ILE C 553 -10.60 38.27 -1.16
N VAL C 554 -9.60 37.60 -0.57
CA VAL C 554 -8.64 38.23 0.33
C VAL C 554 -7.25 38.06 -0.28
N GLU C 555 -6.52 39.17 -0.40
CA GLU C 555 -5.17 39.15 -0.95
C GLU C 555 -4.40 40.31 -0.35
N GLY C 556 -3.49 40.00 0.57
CA GLY C 556 -2.72 41.05 1.22
C GLY C 556 -3.61 41.91 2.09
N ASN C 557 -3.31 43.22 2.12
CA ASN C 557 -4.12 44.14 2.90
C ASN C 557 -5.54 44.23 2.37
N GLU C 558 -5.69 44.25 1.04
CA GLU C 558 -7.01 44.39 0.44
C GLU C 558 -7.86 43.14 0.68
N ALA C 559 -9.17 43.35 0.73
CA ALA C 559 -10.15 42.26 0.89
C ALA C 559 -11.34 42.61 0.00
N ARG C 560 -11.31 42.09 -1.22
CA ARG C 560 -12.38 42.37 -2.18
C ARG C 560 -13.65 41.61 -1.82
N ILE C 561 -14.78 42.30 -1.84
CA ILE C 561 -16.07 41.73 -1.52
C ILE C 561 -17.04 42.03 -2.66
N SER C 562 -17.82 41.03 -3.05
CA SER C 562 -18.84 41.17 -4.08
C SER C 562 -20.13 40.53 -3.59
N MET C 563 -21.24 41.23 -3.80
CA MET C 563 -22.55 40.76 -3.35
C MET C 563 -23.62 41.27 -4.29
N THR C 564 -24.76 40.59 -4.27
CA THR C 564 -25.93 40.97 -5.04
C THR C 564 -27.11 41.17 -4.09
N VAL C 565 -27.86 42.24 -4.31
CA VAL C 565 -29.02 42.58 -3.47
C VAL C 565 -30.14 43.04 -4.38
N TYR C 566 -31.36 42.56 -4.11
CA TYR C 566 -32.55 43.03 -4.81
C TYR C 566 -33.15 44.18 -3.98
N PRO C 567 -33.12 45.43 -4.46
CA PRO C 567 -33.53 46.53 -3.58
C PRO C 567 -35.04 46.54 -3.34
N ILE C 568 -35.42 47.09 -2.18
CA ILE C 568 -36.83 47.27 -1.88
C ILE C 568 -37.36 48.46 -2.65
N ARG C 569 -38.61 48.35 -3.11
CA ARG C 569 -39.23 49.38 -3.93
C ARG C 569 -40.64 49.64 -3.43
N SER C 570 -41.13 50.85 -3.69
CA SER C 570 -42.47 51.28 -3.31
C SER C 570 -43.37 51.25 -4.54
N PHE C 571 -44.55 50.68 -4.39
CA PHE C 571 -45.50 50.60 -5.51
C PHE C 571 -45.91 51.99 -5.95
N LYS C 572 -45.89 52.22 -7.26
CA LYS C 572 -46.35 53.48 -7.85
C LYS C 572 -47.18 53.29 -9.11
N LYS C 573 -47.42 52.06 -9.54
CA LYS C 573 -48.27 51.80 -10.70
C LYS C 573 -48.81 50.39 -10.60
N ILE C 574 -50.12 50.24 -10.72
CA ILE C 574 -50.80 48.94 -10.67
C ILE C 574 -51.62 48.80 -11.94
N SER C 575 -51.27 47.79 -12.75
CA SER C 575 -51.94 47.51 -14.01
C SER C 575 -52.82 46.28 -13.84
N VAL C 576 -54.09 46.41 -14.24
CA VAL C 576 -55.06 45.33 -14.15
C VAL C 576 -55.59 45.06 -15.56
N SER C 577 -55.56 43.79 -15.96
CA SER C 577 -56.04 43.33 -17.26
C SER C 577 -57.29 42.48 -17.00
N LEU C 578 -58.45 43.13 -17.00
CA LEU C 578 -59.72 42.45 -16.76
C LEU C 578 -60.25 41.91 -18.07
N VAL C 579 -60.55 40.61 -18.09
CA VAL C 579 -61.05 39.91 -19.27
C VAL C 579 -62.39 39.28 -18.92
N TYR C 580 -63.39 39.55 -19.74
CA TYR C 580 -64.72 38.96 -19.58
C TYR C 580 -64.88 37.76 -20.50
N LYS C 581 -65.51 36.71 -19.98
CA LYS C 581 -65.72 35.47 -20.72
C LYS C 581 -67.10 34.93 -20.41
N GLN C 582 -67.57 34.04 -21.29
CA GLN C 582 -68.87 33.41 -21.14
C GLN C 582 -68.74 32.12 -20.33
N GLN C 583 -69.83 31.78 -19.62
CA GLN C 583 -69.93 30.55 -18.87
C GLN C 583 -71.30 29.93 -19.12
N THR C 584 -71.33 28.60 -19.24
CA THR C 584 -72.53 27.86 -19.54
C THR C 584 -73.00 27.12 -18.28
N LEU C 585 -74.30 27.23 -17.99
CA LEU C 585 -74.92 26.59 -16.84
C LEU C 585 -75.79 25.42 -17.31
N GLN C 586 -75.93 24.43 -16.44
CA GLN C 586 -76.74 23.26 -16.73
C GLN C 586 -77.38 22.77 -15.44
N ALA C 587 -78.46 22.01 -15.60
CA ALA C 587 -79.19 21.42 -14.48
C ALA C 587 -79.72 22.50 -13.53
N VAL D 3 20.64 10.19 25.25
CA VAL D 3 20.48 8.80 25.68
C VAL D 3 21.34 8.55 26.92
N GLU D 4 20.72 8.66 28.09
CA GLU D 4 21.45 8.45 29.33
C GLU D 4 21.58 6.95 29.61
N PRO D 5 22.78 6.40 29.70
CA PRO D 5 22.91 4.97 30.01
C PRO D 5 22.68 4.70 31.49
N PHE D 6 22.57 3.41 31.82
CA PHE D 6 22.39 2.96 33.19
C PHE D 6 22.96 1.55 33.34
N PRO D 7 23.95 1.31 34.24
CA PRO D 7 24.65 2.23 35.13
C PRO D 7 25.65 3.10 34.37
N ARG D 8 25.97 4.30 34.87
CA ARG D 8 26.92 5.15 34.17
C ARG D 8 28.33 4.58 34.22
N ARG D 9 28.69 3.89 35.30
CA ARG D 9 29.99 3.25 35.40
C ARG D 9 29.95 1.93 34.64
N PRO D 10 30.79 1.72 33.61
CA PRO D 10 30.81 0.41 32.95
C PRO D 10 31.29 -0.68 33.89
N ILE D 11 30.73 -1.88 33.70
CA ILE D 11 31.13 -3.08 34.42
C ILE D 11 31.26 -4.21 33.42
N THR D 12 32.40 -4.92 33.46
CA THR D 12 32.67 -5.98 32.49
C THR D 12 32.05 -7.32 32.88
N ARG D 13 31.67 -7.50 34.14
CA ARG D 13 31.04 -8.74 34.55
C ARG D 13 29.62 -8.83 33.98
N PRO D 14 29.02 -10.03 33.96
CA PRO D 14 27.65 -10.14 33.46
C PRO D 14 26.68 -9.26 34.24
N HIS D 15 25.76 -8.63 33.52
CA HIS D 15 24.84 -7.65 34.10
C HIS D 15 23.78 -7.34 33.06
N ALA D 16 22.90 -6.40 33.40
CA ALA D 16 21.89 -5.87 32.49
C ALA D 16 22.04 -4.35 32.42
N SER D 17 22.09 -3.82 31.21
CA SER D 17 22.26 -2.40 30.96
C SER D 17 21.02 -1.84 30.29
N ILE D 18 20.59 -0.67 30.76
CA ILE D 18 19.40 0.02 30.26
C ILE D 18 19.82 1.38 29.75
N GLU D 19 19.47 1.68 28.49
CA GLU D 19 19.72 2.99 27.89
C GLU D 19 18.42 3.76 27.88
N VAL D 20 18.38 4.86 28.62
CA VAL D 20 17.18 5.68 28.78
C VAL D 20 17.24 6.83 27.78
N ASP D 21 16.24 6.91 26.91
CA ASP D 21 16.12 7.98 25.91
C ASP D 21 15.01 8.92 26.38
N THR D 22 15.41 10.08 26.87
CA THR D 22 14.46 11.05 27.43
C THR D 22 13.86 11.97 26.37
N SER D 23 14.24 11.85 25.11
CA SER D 23 13.65 12.69 24.07
C SER D 23 12.22 12.25 23.80
N GLY D 24 11.45 13.18 23.21
CA GLY D 24 10.07 12.93 22.87
C GLY D 24 9.05 13.31 23.94
N ILE D 25 9.50 13.68 25.13
CA ILE D 25 8.63 14.13 26.21
C ILE D 25 8.96 15.56 26.61
N GLY D 26 10.21 15.97 26.39
CA GLY D 26 10.62 17.32 26.71
C GLY D 26 10.03 18.36 25.78
N SER D 32 7.15 33.87 22.13
CA SER D 32 8.03 34.75 22.87
C SER D 32 7.23 35.66 23.80
N GLU D 33 7.86 36.10 24.89
CA GLU D 33 7.19 36.95 25.85
C GLU D 33 7.00 38.37 25.35
N LYS D 34 7.92 38.87 24.53
CA LYS D 34 7.87 40.23 24.00
C LYS D 34 7.86 41.26 25.13
N VAL D 35 8.96 41.28 25.87
CA VAL D 35 9.06 42.13 27.05
C VAL D 35 9.14 43.60 26.63
N PHE D 36 8.58 44.47 27.47
CA PHE D 36 8.53 45.91 27.24
C PHE D 36 9.61 46.59 28.06
N CYS D 37 10.08 47.75 27.58
CA CYS D 37 11.16 48.50 28.19
C CYS D 37 10.76 49.95 28.38
N LEU D 38 11.34 50.57 29.41
CA LEU D 38 11.10 51.98 29.71
C LEU D 38 12.37 52.58 30.30
N ILE D 39 12.66 53.81 29.90
CA ILE D 39 13.78 54.59 30.43
C ILE D 39 13.28 55.99 30.74
N GLY D 40 13.61 56.50 31.92
CA GLY D 40 13.18 57.83 32.30
C GLY D 40 13.64 58.17 33.70
N GLN D 41 13.25 59.36 34.13
CA GLN D 41 13.62 59.84 35.46
C GLN D 41 12.87 59.08 36.54
N ALA D 42 13.53 58.89 37.68
CA ALA D 42 12.91 58.23 38.82
C ALA D 42 13.63 58.67 40.09
N GLU D 43 12.95 58.48 41.22
CA GLU D 43 13.47 58.84 42.53
C GLU D 43 13.96 57.62 43.32
N GLY D 44 14.22 56.51 42.64
CA GLY D 44 14.68 55.30 43.33
C GLY D 44 15.27 54.32 42.34
N GLY D 45 15.97 53.35 42.89
CA GLY D 45 16.62 52.32 42.10
C GLY D 45 18.07 52.66 41.82
N GLU D 46 18.88 51.62 41.62
CA GLU D 46 20.30 51.82 41.36
C GLU D 46 20.51 52.43 39.97
N PRO D 47 21.59 53.17 39.76
CA PRO D 47 21.85 53.71 38.43
C PRO D 47 22.45 52.67 37.49
N ASN D 48 22.07 52.79 36.21
CA ASN D 48 22.56 51.89 35.17
C ASN D 48 22.26 50.43 35.49
N THR D 49 21.06 50.19 36.01
CA THR D 49 20.62 48.85 36.39
C THR D 49 19.22 48.61 35.83
N VAL D 50 19.00 47.40 35.30
CA VAL D 50 17.72 47.00 34.73
C VAL D 50 17.03 46.09 35.74
N TYR D 51 15.79 46.43 36.09
CA TYR D 51 14.99 45.69 37.05
C TYR D 51 13.76 45.12 36.35
N GLU D 52 13.50 43.83 36.56
CA GLU D 52 12.31 43.20 36.00
C GLU D 52 11.11 43.52 36.88
N LEU D 53 10.05 44.04 36.25
CA LEU D 53 8.85 44.49 36.94
C LEU D 53 7.67 43.61 36.53
N ARG D 54 6.90 43.16 37.52
CA ARG D 54 5.71 42.35 37.28
C ARG D 54 4.45 42.91 37.92
N ASN D 55 4.58 43.75 38.96
CA ASN D 55 3.44 44.35 39.63
C ASN D 55 3.74 45.82 39.89
N TYR D 56 2.68 46.63 40.01
CA TYR D 56 2.85 48.04 40.29
C TYR D 56 3.43 48.27 41.68
N SER D 57 3.13 47.39 42.63
CA SER D 57 3.67 47.53 43.98
C SER D 57 5.19 47.41 43.98
N GLN D 58 5.73 46.49 43.19
CA GLN D 58 7.18 46.34 43.10
C GLN D 58 7.82 47.60 42.53
N ALA D 59 7.22 48.17 41.49
CA ALA D 59 7.77 49.38 40.88
C ALA D 59 7.74 50.55 41.86
N LYS D 60 6.63 50.70 42.60
CA LYS D 60 6.52 51.81 43.54
C LYS D 60 7.55 51.68 44.67
N ARG D 61 7.76 50.47 45.17
CA ARG D 61 8.78 50.25 46.19
C ARG D 61 10.17 50.56 45.64
N LEU D 62 10.44 50.14 44.41
CA LEU D 62 11.73 50.40 43.78
C LEU D 62 11.85 51.87 43.37
N PHE D 63 10.98 52.31 42.47
CA PHE D 63 10.93 53.70 42.03
C PHE D 63 9.90 54.43 42.88
N ARG D 64 10.37 55.35 43.73
CA ARG D 64 9.46 56.02 44.65
C ARG D 64 8.46 56.89 43.90
N SER D 65 8.93 57.67 42.94
CA SER D 65 8.07 58.57 42.19
C SER D 65 8.84 59.06 40.97
N GLY D 66 8.10 59.68 40.05
CA GLY D 66 8.65 60.24 38.84
C GLY D 66 7.81 59.91 37.63
N GLU D 67 8.26 60.38 36.47
CA GLU D 67 7.56 60.12 35.23
C GLU D 67 7.70 58.65 34.81
N LEU D 68 8.78 57.99 35.22
CA LEU D 68 8.97 56.59 34.90
C LEU D 68 7.89 55.72 35.55
N LEU D 69 7.56 56.03 36.81
CA LEU D 69 6.53 55.26 37.51
C LEU D 69 5.17 55.44 36.83
N ASP D 70 4.86 56.66 36.40
CA ASP D 70 3.61 56.89 35.69
C ASP D 70 3.56 56.11 34.38
N ALA D 71 4.70 56.03 33.68
CA ALA D 71 4.75 55.27 32.43
C ALA D 71 4.46 53.79 32.68
N ILE D 72 4.99 53.24 33.76
CA ILE D 72 4.71 51.85 34.10
C ILE D 72 3.22 51.66 34.39
N GLU D 73 2.63 52.61 35.12
CA GLU D 73 1.20 52.53 35.40
C GLU D 73 0.37 52.62 34.12
N LEU D 74 0.77 53.51 33.20
CA LEU D 74 0.01 53.68 31.96
C LEU D 74 0.18 52.50 31.02
N ALA D 75 1.32 51.82 31.08
CA ALA D 75 1.57 50.72 30.17
C ALA D 75 0.60 49.56 30.40
N TRP D 76 0.37 49.21 31.67
CA TRP D 76 -0.55 48.13 31.98
C TRP D 76 -2.00 48.55 31.85
N GLY D 77 -2.30 49.83 32.08
CA GLY D 77 -3.67 50.31 31.96
C GLY D 77 -4.16 50.51 30.53
N SER D 78 -3.27 50.46 29.55
CA SER D 78 -3.68 50.64 28.16
C SER D 78 -4.39 49.41 27.60
N ASN D 79 -4.18 48.23 28.19
CA ASN D 79 -4.75 46.98 27.71
C ASN D 79 -5.36 46.21 28.88
N PRO D 80 -6.52 46.64 29.39
CA PRO D 80 -7.17 45.87 30.47
C PRO D 80 -7.58 44.46 30.05
N ASN D 81 -7.78 44.21 28.75
CA ASN D 81 -8.28 42.94 28.27
C ASN D 81 -7.19 41.96 27.87
N TYR D 82 -5.91 42.30 28.11
CA TYR D 82 -4.78 41.45 27.74
C TYR D 82 -3.87 41.27 28.95
N THR D 83 -3.01 40.26 28.87
CA THR D 83 -2.13 39.92 29.97
C THR D 83 -1.15 41.06 30.22
N ALA D 84 -0.85 41.29 31.50
CA ALA D 84 0.12 42.31 31.91
C ALA D 84 1.51 41.68 31.87
N GLY D 85 2.28 42.02 30.84
CA GLY D 85 3.60 41.46 30.65
C GLY D 85 4.66 42.14 31.49
N ARG D 86 5.87 41.60 31.40
CA ARG D 86 7.00 42.16 32.13
C ARG D 86 7.39 43.51 31.55
N ILE D 87 7.93 44.37 32.40
CA ILE D 87 8.44 45.69 32.03
C ILE D 87 9.83 45.85 32.61
N LEU D 88 10.76 46.34 31.79
CA LEU D 88 12.12 46.64 32.21
C LEU D 88 12.29 48.14 32.36
N ALA D 89 12.86 48.55 33.49
CA ALA D 89 12.96 49.96 33.86
C ALA D 89 14.40 50.31 34.22
N MET D 90 14.75 51.57 33.99
CA MET D 90 16.07 52.09 34.30
C MET D 90 15.95 53.56 34.70
N ARG D 91 16.82 53.98 35.61
CA ARG D 91 16.89 55.36 36.07
C ARG D 91 18.06 56.05 35.36
N ILE D 92 17.74 57.10 34.58
CA ILE D 92 18.79 57.83 33.88
C ILE D 92 19.68 58.59 34.86
N GLU D 93 19.10 59.09 35.94
CA GLU D 93 19.85 59.93 36.88
C GLU D 93 21.00 59.14 37.51
N ASP D 94 22.18 59.76 37.54
CA ASP D 94 23.37 59.15 38.14
C ASP D 94 23.41 59.46 39.64
N ALA D 95 22.41 58.96 40.34
CA ALA D 95 22.31 59.20 41.78
C ALA D 95 23.40 58.45 42.53
N LYS D 96 23.69 58.93 43.74
CA LYS D 96 24.68 58.35 44.62
C LYS D 96 24.07 58.13 46.00
N PRO D 97 24.59 57.18 46.78
CA PRO D 97 23.97 56.88 48.07
C PRO D 97 24.42 57.84 49.16
N ALA D 98 23.48 58.20 50.03
CA ALA D 98 23.82 59.01 51.19
C ALA D 98 24.67 58.22 52.18
N SER D 99 25.67 58.88 52.75
CA SER D 99 26.58 58.22 53.67
C SER D 99 27.07 59.23 54.70
N ALA D 100 27.49 58.71 55.85
CA ALA D 100 28.02 59.55 56.92
C ALA D 100 28.98 58.71 57.76
N GLU D 101 30.22 59.18 57.86
CA GLU D 101 31.26 58.49 58.61
C GLU D 101 31.27 59.04 60.04
N ILE D 102 30.62 58.31 60.95
CA ILE D 102 30.55 58.68 62.36
C ILE D 102 30.86 57.42 63.18
N GLY D 103 31.67 57.59 64.22
CA GLY D 103 32.06 56.45 65.02
C GLY D 103 32.95 55.50 64.24
N GLY D 104 32.89 54.22 64.62
CA GLY D 104 33.67 53.17 64.00
C GLY D 104 33.00 52.47 62.84
N LEU D 105 31.85 52.96 62.37
CA LEU D 105 31.09 52.34 61.29
C LEU D 105 30.93 53.34 60.15
N LYS D 106 31.15 52.87 58.92
CA LYS D 106 30.89 53.66 57.72
C LYS D 106 29.46 53.38 57.28
N ILE D 107 28.58 54.34 57.47
CA ILE D 107 27.16 54.18 57.21
C ILE D 107 26.88 54.55 55.77
N THR D 108 26.16 53.69 55.06
CA THR D 108 25.76 53.92 53.68
C THR D 108 24.30 53.50 53.51
N SER D 109 23.56 54.30 52.75
CA SER D 109 22.14 54.08 52.53
C SER D 109 21.91 53.39 51.18
N LYS D 110 21.06 52.36 51.20
CA LYS D 110 20.73 51.65 49.97
C LYS D 110 19.91 52.49 49.01
N ILE D 111 19.19 53.50 49.50
CA ILE D 111 18.41 54.39 48.64
C ILE D 111 19.32 55.41 48.01
N TYR D 112 19.14 55.64 46.71
CA TYR D 112 19.95 56.56 45.93
C TYR D 112 19.14 57.80 45.60
N GLY D 113 19.71 58.97 45.88
CA GLY D 113 19.10 60.25 45.58
C GLY D 113 19.02 61.12 46.81
N ASN D 114 18.39 62.29 46.64
CA ASN D 114 18.22 63.23 47.72
C ASN D 114 17.29 62.70 48.81
N VAL D 115 16.44 61.72 48.50
CA VAL D 115 15.53 61.18 49.51
C VAL D 115 16.30 60.49 50.62
N ALA D 116 17.46 59.90 50.30
CA ALA D 116 18.24 59.20 51.30
C ALA D 116 18.81 60.13 52.37
N ASN D 117 18.89 61.43 52.09
CA ASN D 117 19.43 62.37 53.07
C ASN D 117 18.59 62.46 54.33
N ASN D 118 17.30 62.13 54.26
CA ASN D 118 16.42 62.17 55.42
C ASN D 118 16.60 60.98 56.36
N ILE D 119 17.40 59.99 55.98
CA ILE D 119 17.59 58.81 56.83
C ILE D 119 18.38 59.21 58.08
N GLN D 120 17.94 58.70 59.23
CA GLN D 120 18.56 58.96 60.51
C GLN D 120 19.06 57.64 61.10
N VAL D 121 20.28 57.66 61.62
CA VAL D 121 20.91 56.48 62.21
C VAL D 121 21.55 56.87 63.53
N GLY D 122 21.35 56.05 64.56
CA GLY D 122 21.90 56.31 65.86
C GLY D 122 22.08 55.06 66.69
N LEU D 123 23.14 55.03 67.50
CA LEU D 123 23.44 53.90 68.38
C LEU D 123 23.31 54.32 69.84
N GLU D 124 22.71 53.46 70.65
CA GLU D 124 22.56 53.67 72.08
C GLU D 124 23.01 52.41 72.82
N LYS D 125 23.64 52.61 73.97
CA LYS D 125 24.18 51.52 74.77
C LYS D 125 23.25 51.26 75.95
N ASN D 126 22.84 49.99 76.11
CA ASN D 126 21.97 49.58 77.20
C ASN D 126 22.85 49.19 78.39
N THR D 127 22.84 50.02 79.43
CA THR D 127 23.65 49.73 80.61
C THR D 127 23.17 48.49 81.34
N LEU D 128 21.86 48.22 81.32
CA LEU D 128 21.32 47.06 82.00
C LEU D 128 21.84 45.75 81.42
N SER D 129 21.90 45.64 80.09
CA SER D 129 22.38 44.44 79.42
C SER D 129 23.77 44.56 78.83
N ASP D 130 24.38 45.76 78.85
CA ASP D 130 25.71 45.97 78.27
C ASP D 130 25.72 45.62 76.78
N SER D 131 24.66 46.03 76.08
CA SER D 131 24.50 45.76 74.66
C SER D 131 24.09 47.03 73.94
N LEU D 132 24.52 47.15 72.69
CA LEU D 132 24.20 48.32 71.88
C LEU D 132 22.76 48.25 71.38
N ARG D 133 22.25 49.39 70.96
CA ARG D 133 20.88 49.51 70.46
C ARG D 133 20.89 50.44 69.25
N LEU D 134 20.52 49.90 68.09
CA LEU D 134 20.48 50.64 66.84
C LEU D 134 19.03 51.00 66.51
N ARG D 135 18.81 52.27 66.15
CA ARG D 135 17.50 52.76 65.77
C ARG D 135 17.63 53.53 64.46
N VAL D 136 16.75 53.22 63.51
CA VAL D 136 16.72 53.85 62.19
C VAL D 136 15.35 54.50 62.03
N ILE D 137 15.36 55.79 61.69
CA ILE D 137 14.14 56.58 61.51
C ILE D 137 14.12 57.12 60.09
N PHE D 138 13.00 56.94 59.40
CA PHE D 138 12.84 57.43 58.03
C PHE D 138 11.38 57.82 57.87
N GLN D 139 11.10 59.12 58.04
CA GLN D 139 9.73 59.60 58.10
C GLN D 139 9.00 59.43 56.77
N ASP D 140 9.71 59.42 55.65
CA ASP D 140 9.05 59.35 54.35
C ASP D 140 8.29 58.04 54.18
N ASP D 141 8.90 56.92 54.59
CA ASP D 141 8.23 55.62 54.58
C ASP D 141 7.54 55.29 55.91
N ARG D 142 7.59 56.19 56.89
CA ARG D 142 7.07 55.92 58.23
C ARG D 142 7.74 54.69 58.84
N PHE D 143 9.03 54.53 58.56
CA PHE D 143 9.80 53.39 59.03
C PHE D 143 10.53 53.76 60.31
N ASN D 144 10.29 53.00 61.38
CA ASN D 144 10.92 53.25 62.66
C ASN D 144 10.98 51.93 63.42
N GLU D 145 12.17 51.31 63.44
CA GLU D 145 12.41 50.05 64.12
C GLU D 145 13.69 50.14 64.93
N VAL D 146 13.75 49.35 65.99
CA VAL D 146 14.88 49.33 66.92
C VAL D 146 15.45 47.93 66.94
N TYR D 147 16.75 47.81 66.70
CA TYR D 147 17.47 46.53 66.75
C TYR D 147 18.12 46.43 68.12
N ASP D 148 17.37 45.89 69.09
CA ASP D 148 17.82 45.81 70.46
C ASP D 148 18.67 44.54 70.66
N ASN D 149 19.45 44.56 71.75
CA ASN D 149 20.29 43.42 72.13
C ASN D 149 21.33 43.11 71.07
N ILE D 150 21.99 44.15 70.56
CA ILE D 150 23.08 43.95 69.60
C ILE D 150 24.25 43.32 70.33
N GLY D 151 24.84 42.30 69.72
CA GLY D 151 25.89 41.54 70.38
C GLY D 151 25.31 40.60 71.42
N ASN D 152 26.16 40.21 72.37
CA ASN D 152 25.79 39.29 73.45
C ASN D 152 25.30 37.96 72.88
N ILE D 153 26.19 37.32 72.10
CA ILE D 153 25.80 36.12 71.38
C ILE D 153 25.58 34.94 72.33
N PHE D 154 26.43 34.80 73.35
CA PHE D 154 26.28 33.71 74.30
C PHE D 154 27.10 34.01 75.54
N THR D 155 26.96 33.15 76.54
CA THR D 155 27.62 33.29 77.83
C THR D 155 28.60 32.14 78.05
N ILE D 156 29.60 32.40 78.89
CA ILE D 156 30.54 31.39 79.37
C ILE D 156 30.59 31.47 80.88
N LYS D 157 30.41 30.34 81.55
CA LYS D 157 30.39 30.27 83.00
C LYS D 157 31.26 29.13 83.48
N TYR D 158 31.82 29.31 84.68
CA TYR D 158 32.71 28.33 85.30
C TYR D 158 32.22 28.04 86.71
N LYS D 159 32.05 26.75 87.02
CA LYS D 159 31.55 26.32 88.32
C LYS D 159 32.54 25.45 89.08
N GLY D 160 33.79 25.38 88.64
CA GLY D 160 34.78 24.59 89.34
C GLY D 160 35.19 25.21 90.66
N GLU D 161 35.89 24.42 91.47
CA GLU D 161 36.35 24.84 92.78
C GLU D 161 37.69 25.56 92.75
N GLU D 162 38.29 25.75 91.57
CA GLU D 162 39.57 26.43 91.48
C GLU D 162 39.41 27.91 91.83
N ALA D 163 40.56 28.57 92.01
CA ALA D 163 40.54 29.97 92.46
C ALA D 163 39.90 30.88 91.42
N ASN D 164 40.33 30.77 90.17
CA ASN D 164 39.84 31.65 89.12
C ASN D 164 39.89 30.93 87.78
N ALA D 165 39.11 31.43 86.83
CA ALA D 165 39.10 30.92 85.46
C ALA D 165 38.92 32.09 84.51
N THR D 166 39.69 32.08 83.42
CA THR D 166 39.67 33.16 82.44
C THR D 166 39.74 32.57 81.04
N PHE D 167 39.30 33.38 80.06
CA PHE D 167 39.36 33.00 78.66
C PHE D 167 39.82 34.20 77.85
N SER D 168 40.38 33.92 76.67
CA SER D 168 40.89 34.95 75.80
C SER D 168 40.68 34.54 74.35
N VAL D 169 40.68 35.53 73.46
CA VAL D 169 40.49 35.34 72.03
C VAL D 169 41.67 35.97 71.31
N GLU D 170 42.26 35.22 70.38
CA GLU D 170 43.40 35.67 69.59
C GLU D 170 42.96 35.92 68.15
N HIS D 171 43.51 36.98 67.56
CA HIS D 171 43.16 37.40 66.21
C HIS D 171 44.39 37.36 65.31
N ASP D 172 44.18 36.95 64.06
CA ASP D 172 45.25 36.95 63.08
C ASP D 172 45.58 38.38 62.67
N GLU D 173 46.87 38.70 62.67
CA GLU D 173 47.29 40.07 62.39
C GLU D 173 46.95 40.47 60.95
N GLU D 174 47.17 39.57 60.00
CA GLU D 174 46.96 39.91 58.59
C GLU D 174 45.50 40.19 58.29
N THR D 175 44.59 39.33 58.78
CA THR D 175 43.17 39.42 58.48
C THR D 175 42.35 40.09 59.57
N GLN D 176 42.91 40.22 60.78
CA GLN D 176 42.17 40.79 61.92
C GLN D 176 40.90 39.99 62.21
N LYS D 177 41.00 38.67 62.09
CA LYS D 177 39.90 37.75 62.35
C LYS D 177 40.28 36.80 63.47
N ALA D 178 39.30 36.44 64.29
CA ALA D 178 39.55 35.53 65.40
C ALA D 178 39.98 34.17 64.87
N SER D 179 40.97 33.57 65.55
CA SER D 179 41.57 32.31 65.13
C SER D 179 41.54 31.27 66.23
N ARG D 180 41.54 31.70 67.49
CA ARG D 180 41.59 30.80 68.63
C ARG D 180 40.69 31.33 69.73
N LEU D 181 40.21 30.40 70.59
CA LEU D 181 39.43 30.74 71.77
C LEU D 181 39.88 29.79 72.87
N VAL D 182 40.73 30.29 73.77
CA VAL D 182 41.39 29.48 74.78
C VAL D 182 40.66 29.68 76.11
N LEU D 183 40.34 28.57 76.77
CA LEU D 183 39.79 28.58 78.13
C LEU D 183 40.92 28.25 79.09
N LYS D 184 41.14 29.14 80.06
CA LYS D 184 42.27 29.05 80.99
C LYS D 184 41.75 28.99 82.42
N VAL D 185 42.29 28.05 83.19
CA VAL D 185 42.05 27.94 84.62
C VAL D 185 43.40 28.11 85.32
N GLY D 186 43.48 29.06 86.25
CA GLY D 186 44.74 29.40 86.86
C GLY D 186 45.69 30.02 85.86
N ASP D 187 46.87 29.42 85.69
CA ASP D 187 47.88 29.88 84.76
C ASP D 187 47.94 29.03 83.49
N GLN D 188 47.97 27.71 83.64
CA GLN D 188 48.10 26.83 82.48
C GLN D 188 46.78 26.76 81.70
N GLU D 189 46.90 26.49 80.40
CA GLU D 189 45.73 26.37 79.54
C GLU D 189 45.08 25.01 79.71
N VAL D 190 43.75 24.99 79.71
CA VAL D 190 42.96 23.77 79.85
C VAL D 190 42.64 23.22 78.47
N LYS D 191 41.93 23.99 77.67
CA LYS D 191 41.55 23.57 76.33
C LYS D 191 41.35 24.81 75.45
N SER D 192 41.63 24.65 74.16
CA SER D 192 41.50 25.72 73.19
C SER D 192 40.76 25.21 71.96
N TYR D 193 39.96 26.10 71.37
CA TYR D 193 39.20 25.82 70.16
C TYR D 193 39.80 26.61 69.00
N ASP D 194 40.08 25.92 67.89
CA ASP D 194 40.65 26.55 66.71
C ASP D 194 39.51 27.08 65.84
N LEU D 195 39.52 28.39 65.59
CA LEU D 195 38.48 29.07 64.83
C LEU D 195 38.87 29.30 63.37
N THR D 196 39.96 28.67 62.89
CA THR D 196 40.37 28.85 61.50
C THR D 196 39.32 28.31 60.55
N GLY D 197 38.76 27.15 60.84
CA GLY D 197 37.73 26.58 60.00
C GLY D 197 37.57 25.10 60.28
N GLY D 198 36.63 24.51 59.56
CA GLY D 198 36.37 23.08 59.67
C GLY D 198 35.38 22.73 60.76
N ALA D 199 35.90 22.23 61.89
CA ALA D 199 35.04 21.77 62.96
C ALA D 199 34.32 22.92 63.66
N TYR D 200 34.88 24.12 63.64
CA TYR D 200 34.35 25.28 64.35
C TYR D 200 34.14 26.44 63.39
N ASP D 201 33.48 26.17 62.27
CA ASP D 201 33.14 27.24 61.33
C ASP D 201 32.20 28.25 61.96
N TYR D 202 31.20 27.77 62.72
CA TYR D 202 30.19 28.60 63.36
C TYR D 202 30.28 28.45 64.87
N THR D 203 29.70 29.43 65.58
CA THR D 203 29.76 29.44 67.03
C THR D 203 28.91 28.35 67.67
N ASN D 204 27.98 27.75 66.92
CA ASN D 204 27.10 26.73 67.50
C ASN D 204 27.91 25.53 67.96
N ALA D 205 28.89 25.11 67.18
CA ALA D 205 29.73 23.97 67.58
C ALA D 205 30.53 24.29 68.84
N ILE D 206 30.98 25.54 68.97
CA ILE D 206 31.76 25.91 70.15
C ILE D 206 30.92 25.81 71.41
N ILE D 207 29.65 26.23 71.34
CA ILE D 207 28.79 26.21 72.52
C ILE D 207 28.57 24.78 73.00
N THR D 208 28.34 23.86 72.07
CA THR D 208 28.07 22.47 72.44
C THR D 208 29.28 21.84 73.13
N ASP D 209 30.48 22.09 72.61
CA ASP D 209 31.69 21.51 73.20
C ASP D 209 31.96 22.06 74.59
N ILE D 210 31.65 23.34 74.82
CA ILE D 210 31.89 23.93 76.14
C ILE D 210 31.04 23.25 77.20
N ASN D 211 29.77 22.98 76.87
CA ASN D 211 28.88 22.34 77.84
C ASN D 211 29.34 20.93 78.19
N GLN D 212 30.02 20.24 77.26
CA GLN D 212 30.48 18.89 77.53
C GLN D 212 31.54 18.84 78.62
N LEU D 213 32.27 19.92 78.85
CA LEU D 213 33.31 19.92 79.86
C LEU D 213 32.70 19.85 81.25
N PRO D 214 33.47 19.40 82.27
CA PRO D 214 32.87 19.24 83.61
C PRO D 214 32.44 20.56 84.24
N ASP D 215 33.34 21.54 84.25
CA ASP D 215 33.09 22.81 84.94
C ASP D 215 32.54 23.89 84.04
N PHE D 216 33.03 24.00 82.81
CA PHE D 216 32.61 25.06 81.90
C PHE D 216 31.19 24.81 81.41
N GLU D 217 30.45 25.91 81.23
CA GLU D 217 29.08 25.86 80.73
C GLU D 217 28.84 27.05 79.82
N ALA D 218 27.88 26.91 78.92
CA ALA D 218 27.54 27.96 77.97
C ALA D 218 26.09 27.80 77.55
N LYS D 219 25.48 28.93 77.19
CA LYS D 219 24.09 28.97 76.75
C LYS D 219 23.93 30.02 75.66
N LEU D 220 23.23 29.65 74.60
CA LEU D 220 22.96 30.60 73.52
C LEU D 220 22.01 31.69 73.99
N SER D 221 22.20 32.89 73.44
CA SER D 221 21.38 34.02 73.85
C SER D 221 19.93 33.79 73.40
N PRO D 222 18.94 34.25 74.19
CA PRO D 222 17.54 34.02 73.78
C PRO D 222 17.04 34.99 72.71
N PHE D 223 17.77 36.06 72.43
CA PHE D 223 17.30 37.10 71.49
C PHE D 223 17.60 36.66 70.06
N GLY D 224 16.87 35.65 69.62
CA GLY D 224 16.97 35.16 68.26
C GLY D 224 18.12 34.20 68.06
N ASP D 225 18.06 33.47 66.94
CA ASP D 225 19.10 32.52 66.56
C ASP D 225 20.11 33.25 65.69
N LYS D 226 21.22 33.66 66.31
CA LYS D 226 22.24 34.42 65.59
C LYS D 226 23.15 33.52 64.78
N ASN D 227 23.83 32.59 65.45
CA ASN D 227 24.74 31.64 64.80
C ASN D 227 25.83 32.37 64.01
N LEU D 228 26.43 33.37 64.65
CA LEU D 228 27.48 34.14 64.01
C LEU D 228 28.72 33.28 63.78
N GLU D 229 29.46 33.62 62.72
CA GLU D 229 30.69 32.90 62.42
C GLU D 229 31.73 33.14 63.52
N SER D 230 32.55 32.12 63.76
CA SER D 230 33.57 32.22 64.79
C SER D 230 34.65 33.24 64.44
N SER D 231 34.91 33.44 63.14
CA SER D 231 35.94 34.38 62.74
C SER D 231 35.58 35.82 63.06
N LYS D 232 34.30 36.13 63.23
CA LYS D 232 33.83 37.49 63.47
C LYS D 232 33.75 37.85 64.95
N LEU D 233 34.17 36.95 65.84
CA LEU D 233 34.14 37.24 67.27
C LEU D 233 35.11 38.36 67.62
N ASP D 234 34.77 39.11 68.66
CA ASP D 234 35.57 40.24 69.09
C ASP D 234 36.79 39.78 69.89
N LYS D 235 37.71 40.72 70.11
CA LYS D 235 38.96 40.44 70.81
C LYS D 235 38.79 40.70 72.30
N ILE D 236 38.94 39.66 73.11
CA ILE D 236 38.85 39.75 74.56
C ILE D 236 40.04 39.00 75.15
N GLU D 237 40.64 39.57 76.20
CA GLU D 237 41.77 38.97 76.87
C GLU D 237 41.65 39.17 78.37
N ASN D 238 41.88 38.10 79.13
CA ASN D 238 41.89 38.16 80.61
C ASN D 238 40.55 38.65 81.16
N ALA D 239 39.49 37.90 80.87
CA ALA D 239 38.16 38.18 81.37
C ALA D 239 37.79 37.17 82.44
N ASN D 240 37.48 37.65 83.64
CA ASN D 240 37.16 36.77 84.75
C ASN D 240 35.78 36.14 84.52
N ILE D 241 35.71 34.82 84.67
CA ILE D 241 34.50 34.06 84.42
C ILE D 241 33.80 33.67 85.72
N LYS D 242 34.56 33.32 86.75
CA LYS D 242 33.97 32.80 87.97
C LYS D 242 33.11 33.86 88.68
N ASP D 243 33.57 35.12 88.68
CA ASP D 243 32.84 36.17 89.39
C ASP D 243 31.47 36.40 88.74
N LYS D 244 31.44 36.54 87.42
CA LYS D 244 30.18 36.72 86.70
C LYS D 244 30.34 36.16 85.30
N ALA D 245 29.20 35.83 84.68
CA ALA D 245 29.21 35.34 83.32
C ALA D 245 29.66 36.44 82.37
N VAL D 246 30.53 36.09 81.43
CA VAL D 246 31.09 37.03 80.46
C VAL D 246 30.40 36.83 79.13
N TYR D 247 29.87 37.93 78.57
CA TYR D 247 29.21 37.90 77.27
C TYR D 247 30.22 38.19 76.18
N VAL D 248 30.24 37.33 75.15
CA VAL D 248 31.02 37.59 73.96
C VAL D 248 30.22 38.56 73.09
N LYS D 249 30.78 39.73 72.82
CA LYS D 249 30.00 40.80 72.20
C LYS D 249 29.85 40.58 70.71
N ALA D 250 30.95 40.63 69.96
CA ALA D 250 30.95 40.54 68.50
C ALA D 250 29.95 41.54 67.90
N VAL D 251 30.18 42.81 68.22
CA VAL D 251 29.20 43.85 67.88
C VAL D 251 29.06 44.02 66.37
N PHE D 252 30.18 43.97 65.64
CA PHE D 252 30.11 44.19 64.20
C PHE D 252 29.45 43.02 63.49
N GLY D 253 29.73 41.80 63.93
CA GLY D 253 29.15 40.64 63.27
C GLY D 253 27.64 40.57 63.41
N ASP D 254 27.11 40.98 64.56
CA ASP D 254 25.67 40.94 64.78
C ASP D 254 24.95 41.95 63.89
N LEU D 255 25.57 43.10 63.63
CA LEU D 255 24.93 44.11 62.79
C LEU D 255 24.73 43.59 61.36
N GLU D 256 25.73 42.88 60.82
CA GLU D 256 25.62 42.37 59.46
C GLU D 256 24.48 41.37 59.33
N LYS D 257 24.31 40.51 60.34
CA LYS D 257 23.25 39.49 60.27
C LYS D 257 21.87 40.13 60.20
N GLN D 258 21.66 41.22 60.95
CA GLN D 258 20.36 41.89 61.01
C GLN D 258 20.20 43.00 59.98
N THR D 259 21.23 43.27 59.15
CA THR D 259 21.16 44.35 58.17
C THR D 259 21.72 43.97 56.80
N ALA D 260 22.24 42.75 56.60
CA ALA D 260 22.77 42.38 55.30
C ALA D 260 21.66 42.34 54.24
N TYR D 261 20.49 41.80 54.61
CA TYR D 261 19.35 41.70 53.69
C TYR D 261 18.06 42.19 54.35
N ASN D 262 18.17 43.10 55.32
CA ASN D 262 17.02 43.66 56.00
C ASN D 262 17.30 45.13 56.30
N GLY D 263 16.22 45.89 56.48
CA GLY D 263 16.36 47.31 56.72
C GLY D 263 16.66 48.07 55.45
N ILE D 264 17.06 49.33 55.64
CA ILE D 264 17.35 50.26 54.54
C ILE D 264 18.82 50.65 54.55
N VAL D 265 19.44 50.66 55.72
CA VAL D 265 20.80 51.17 55.91
C VAL D 265 21.75 50.00 56.03
N SER D 266 22.85 50.06 55.29
CA SER D 266 23.95 49.12 55.39
C SER D 266 25.09 49.72 56.20
N PHE D 267 25.95 48.86 56.73
CA PHE D 267 27.05 49.26 57.60
C PHE D 267 28.33 48.57 57.17
N GLU D 268 29.45 49.28 57.34
CA GLU D 268 30.77 48.76 57.04
C GLU D 268 31.75 49.26 58.10
N GLN D 269 32.83 48.52 58.28
CA GLN D 269 33.86 48.82 59.27
C GLN D 269 35.02 49.55 58.59
N LEU D 270 35.44 50.66 59.18
CA LEU D 270 36.55 51.44 58.65
C LEU D 270 37.86 50.66 58.75
N LYS D 298 39.45 50.52 63.94
CA LYS D 298 38.63 51.46 64.70
C LYS D 298 37.76 50.73 65.71
N THR D 299 37.33 51.45 66.75
CA THR D 299 36.50 50.92 67.82
C THR D 299 35.08 51.45 67.66
N ILE D 300 34.11 50.54 67.68
CA ILE D 300 32.70 50.92 67.54
C ILE D 300 32.19 51.40 68.89
N GLU D 301 31.61 52.59 68.92
CA GLU D 301 31.06 53.19 70.11
C GLU D 301 29.73 53.85 69.76
N PRO D 302 28.87 54.11 70.75
CA PRO D 302 27.60 54.79 70.44
C PRO D 302 27.81 56.19 69.91
N PHE D 303 26.88 56.64 69.07
CA PHE D 303 26.86 58.00 68.56
C PHE D 303 25.41 58.48 68.52
N GLU D 304 25.26 59.81 68.59
CA GLU D 304 23.94 60.40 68.63
C GLU D 304 23.23 60.28 67.28
N LEU D 305 21.91 60.44 67.32
CA LEU D 305 21.09 60.37 66.12
C LEU D 305 21.43 61.52 65.17
N THR D 306 21.93 61.19 63.98
CA THR D 306 22.36 62.18 63.00
C THR D 306 21.87 61.78 61.61
N LYS D 307 21.44 62.78 60.84
CA LYS D 307 21.00 62.54 59.48
C LYS D 307 22.19 62.25 58.56
N LEU D 308 21.95 61.41 57.56
CA LEU D 308 22.97 61.11 56.57
C LEU D 308 23.11 62.26 55.59
N LYS D 309 24.23 62.26 54.86
CA LYS D 309 24.55 63.30 53.90
C LYS D 309 25.15 62.67 52.65
N GLY D 310 25.40 63.50 51.65
CA GLY D 310 25.99 63.07 50.41
C GLY D 310 25.02 62.62 49.35
N GLY D 311 23.74 62.50 49.67
CA GLY D 311 22.76 62.14 48.66
C GLY D 311 22.64 63.20 47.59
N THR D 312 22.77 62.80 46.33
CA THR D 312 22.71 63.73 45.22
C THR D 312 22.31 62.95 43.97
N ASN D 313 21.21 63.36 43.33
CA ASN D 313 20.78 62.71 42.09
C ASN D 313 21.80 62.93 40.98
N GLY D 314 22.51 64.06 40.99
CA GLY D 314 23.50 64.36 39.98
C GLY D 314 22.89 65.02 38.76
N GLU D 315 23.78 65.57 37.93
CA GLU D 315 23.33 66.23 36.71
C GLU D 315 22.81 65.18 35.73
N PRO D 316 21.89 65.56 34.83
CA PRO D 316 21.36 64.58 33.89
C PRO D 316 22.43 64.15 32.90
N PRO D 317 22.32 62.94 32.34
CA PRO D 317 23.35 62.49 31.41
C PRO D 317 23.37 63.31 30.13
N ALA D 318 24.56 63.47 29.57
CA ALA D 318 24.70 64.19 28.31
C ALA D 318 24.13 63.39 27.16
N THR D 319 24.33 62.07 27.17
CA THR D 319 23.84 61.18 26.13
C THR D 319 23.31 59.91 26.79
N TRP D 320 22.31 59.30 26.15
CA TRP D 320 21.68 58.09 26.64
C TRP D 320 22.25 56.82 26.00
N ALA D 321 23.32 56.94 25.20
CA ALA D 321 23.88 55.77 24.53
C ALA D 321 24.40 54.75 25.53
N ASP D 322 25.07 55.21 26.58
CA ASP D 322 25.58 54.28 27.59
C ASP D 322 24.44 53.60 28.34
N LYS D 323 23.36 54.33 28.60
CA LYS D 323 22.22 53.76 29.32
C LYS D 323 21.56 52.64 28.50
N LEU D 324 21.43 52.85 27.18
CA LEU D 324 20.74 51.87 26.34
C LEU D 324 21.52 50.57 26.22
N ASP D 325 22.85 50.62 26.38
CA ASP D 325 23.66 49.42 26.20
C ASP D 325 23.32 48.34 27.23
N LYS D 326 22.83 48.75 28.40
CA LYS D 326 22.47 47.77 29.43
C LYS D 326 21.25 46.94 29.05
N PHE D 327 20.42 47.42 28.12
CA PHE D 327 19.26 46.68 27.64
C PHE D 327 19.60 45.75 26.47
N ALA D 328 20.89 45.50 26.22
CA ALA D 328 21.28 44.73 25.04
C ALA D 328 20.79 43.29 25.13
N HIS D 329 21.07 42.63 26.25
CA HIS D 329 20.79 41.20 26.42
C HIS D 329 19.67 40.95 27.43
N GLU D 330 18.78 41.92 27.62
CA GLU D 330 17.66 41.77 28.55
C GLU D 330 16.44 41.11 27.92
N GLY D 331 16.45 40.89 26.60
CA GLY D 331 15.36 40.19 25.95
C GLY D 331 14.18 41.06 25.56
N GLY D 332 14.27 42.38 25.75
CA GLY D 332 13.17 43.25 25.37
C GLY D 332 13.09 43.48 23.87
N TYR D 333 11.89 43.88 23.44
CA TYR D 333 11.61 44.18 22.04
C TYR D 333 11.19 45.62 21.81
N TYR D 334 10.26 46.13 22.61
CA TYR D 334 9.77 47.49 22.49
C TYR D 334 10.42 48.37 23.54
N ILE D 335 10.86 49.56 23.13
CA ILE D 335 11.48 50.54 24.02
C ILE D 335 10.85 51.90 23.74
N VAL D 336 10.51 52.62 24.80
CA VAL D 336 9.86 53.92 24.70
C VAL D 336 10.66 54.94 25.51
N PRO D 337 11.61 55.67 24.91
CA PRO D 337 12.35 56.67 25.69
C PRO D 337 11.45 57.80 26.14
N LEU D 338 11.47 58.09 27.44
CA LEU D 338 10.62 59.13 28.02
C LEU D 338 11.33 60.49 27.95
N SER D 339 11.56 60.93 26.71
CA SER D 339 12.18 62.23 26.45
C SER D 339 11.74 62.72 25.10
N SER D 340 11.48 64.04 25.00
CA SER D 340 11.05 64.66 23.77
C SER D 340 12.20 65.16 22.90
N LYS D 341 13.43 65.09 23.39
CA LYS D 341 14.57 65.58 22.62
C LYS D 341 14.80 64.72 21.37
N GLN D 342 15.06 65.39 20.25
CA GLN D 342 15.35 64.66 19.02
C GLN D 342 16.65 63.89 19.10
N SER D 343 17.63 64.42 19.85
CA SER D 343 18.90 63.72 20.01
C SER D 343 18.71 62.38 20.71
N VAL D 344 17.85 62.35 21.74
CA VAL D 344 17.59 61.10 22.45
C VAL D 344 16.92 60.09 21.52
N HIS D 345 16.01 60.56 20.66
CA HIS D 345 15.36 59.66 19.72
C HIS D 345 16.35 59.05 18.75
N ALA D 346 17.33 59.84 18.28
CA ALA D 346 18.32 59.33 17.34
C ALA D 346 19.17 58.23 17.97
N GLU D 347 19.55 58.40 19.24
CA GLU D 347 20.36 57.39 19.91
C GLU D 347 19.60 56.07 20.03
N VAL D 348 18.32 56.14 20.41
CA VAL D 348 17.50 54.94 20.49
C VAL D 348 17.29 54.35 19.10
N ALA D 349 17.17 55.20 18.08
CA ALA D 349 17.02 54.71 16.71
C ALA D 349 18.25 53.92 16.28
N SER D 350 19.44 54.39 16.64
CA SER D 350 20.65 53.64 16.33
C SER D 350 20.77 52.40 17.19
N PHE D 351 20.30 52.44 18.44
CA PHE D 351 20.44 51.30 19.33
C PHE D 351 19.64 50.09 18.84
N VAL D 352 18.38 50.32 18.45
CA VAL D 352 17.56 49.20 17.97
C VAL D 352 18.12 48.64 16.67
N LYS D 353 18.68 49.50 15.82
CA LYS D 353 19.32 49.03 14.61
C LYS D 353 20.55 48.17 14.94
N GLU D 354 21.32 48.57 15.94
CA GLU D 354 22.54 47.83 16.29
C GLU D 354 22.21 46.42 16.75
N ARG D 355 21.21 46.28 17.63
CA ARG D 355 20.87 44.95 18.14
C ARG D 355 20.24 44.08 17.07
N SER D 356 19.48 44.68 16.15
CA SER D 356 18.91 43.91 15.04
C SER D 356 20.00 43.34 14.16
N ASP D 357 21.05 44.12 13.90
CA ASP D 357 22.18 43.61 13.12
C ASP D 357 22.89 42.48 13.85
N ALA D 358 22.85 42.47 15.18
CA ALA D 358 23.49 41.44 16.00
C ALA D 358 22.60 40.24 16.27
N GLY D 359 21.39 40.20 15.72
CA GLY D 359 20.47 39.09 15.92
C GLY D 359 19.47 39.27 17.05
N GLU D 360 19.31 40.49 17.56
CA GLU D 360 18.37 40.79 18.65
C GLU D 360 17.52 41.98 18.22
N PRO D 361 16.56 41.77 17.32
CA PRO D 361 15.78 42.91 16.80
C PRO D 361 14.95 43.58 17.88
N MET D 362 14.79 44.90 17.73
CA MET D 362 14.00 45.71 18.64
C MET D 362 13.36 46.84 17.84
N ARG D 363 12.34 47.44 18.44
CA ARG D 363 11.62 48.56 17.83
C ARG D 363 11.38 49.63 18.88
N ALA D 364 11.24 50.87 18.41
CA ALA D 364 11.12 52.04 19.28
C ALA D 364 9.88 52.84 18.90
N ILE D 365 9.28 53.45 19.92
CA ILE D 365 8.14 54.36 19.75
C ILE D 365 8.44 55.62 20.55
N VAL D 366 8.31 56.78 19.90
CA VAL D 366 8.67 58.06 20.48
C VAL D 366 7.56 59.08 20.20
N GLY D 367 7.59 60.16 20.95
CA GLY D 367 6.63 61.24 20.79
C GLY D 367 7.30 62.57 21.05
N GLY D 368 6.82 63.61 20.36
CA GLY D 368 7.43 64.93 20.42
C GLY D 368 6.65 65.97 21.19
N GLY D 369 7.13 66.30 22.39
CA GLY D 369 6.72 67.50 23.10
C GLY D 369 5.23 67.58 23.38
N PHE D 370 4.76 68.82 23.55
CA PHE D 370 3.36 69.13 23.81
C PHE D 370 2.80 69.89 22.62
N ASN D 371 1.71 69.36 22.04
CA ASN D 371 0.91 70.08 21.04
C ASN D 371 1.75 70.48 19.82
N GLU D 372 2.63 69.58 19.37
CA GLU D 372 3.44 69.87 18.20
C GLU D 372 2.57 69.87 16.94
N SER D 373 2.88 70.78 16.02
CA SER D 373 2.12 70.92 14.79
C SER D 373 2.57 69.89 13.76
N LYS D 374 1.87 69.86 12.62
CA LYS D 374 2.20 68.91 11.57
C LYS D 374 3.59 69.18 10.98
N GLU D 375 3.93 70.46 10.82
CA GLU D 375 5.22 70.81 10.24
C GLU D 375 6.37 70.33 11.13
N GLN D 376 6.23 70.49 12.44
CA GLN D 376 7.26 70.00 13.35
C GLN D 376 7.38 68.48 13.29
N LEU D 377 6.25 67.79 13.18
CA LEU D 377 6.27 66.34 13.15
C LEU D 377 6.97 65.82 11.89
N PHE D 378 6.80 66.52 10.76
CA PHE D 378 7.47 66.11 9.53
C PHE D 378 8.98 66.21 9.68
N GLY D 379 9.46 67.23 10.40
CA GLY D 379 10.89 67.34 10.63
C GLY D 379 11.46 66.17 11.42
N ARG D 380 10.73 65.76 12.46
CA ARG D 380 11.17 64.61 13.26
C ARG D 380 11.16 63.34 12.43
N GLN D 381 10.10 63.12 11.65
CA GLN D 381 10.01 61.91 10.85
C GLN D 381 11.07 61.86 9.77
N ALA D 382 11.34 63.00 9.13
CA ALA D 382 12.35 63.03 8.07
C ALA D 382 13.74 62.76 8.63
N SER D 383 14.03 63.26 9.83
CA SER D 383 15.35 63.08 10.41
C SER D 383 15.63 61.61 10.70
N LEU D 384 14.64 60.88 11.18
CA LEU D 384 14.86 59.48 11.57
C LEU D 384 14.84 58.57 10.34
N SER D 385 13.68 58.46 9.67
CA SER D 385 13.51 57.64 8.48
C SER D 385 13.93 56.19 8.73
N ASN D 386 13.62 55.68 9.93
CA ASN D 386 14.01 54.36 10.37
C ASN D 386 12.81 53.43 10.35
N PRO D 387 12.86 52.25 9.73
CA PRO D 387 11.72 51.32 9.84
C PRO D 387 11.41 50.90 11.26
N ARG D 388 12.43 50.78 12.12
CA ARG D 388 12.26 50.30 13.49
C ARG D 388 11.97 51.42 14.48
N VAL D 389 11.45 52.56 14.02
CA VAL D 389 11.09 53.67 14.88
C VAL D 389 9.73 54.20 14.44
N SER D 390 8.87 54.50 15.42
CA SER D 390 7.54 55.04 15.17
C SER D 390 7.38 56.33 15.95
N LEU D 391 6.77 57.32 15.31
CA LEU D 391 6.56 58.64 15.89
C LEU D 391 5.09 58.81 16.24
N VAL D 392 4.81 59.30 17.45
CA VAL D 392 3.46 59.53 17.95
C VAL D 392 3.23 61.03 18.01
N ALA D 393 2.14 61.49 17.40
CA ALA D 393 1.82 62.90 17.28
C ALA D 393 0.91 63.38 18.41
N ASN D 394 -0.17 62.66 18.66
CA ASN D 394 -1.18 63.13 19.61
C ASN D 394 -0.66 63.13 21.04
N SER D 395 -1.11 64.12 21.80
CA SER D 395 -0.85 64.23 23.22
C SER D 395 -2.16 64.56 23.93
N GLY D 396 -2.28 64.09 25.17
CA GLY D 396 -3.53 64.27 25.89
C GLY D 396 -3.36 64.04 27.38
N THR D 397 -4.50 63.90 28.05
CA THR D 397 -4.57 63.74 29.49
C THR D 397 -5.09 62.34 29.83
N PHE D 398 -4.44 61.70 30.81
CA PHE D 398 -4.80 60.37 31.27
C PHE D 398 -5.18 60.44 32.74
N VAL D 399 -6.23 59.71 33.11
CA VAL D 399 -6.70 59.63 34.49
C VAL D 399 -5.94 58.50 35.16
N MET D 400 -5.09 58.84 36.12
CA MET D 400 -4.29 57.84 36.83
C MET D 400 -5.09 57.19 37.95
N ASP D 401 -4.50 56.17 38.55
CA ASP D 401 -5.14 55.48 39.66
C ASP D 401 -5.35 56.41 40.86
N ASP D 402 -4.44 57.37 41.05
CA ASP D 402 -4.60 58.36 42.12
C ASP D 402 -5.71 59.35 41.86
N GLY D 403 -6.23 59.42 40.63
CA GLY D 403 -7.29 60.35 40.27
C GLY D 403 -6.82 61.63 39.62
N ARG D 404 -5.52 61.78 39.37
CA ARG D 404 -5.00 62.99 38.76
C ARG D 404 -5.29 63.00 37.26
N LYS D 405 -5.83 64.12 36.78
CA LYS D 405 -5.99 64.34 35.34
C LYS D 405 -4.71 64.98 34.81
N ASN D 406 -3.66 64.17 34.80
CA ASN D 406 -2.32 64.65 34.47
C ASN D 406 -2.18 64.80 32.96
N HIS D 407 -2.03 66.03 32.50
CA HIS D 407 -1.71 66.26 31.09
C HIS D 407 -0.27 65.86 30.84
N VAL D 408 -0.05 65.08 29.79
CA VAL D 408 1.26 64.47 29.51
C VAL D 408 1.62 64.75 28.06
N PRO D 409 2.91 64.71 27.73
CA PRO D 409 3.33 64.96 26.34
C PRO D 409 3.06 63.74 25.45
N ALA D 410 3.49 63.86 24.19
CA ALA D 410 3.20 62.82 23.20
C ALA D 410 3.88 61.51 23.54
N TYR D 411 5.13 61.55 24.01
CA TYR D 411 5.87 60.31 24.21
C TYR D 411 5.30 59.47 25.35
N MET D 412 4.52 60.07 26.25
CA MET D 412 3.82 59.26 27.26
C MET D 412 2.67 58.50 26.63
N VAL D 413 2.08 59.03 25.55
CA VAL D 413 1.06 58.28 24.82
C VAL D 413 1.67 57.07 24.16
N ALA D 414 2.93 57.18 23.72
CA ALA D 414 3.61 56.04 23.11
C ALA D 414 3.75 54.87 24.08
N VAL D 415 3.81 55.16 25.38
CA VAL D 415 3.87 54.09 26.37
C VAL D 415 2.61 53.23 26.30
N ALA D 416 1.45 53.88 26.18
CA ALA D 416 0.20 53.13 26.04
C ALA D 416 0.20 52.30 24.76
N LEU D 417 0.67 52.88 23.65
CA LEU D 417 0.79 52.12 22.41
C LEU D 417 1.80 50.99 22.55
N GLY D 418 2.95 51.28 23.18
CA GLY D 418 3.93 50.24 23.39
C GLY D 418 3.44 49.16 24.35
N GLY D 419 2.77 49.57 25.42
CA GLY D 419 2.19 48.59 26.33
C GLY D 419 1.11 47.77 25.67
N LEU D 420 0.26 48.42 24.87
CA LEU D 420 -0.76 47.69 24.12
C LEU D 420 -0.12 46.73 23.12
N ALA D 421 0.93 47.17 22.42
CA ALA D 421 1.58 46.32 21.44
C ALA D 421 2.22 45.11 22.11
N SER D 422 2.85 45.30 23.27
CA SER D 422 3.50 44.19 23.96
C SER D 422 2.46 43.16 24.41
N GLY D 423 1.30 43.61 24.88
CA GLY D 423 0.29 42.68 25.35
C GLY D 423 -0.37 41.90 24.23
N LEU D 424 -0.38 42.45 23.02
CA LEU D 424 -0.98 41.76 21.89
C LEU D 424 -0.11 40.57 21.46
N GLU D 425 -0.74 39.62 20.78
CA GLU D 425 -0.04 38.43 20.32
C GLU D 425 0.94 38.79 19.21
N ILE D 426 1.77 37.81 18.84
CA ILE D 426 2.76 38.02 17.80
C ILE D 426 2.05 38.16 16.46
N GLY D 427 2.39 39.21 15.72
CA GLY D 427 1.79 39.47 14.43
C GLY D 427 0.55 40.33 14.45
N GLU D 428 0.00 40.60 15.63
CA GLU D 428 -1.18 41.47 15.73
C GLU D 428 -0.77 42.93 15.59
N SER D 429 -1.74 43.76 15.24
CA SER D 429 -1.56 45.19 15.00
C SER D 429 -2.36 45.99 16.01
N ILE D 430 -1.93 47.24 16.20
CA ILE D 430 -2.62 48.17 17.10
C ILE D 430 -3.58 49.05 16.30
N THR D 431 -3.91 48.65 15.08
CA THR D 431 -4.78 49.45 14.24
C THR D 431 -6.22 49.36 14.74
N PHE D 432 -6.87 50.52 14.86
CA PHE D 432 -8.27 50.66 15.28
C PHE D 432 -8.51 50.18 16.71
N LYS D 433 -7.46 49.91 17.50
CA LYS D 433 -7.65 49.48 18.87
C LYS D 433 -7.95 50.67 19.77
N PRO D 434 -8.67 50.48 20.88
CA PRO D 434 -8.94 51.60 21.78
C PRO D 434 -7.69 52.01 22.53
N LEU D 435 -7.67 53.28 22.94
CA LEU D 435 -6.56 53.87 23.70
C LEU D 435 -6.92 54.18 25.15
N ARG D 436 -8.20 54.44 25.44
CA ARG D 436 -8.65 54.78 26.79
C ARG D 436 -7.93 56.04 27.30
N VAL D 437 -8.18 57.14 26.61
CA VAL D 437 -7.62 58.44 26.94
C VAL D 437 -8.77 59.42 27.19
N SER D 438 -8.64 60.22 28.25
CA SER D 438 -9.71 61.13 28.62
C SER D 438 -9.97 62.17 27.53
N SER D 439 -8.91 62.75 26.99
CA SER D 439 -9.05 63.78 25.96
C SER D 439 -7.70 63.98 25.28
N LEU D 440 -7.74 64.68 24.14
CA LEU D 440 -6.56 64.97 23.35
C LEU D 440 -6.48 66.47 23.10
N ASP D 441 -5.25 66.97 23.04
CA ASP D 441 -5.04 68.40 22.81
C ASP D 441 -5.56 68.82 21.44
N GLN D 442 -5.27 68.01 20.41
CA GLN D 442 -5.67 68.29 19.03
C GLN D 442 -6.55 67.15 18.53
N ILE D 443 -7.72 67.50 18.00
CA ILE D 443 -8.64 66.55 17.39
C ILE D 443 -8.47 66.73 15.88
N TYR D 444 -7.61 65.90 15.28
CA TYR D 444 -7.33 66.02 13.86
C TYR D 444 -8.56 65.66 13.04
N GLU D 445 -8.78 66.40 11.96
CA GLU D 445 -9.87 66.13 11.04
C GLU D 445 -9.50 64.97 10.12
N SER D 446 -10.43 64.60 9.24
CA SER D 446 -10.18 63.50 8.32
C SER D 446 -9.02 63.80 7.38
N ILE D 447 -8.95 65.04 6.87
CA ILE D 447 -7.87 65.40 5.95
C ILE D 447 -6.54 65.43 6.68
N ASP D 448 -6.52 65.90 7.94
CA ASP D 448 -5.29 65.97 8.69
C ASP D 448 -4.74 64.58 9.00
N LEU D 449 -5.61 63.63 9.32
CA LEU D 449 -5.17 62.27 9.62
C LEU D 449 -4.53 61.62 8.39
N ASP D 450 -5.09 61.86 7.21
CA ASP D 450 -4.53 61.27 6.00
C ASP D 450 -3.12 61.78 5.74
N GLU D 451 -2.88 63.08 5.94
CA GLU D 451 -1.55 63.63 5.71
C GLU D 451 -0.51 63.01 6.64
N LEU D 452 -0.86 62.84 7.93
CA LEU D 452 0.06 62.21 8.87
C LEU D 452 0.33 60.76 8.48
N ASN D 453 -0.71 60.04 8.04
CA ASN D 453 -0.52 58.66 7.61
C ASN D 453 0.37 58.60 6.37
N GLU D 454 0.18 59.53 5.43
CA GLU D 454 1.01 59.55 4.23
C GLU D 454 2.48 59.83 4.55
N ASN D 455 2.74 60.55 5.65
CA ASN D 455 4.09 60.86 6.07
C ASN D 455 4.64 59.87 7.10
N GLY D 456 3.96 58.75 7.31
CA GLY D 456 4.44 57.75 8.24
C GLY D 456 4.44 58.19 9.69
N ILE D 457 3.37 58.84 10.14
CA ILE D 457 3.23 59.32 11.51
C ILE D 457 1.95 58.73 12.09
N ILE D 458 2.04 58.14 13.27
CA ILE D 458 0.88 57.57 13.94
C ILE D 458 0.03 58.70 14.51
N SER D 459 -1.27 58.65 14.24
CA SER D 459 -2.22 59.65 14.72
C SER D 459 -3.42 58.94 15.35
N ILE D 460 -4.09 59.66 16.25
CA ILE D 460 -5.22 59.15 17.00
C ILE D 460 -6.42 60.04 16.70
N GLU D 461 -7.53 59.41 16.34
CA GLU D 461 -8.75 60.10 15.91
C GLU D 461 -9.85 59.94 16.95
N PHE D 462 -10.62 61.01 17.14
CA PHE D 462 -11.79 60.98 18.02
C PHE D 462 -13.00 60.59 17.18
N VAL D 463 -13.56 59.42 17.45
CA VAL D 463 -14.65 58.88 16.63
C VAL D 463 -15.94 59.58 17.05
N ARG D 464 -16.51 60.36 16.13
CA ARG D 464 -17.76 61.08 16.35
C ARG D 464 -18.93 60.47 15.57
N ASN D 465 -18.75 59.30 14.95
CA ASN D 465 -19.79 58.68 14.17
C ASN D 465 -20.83 57.95 15.02
N ARG D 466 -20.59 57.80 16.33
CA ARG D 466 -21.50 57.10 17.22
C ARG D 466 -21.69 57.93 18.48
N THR D 467 -22.81 57.66 19.18
CA THR D 467 -23.06 58.34 20.44
C THR D 467 -21.99 58.00 21.48
N ASN D 468 -21.59 56.73 21.54
CA ASN D 468 -20.53 56.28 22.44
C ASN D 468 -19.19 56.55 21.77
N THR D 469 -18.80 57.82 21.76
CA THR D 469 -17.56 58.23 21.13
C THR D 469 -16.36 57.67 21.87
N PHE D 470 -15.31 57.36 21.11
CA PHE D 470 -14.08 56.80 21.69
C PHE D 470 -12.94 57.09 20.74
N PHE D 471 -11.72 56.95 21.27
CA PHE D 471 -10.50 57.17 20.52
C PHE D 471 -9.95 55.85 20.00
N ARG D 472 -9.29 55.91 18.83
CA ARG D 472 -8.69 54.73 18.23
C ARG D 472 -7.49 55.14 17.41
N ILE D 473 -6.63 54.17 17.15
CA ILE D 473 -5.40 54.39 16.37
C ILE D 473 -5.72 54.10 14.90
N VAL D 474 -5.44 55.08 14.04
CA VAL D 474 -5.80 54.93 12.63
C VAL D 474 -4.91 53.88 11.96
N ASP D 475 -3.62 53.86 12.29
CA ASP D 475 -2.70 52.94 11.66
C ASP D 475 -1.41 52.88 12.49
N ASP D 476 -0.68 51.79 12.30
CA ASP D 476 0.60 51.54 12.98
C ASP D 476 1.77 51.71 12.02
N VAL D 477 1.65 52.65 11.08
CA VAL D 477 2.68 52.85 10.08
C VAL D 477 3.96 53.37 10.75
N THR D 478 5.10 52.95 10.22
CA THR D 478 6.40 53.38 10.72
C THR D 478 6.85 54.66 10.02
N THR D 479 8.00 55.19 10.48
CA THR D 479 8.54 56.39 9.86
C THR D 479 8.95 56.14 8.41
N PHE D 480 9.37 54.92 8.08
CA PHE D 480 9.74 54.58 6.72
C PHE D 480 8.50 54.63 5.84
N ASN D 481 8.44 55.64 4.96
CA ASN D 481 7.23 55.91 4.20
C ASN D 481 7.05 54.99 2.99
N ASP D 482 8.04 54.17 2.65
CA ASP D 482 7.95 53.29 1.49
C ASP D 482 6.95 52.18 1.79
N LYS D 483 5.69 52.38 1.38
CA LYS D 483 4.66 51.38 1.62
C LYS D 483 4.80 50.16 0.72
N SER D 484 5.67 50.20 -0.29
CA SER D 484 5.85 49.04 -1.16
C SER D 484 6.40 47.85 -0.38
N ASP D 485 7.20 48.09 0.66
CA ASP D 485 7.74 47.05 1.51
C ASP D 485 6.95 46.97 2.81
N PRO D 486 5.91 46.14 2.89
CA PRO D 486 5.11 46.11 4.13
C PRO D 486 5.88 45.66 5.36
N VAL D 487 6.99 44.92 5.19
CA VAL D 487 7.78 44.51 6.34
C VAL D 487 8.36 45.72 7.05
N LYS D 488 8.93 46.65 6.29
CA LYS D 488 9.49 47.87 6.89
C LYS D 488 8.41 48.88 7.25
N ALA D 489 7.36 48.98 6.42
CA ALA D 489 6.34 50.00 6.63
C ALA D 489 5.42 49.67 7.80
N GLU D 490 5.00 48.41 7.91
CA GLU D 490 4.01 48.00 8.90
C GLU D 490 4.71 47.35 10.08
N MET D 491 4.38 47.82 11.29
CA MET D 491 4.98 47.25 12.49
C MET D 491 4.58 45.80 12.69
N ALA D 492 3.29 45.48 12.48
CA ALA D 492 2.81 44.13 12.73
C ALA D 492 3.46 43.13 11.79
N VAL D 493 3.57 43.48 10.51
CA VAL D 493 4.18 42.55 9.55
C VAL D 493 5.66 42.37 9.86
N GLY D 494 6.37 43.46 10.14
CA GLY D 494 7.76 43.36 10.52
C GLY D 494 7.97 42.64 11.85
N GLU D 495 7.04 42.83 12.79
CA GLU D 495 7.15 42.14 14.08
C GLU D 495 7.09 40.63 13.90
N ALA D 496 6.17 40.15 13.05
CA ALA D 496 6.08 38.71 12.82
C ALA D 496 7.34 38.19 12.14
N ASN D 497 7.91 38.95 11.21
CA ASN D 497 9.13 38.53 10.53
C ASN D 497 10.29 38.44 11.51
N ASP D 498 10.40 39.39 12.43
CA ASP D 498 11.51 39.38 13.38
C ASP D 498 11.44 38.17 14.31
N PHE D 499 10.27 37.92 14.91
CA PHE D 499 10.13 36.79 15.80
C PHE D 499 10.25 35.48 15.06
N LEU D 500 9.69 35.39 13.85
CA LEU D 500 9.80 34.17 13.06
C LEU D 500 11.25 33.89 12.70
N VAL D 501 11.98 34.92 12.27
CA VAL D 501 13.37 34.75 11.89
C VAL D 501 14.24 34.51 13.13
N SER D 502 14.02 35.28 14.18
CA SER D 502 14.88 35.17 15.37
C SER D 502 14.69 33.83 16.07
N GLU D 503 13.44 33.40 16.24
CA GLU D 503 13.17 32.13 16.91
C GLU D 503 13.76 30.96 16.12
N LEU D 504 13.61 30.99 14.80
CA LEU D 504 14.17 29.93 13.96
C LEU D 504 15.70 29.91 14.06
N LYS D 505 16.32 31.09 14.18
CA LYS D 505 17.77 31.17 14.26
C LYS D 505 18.27 30.49 15.53
N VAL D 506 17.63 30.76 16.67
CA VAL D 506 18.09 30.22 17.94
C VAL D 506 17.85 28.71 18.01
N GLN D 507 16.67 28.26 17.59
CA GLN D 507 16.32 26.85 17.74
C GLN D 507 17.21 25.95 16.91
N LEU D 508 17.54 26.35 15.69
CA LEU D 508 18.37 25.52 14.83
C LEU D 508 19.76 25.34 15.40
N GLU D 509 20.34 26.41 15.97
CA GLU D 509 21.68 26.31 16.51
C GLU D 509 21.76 25.34 17.68
N ASP D 510 20.80 25.42 18.59
CA ASP D 510 20.83 24.54 19.77
C ASP D 510 20.59 23.08 19.40
N GLN D 511 19.87 22.83 18.31
CA GLN D 511 19.44 21.48 17.96
C GLN D 511 20.46 20.76 17.09
N PHE D 512 20.80 21.34 15.94
CA PHE D 512 21.51 20.62 14.89
C PHE D 512 23.02 20.89 14.87
N ILE D 513 23.48 22.06 15.30
CA ILE D 513 24.92 22.32 15.29
C ILE D 513 25.59 21.45 16.33
N GLY D 514 26.71 20.82 15.94
CA GLY D 514 27.43 19.90 16.80
C GLY D 514 27.00 18.45 16.68
N THR D 515 25.94 18.16 15.94
CA THR D 515 25.46 16.80 15.74
C THR D 515 26.09 16.18 14.50
N ARG D 516 26.12 14.85 14.47
CA ARG D 516 26.70 14.13 13.34
C ARG D 516 25.86 14.33 12.08
N THR D 517 26.54 14.36 10.95
CA THR D 517 25.88 14.47 9.64
C THR D 517 25.50 13.07 9.16
N ILE D 518 24.54 12.47 9.86
CA ILE D 518 24.07 11.13 9.53
C ILE D 518 23.27 11.18 8.24
N ASN D 519 22.97 10.01 7.67
CA ASN D 519 22.23 9.95 6.42
C ASN D 519 20.84 10.55 6.56
N THR D 520 20.19 10.32 7.71
CA THR D 520 18.84 10.82 7.96
C THR D 520 18.85 12.25 8.51
N SER D 521 19.97 12.97 8.43
CA SER D 521 20.00 14.33 8.94
C SER D 521 19.06 15.25 8.16
N ALA D 522 19.03 15.09 6.83
CA ALA D 522 18.16 15.94 6.01
C ALA D 522 16.69 15.70 6.34
N SER D 523 16.29 14.44 6.51
CA SER D 523 14.90 14.13 6.85
C SER D 523 14.54 14.68 8.22
N ILE D 524 15.45 14.57 9.19
CA ILE D 524 15.16 15.06 10.54
C ILE D 524 15.02 16.58 10.52
N ILE D 525 15.87 17.27 9.76
CA ILE D 525 15.79 18.73 9.68
C ILE D 525 14.47 19.15 9.03
N LYS D 526 14.07 18.43 7.99
CA LYS D 526 12.80 18.75 7.33
C LYS D 526 11.61 18.56 8.27
N ASP D 527 11.64 17.47 9.06
CA ASP D 527 10.56 17.25 10.01
C ASP D 527 10.53 18.33 11.08
N PHE D 528 11.69 18.77 11.55
CA PHE D 528 11.74 19.84 12.54
C PHE D 528 11.16 21.13 11.99
N ILE D 529 11.48 21.46 10.74
CA ILE D 529 10.97 22.69 10.13
C ILE D 529 9.46 22.65 10.00
N GLN D 530 8.92 21.52 9.55
CA GLN D 530 7.47 21.41 9.38
C GLN D 530 6.75 21.53 10.72
N SER D 531 7.28 20.92 11.77
CA SER D 531 6.68 21.05 13.09
C SER D 531 6.74 22.49 13.58
N TYR D 532 7.87 23.17 13.34
CA TYR D 532 8.00 24.56 13.76
C TYR D 532 7.00 25.46 13.02
N LEU D 533 6.88 25.27 11.70
CA LEU D 533 5.93 26.07 10.93
C LEU D 533 4.49 25.72 11.29
N GLY D 534 4.23 24.46 11.63
CA GLY D 534 2.89 24.07 12.04
C GLY D 534 2.44 24.78 13.30
N ARG D 535 3.37 24.96 14.25
CA ARG D 535 3.04 25.69 15.47
C ARG D 535 2.69 27.15 15.17
N LYS D 536 3.43 27.76 14.24
CA LYS D 536 3.14 29.14 13.86
C LYS D 536 1.75 29.25 13.25
N LYS D 537 1.38 28.32 12.38
CA LYS D 537 0.03 28.31 11.83
C LYS D 537 -1.01 28.05 12.92
N ARG D 538 -0.66 27.19 13.89
CA ARG D 538 -1.57 26.93 14.99
C ARG D 538 -1.83 28.18 15.82
N ASP D 539 -0.79 28.98 16.06
CA ASP D 539 -0.90 30.23 16.79
C ASP D 539 -1.25 31.42 15.90
N ASN D 540 -1.52 31.19 14.62
CA ASN D 540 -1.90 32.24 13.67
C ASN D 540 -0.81 33.30 13.52
N GLU D 541 0.45 32.92 13.76
CA GLU D 541 1.56 33.82 13.49
C GLU D 541 1.90 33.90 12.01
N ILE D 542 1.51 32.90 11.22
CA ILE D 542 1.65 32.93 9.78
C ILE D 542 0.34 32.44 9.16
N GLN D 543 0.14 32.77 7.88
CA GLN D 543 -1.08 32.37 7.20
C GLN D 543 -1.06 30.89 6.85
N ASP D 544 -0.09 30.47 6.05
CA ASP D 544 0.04 29.07 5.65
C ASP D 544 1.42 28.90 5.02
N PHE D 545 1.84 27.64 4.87
CA PHE D 545 3.08 27.31 4.20
C PHE D 545 2.88 26.02 3.41
N PRO D 546 3.52 25.88 2.24
CA PRO D 546 3.48 24.57 1.55
C PRO D 546 4.57 23.65 2.09
N ALA D 547 4.16 22.48 2.58
CA ALA D 547 5.12 21.54 3.13
C ALA D 547 6.00 20.93 2.04
N GLU D 548 5.47 20.76 0.82
CA GLU D 548 6.24 20.12 -0.24
C GLU D 548 7.45 20.95 -0.63
N ASP D 549 7.29 22.28 -0.69
CA ASP D 549 8.38 23.14 -1.12
C ASP D 549 9.53 23.21 -0.13
N VAL D 550 9.35 22.73 1.09
CA VAL D 550 10.43 22.74 2.08
C VAL D 550 11.47 21.71 1.65
N GLN D 551 12.63 22.19 1.21
CA GLN D 551 13.72 21.34 0.75
C GLN D 551 14.95 21.60 1.60
N VAL D 552 15.66 20.51 1.94
CA VAL D 552 16.86 20.56 2.77
C VAL D 552 17.99 19.89 2.00
N ILE D 553 19.12 20.57 1.90
CA ILE D 553 20.31 20.06 1.24
C ILE D 553 21.47 20.13 2.23
N VAL D 554 22.15 19.00 2.42
CA VAL D 554 23.27 18.88 3.35
C VAL D 554 24.51 18.50 2.56
N GLU D 555 25.58 19.25 2.75
CA GLU D 555 26.85 18.99 2.05
C GLU D 555 27.98 19.49 2.94
N GLY D 556 28.71 18.58 3.55
CA GLY D 556 29.79 18.97 4.44
C GLY D 556 29.25 19.70 5.67
N ASN D 557 30.01 20.70 6.12
CA ASN D 557 29.58 21.48 7.27
C ASN D 557 28.29 22.24 6.99
N GLU D 558 28.17 22.80 5.80
CA GLU D 558 27.00 23.60 5.45
C GLU D 558 25.76 22.72 5.33
N ALA D 559 24.60 23.31 5.62
CA ALA D 559 23.30 22.66 5.51
C ALA D 559 22.31 23.68 4.95
N ARG D 560 22.17 23.69 3.63
CA ARG D 560 21.29 24.66 2.98
C ARG D 560 19.83 24.28 3.21
N ILE D 561 19.02 25.27 3.57
CA ILE D 561 17.60 25.10 3.83
C ILE D 561 16.83 26.11 3.00
N SER D 562 15.74 25.66 2.38
CA SER D 562 14.85 26.52 1.61
C SER D 562 13.41 26.21 2.00
N MET D 563 12.63 27.27 2.21
CA MET D 563 11.24 27.13 2.61
C MET D 563 10.44 28.29 2.05
N THR D 564 9.12 28.08 1.97
CA THR D 564 8.17 29.10 1.54
C THR D 564 7.14 29.30 2.64
N VAL D 565 6.81 30.55 2.92
CA VAL D 565 5.86 30.92 3.96
C VAL D 565 4.98 32.06 3.43
N TYR D 566 3.67 31.94 3.65
CA TYR D 566 2.74 33.01 3.34
C TYR D 566 2.57 33.89 4.57
N PRO D 567 3.07 35.13 4.58
CA PRO D 567 3.06 35.89 5.84
C PRO D 567 1.66 36.32 6.26
N ILE D 568 1.49 36.48 7.57
CA ILE D 568 0.23 36.99 8.10
C ILE D 568 0.17 38.50 7.87
N ARG D 569 -1.02 39.00 7.57
CA ARG D 569 -1.23 40.40 7.25
C ARG D 569 -2.47 40.92 7.99
N SER D 570 -2.48 42.22 8.25
CA SER D 570 -3.58 42.89 8.91
C SER D 570 -4.41 43.64 7.88
N PHE D 571 -5.73 43.49 7.96
CA PHE D 571 -6.62 44.16 7.02
C PHE D 571 -6.50 45.68 7.17
N LYS D 572 -6.38 46.35 6.03
CA LYS D 572 -6.35 47.81 5.99
C LYS D 572 -7.18 48.41 4.86
N LYS D 573 -7.85 47.59 4.05
CA LYS D 573 -8.72 48.10 2.99
C LYS D 573 -9.73 47.02 2.65
N ILE D 574 -11.01 47.38 2.64
CA ILE D 574 -12.10 46.47 2.33
C ILE D 574 -12.91 47.10 1.20
N SER D 575 -12.93 46.43 0.05
CA SER D 575 -13.64 46.88 -1.13
C SER D 575 -14.91 46.06 -1.31
N VAL D 576 -16.04 46.74 -1.47
CA VAL D 576 -17.35 46.11 -1.65
C VAL D 576 -17.91 46.58 -2.99
N SER D 577 -18.34 45.63 -3.81
CA SER D 577 -18.94 45.89 -5.11
C SER D 577 -20.41 45.48 -5.03
N LEU D 578 -21.26 46.43 -4.64
CA LEU D 578 -22.70 46.18 -4.50
C LEU D 578 -23.38 46.39 -5.85
N VAL D 579 -24.12 45.37 -6.29
CA VAL D 579 -24.82 45.38 -7.56
C VAL D 579 -26.30 45.15 -7.30
N TYR D 580 -27.13 46.04 -7.83
CA TYR D 580 -28.58 45.93 -7.72
C TYR D 580 -29.15 45.29 -8.98
N LYS D 581 -30.13 44.40 -8.80
CA LYS D 581 -30.75 43.68 -9.90
C LYS D 581 -32.24 43.56 -9.64
N GLN D 582 -32.99 43.29 -10.70
CA GLN D 582 -34.43 43.11 -10.63
C GLN D 582 -34.79 41.66 -10.35
N GLN D 583 -35.92 41.47 -9.68
CA GLN D 583 -36.47 40.15 -9.41
C GLN D 583 -37.97 40.18 -9.70
N THR D 584 -38.47 39.09 -10.27
CA THR D 584 -39.86 38.96 -10.67
C THR D 584 -40.58 38.01 -9.71
N LEU D 585 -41.75 38.42 -9.24
CA LEU D 585 -42.57 37.65 -8.33
C LEU D 585 -43.80 37.12 -9.06
N GLN D 586 -44.29 35.98 -8.59
CA GLN D 586 -45.47 35.34 -9.17
C GLN D 586 -46.26 34.65 -8.07
N ALA D 587 -47.54 34.42 -8.36
CA ALA D 587 -48.44 33.74 -7.44
C ALA D 587 -48.56 34.48 -6.11
N VAL E 3 40.20 -24.61 12.72
CA VAL E 3 39.55 -25.91 12.64
C VAL E 3 40.25 -26.89 13.60
N GLU E 4 39.70 -27.04 14.79
CA GLU E 4 40.29 -27.92 15.78
C GLU E 4 39.87 -29.36 15.48
N PRO E 5 40.79 -30.29 15.22
CA PRO E 5 40.39 -31.67 14.98
C PRO E 5 40.06 -32.39 16.29
N PHE E 6 39.50 -33.60 16.14
CA PHE E 6 39.15 -34.43 17.27
C PHE E 6 39.17 -35.90 16.84
N PRO E 7 39.99 -36.78 17.46
CA PRO E 7 40.98 -36.56 18.52
C PRO E 7 42.23 -35.87 18.00
N ARG E 8 42.95 -35.13 18.86
CA ARG E 8 44.15 -34.45 18.40
C ARG E 8 45.26 -35.44 18.06
N ARG E 9 45.33 -36.56 18.77
CA ARG E 9 46.31 -37.59 18.47
C ARG E 9 45.81 -38.43 17.29
N PRO E 10 46.54 -38.50 16.17
CA PRO E 10 46.09 -39.38 15.08
C PRO E 10 46.13 -40.84 15.50
N ILE E 11 45.18 -41.61 14.96
CA ILE E 11 45.12 -43.06 15.15
C ILE E 11 44.84 -43.70 13.80
N THR E 12 45.64 -44.71 13.45
CA THR E 12 45.53 -45.34 12.14
C THR E 12 44.47 -46.44 12.10
N ARG E 13 44.03 -46.95 13.25
CA ARG E 13 42.99 -47.96 13.27
C ARG E 13 41.65 -47.34 12.88
N PRO E 14 40.65 -48.16 12.52
CA PRO E 14 39.34 -47.60 12.18
C PRO E 14 38.75 -46.82 13.35
N HIS E 15 38.12 -45.69 13.02
CA HIS E 15 37.60 -44.76 14.02
C HIS E 15 36.74 -43.74 13.31
N ALA E 16 36.26 -42.76 14.07
CA ALA E 16 35.51 -41.62 13.55
C ALA E 16 36.20 -40.34 14.00
N SER E 17 36.44 -39.43 13.05
CA SER E 17 37.13 -38.17 13.31
C SER E 17 36.17 -37.01 13.05
N ILE E 18 36.19 -36.03 13.96
CA ILE E 18 35.33 -34.85 13.88
C ILE E 18 36.23 -33.63 13.85
N GLU E 19 36.01 -32.78 12.85
CA GLU E 19 36.73 -31.51 12.71
C GLU E 19 35.79 -30.39 13.14
N VAL E 20 36.14 -29.71 14.23
CA VAL E 20 35.31 -28.66 14.82
C VAL E 20 35.80 -27.32 14.30
N ASP E 21 34.90 -26.58 13.65
CA ASP E 21 35.18 -25.25 13.12
C ASP E 21 34.48 -24.24 14.03
N THR E 22 35.27 -23.54 14.86
CA THR E 22 34.72 -22.61 15.83
C THR E 22 34.50 -21.21 15.26
N SER E 23 34.83 -20.97 14.00
CA SER E 23 34.60 -19.66 13.41
C SER E 23 33.10 -19.44 13.19
N GLY E 24 32.72 -18.17 13.07
CA GLY E 24 31.35 -17.78 12.84
C GLY E 24 30.53 -17.52 14.08
N ILE E 25 31.08 -17.80 15.27
CA ILE E 25 30.40 -17.52 16.54
C ILE E 25 31.23 -16.55 17.37
N GLY E 26 32.54 -16.54 17.16
CA GLY E 26 33.41 -15.64 17.88
C GLY E 26 33.23 -14.19 17.47
N SER E 32 36.17 1.53 19.99
CA SER E 32 37.30 1.72 20.88
C SER E 32 36.87 2.42 22.16
N GLU E 33 37.62 2.18 23.25
CA GLU E 33 37.27 2.77 24.53
C GLU E 33 37.62 4.25 24.60
N LYS E 34 38.67 4.68 23.89
CA LYS E 34 39.12 6.08 23.89
C LYS E 34 39.45 6.52 25.31
N VAL E 35 40.49 5.90 25.87
CA VAL E 35 40.87 6.15 27.25
C VAL E 35 41.48 7.55 27.38
N PHE E 36 41.25 8.17 28.53
CA PHE E 36 41.73 9.51 28.84
C PHE E 36 42.99 9.43 29.71
N CYS E 37 43.83 10.45 29.61
CA CYS E 37 45.11 10.49 30.31
C CYS E 37 45.26 11.81 31.06
N LEU E 38 46.01 11.77 32.16
CA LEU E 38 46.29 12.94 32.96
C LEU E 38 47.68 12.82 33.57
N ILE E 39 48.40 13.93 33.60
CA ILE E 39 49.73 14.02 34.22
C ILE E 39 49.75 15.29 35.07
N GLY E 40 50.23 15.16 36.31
CA GLY E 40 50.31 16.31 37.18
C GLY E 40 50.84 15.92 38.54
N GLN E 41 50.90 16.91 39.42
CA GLN E 41 51.41 16.70 40.77
C GLN E 41 50.42 15.89 41.60
N ALA E 42 50.96 15.08 42.50
CA ALA E 42 50.14 14.28 43.40
C ALA E 42 50.94 13.94 44.64
N GLU E 43 50.23 13.58 45.71
CA GLU E 43 50.83 13.21 46.99
C GLU E 43 50.83 11.70 47.22
N GLY E 44 50.69 10.90 46.16
CA GLY E 44 50.68 9.46 46.30
C GLY E 44 50.88 8.79 44.96
N GLY E 45 51.18 7.50 45.04
CA GLY E 45 51.44 6.69 43.86
C GLY E 45 52.91 6.60 43.52
N GLU E 46 53.29 5.51 42.87
CA GLU E 46 54.68 5.30 42.53
C GLU E 46 55.11 6.28 41.44
N PRO E 47 56.39 6.63 41.37
CA PRO E 47 56.85 7.52 40.29
C PRO E 47 57.03 6.78 38.98
N ASN E 48 56.75 7.48 37.89
CA ASN E 48 56.90 6.95 36.54
C ASN E 48 56.08 5.67 36.35
N THR E 49 54.87 5.66 36.89
CA THR E 49 53.97 4.52 36.82
C THR E 49 52.58 4.99 36.40
N VAL E 50 51.96 4.23 35.50
CA VAL E 50 50.62 4.52 35.01
C VAL E 50 49.63 3.59 35.70
N TYR E 51 48.60 4.17 36.29
CA TYR E 51 47.57 3.43 37.02
C TYR E 51 46.23 3.62 36.32
N GLU E 52 45.52 2.52 36.09
CA GLU E 52 44.19 2.58 35.50
C GLU E 52 43.18 2.95 36.59
N LEU E 53 42.39 3.98 36.32
CA LEU E 53 41.42 4.51 37.27
C LEU E 53 40.01 4.32 36.72
N ARG E 54 39.11 3.81 37.57
CA ARG E 54 37.72 3.60 37.22
C ARG E 54 36.74 4.27 38.17
N ASN E 55 37.14 4.55 39.42
CA ASN E 55 36.29 5.21 40.40
C ASN E 55 37.10 6.27 41.12
N TYR E 56 36.39 7.27 41.65
CA TYR E 56 37.07 8.33 42.41
C TYR E 56 37.67 7.81 43.70
N SER E 57 37.05 6.78 44.30
CA SER E 57 37.60 6.22 45.53
C SER E 57 38.98 5.61 45.29
N GLN E 58 39.15 4.92 44.17
CA GLN E 58 40.45 4.34 43.85
C GLN E 58 41.52 5.42 43.68
N ALA E 59 41.17 6.52 43.00
CA ALA E 59 42.13 7.60 42.80
C ALA E 59 42.50 8.26 44.13
N LYS E 60 41.52 8.47 45.00
CA LYS E 60 41.80 9.11 46.28
C LYS E 60 42.71 8.23 47.15
N ARG E 61 42.46 6.92 47.16
CA ARG E 61 43.33 6.01 47.90
C ARG E 61 44.74 6.01 47.32
N LEU E 62 44.85 6.02 46.00
CA LEU E 62 46.16 6.05 45.35
C LEU E 62 46.81 7.43 45.47
N PHE E 63 46.16 8.45 44.91
CA PHE E 63 46.62 9.83 45.00
C PHE E 63 45.90 10.49 46.18
N ARG E 64 46.67 10.80 47.23
CA ARG E 64 46.05 11.33 48.45
C ARG E 64 45.44 12.70 48.20
N SER E 65 46.17 13.58 47.51
CA SER E 65 45.69 14.93 47.25
C SER E 65 46.60 15.56 46.20
N GLY E 66 46.15 16.69 45.66
CA GLY E 66 46.88 17.44 44.67
C GLY E 66 45.99 17.89 43.54
N GLU E 67 46.60 18.60 42.59
CA GLU E 67 45.85 19.07 41.42
C GLU E 67 45.46 17.92 40.51
N LEU E 68 46.23 16.83 40.51
CA LEU E 68 45.90 15.69 39.67
C LEU E 68 44.59 15.04 40.12
N LEU E 69 44.36 14.94 41.43
CA LEU E 69 43.12 14.37 41.93
C LEU E 69 41.92 15.23 41.55
N ASP E 70 42.09 16.55 41.62
CA ASP E 70 41.01 17.46 41.20
C ASP E 70 40.70 17.30 39.72
N ALA E 71 41.73 17.10 38.90
CA ALA E 71 41.52 16.90 37.48
C ALA E 71 40.71 15.63 37.20
N ILE E 72 40.99 14.56 37.94
CA ILE E 72 40.23 13.32 37.80
C ILE E 72 38.77 13.56 38.18
N GLU E 73 38.55 14.29 39.27
CA GLU E 73 37.19 14.62 39.68
C GLU E 73 36.47 15.45 38.62
N LEU E 74 37.16 16.43 38.05
CA LEU E 74 36.54 17.30 37.07
C LEU E 74 36.28 16.58 35.75
N ALA E 75 37.10 15.59 35.42
CA ALA E 75 36.94 14.89 34.14
C ALA E 75 35.62 14.15 34.07
N TRP E 76 35.27 13.43 35.15
CA TRP E 76 34.01 12.69 35.17
C TRP E 76 32.81 13.61 35.38
N GLY E 77 32.98 14.72 36.08
CA GLY E 77 31.89 15.63 36.32
C GLY E 77 31.51 16.50 35.14
N SER E 78 32.34 16.54 34.09
CA SER E 78 32.04 17.36 32.93
C SER E 78 30.95 16.76 32.05
N ASN E 79 30.71 15.44 32.15
CA ASN E 79 29.72 14.74 31.34
C ASN E 79 28.87 13.83 32.22
N PRO E 80 27.94 14.40 32.99
CA PRO E 80 27.05 13.55 33.79
C PRO E 80 26.16 12.63 32.96
N ASN E 81 25.89 12.97 31.71
CA ASN E 81 24.97 12.23 30.86
C ASN E 81 25.66 11.17 30.00
N TYR E 82 26.95 10.94 30.18
CA TYR E 82 27.71 9.97 29.40
C TYR E 82 28.48 9.04 30.34
N THR E 83 28.92 7.92 29.78
CA THR E 83 29.61 6.92 30.58
C THR E 83 30.94 7.46 31.09
N ALA E 84 31.29 7.08 32.32
CA ALA E 84 32.55 7.47 32.95
C ALA E 84 33.61 6.48 32.50
N GLY E 85 34.47 6.91 31.57
CA GLY E 85 35.49 6.04 31.03
C GLY E 85 36.73 5.98 31.91
N ARG E 86 37.66 5.12 31.49
CA ARG E 86 38.91 4.95 32.22
C ARG E 86 39.77 6.20 32.12
N ILE E 87 40.57 6.43 33.15
CA ILE E 87 41.51 7.54 33.20
C ILE E 87 42.87 6.99 33.62
N LEU E 88 43.93 7.42 32.93
CA LEU E 88 45.29 7.05 33.24
C LEU E 88 45.99 8.23 33.90
N ALA E 89 46.65 7.97 35.02
CA ALA E 89 47.25 9.01 35.85
C ALA E 89 48.71 8.70 36.13
N MET E 90 49.50 9.76 36.32
CA MET E 90 50.91 9.63 36.63
C MET E 90 51.33 10.78 37.54
N ARG E 91 52.29 10.51 38.42
CA ARG E 91 52.85 11.51 39.32
C ARG E 91 54.18 11.97 38.77
N ILE E 92 54.28 13.27 38.46
CA ILE E 92 55.52 13.82 37.94
C ILE E 92 56.62 13.81 39.01
N GLU E 93 56.25 14.02 40.27
CA GLU E 93 57.24 14.14 41.32
C GLU E 93 58.01 12.84 41.49
N ASP E 94 59.35 12.96 41.59
CA ASP E 94 60.22 11.81 41.78
C ASP E 94 60.36 11.49 43.27
N ALA E 95 59.23 11.13 43.87
CA ALA E 95 59.21 10.83 45.29
C ALA E 95 59.95 9.53 45.58
N LYS E 96 60.38 9.39 46.84
CA LYS E 96 61.10 8.23 47.33
C LYS E 96 60.42 7.71 48.59
N PRO E 97 60.56 6.43 48.91
CA PRO E 97 59.85 5.89 50.08
C PRO E 97 60.61 6.15 51.37
N ALA E 98 59.86 6.44 52.43
CA ALA E 98 60.45 6.61 53.74
C ALA E 98 60.95 5.26 54.26
N SER E 99 62.11 5.26 54.91
CA SER E 99 62.72 4.04 55.42
C SER E 99 63.52 4.37 56.66
N ALA E 100 63.72 3.34 57.49
CA ALA E 100 64.50 3.47 58.71
C ALA E 100 65.08 2.12 59.06
N GLU E 101 66.41 2.06 59.17
CA GLU E 101 67.13 0.83 59.49
C GLU E 101 67.31 0.77 61.00
N ILE E 102 66.44 0.02 61.67
CA ILE E 102 66.49 -0.19 63.11
C ILE E 102 66.32 -1.67 63.39
N GLY E 103 67.12 -2.20 64.31
CA GLY E 103 67.07 -3.62 64.59
C GLY E 103 67.56 -4.44 63.41
N GLY E 104 67.04 -5.67 63.32
CA GLY E 104 67.40 -6.60 62.27
C GLY E 104 66.53 -6.54 61.03
N LEU E 105 65.65 -5.55 60.92
CA LEU E 105 64.73 -5.43 59.80
C LEU E 105 64.94 -4.08 59.12
N LYS E 106 65.00 -4.09 57.78
CA LYS E 106 65.05 -2.87 56.99
C LYS E 106 63.62 -2.46 56.65
N ILE E 107 63.14 -1.41 57.30
CA ILE E 107 61.76 -0.97 57.17
C ILE E 107 61.65 0.00 56.00
N THR E 108 60.68 -0.24 55.12
CA THR E 108 60.41 0.61 53.98
C THR E 108 58.90 0.81 53.86
N SER E 109 58.50 2.04 53.53
CA SER E 109 57.09 2.41 53.44
C SER E 109 56.65 2.40 51.98
N LYS E 110 55.49 1.80 51.73
CA LYS E 110 54.94 1.75 50.38
C LYS E 110 54.47 3.12 49.90
N ILE E 111 54.17 4.05 50.81
CA ILE E 111 53.76 5.39 50.43
C ILE E 111 55.00 6.21 50.08
N TYR E 112 54.91 6.96 48.99
CA TYR E 112 56.02 7.78 48.49
C TYR E 112 55.70 9.25 48.73
N GLY E 113 56.66 9.96 49.33
CA GLY E 113 56.55 11.38 49.60
C GLY E 113 56.79 11.70 51.06
N ASN E 114 56.61 12.98 51.38
CA ASN E 114 56.78 13.44 52.76
C ASN E 114 55.72 12.88 53.69
N VAL E 115 54.58 12.44 53.16
CA VAL E 115 53.51 11.90 54.01
C VAL E 115 53.97 10.63 54.70
N ALA E 116 54.84 9.85 54.04
CA ALA E 116 55.31 8.59 54.62
C ALA E 116 56.17 8.80 55.87
N ASN E 117 56.71 10.01 56.07
CA ASN E 117 57.55 10.26 57.24
C ASN E 117 56.78 10.15 58.55
N ASN E 118 55.45 10.31 58.52
CA ASN E 118 54.64 10.21 59.73
C ASN E 118 54.37 8.77 60.15
N ILE E 119 54.76 7.79 59.34
CA ILE E 119 54.51 6.40 59.68
C ILE E 119 55.36 6.00 60.88
N GLN E 120 54.76 5.28 61.82
CA GLN E 120 55.42 4.80 63.03
C GLN E 120 55.41 3.27 63.03
N VAL E 121 56.54 2.68 63.37
CA VAL E 121 56.70 1.22 63.41
C VAL E 121 57.42 0.85 64.70
N GLY E 122 56.92 -0.18 65.38
CA GLY E 122 57.54 -0.64 66.61
C GLY E 122 57.23 -2.09 66.90
N LEU E 123 58.20 -2.78 67.50
CA LEU E 123 58.07 -4.19 67.88
C LEU E 123 58.09 -4.32 69.40
N GLU E 124 57.20 -5.17 69.91
CA GLU E 124 57.12 -5.49 71.33
C GLU E 124 57.08 -7.00 71.51
N LYS E 125 57.72 -7.48 72.57
CA LYS E 125 57.82 -8.91 72.86
C LYS E 125 56.85 -9.26 73.97
N ASN E 126 56.02 -10.27 73.72
CA ASN E 126 55.05 -10.75 74.69
C ASN E 126 55.71 -11.83 75.54
N THR E 127 55.99 -11.50 76.80
CA THR E 127 56.63 -12.48 77.69
C THR E 127 55.72 -13.66 77.98
N LEU E 128 54.41 -13.44 78.04
CA LEU E 128 53.47 -14.52 78.32
C LEU E 128 53.49 -15.60 77.25
N SER E 129 53.52 -15.22 75.96
CA SER E 129 53.54 -16.15 74.85
C SER E 129 54.90 -16.30 74.19
N ASP E 130 55.89 -15.49 74.55
CA ASP E 130 57.22 -15.52 73.93
C ASP E 130 57.12 -15.27 72.42
N SER E 131 56.29 -14.30 72.04
CA SER E 131 56.05 -13.93 70.65
C SER E 131 56.14 -12.42 70.50
N LEU E 132 56.60 -11.99 69.32
CA LEU E 132 56.73 -10.58 69.04
C LEU E 132 55.36 -9.97 68.73
N ARG E 133 55.30 -8.64 68.81
CA ARG E 133 54.08 -7.89 68.56
C ARG E 133 54.42 -6.64 67.77
N LEU E 134 53.90 -6.54 66.56
CA LEU E 134 54.14 -5.42 65.66
C LEU E 134 52.94 -4.50 65.67
N ARG E 135 53.19 -3.19 65.82
CA ARG E 135 52.15 -2.17 65.81
C ARG E 135 52.56 -1.06 64.86
N VAL E 136 51.63 -0.68 63.97
CA VAL E 136 51.84 0.38 62.99
C VAL E 136 50.81 1.46 63.23
N ILE E 137 51.27 2.70 63.39
CA ILE E 137 50.43 3.86 63.66
C ILE E 137 50.62 4.86 62.54
N PHE E 138 49.52 5.35 61.98
CA PHE E 138 49.57 6.34 60.91
C PHE E 138 48.34 7.25 61.08
N GLN E 139 48.56 8.39 61.73
CA GLN E 139 47.43 9.24 62.13
C GLN E 139 46.70 9.84 60.94
N ASP E 140 47.39 10.01 59.81
CA ASP E 140 46.76 10.67 58.66
C ASP E 140 45.59 9.86 58.13
N ASP E 141 45.74 8.54 58.04
CA ASP E 141 44.65 7.64 57.65
C ASP E 141 43.88 7.09 58.84
N ARG E 142 44.23 7.48 60.07
CA ARG E 142 43.63 6.92 61.28
C ARG E 142 43.81 5.39 61.31
N PHE E 143 44.96 4.93 60.85
CA PHE E 143 45.26 3.51 60.77
C PHE E 143 46.06 3.11 62.00
N ASN E 144 45.55 2.12 62.75
CA ASN E 144 46.22 1.63 63.94
C ASN E 144 45.79 0.19 64.16
N GLU E 145 46.68 -0.74 63.81
CA GLU E 145 46.43 -2.17 63.96
C GLU E 145 47.66 -2.83 64.59
N VAL E 146 47.42 -3.93 65.28
CA VAL E 146 48.45 -4.68 65.99
C VAL E 146 48.48 -6.09 65.43
N TYR E 147 49.66 -6.55 64.99
CA TYR E 147 49.86 -7.90 64.50
C TYR E 147 50.42 -8.73 65.66
N ASP E 148 49.52 -9.30 66.44
CA ASP E 148 49.89 -10.06 67.63
C ASP E 148 50.23 -11.50 67.26
N ASN E 149 50.95 -12.16 68.17
CA ASN E 149 51.31 -13.57 68.02
C ASN E 149 52.19 -13.79 66.79
N ILE E 150 53.18 -12.92 66.60
CA ILE E 150 54.13 -13.10 65.51
C ILE E 150 55.00 -14.31 65.81
N GLY E 151 55.18 -15.17 64.81
CA GLY E 151 55.88 -16.42 65.02
C GLY E 151 54.99 -17.43 65.72
N ASN E 152 55.64 -18.41 66.35
CA ASN E 152 54.95 -19.49 67.07
C ASN E 152 54.01 -20.26 66.12
N ILE E 153 54.62 -20.81 65.07
CA ILE E 153 53.83 -21.44 64.01
C ILE E 153 53.20 -22.74 64.50
N PHE E 154 53.92 -23.53 65.30
CA PHE E 154 53.38 -24.79 65.80
C PHE E 154 54.25 -25.27 66.95
N THR E 155 53.79 -26.35 67.60
CA THR E 155 54.44 -26.93 68.75
C THR E 155 54.94 -28.34 68.43
N ILE E 156 55.96 -28.78 69.16
CA ILE E 156 56.46 -30.14 69.12
C ILE E 156 56.53 -30.66 70.55
N LYS E 157 55.94 -31.83 70.78
CA LYS E 157 55.87 -32.43 72.12
C LYS E 157 56.29 -33.89 72.04
N TYR E 158 56.85 -34.38 73.14
CA TYR E 158 57.33 -35.76 73.25
C TYR E 158 56.75 -36.36 74.52
N LYS E 159 56.13 -37.54 74.37
CA LYS E 159 55.48 -38.24 75.48
C LYS E 159 56.09 -39.62 75.75
N GLY E 160 57.24 -39.93 75.16
CA GLY E 160 57.86 -41.21 75.39
C GLY E 160 58.46 -41.30 76.79
N GLU E 161 58.81 -42.53 77.16
CA GLU E 161 59.38 -42.81 78.47
C GLU E 161 60.90 -42.64 78.53
N GLU E 162 61.53 -42.22 77.43
CA GLU E 162 62.97 -42.05 77.43
C GLU E 162 63.35 -40.85 78.29
N ALA E 163 64.65 -40.73 78.56
CA ALA E 163 65.14 -39.70 79.48
C ALA E 163 64.88 -38.30 78.92
N ASN E 164 65.26 -38.06 77.66
CA ASN E 164 65.13 -36.73 77.07
C ASN E 164 64.94 -36.87 75.56
N ALA E 165 64.40 -35.81 74.96
CA ALA E 165 64.21 -35.73 73.52
C ALA E 165 64.49 -34.30 73.07
N THR E 166 65.20 -34.16 71.97
CA THR E 166 65.60 -32.85 71.44
C THR E 166 65.46 -32.85 69.93
N PHE E 167 65.35 -31.65 69.37
CA PHE E 167 65.28 -31.46 67.93
C PHE E 167 66.16 -30.27 67.55
N SER E 168 66.58 -30.26 66.29
CA SER E 168 67.45 -29.20 65.78
C SER E 168 67.12 -28.95 64.32
N VAL E 169 67.49 -27.75 63.85
CA VAL E 169 67.25 -27.31 62.48
C VAL E 169 68.59 -26.89 61.89
N GLU E 170 68.88 -27.39 60.68
CA GLU E 170 70.11 -27.08 59.97
C GLU E 170 69.81 -26.19 58.79
N HIS E 171 70.71 -25.23 58.55
CA HIS E 171 70.55 -24.23 57.50
C HIS E 171 71.69 -24.35 56.49
N ASP E 172 71.37 -24.15 55.22
CA ASP E 172 72.37 -24.14 54.17
C ASP E 172 73.20 -22.87 54.26
N GLU E 173 74.53 -23.03 54.22
CA GLU E 173 75.41 -21.88 54.39
C GLU E 173 75.25 -20.88 53.24
N GLU E 174 75.14 -21.37 52.01
CA GLU E 174 75.09 -20.47 50.86
C GLU E 174 73.82 -19.62 50.86
N THR E 175 72.66 -20.24 51.13
CA THR E 175 71.38 -19.56 51.05
C THR E 175 70.84 -19.14 52.41
N GLN E 176 71.39 -19.66 53.51
CA GLN E 176 70.89 -19.36 54.86
C GLN E 176 69.42 -19.72 55.00
N LYS E 177 69.04 -20.85 54.40
CA LYS E 177 67.68 -21.37 54.45
C LYS E 177 67.68 -22.75 55.10
N ALA E 178 66.62 -23.03 55.87
CA ALA E 178 66.51 -24.32 56.53
C ALA E 178 66.43 -25.44 55.51
N SER E 179 67.13 -26.55 55.80
CA SER E 179 67.24 -27.68 54.88
C SER E 179 66.83 -28.98 55.53
N ARG E 180 66.98 -29.09 56.85
CA ARG E 180 66.67 -30.31 57.58
C ARG E 180 66.02 -29.97 58.91
N LEU E 181 65.24 -30.92 59.43
CA LEU E 181 64.61 -30.81 60.73
C LEU E 181 64.68 -32.21 61.36
N VAL E 182 65.65 -32.40 62.26
CA VAL E 182 65.95 -33.70 62.83
C VAL E 182 65.34 -33.80 64.22
N LEU E 183 64.63 -34.90 64.48
CA LEU E 183 64.10 -35.21 65.80
C LEU E 183 65.03 -36.24 66.44
N LYS E 184 65.54 -35.92 67.63
CA LYS E 184 66.55 -36.73 68.31
C LYS E 184 66.03 -37.14 69.67
N VAL E 185 66.19 -38.43 69.99
CA VAL E 185 65.91 -38.98 71.31
C VAL E 185 67.22 -39.55 71.85
N GLY E 186 67.62 -39.11 73.03
CA GLY E 186 68.91 -39.48 73.55
C GLY E 186 70.04 -38.89 72.72
N ASP E 187 70.92 -39.74 72.22
CA ASP E 187 72.05 -39.33 71.38
C ASP E 187 71.81 -39.59 69.89
N GLN E 188 71.36 -40.80 69.56
CA GLN E 188 71.17 -41.17 68.16
C GLN E 188 69.93 -40.49 67.58
N GLU E 189 69.96 -40.27 66.27
CA GLU E 189 68.84 -39.66 65.57
C GLU E 189 67.73 -40.68 65.33
N VAL E 190 66.48 -40.23 65.49
CA VAL E 190 65.31 -41.07 65.29
C VAL E 190 64.83 -40.93 63.85
N LYS E 191 64.45 -39.71 63.47
CA LYS E 191 63.95 -39.44 62.13
C LYS E 191 64.23 -37.99 61.79
N SER E 192 64.44 -37.72 60.51
CA SER E 192 64.72 -36.38 60.00
C SER E 192 63.86 -36.11 58.78
N TYR E 193 63.45 -34.84 58.64
CA TYR E 193 62.65 -34.38 57.52
C TYR E 193 63.51 -33.45 56.65
N ASP E 194 63.52 -33.73 55.35
CA ASP E 194 64.29 -32.93 54.41
C ASP E 194 63.43 -31.76 53.94
N LEU E 195 63.93 -30.54 54.17
CA LEU E 195 63.20 -29.32 53.83
C LEU E 195 63.67 -28.70 52.51
N THR E 196 64.46 -29.42 51.72
CA THR E 196 64.93 -28.89 50.44
C THR E 196 63.76 -28.62 49.50
N GLY E 197 62.82 -29.56 49.43
CA GLY E 197 61.66 -29.38 48.58
C GLY E 197 60.98 -30.70 48.33
N GLY E 198 59.89 -30.63 47.56
CA GLY E 198 59.13 -31.81 47.18
C GLY E 198 58.08 -32.20 48.20
N ALA E 199 58.37 -33.23 49.00
CA ALA E 199 57.38 -33.74 49.95
C ALA E 199 57.12 -32.78 51.09
N TYR E 200 58.08 -31.92 51.42
CA TYR E 200 57.99 -31.01 52.56
C TYR E 200 58.22 -29.57 52.12
N ASP E 201 57.52 -29.16 51.06
CA ASP E 201 57.60 -27.77 50.62
C ASP E 201 57.08 -26.83 51.70
N TYR E 202 55.97 -27.18 52.34
CA TYR E 202 55.33 -26.38 53.36
C TYR E 202 55.33 -27.11 54.69
N THR E 203 55.13 -26.34 55.76
CA THR E 203 55.18 -26.89 57.12
C THR E 203 53.99 -27.79 57.42
N ASN E 204 52.91 -27.70 56.64
CA ASN E 204 51.72 -28.50 56.92
C ASN E 204 52.02 -30.00 56.81
N ALA E 205 52.80 -30.39 55.81
CA ALA E 205 53.17 -31.80 55.67
C ALA E 205 54.02 -32.28 56.84
N ILE E 206 54.89 -31.40 57.36
CA ILE E 206 55.74 -31.78 58.49
C ILE E 206 54.91 -32.06 59.73
N ILE E 207 53.87 -31.25 59.97
CA ILE E 207 53.05 -31.42 61.16
C ILE E 207 52.32 -32.76 61.13
N THR E 208 51.78 -33.13 59.96
CA THR E 208 51.04 -34.38 59.84
C THR E 208 51.93 -35.58 60.11
N ASP E 209 53.15 -35.57 59.56
CA ASP E 209 54.05 -36.71 59.74
C ASP E 209 54.49 -36.85 61.19
N ILE E 210 54.66 -35.74 61.91
CA ILE E 210 55.08 -35.81 63.31
C ILE E 210 54.03 -36.50 64.14
N ASN E 211 52.74 -36.19 63.91
CA ASN E 211 51.68 -36.80 64.69
C ASN E 211 51.59 -38.31 64.45
N GLN E 212 52.00 -38.77 63.27
CA GLN E 212 51.93 -40.20 62.97
C GLN E 212 52.89 -41.02 63.83
N LEU E 213 53.96 -40.41 64.34
CA LEU E 213 54.93 -41.15 65.14
C LEU E 213 54.31 -41.53 66.48
N PRO E 214 54.85 -42.56 67.16
CA PRO E 214 54.22 -43.00 68.43
C PRO E 214 54.29 -41.96 69.53
N ASP E 215 55.47 -41.42 69.78
CA ASP E 215 55.70 -40.51 70.90
C ASP E 215 55.58 -39.04 70.52
N PHE E 216 56.09 -38.64 69.37
CA PHE E 216 56.10 -37.25 68.96
C PHE E 216 54.69 -36.80 68.60
N GLU E 217 54.39 -35.54 68.91
CA GLU E 217 53.10 -34.93 68.60
C GLU E 217 53.32 -33.47 68.21
N ALA E 218 52.38 -32.93 67.44
CA ALA E 218 52.45 -31.56 66.99
C ALA E 218 51.04 -31.04 66.73
N LYS E 219 50.88 -29.73 66.88
CA LYS E 219 49.61 -29.06 66.65
C LYS E 219 49.85 -27.69 66.04
N LEU E 220 49.07 -27.37 65.02
CA LEU E 220 49.17 -26.05 64.39
C LEU E 220 48.68 -24.97 65.33
N SER E 221 49.29 -23.79 65.23
CA SER E 221 48.93 -22.70 66.11
C SER E 221 47.50 -22.23 65.81
N PRO E 222 46.73 -21.80 66.82
CA PRO E 222 45.35 -21.38 66.53
C PRO E 222 45.24 -19.98 65.96
N PHE E 223 46.31 -19.18 65.99
CA PHE E 223 46.26 -17.79 65.55
C PHE E 223 46.40 -17.72 64.03
N GLY E 224 45.34 -18.18 63.35
CA GLY E 224 45.29 -18.12 61.91
C GLY E 224 46.02 -19.26 61.24
N ASP E 225 45.72 -19.44 59.95
CA ASP E 225 46.34 -20.47 59.12
C ASP E 225 47.56 -19.84 58.45
N LYS E 226 48.73 -20.09 59.02
CA LYS E 226 49.97 -19.51 58.50
C LYS E 226 50.50 -20.29 57.31
N ASN E 227 50.80 -21.58 57.52
CA ASN E 227 51.31 -22.45 56.46
C ASN E 227 52.60 -21.90 55.85
N LEU E 228 53.51 -21.48 56.72
CA LEU E 228 54.78 -20.93 56.28
C LEU E 228 55.62 -21.99 55.60
N GLU E 229 56.44 -21.56 54.66
CA GLU E 229 57.34 -22.47 53.96
C GLU E 229 58.38 -23.03 54.93
N SER E 230 58.78 -24.29 54.69
CA SER E 230 59.76 -24.93 55.55
C SER E 230 61.12 -24.28 55.45
N SER E 231 61.46 -23.71 54.29
CA SER E 231 62.77 -23.10 54.12
C SER E 231 62.94 -21.85 54.97
N LYS E 232 61.85 -21.21 55.40
CA LYS E 232 61.91 -19.98 56.17
C LYS E 232 61.94 -20.20 57.68
N LEU E 233 62.01 -21.46 58.14
CA LEU E 233 62.06 -21.73 59.56
C LEU E 233 63.36 -21.22 60.16
N ASP E 234 63.31 -20.86 61.44
CA ASP E 234 64.46 -20.31 62.14
C ASP E 234 65.42 -21.43 62.55
N LYS E 235 66.62 -21.02 62.98
CA LYS E 235 67.68 -21.94 63.37
C LYS E 235 67.60 -22.22 64.86
N ILE E 236 67.34 -23.47 65.22
CA ILE E 236 67.28 -23.91 66.62
C ILE E 236 68.11 -25.18 66.73
N GLU E 237 68.87 -25.29 67.83
CA GLU E 237 69.70 -26.45 68.10
C GLU E 237 69.64 -26.80 69.58
N ASN E 238 69.46 -28.09 69.87
CA ASN E 238 69.48 -28.60 71.24
C ASN E 238 68.40 -27.92 72.10
N ALA E 239 67.15 -28.12 71.70
CA ALA E 239 65.99 -27.60 72.44
C ALA E 239 65.28 -28.77 73.12
N ASN E 240 65.16 -28.70 74.44
CA ASN E 240 64.51 -29.77 75.19
C ASN E 240 63.02 -29.76 74.93
N ILE E 241 62.47 -30.93 74.61
CA ILE E 241 61.06 -31.08 74.26
C ILE E 241 60.25 -31.67 75.40
N LYS E 242 60.84 -32.62 76.14
CA LYS E 242 60.08 -33.33 77.17
C LYS E 242 59.66 -32.40 78.30
N ASP E 243 60.53 -31.48 78.70
CA ASP E 243 60.22 -30.58 79.80
C ASP E 243 59.04 -29.69 79.47
N LYS E 244 59.06 -29.04 78.31
CA LYS E 244 57.97 -28.19 77.86
C LYS E 244 57.93 -28.21 76.34
N ALA E 245 56.76 -27.87 75.80
CA ALA E 245 56.60 -27.78 74.36
C ALA E 245 57.42 -26.62 73.81
N VAL E 246 58.12 -26.87 72.71
CA VAL E 246 59.00 -25.88 72.09
C VAL E 246 58.30 -25.31 70.87
N TYR E 247 58.21 -23.98 70.81
CA TYR E 247 57.59 -23.29 69.69
C TYR E 247 58.65 -22.95 68.63
N VAL E 248 58.37 -23.33 67.39
CA VAL E 248 59.21 -22.91 66.27
C VAL E 248 58.81 -21.48 65.91
N LYS E 249 59.77 -20.55 66.01
CA LYS E 249 59.43 -19.13 65.92
C LYS E 249 59.22 -18.71 64.47
N ALA E 250 60.28 -18.75 63.66
CA ALA E 250 60.26 -18.27 62.28
C ALA E 250 59.70 -16.86 62.20
N VAL E 251 60.37 -15.95 62.92
CA VAL E 251 59.83 -14.60 63.11
C VAL E 251 59.78 -13.85 61.78
N PHE E 252 60.82 -13.98 60.95
CA PHE E 252 60.85 -13.22 59.70
C PHE E 252 59.81 -13.74 58.72
N GLY E 253 59.62 -15.06 58.65
CA GLY E 253 58.67 -15.61 57.71
C GLY E 253 57.24 -15.20 58.00
N ASP E 254 56.88 -15.12 59.28
CA ASP E 254 55.52 -14.75 59.64
C ASP E 254 55.23 -13.30 59.27
N LEU E 255 56.22 -12.41 59.37
CA LEU E 255 56.00 -11.01 59.02
C LEU E 255 55.64 -10.85 57.55
N GLU E 256 56.32 -11.59 56.67
CA GLU E 256 56.04 -11.49 55.24
C GLU E 256 54.62 -11.92 54.90
N LYS E 257 54.13 -12.98 55.55
CA LYS E 257 52.80 -13.47 55.26
C LYS E 257 51.73 -12.42 55.60
N GLN E 258 51.92 -11.71 56.70
CA GLN E 258 50.95 -10.71 57.16
C GLN E 258 51.21 -9.31 56.63
N THR E 259 52.28 -9.11 55.83
CA THR E 259 52.61 -7.80 55.31
C THR E 259 53.02 -7.78 53.83
N ALA E 260 53.06 -8.93 53.17
CA ALA E 260 53.44 -8.94 51.75
C ALA E 260 52.41 -8.20 50.90
N TYR E 261 51.12 -8.41 51.19
CA TYR E 261 50.02 -7.77 50.46
C TYR E 261 49.00 -7.15 51.40
N ASN E 262 49.40 -6.78 52.61
CA ASN E 262 48.52 -6.16 53.58
C ASN E 262 49.31 -5.11 54.34
N GLY E 263 48.58 -4.15 54.92
CA GLY E 263 49.21 -3.07 55.64
C GLY E 263 49.79 -2.02 54.69
N ILE E 264 50.61 -1.16 55.27
CA ILE E 264 51.22 -0.03 54.54
C ILE E 264 52.74 -0.20 54.50
N VAL E 265 53.31 -0.83 55.52
CA VAL E 265 54.75 -0.93 55.69
C VAL E 265 55.22 -2.31 55.27
N SER E 266 56.28 -2.35 54.47
CA SER E 266 56.97 -3.57 54.09
C SER E 266 58.24 -3.73 54.92
N PHE E 267 58.72 -4.97 54.99
CA PHE E 267 59.88 -5.32 55.79
C PHE E 267 60.84 -6.19 54.98
N GLU E 268 62.13 -6.01 55.26
CA GLU E 268 63.18 -6.80 54.63
C GLU E 268 64.26 -7.10 55.67
N GLN E 269 65.00 -8.17 55.42
CA GLN E 269 66.06 -8.62 56.33
C GLN E 269 67.40 -8.14 55.81
N LEU E 270 68.19 -7.55 56.70
CA LEU E 270 69.52 -7.04 56.33
C LEU E 270 70.45 -8.19 55.99
N LYS E 298 71.83 -10.81 60.55
CA LYS E 298 71.40 -10.01 61.68
C LYS E 298 70.31 -10.72 62.47
N THR E 299 70.16 -10.35 63.74
CA THR E 299 69.19 -10.95 64.64
C THR E 299 68.05 -9.95 64.86
N ILE E 300 66.82 -10.41 64.69
CA ILE E 300 65.65 -9.56 64.87
C ILE E 300 65.33 -9.48 66.36
N GLU E 301 65.21 -8.27 66.88
CA GLU E 301 64.89 -8.01 68.27
C GLU E 301 63.90 -6.87 68.34
N PRO E 302 63.18 -6.73 69.47
CA PRO E 302 62.24 -5.60 69.58
C PRO E 302 62.95 -4.26 69.57
N PHE E 303 62.25 -3.24 69.06
CA PHE E 303 62.73 -1.87 69.08
C PHE E 303 61.56 -0.95 69.40
N GLU E 304 61.89 0.22 69.95
CA GLU E 304 60.87 1.16 70.37
C GLU E 304 60.18 1.80 69.17
N LEU E 305 59.01 2.38 69.43
CA LEU E 305 58.23 3.05 68.40
C LEU E 305 58.97 4.27 67.89
N THR E 306 59.33 4.28 66.60
CA THR E 306 60.09 5.36 65.99
C THR E 306 59.50 5.70 64.63
N LYS E 307 59.48 6.99 64.32
CA LYS E 307 59.00 7.46 63.02
C LYS E 307 60.01 7.15 61.94
N LEU E 308 59.50 6.88 60.74
CA LEU E 308 60.35 6.65 59.59
C LEU E 308 60.91 7.98 59.07
N LYS E 309 61.96 7.88 58.25
CA LYS E 309 62.64 9.04 57.69
C LYS E 309 62.99 8.75 56.24
N GLY E 310 63.54 9.76 55.57
CA GLY E 310 63.96 9.66 54.19
C GLY E 310 62.89 10.00 53.17
N GLY E 311 61.65 10.21 53.59
CA GLY E 311 60.61 10.60 52.66
C GLY E 311 60.90 11.97 52.06
N THR E 312 60.89 12.05 50.73
CA THR E 312 61.18 13.30 50.04
C THR E 312 60.54 13.24 48.66
N ASN E 313 59.68 14.20 48.36
CA ASN E 313 59.06 14.25 47.04
C ASN E 313 60.09 14.52 45.95
N GLY E 314 61.16 15.25 46.27
CA GLY E 314 62.20 15.56 45.32
C GLY E 314 61.89 16.79 44.50
N GLU E 315 62.92 17.29 43.82
CA GLU E 315 62.75 18.46 42.98
C GLU E 315 61.90 18.10 41.77
N PRO E 316 61.19 19.08 41.18
CA PRO E 316 60.35 18.77 40.04
C PRO E 316 61.20 18.42 38.83
N PRO E 317 60.68 17.62 37.89
CA PRO E 317 61.49 17.24 36.73
C PRO E 317 61.81 18.41 35.84
N ALA E 318 63.00 18.37 35.23
CA ALA E 318 63.40 19.42 34.31
C ALA E 318 62.58 19.36 33.02
N THR E 319 62.29 18.15 32.54
CA THR E 319 61.53 17.94 31.33
C THR E 319 60.56 16.77 31.54
N TRP E 320 59.43 16.83 30.86
CA TRP E 320 58.39 15.81 30.96
C TRP E 320 58.48 14.77 29.85
N ALA E 321 59.53 14.81 29.02
CA ALA E 321 59.63 13.88 27.90
C ALA E 321 59.74 12.43 28.40
N ASP E 322 60.53 12.21 29.45
CA ASP E 322 60.65 10.86 29.99
C ASP E 322 59.33 10.37 30.58
N LYS E 323 58.58 11.28 31.22
CA LYS E 323 57.31 10.88 31.82
C LYS E 323 56.31 10.46 30.75
N LEU E 324 56.27 11.17 29.63
CA LEU E 324 55.28 10.88 28.59
C LEU E 324 55.55 9.54 27.91
N ASP E 325 56.80 9.08 27.91
CA ASP E 325 57.12 7.83 27.22
C ASP E 325 56.41 6.64 27.84
N LYS E 326 56.08 6.70 29.12
CA LYS E 326 55.38 5.60 29.77
C LYS E 326 53.96 5.43 29.26
N PHE E 327 53.36 6.47 28.69
CA PHE E 327 52.03 6.41 28.12
C PHE E 327 52.02 5.93 26.67
N ALA E 328 53.14 5.38 26.18
CA ALA E 328 53.24 5.04 24.77
C ALA E 328 52.26 3.92 24.40
N HIS E 329 52.27 2.83 25.17
CA HIS E 329 51.49 1.64 24.85
C HIS E 329 50.35 1.41 25.84
N GLU E 330 49.86 2.47 26.48
CA GLU E 330 48.75 2.36 27.42
C GLU E 330 47.38 2.45 26.75
N GLY E 331 47.33 2.75 25.46
CA GLY E 331 46.07 2.78 24.75
C GLY E 331 45.28 4.07 24.85
N GLY E 332 45.84 5.10 25.47
CA GLY E 332 45.13 6.36 25.58
C GLY E 332 45.15 7.15 24.29
N TYR E 333 44.19 8.07 24.17
CA TYR E 333 44.05 8.95 23.01
C TYR E 333 44.18 10.42 23.37
N TYR E 334 43.48 10.87 24.41
CA TYR E 334 43.52 12.26 24.85
C TYR E 334 44.43 12.40 26.05
N ILE E 335 45.27 13.43 26.05
CA ILE E 335 46.19 13.73 27.13
C ILE E 335 46.09 15.22 27.44
N VAL E 336 46.03 15.56 28.72
CA VAL E 336 45.88 16.94 29.18
C VAL E 336 47.00 17.23 30.19
N PRO E 337 48.15 17.78 29.78
CA PRO E 337 49.20 18.08 30.76
C PRO E 337 48.75 19.20 31.69
N LEU E 338 48.86 18.95 32.99
CA LEU E 338 48.44 19.92 34.01
C LEU E 338 49.58 20.88 34.34
N SER E 339 49.97 21.65 33.33
CA SER E 339 51.02 22.64 33.47
C SER E 339 50.80 23.74 32.45
N SER E 340 51.04 24.99 32.86
CA SER E 340 50.87 26.14 31.99
C SER E 340 52.14 26.52 31.22
N LYS E 341 53.26 25.86 31.49
CA LYS E 341 54.50 26.19 30.81
C LYS E 341 54.42 25.84 29.33
N GLN E 342 54.92 26.75 28.49
CA GLN E 342 54.93 26.49 27.06
C GLN E 342 55.88 25.37 26.69
N SER E 343 56.97 25.20 27.46
CA SER E 343 57.90 24.10 27.19
C SER E 343 57.23 22.75 27.39
N VAL E 344 56.40 22.63 28.43
CA VAL E 344 55.70 21.38 28.68
C VAL E 344 54.73 21.07 27.54
N HIS E 345 54.06 22.11 27.02
CA HIS E 345 53.13 21.92 25.92
C HIS E 345 53.86 21.42 24.67
N ALA E 346 55.06 21.95 24.41
CA ALA E 346 55.80 21.53 23.23
C ALA E 346 56.20 20.06 23.31
N GLU E 347 56.61 19.60 24.49
CA GLU E 347 56.99 18.20 24.65
C GLU E 347 55.80 17.27 24.40
N VAL E 348 54.63 17.63 24.92
CA VAL E 348 53.43 16.83 24.66
C VAL E 348 53.03 16.91 23.20
N ALA E 349 53.23 18.08 22.58
CA ALA E 349 52.94 18.23 21.16
C ALA E 349 53.81 17.29 20.32
N SER E 350 55.08 17.16 20.68
CA SER E 350 55.95 16.23 19.97
C SER E 350 55.60 14.77 20.30
N PHE E 351 55.16 14.51 21.53
CA PHE E 351 54.87 13.14 21.94
C PHE E 351 53.71 12.56 21.15
N VAL E 352 52.61 13.31 21.03
CA VAL E 352 51.44 12.82 20.30
C VAL E 352 51.78 12.63 18.83
N LYS E 353 52.63 13.51 18.27
CA LYS E 353 53.07 13.35 16.90
C LYS E 353 53.90 12.07 16.74
N GLU E 354 54.75 11.78 17.71
CA GLU E 354 55.62 10.60 17.62
C GLU E 354 54.81 9.31 17.59
N ARG E 355 53.81 9.20 18.47
CA ARG E 355 53.01 7.97 18.51
C ARG E 355 52.12 7.84 17.28
N SER E 356 51.63 8.97 16.75
CA SER E 356 50.84 8.91 15.53
C SER E 356 51.66 8.38 14.36
N ASP E 357 52.93 8.79 14.27
CA ASP E 357 53.79 8.27 13.23
C ASP E 357 54.05 6.78 13.40
N ALA E 358 53.99 6.28 14.64
CA ALA E 358 54.21 4.88 14.94
C ALA E 358 52.95 4.04 14.89
N GLY E 359 51.81 4.62 14.52
CA GLY E 359 50.56 3.90 14.42
C GLY E 359 49.67 3.97 15.65
N GLU E 360 49.95 4.88 16.59
CA GLU E 360 49.17 5.04 17.82
C GLU E 360 48.81 6.51 17.95
N PRO E 361 47.84 6.99 17.17
CA PRO E 361 47.54 8.43 17.18
C PRO E 361 46.99 8.89 18.53
N MET E 362 47.33 10.13 18.88
CA MET E 362 46.87 10.76 20.11
C MET E 362 46.68 12.24 19.86
N ARG E 363 45.94 12.88 20.76
CA ARG E 363 45.68 14.32 20.68
C ARG E 363 45.83 14.93 22.07
N ALA E 364 46.15 16.21 22.10
CA ALA E 364 46.45 16.94 23.32
C ALA E 364 45.58 18.19 23.42
N ILE E 365 45.23 18.54 24.66
CA ILE E 365 44.49 19.76 24.97
C ILE E 365 45.22 20.45 26.12
N VAL E 366 45.52 21.74 25.94
CA VAL E 366 46.31 22.50 26.90
C VAL E 366 45.65 23.85 27.14
N GLY E 367 46.06 24.50 28.22
CA GLY E 367 45.56 25.82 28.57
C GLY E 367 46.65 26.64 29.21
N GLY E 368 46.58 27.95 29.00
CA GLY E 368 47.62 28.86 29.44
C GLY E 368 47.27 29.73 30.63
N GLY E 369 47.82 29.41 31.80
CA GLY E 369 47.86 30.30 32.95
C GLY E 369 46.51 30.77 33.42
N PHE E 370 46.50 31.94 34.08
CA PHE E 370 45.31 32.58 34.60
C PHE E 370 45.06 33.88 33.83
N ASN E 371 43.86 34.00 33.25
CA ASN E 371 43.40 35.26 32.68
C ASN E 371 44.34 35.79 31.60
N GLU E 372 44.84 34.89 30.75
CA GLU E 372 45.70 35.31 29.66
C GLU E 372 44.91 36.07 28.61
N SER E 373 45.55 37.10 28.03
CA SER E 373 44.90 37.95 27.04
C SER E 373 44.96 37.29 25.67
N LYS E 374 44.30 37.93 24.69
CA LYS E 374 44.29 37.39 23.34
C LYS E 374 45.68 37.40 22.72
N GLU E 375 46.46 38.44 22.98
CA GLU E 375 47.80 38.52 22.41
C GLU E 375 48.69 37.40 22.91
N GLN E 376 48.60 37.08 24.20
CA GLN E 376 49.37 35.97 24.75
C GLN E 376 48.94 34.65 24.13
N LEU E 377 47.64 34.47 23.92
CA LEU E 377 47.13 33.21 23.36
C LEU E 377 47.62 33.02 21.93
N PHE E 378 47.72 34.10 21.16
CA PHE E 378 48.22 33.98 19.79
C PHE E 378 49.66 33.50 19.77
N GLY E 379 50.46 33.95 20.74
CA GLY E 379 51.84 33.48 20.81
C GLY E 379 51.94 31.99 21.06
N ARG E 380 51.10 31.47 21.97
CA ARG E 380 51.08 30.04 22.24
C ARG E 380 50.63 29.26 21.02
N GLN E 381 49.57 29.72 20.36
CA GLN E 381 49.05 29.01 19.18
C GLN E 381 50.05 29.02 18.04
N ALA E 382 50.71 30.16 17.81
CA ALA E 382 51.67 30.24 16.72
C ALA E 382 52.87 29.33 16.96
N SER E 383 53.30 29.22 18.22
CA SER E 383 54.46 28.38 18.53
C SER E 383 54.20 26.91 18.23
N LEU E 384 53.00 26.43 18.54
CA LEU E 384 52.70 25.01 18.37
C LEU E 384 52.37 24.69 16.91
N SER E 385 51.26 25.25 16.42
CA SER E 385 50.82 25.04 15.02
C SER E 385 50.69 23.56 14.69
N ASN E 386 50.19 22.78 15.67
CA ASN E 386 50.07 21.33 15.54
C ASN E 386 48.62 20.95 15.36
N PRO E 387 48.25 20.13 14.34
CA PRO E 387 46.85 19.69 14.26
C PRO E 387 46.39 18.89 15.47
N ARG E 388 47.29 18.12 16.10
CA ARG E 388 46.95 17.25 17.20
C ARG E 388 47.08 17.93 18.56
N VAL E 389 47.01 19.26 18.60
CA VAL E 389 47.06 20.02 19.85
C VAL E 389 45.98 21.09 19.80
N SER E 390 45.28 21.27 20.92
CA SER E 390 44.23 22.28 21.06
C SER E 390 44.54 23.16 22.26
N LEU E 391 44.33 24.46 22.10
CA LEU E 391 44.60 25.45 23.13
C LEU E 391 43.28 25.96 23.70
N VAL E 392 43.20 26.02 25.02
CA VAL E 392 42.01 26.48 25.74
C VAL E 392 42.34 27.83 26.36
N ALA E 393 41.48 28.83 26.09
CA ALA E 393 41.71 30.19 26.54
C ALA E 393 41.02 30.49 27.87
N ASN E 394 39.74 30.13 27.98
CA ASN E 394 38.95 30.52 29.14
C ASN E 394 39.43 29.81 30.41
N SER E 395 39.35 30.53 31.52
CA SER E 395 39.62 29.99 32.84
C SER E 395 38.51 30.45 33.78
N GLY E 396 38.21 29.62 34.77
CA GLY E 396 37.11 29.92 35.67
C GLY E 396 37.17 29.10 36.93
N THR E 397 36.05 29.11 37.65
CA THR E 397 35.91 28.45 38.94
C THR E 397 34.92 27.29 38.82
N PHE E 398 35.29 26.16 39.41
CA PHE E 398 34.46 24.95 39.42
C PHE E 398 34.11 24.58 40.85
N VAL E 399 32.87 24.16 41.06
CA VAL E 399 32.39 23.74 42.36
C VAL E 399 32.68 22.25 42.50
N MET E 400 33.58 21.89 43.40
CA MET E 400 33.97 20.50 43.59
C MET E 400 32.97 19.79 44.49
N ASP E 401 33.16 18.47 44.62
CA ASP E 401 32.29 17.67 45.49
C ASP E 401 32.42 18.10 46.94
N ASP E 402 33.60 18.55 47.36
CA ASP E 402 33.81 19.04 48.71
C ASP E 402 33.12 20.38 48.97
N GLY E 403 32.67 21.07 47.92
CA GLY E 403 32.03 22.36 48.06
C GLY E 403 32.94 23.55 47.86
N ARG E 404 34.21 23.34 47.51
CA ARG E 404 35.13 24.45 47.31
C ARG E 404 34.88 25.11 45.96
N LYS E 405 34.78 26.44 45.98
CA LYS E 405 34.73 27.24 44.75
C LYS E 405 36.17 27.56 44.32
N ASN E 406 36.85 26.50 43.90
CA ASN E 406 38.28 26.59 43.59
C ASN E 406 38.48 27.24 42.22
N HIS E 407 39.06 28.43 42.21
CA HIS E 407 39.47 29.06 40.96
C HIS E 407 40.67 28.32 40.40
N VAL E 408 40.60 27.97 39.13
CA VAL E 408 41.60 27.11 38.49
C VAL E 408 42.06 27.78 37.19
N PRO E 409 43.25 27.43 36.70
CA PRO E 409 43.75 28.03 35.46
C PRO E 409 43.07 27.41 34.23
N ALA E 410 43.53 27.85 33.06
CA ALA E 410 42.89 27.43 31.81
C ALA E 410 43.05 25.93 31.57
N TYR E 411 44.23 25.37 31.85
CA TYR E 411 44.48 23.98 31.51
C TYR E 411 43.62 23.01 32.32
N MET E 412 43.10 23.44 33.49
CA MET E 412 42.15 22.61 34.21
C MET E 412 40.80 22.57 33.51
N VAL E 413 40.46 23.64 32.78
CA VAL E 413 39.24 23.62 31.96
C VAL E 413 39.39 22.61 30.83
N ALA E 414 40.61 22.44 30.31
CA ALA E 414 40.84 21.47 29.25
C ALA E 414 40.55 20.05 29.72
N VAL E 415 40.68 19.78 31.02
CA VAL E 415 40.34 18.46 31.54
C VAL E 415 38.86 18.18 31.34
N ALA E 416 38.00 19.17 31.59
CA ALA E 416 36.58 19.00 31.36
C ALA E 416 36.30 18.77 29.88
N LEU E 417 36.95 19.52 29.00
CA LEU E 417 36.80 19.30 27.57
C LEU E 417 37.34 17.93 27.16
N GLY E 418 38.51 17.57 27.70
CA GLY E 418 39.05 16.25 27.41
C GLY E 418 38.19 15.13 27.97
N GLY E 419 37.70 15.29 29.20
CA GLY E 419 36.80 14.30 29.75
C GLY E 419 35.49 14.21 28.98
N LEU E 420 34.94 15.36 28.58
CA LEU E 420 33.75 15.36 27.76
C LEU E 420 34.00 14.69 26.41
N ALA E 421 35.15 14.99 25.80
CA ALA E 421 35.46 14.40 24.50
C ALA E 421 35.62 12.89 24.60
N SER E 422 36.27 12.41 25.66
CA SER E 422 36.45 10.97 25.83
C SER E 422 35.12 10.26 26.00
N GLY E 423 34.20 10.86 26.76
CA GLY E 423 32.91 10.23 26.98
C GLY E 423 32.02 10.20 25.75
N LEU E 424 32.23 11.13 24.82
CA LEU E 424 31.43 11.16 23.61
C LEU E 424 31.82 10.01 22.69
N GLU E 425 30.90 9.66 21.80
CA GLU E 425 31.13 8.57 20.85
C GLU E 425 32.18 8.97 19.82
N ILE E 426 32.61 7.99 19.04
CA ILE E 426 33.62 8.24 18.02
C ILE E 426 33.02 9.10 16.92
N GLY E 427 33.73 10.17 16.56
CA GLY E 427 33.29 11.08 15.54
C GLY E 427 32.43 12.23 16.02
N GLU E 428 31.99 12.21 17.28
CA GLU E 428 31.21 13.31 17.83
C GLU E 428 32.12 14.49 18.17
N SER E 429 31.51 15.66 18.26
CA SER E 429 32.20 16.92 18.53
C SER E 429 31.73 17.50 19.86
N ILE E 430 32.58 18.36 20.42
CA ILE E 430 32.26 19.06 21.66
C ILE E 430 31.69 20.44 21.37
N THR E 431 31.25 20.67 20.14
CA THR E 431 30.74 21.97 19.75
C THR E 431 29.36 22.19 20.37
N PHE E 432 29.16 23.37 20.97
CA PHE E 432 27.91 23.80 21.59
C PHE E 432 27.49 22.93 22.78
N LYS E 433 28.37 22.04 23.28
CA LYS E 433 28.02 21.21 24.41
C LYS E 433 28.15 22.01 25.71
N PRO E 434 27.40 21.66 26.76
CA PRO E 434 27.55 22.37 28.02
C PRO E 434 28.86 22.02 28.72
N LEU E 435 29.33 22.95 29.54
CA LEU E 435 30.56 22.79 30.31
C LEU E 435 30.32 22.64 31.80
N ARG E 436 29.22 23.18 32.33
CA ARG E 436 28.91 23.12 33.76
C ARG E 436 30.02 23.77 34.59
N VAL E 437 30.19 25.07 34.38
CA VAL E 437 31.18 25.88 35.07
C VAL E 437 30.46 27.01 35.80
N SER E 438 30.86 27.25 37.05
CA SER E 438 30.18 28.27 37.86
C SER E 438 30.32 29.66 37.25
N SER E 439 31.53 30.02 36.82
CA SER E 439 31.78 31.33 36.26
C SER E 439 33.11 31.30 35.53
N LEU E 440 33.35 32.35 34.73
CA LEU E 440 34.56 32.50 33.94
C LEU E 440 35.18 33.87 34.23
N ASP E 441 36.52 33.91 34.21
CA ASP E 441 37.22 35.15 34.47
C ASP E 441 36.90 36.20 33.42
N GLN E 442 36.89 35.81 32.14
CA GLN E 442 36.63 36.70 31.02
C GLN E 442 35.41 36.21 30.26
N ILE E 443 34.45 37.11 30.04
CA ILE E 443 33.25 36.83 29.25
C ILE E 443 33.50 37.49 27.90
N TYR E 444 34.00 36.72 26.95
CA TYR E 444 34.32 37.26 25.63
C TYR E 444 33.05 37.68 24.90
N GLU E 445 33.13 38.80 24.19
CA GLU E 445 32.03 39.28 23.39
C GLU E 445 31.96 38.51 22.07
N SER E 446 30.97 38.83 21.24
CA SER E 446 30.82 38.14 19.97
C SER E 446 32.02 38.37 19.06
N ILE E 447 32.53 39.61 19.02
CA ILE E 447 33.68 39.89 18.16
C ILE E 447 34.94 39.19 18.68
N ASP E 448 35.09 39.12 20.00
CA ASP E 448 36.27 38.48 20.58
C ASP E 448 36.28 36.99 20.29
N LEU E 449 35.11 36.34 20.36
CA LEU E 449 35.04 34.91 20.10
C LEU E 449 35.42 34.59 18.65
N ASP E 450 34.99 35.44 17.72
CA ASP E 450 35.32 35.20 16.31
C ASP E 450 36.82 35.26 16.08
N GLU E 451 37.51 36.22 16.70
CA GLU E 451 38.95 36.34 16.51
C GLU E 451 39.68 35.10 17.02
N LEU E 452 39.27 34.58 18.19
CA LEU E 452 39.90 33.37 18.71
C LEU E 452 39.63 32.18 17.81
N ASN E 453 38.41 32.07 17.28
CA ASN E 453 38.10 30.98 16.36
C ASN E 453 38.92 31.09 15.08
N GLU E 454 39.10 32.32 14.57
CA GLU E 454 39.89 32.51 13.36
C GLU E 454 41.35 32.14 13.57
N ASN E 455 41.85 32.26 14.81
CA ASN E 455 43.22 31.91 15.14
C ASN E 455 43.36 30.48 15.67
N GLY E 456 42.31 29.67 15.55
CA GLY E 456 42.39 28.28 16.00
C GLY E 456 42.54 28.12 17.49
N ILE E 457 41.77 28.87 18.27
CA ILE E 457 41.79 28.80 19.73
C ILE E 457 40.38 28.52 20.22
N ILE E 458 40.24 27.54 21.10
CA ILE E 458 38.94 27.18 21.66
C ILE E 458 38.55 28.23 22.69
N SER E 459 37.32 28.72 22.60
CA SER E 459 36.79 29.72 23.52
C SER E 459 35.41 29.28 24.00
N ILE E 460 35.04 29.78 25.18
CA ILE E 460 33.79 29.44 25.83
C ILE E 460 32.99 30.72 26.02
N GLU E 461 31.73 30.69 25.61
CA GLU E 461 30.85 31.86 25.61
C GLU E 461 29.76 31.70 26.65
N PHE E 462 29.42 32.80 27.30
CA PHE E 462 28.31 32.85 28.25
C PHE E 462 27.04 33.25 27.49
N VAL E 463 26.09 32.32 27.39
CA VAL E 463 24.90 32.52 26.59
C VAL E 463 23.93 33.40 27.37
N ARG E 464 23.70 34.62 26.88
CA ARG E 464 22.79 35.58 27.49
C ARG E 464 21.49 35.74 26.70
N ASN E 465 21.25 34.90 25.70
CA ASN E 465 20.04 35.01 24.88
C ASN E 465 18.81 34.41 25.54
N ARG E 466 18.96 33.71 26.66
CA ARG E 466 17.86 33.07 27.36
C ARG E 466 17.96 33.37 28.85
N THR E 467 16.82 33.25 29.53
CA THR E 467 16.82 33.45 30.98
C THR E 467 17.67 32.40 31.68
N ASN E 468 17.59 31.15 31.23
CA ASN E 468 18.42 30.07 31.78
C ASN E 468 19.77 30.10 31.08
N THR E 469 20.58 31.07 31.48
CA THR E 469 21.90 31.24 30.88
C THR E 469 22.80 30.07 31.21
N PHE E 470 23.68 29.73 30.27
CA PHE E 470 24.62 28.63 30.45
C PHE E 470 25.80 28.84 29.53
N PHE E 471 26.88 28.12 29.80
CA PHE E 471 28.11 28.19 29.04
C PHE E 471 28.16 27.05 28.02
N ARG E 472 28.80 27.33 26.88
CA ARG E 472 28.94 26.33 25.83
C ARG E 472 30.23 26.59 25.06
N ILE E 473 30.69 25.56 24.36
CA ILE E 473 31.91 25.63 23.56
C ILE E 473 31.53 26.05 22.15
N VAL E 474 32.15 27.12 21.67
CA VAL E 474 31.78 27.65 20.35
C VAL E 474 32.24 26.70 19.24
N ASP E 475 33.43 26.11 19.38
CA ASP E 475 33.97 25.26 18.34
C ASP E 475 35.13 24.45 18.93
N ASP E 476 35.43 23.33 18.27
CA ASP E 476 36.52 22.44 18.65
C ASP E 476 37.69 22.55 17.67
N VAL E 477 37.93 23.76 17.16
CA VAL E 477 38.98 23.96 16.16
C VAL E 477 40.34 23.73 16.80
N THR E 478 41.26 23.18 16.03
CA THR E 478 42.62 22.92 16.49
C THR E 478 43.51 24.14 16.24
N THR E 479 44.75 24.03 16.70
CA THR E 479 45.71 25.13 16.48
C THR E 479 46.01 25.32 15.01
N PHE E 480 45.98 24.25 14.22
CA PHE E 480 46.22 24.35 12.78
C PHE E 480 45.09 25.15 12.14
N ASN E 481 45.40 26.36 11.70
CA ASN E 481 44.39 27.30 11.24
C ASN E 481 43.90 27.03 9.82
N ASP E 482 44.53 26.10 9.09
CA ASP E 482 44.14 25.82 7.71
C ASP E 482 42.80 25.09 7.73
N LYS E 483 41.71 25.82 7.57
CA LYS E 483 40.38 25.23 7.56
C LYS E 483 40.08 24.48 6.28
N SER E 484 40.92 24.59 5.25
CA SER E 484 40.69 23.85 4.01
C SER E 484 40.74 22.36 4.23
N ASP E 485 41.57 21.90 5.19
CA ASP E 485 41.70 20.49 5.52
C ASP E 485 40.91 20.21 6.80
N PRO E 486 39.64 19.81 6.72
CA PRO E 486 38.88 19.58 7.95
C PRO E 486 39.42 18.47 8.83
N VAL E 487 40.19 17.53 8.27
CA VAL E 487 40.77 16.46 9.09
C VAL E 487 41.74 17.05 10.11
N LYS E 488 42.61 17.95 9.67
CA LYS E 488 43.56 18.58 10.58
C LYS E 488 42.91 19.68 11.40
N ALA E 489 41.98 20.44 10.81
CA ALA E 489 41.40 21.58 11.50
C ALA E 489 40.41 21.16 12.58
N GLU E 490 39.56 20.18 12.28
CA GLU E 490 38.47 19.78 13.18
C GLU E 490 38.88 18.53 13.95
N MET E 491 38.73 18.59 15.28
CA MET E 491 39.07 17.45 16.12
C MET E 491 38.17 16.26 15.84
N ALA E 492 36.86 16.49 15.69
CA ALA E 492 35.92 15.39 15.50
C ALA E 492 36.18 14.66 14.19
N VAL E 493 36.43 15.41 13.11
CA VAL E 493 36.67 14.78 11.82
C VAL E 493 37.98 14.00 11.86
N GLY E 494 39.03 14.60 12.42
CA GLY E 494 40.29 13.89 12.55
C GLY E 494 40.20 12.71 13.49
N GLU E 495 39.40 12.82 14.55
CA GLU E 495 39.23 11.72 15.48
C GLU E 495 38.64 10.49 14.79
N ALA E 496 37.62 10.71 13.95
CA ALA E 496 37.03 9.59 13.23
C ALA E 496 38.02 8.96 12.26
N ASN E 497 38.83 9.79 11.59
CA ASN E 497 39.83 9.28 10.67
C ASN E 497 40.87 8.43 11.39
N ASP E 498 41.30 8.86 12.57
CA ASP E 498 42.33 8.13 13.30
C ASP E 498 41.81 6.76 13.74
N PHE E 499 40.62 6.72 14.36
CA PHE E 499 40.07 5.44 14.80
C PHE E 499 39.72 4.54 13.62
N LEU E 500 39.17 5.12 12.55
CA LEU E 500 38.86 4.33 11.37
C LEU E 500 40.12 3.73 10.75
N VAL E 501 41.17 4.55 10.63
CA VAL E 501 42.41 4.07 10.04
C VAL E 501 43.12 3.10 10.99
N SER E 502 43.18 3.44 12.27
CA SER E 502 43.93 2.61 13.21
C SER E 502 43.26 1.25 13.41
N GLU E 503 41.93 1.24 13.57
CA GLU E 503 41.23 -0.03 13.78
C GLU E 503 41.36 -0.93 12.55
N LEU E 504 41.24 -0.34 11.36
CA LEU E 504 41.40 -1.13 10.14
C LEU E 504 42.82 -1.71 10.03
N LYS E 505 43.82 -0.94 10.48
CA LYS E 505 45.19 -1.40 10.39
C LYS E 505 45.41 -2.64 11.27
N VAL E 506 44.89 -2.61 12.50
CA VAL E 506 45.12 -3.72 13.42
C VAL E 506 44.35 -4.96 12.98
N GLN E 507 43.09 -4.79 12.58
CA GLN E 507 42.25 -5.94 12.26
C GLN E 507 42.77 -6.71 11.06
N LEU E 508 43.23 -6.00 10.03
CA LEU E 508 43.71 -6.69 8.83
C LEU E 508 44.95 -7.53 9.12
N GLU E 509 45.86 -7.02 9.96
CA GLU E 509 47.08 -7.75 10.25
C GLU E 509 46.79 -9.06 10.98
N ASP E 510 45.90 -9.02 11.97
CA ASP E 510 45.61 -10.22 12.74
C ASP E 510 44.86 -11.26 11.91
N GLN E 511 44.11 -10.82 10.91
CA GLN E 511 43.23 -11.71 10.16
C GLN E 511 43.93 -12.35 8.96
N PHE E 512 44.47 -11.53 8.06
CA PHE E 512 44.89 -11.99 6.74
C PHE E 512 46.38 -12.27 6.64
N ILE E 513 47.24 -11.57 7.39
CA ILE E 513 48.67 -11.82 7.29
C ILE E 513 48.98 -13.20 7.86
N GLY E 514 49.79 -13.97 7.13
CA GLY E 514 50.12 -15.33 7.50
C GLY E 514 49.21 -16.39 6.94
N THR E 515 48.12 -16.00 6.28
CA THR E 515 47.18 -16.94 5.67
C THR E 515 47.56 -17.22 4.22
N ARG E 516 47.11 -18.35 3.71
CA ARG E 516 47.41 -18.74 2.34
C ARG E 516 46.71 -17.82 1.36
N THR E 517 47.37 -17.59 0.22
CA THR E 517 46.81 -16.78 -0.86
C THR E 517 45.96 -17.68 -1.77
N ILE E 518 44.83 -18.13 -1.20
CA ILE E 518 43.92 -19.01 -1.92
C ILE E 518 43.20 -18.21 -3.00
N ASN E 519 42.51 -18.90 -3.90
CA ASN E 519 41.81 -18.23 -4.99
C ASN E 519 40.72 -17.30 -4.46
N THR E 520 40.02 -17.71 -3.41
CA THR E 520 38.96 -16.91 -2.83
C THR E 520 39.45 -15.89 -1.81
N SER E 521 40.76 -15.62 -1.76
CA SER E 521 41.28 -14.65 -0.81
C SER E 521 40.74 -13.25 -1.09
N ALA E 522 40.66 -12.88 -2.37
CA ALA E 522 40.17 -11.54 -2.71
C ALA E 522 38.71 -11.37 -2.31
N SER E 523 37.89 -12.40 -2.56
CA SER E 523 36.47 -12.32 -2.18
C SER E 523 36.32 -12.24 -0.66
N ILE E 524 37.11 -13.01 0.08
CA ILE E 524 37.02 -12.99 1.53
C ILE E 524 37.42 -11.63 2.08
N ILE E 525 38.48 -11.04 1.52
CA ILE E 525 38.93 -9.72 1.98
C ILE E 525 37.86 -8.68 1.69
N LYS E 526 37.23 -8.76 0.52
CA LYS E 526 36.17 -7.81 0.18
C LYS E 526 34.99 -7.94 1.13
N ASP E 527 34.61 -9.17 1.48
CA ASP E 527 33.51 -9.37 2.42
C ASP E 527 33.85 -8.82 3.79
N PHE E 528 35.10 -9.00 4.23
CA PHE E 528 35.52 -8.48 5.53
C PHE E 528 35.45 -6.96 5.55
N ILE E 529 35.87 -6.31 4.46
CA ILE E 529 35.85 -4.86 4.41
C ILE E 529 34.42 -4.33 4.47
N GLN E 530 33.51 -4.95 3.71
CA GLN E 530 32.13 -4.49 3.71
C GLN E 530 31.49 -4.65 5.08
N SER E 531 31.76 -5.76 5.75
CA SER E 531 31.23 -5.95 7.11
C SER E 531 31.80 -4.90 8.07
N TYR E 532 33.09 -4.61 7.95
CA TYR E 532 33.70 -3.61 8.82
C TYR E 532 33.11 -2.22 8.58
N LEU E 533 32.94 -1.84 7.31
CA LEU E 533 32.35 -0.54 7.00
C LEU E 533 30.89 -0.50 7.38
N GLY E 534 30.18 -1.62 7.28
CA GLY E 534 28.79 -1.66 7.70
C GLY E 534 28.61 -1.38 9.18
N ARG E 535 29.53 -1.89 10.00
CA ARG E 535 29.46 -1.62 11.43
C ARG E 535 29.68 -0.13 11.71
N LYS E 536 30.59 0.50 10.98
CA LYS E 536 30.82 1.93 11.15
C LYS E 536 29.58 2.74 10.80
N LYS E 537 28.90 2.37 9.71
CA LYS E 537 27.65 3.04 9.37
C LYS E 537 26.58 2.76 10.42
N ARG E 538 26.57 1.53 10.97
CA ARG E 538 25.62 1.19 12.02
C ARG E 538 25.83 2.05 13.25
N ASP E 539 27.07 2.29 13.63
CA ASP E 539 27.42 3.12 14.77
C ASP E 539 27.52 4.61 14.42
N ASN E 540 27.20 4.98 13.18
CA ASN E 540 27.24 6.38 12.73
C ASN E 540 28.64 6.98 12.83
N GLU E 541 29.68 6.14 12.75
CA GLU E 541 31.04 6.63 12.69
C GLU E 541 31.40 7.15 11.30
N ILE E 542 30.68 6.72 10.26
CA ILE E 542 30.83 7.25 8.91
C ILE E 542 29.45 7.50 8.34
N GLN E 543 29.40 8.33 7.30
CA GLN E 543 28.12 8.67 6.68
C GLN E 543 27.61 7.51 5.83
N ASP E 544 28.38 7.12 4.81
CA ASP E 544 28.00 6.03 3.93
C ASP E 544 29.24 5.66 3.11
N PHE E 545 29.18 4.49 2.47
CA PHE E 545 30.21 4.03 1.57
C PHE E 545 29.57 3.29 0.40
N PRO E 546 30.13 3.39 -0.82
CA PRO E 546 29.64 2.54 -1.91
C PRO E 546 30.31 1.18 -1.88
N ALA E 547 29.50 0.12 -1.79
CA ALA E 547 30.05 -1.23 -1.74
C ALA E 547 30.67 -1.64 -3.07
N GLU E 548 30.12 -1.15 -4.19
CA GLU E 548 30.62 -1.56 -5.50
C GLU E 548 32.05 -1.10 -5.73
N ASP E 549 32.38 0.12 -5.29
CA ASP E 549 33.72 0.67 -5.52
C ASP E 549 34.81 -0.04 -4.72
N VAL E 550 34.45 -0.85 -3.73
CA VAL E 550 35.45 -1.58 -2.95
C VAL E 550 36.05 -2.65 -3.85
N GLN E 551 37.31 -2.47 -4.23
CA GLN E 551 38.03 -3.39 -5.10
C GLN E 551 39.27 -3.91 -4.38
N VAL E 552 39.53 -5.21 -4.54
CA VAL E 552 40.66 -5.88 -3.90
C VAL E 552 41.48 -6.56 -5.00
N ILE E 553 42.78 -6.31 -5.00
CA ILE E 553 43.72 -6.90 -5.94
C ILE E 553 44.80 -7.61 -5.14
N VAL E 554 45.04 -8.89 -5.45
CA VAL E 554 46.03 -9.72 -4.78
C VAL E 554 47.05 -10.16 -5.80
N GLU E 555 48.33 -9.95 -5.50
CA GLU E 555 49.42 -10.34 -6.40
C GLU E 555 50.64 -10.62 -5.53
N GLY E 556 50.99 -11.89 -5.39
CA GLY E 556 52.13 -12.25 -4.56
C GLY E 556 51.88 -11.91 -3.10
N ASN E 557 52.94 -11.47 -2.43
CA ASN E 557 52.81 -11.08 -1.02
C ASN E 557 51.88 -9.89 -0.85
N GLU E 558 51.98 -8.91 -1.74
CA GLU E 558 51.18 -7.70 -1.63
C GLU E 558 49.71 -8.01 -1.89
N ALA E 559 48.84 -7.20 -1.27
CA ALA E 559 47.39 -7.30 -1.44
C ALA E 559 46.86 -5.86 -1.46
N ARG E 560 46.73 -5.30 -2.66
CA ARG E 560 46.27 -3.94 -2.82
C ARG E 560 44.77 -3.85 -2.56
N ILE E 561 44.36 -2.86 -1.76
CA ILE E 561 42.97 -2.63 -1.40
C ILE E 561 42.63 -1.18 -1.70
N SER E 562 41.46 -0.96 -2.30
CA SER E 562 40.94 0.36 -2.60
C SER E 562 39.48 0.43 -2.17
N MET E 563 39.14 1.54 -1.51
CA MET E 563 37.78 1.72 -1.00
C MET E 563 37.46 3.22 -1.00
N THR E 564 36.15 3.50 -0.98
CA THR E 564 35.63 4.86 -0.90
C THR E 564 34.74 4.96 0.32
N VAL E 565 34.88 6.06 1.06
CA VAL E 565 34.11 6.31 2.28
C VAL E 565 33.70 7.77 2.31
N TYR E 566 32.44 8.03 2.64
CA TYR E 566 31.96 9.39 2.84
C TYR E 566 32.10 9.73 4.32
N PRO E 567 33.01 10.64 4.71
CA PRO E 567 33.27 10.82 6.16
C PRO E 567 32.10 11.49 6.87
N ILE E 568 31.99 11.20 8.16
CA ILE E 568 31.00 11.86 8.99
C ILE E 568 31.48 13.27 9.33
N ARG E 569 30.56 14.21 9.37
CA ARG E 569 30.87 15.62 9.61
C ARG E 569 29.90 16.19 10.62
N SER E 570 30.36 17.22 11.33
CA SER E 570 29.56 17.92 12.33
C SER E 570 29.07 19.24 11.75
N PHE E 571 27.77 19.52 11.94
CA PHE E 571 27.20 20.76 11.42
C PHE E 571 27.85 21.97 12.07
N LYS E 572 28.23 22.95 11.25
CA LYS E 572 28.78 24.21 11.73
C LYS E 572 28.22 25.44 11.01
N LYS E 573 27.32 25.26 10.05
CA LYS E 573 26.70 26.39 9.36
C LYS E 573 25.38 25.93 8.79
N ILE E 574 24.31 26.68 9.08
CA ILE E 574 22.97 26.37 8.59
C ILE E 574 22.46 27.62 7.87
N SER E 575 22.20 27.47 6.58
CA SER E 575 21.71 28.56 5.73
C SER E 575 20.24 28.34 5.43
N VAL E 576 19.43 29.37 5.67
CA VAL E 576 17.99 29.34 5.44
C VAL E 576 17.65 30.44 4.44
N SER E 577 16.92 30.07 3.40
CA SER E 577 16.45 31.00 2.36
C SER E 577 14.94 31.10 2.48
N LEU E 578 14.48 32.06 3.28
CA LEU E 578 13.07 32.28 3.50
C LEU E 578 12.51 33.19 2.42
N VAL E 579 11.45 32.73 1.75
CA VAL E 579 10.82 33.47 0.66
C VAL E 579 9.36 33.67 1.00
N TYR E 580 8.90 34.91 0.93
CA TYR E 580 7.50 35.27 1.18
C TYR E 580 6.77 35.38 -0.14
N LYS E 581 5.53 34.87 -0.17
CA LYS E 581 4.71 34.89 -1.36
C LYS E 581 3.27 35.19 -0.97
N GLN E 582 2.48 35.60 -1.96
CA GLN E 582 1.07 35.91 -1.77
C GLN E 582 0.22 34.67 -1.98
N GLN E 583 -0.93 34.63 -1.30
CA GLN E 583 -1.91 33.58 -1.44
C GLN E 583 -3.30 34.21 -1.51
N THR E 584 -4.15 33.66 -2.37
CA THR E 584 -5.49 34.17 -2.60
C THR E 584 -6.51 33.23 -1.96
N LEU E 585 -7.46 33.81 -1.23
CA LEU E 585 -8.51 33.07 -0.56
C LEU E 585 -9.84 33.30 -1.28
N GLN E 586 -10.73 32.31 -1.18
CA GLN E 586 -12.04 32.39 -1.80
C GLN E 586 -13.04 31.64 -0.93
N ALA E 587 -14.32 31.97 -1.12
CA ALA E 587 -15.41 31.34 -0.38
C ALA E 587 -15.28 31.52 1.12
N VAL F 3 46.09 -56.47 -13.76
CA VAL F 3 45.01 -57.34 -14.21
C VAL F 3 45.30 -58.76 -13.77
N GLU F 4 44.72 -59.16 -12.64
CA GLU F 4 44.93 -60.50 -12.11
C GLU F 4 44.03 -61.49 -12.85
N PRO F 5 44.56 -62.50 -13.55
CA PRO F 5 43.69 -63.47 -14.21
C PRO F 5 43.10 -64.47 -13.22
N PHE F 6 42.16 -65.26 -13.71
CA PHE F 6 41.51 -66.29 -12.92
C PHE F 6 41.01 -67.40 -13.85
N PRO F 7 41.45 -68.67 -13.69
CA PRO F 7 42.43 -69.22 -12.74
C PRO F 7 43.86 -68.85 -13.13
N ARG F 8 44.79 -68.77 -12.18
CA ARG F 8 46.16 -68.42 -12.51
C ARG F 8 46.84 -69.52 -13.32
N ARG F 9 46.50 -70.77 -13.07
CA ARG F 9 47.04 -71.89 -13.84
C ARG F 9 46.29 -71.99 -15.17
N PRO F 10 46.96 -71.87 -16.32
CA PRO F 10 46.22 -72.08 -17.58
C PRO F 10 45.74 -73.50 -17.73
N ILE F 11 44.59 -73.64 -18.38
CA ILE F 11 44.00 -74.94 -18.71
C ILE F 11 43.53 -74.89 -20.15
N THR F 12 43.92 -75.90 -20.93
CA THR F 12 43.59 -75.92 -22.36
C THR F 12 42.21 -76.48 -22.65
N ARG F 13 41.60 -77.20 -21.71
CA ARG F 13 40.27 -77.73 -21.93
C ARG F 13 39.25 -76.60 -21.90
N PRO F 14 38.04 -76.83 -22.40
CA PRO F 14 37.01 -75.78 -22.35
C PRO F 14 36.73 -75.34 -20.92
N HIS F 15 36.56 -74.04 -20.74
CA HIS F 15 36.39 -73.45 -19.42
C HIS F 15 35.96 -72.00 -19.61
N ALA F 16 35.86 -71.28 -18.50
CA ALA F 16 35.58 -69.85 -18.48
C ALA F 16 36.68 -69.15 -17.68
N SER F 17 37.25 -68.09 -18.27
CA SER F 17 38.32 -67.33 -17.66
C SER F 17 37.85 -65.91 -17.37
N ILE F 18 38.21 -65.43 -16.18
CA ILE F 18 37.84 -64.08 -15.73
C ILE F 18 39.11 -63.31 -15.43
N GLU F 19 39.25 -62.14 -16.03
CA GLU F 19 40.36 -61.24 -15.79
C GLU F 19 39.88 -60.11 -14.87
N VAL F 20 40.45 -60.05 -13.68
CA VAL F 20 40.04 -59.09 -12.65
C VAL F 20 40.99 -57.90 -12.71
N ASP F 21 40.42 -56.72 -12.94
CA ASP F 21 41.17 -55.47 -12.98
C ASP F 21 40.87 -54.71 -11.69
N THR F 22 41.84 -54.68 -10.79
CA THR F 22 41.66 -54.06 -9.48
C THR F 22 41.96 -52.56 -9.47
N SER F 23 42.37 -51.98 -10.60
CA SER F 23 42.63 -50.55 -10.65
C SER F 23 41.32 -49.78 -10.59
N GLY F 24 41.43 -48.51 -10.20
CA GLY F 24 40.28 -47.63 -10.10
C GLY F 24 39.60 -47.60 -8.75
N ILE F 25 39.99 -48.47 -7.83
CA ILE F 25 39.44 -48.49 -6.46
C ILE F 25 40.56 -48.25 -5.45
N GLY F 26 41.79 -48.59 -5.80
CA GLY F 26 42.92 -48.38 -4.92
C GLY F 26 43.27 -46.91 -4.77
N SER F 32 51.64 -35.31 2.81
CA SER F 32 52.76 -35.87 3.56
C SER F 32 52.59 -35.61 5.05
N GLU F 33 53.19 -36.48 5.87
CA GLU F 33 53.06 -36.34 7.32
C GLU F 33 53.91 -35.19 7.86
N LYS F 34 55.07 -34.92 7.23
CA LYS F 34 55.98 -33.87 7.67
C LYS F 34 56.44 -34.13 9.11
N VAL F 35 57.17 -35.23 9.27
CA VAL F 35 57.60 -35.67 10.60
C VAL F 35 58.67 -34.72 11.13
N PHE F 36 58.67 -34.53 12.45
CA PHE F 36 59.60 -33.66 13.15
C PHE F 36 60.72 -34.49 13.77
N CYS F 37 61.89 -33.85 13.94
CA CYS F 37 63.08 -34.51 14.44
C CYS F 37 63.69 -33.71 15.58
N LEU F 38 64.35 -34.41 16.49
CA LEU F 38 65.03 -33.80 17.63
C LEU F 38 66.27 -34.61 17.96
N ILE F 39 67.35 -33.90 18.30
CA ILE F 39 68.60 -34.51 18.75
C ILE F 39 69.08 -33.75 19.98
N GLY F 40 69.46 -34.49 21.01
CA GLY F 40 69.95 -33.85 22.23
C GLY F 40 70.29 -34.89 23.28
N GLN F 41 70.68 -34.38 24.44
CA GLN F 41 71.06 -35.24 25.55
C GLN F 41 69.84 -35.92 26.16
N ALA F 42 70.03 -37.15 26.63
CA ALA F 42 68.96 -37.90 27.28
C ALA F 42 69.58 -38.93 28.21
N GLU F 43 68.77 -39.41 29.15
CA GLU F 43 69.18 -40.40 30.13
C GLU F 43 68.65 -41.80 29.81
N GLY F 44 68.24 -42.03 28.55
CA GLY F 44 67.71 -43.33 28.17
C GLY F 44 67.67 -43.47 26.67
N GLY F 45 67.48 -44.71 26.24
CA GLY F 45 67.44 -45.04 24.83
C GLY F 45 68.79 -45.49 24.31
N GLU F 46 68.75 -46.32 23.27
CA GLU F 46 69.99 -46.84 22.70
C GLU F 46 70.76 -45.72 21.99
N PRO F 47 72.08 -45.84 21.88
CA PRO F 47 72.83 -44.81 21.15
C PRO F 47 72.76 -45.03 19.65
N ASN F 48 72.76 -43.90 18.92
CA ASN F 48 72.72 -43.91 17.46
C ASN F 48 71.51 -44.66 16.93
N THR F 49 70.36 -44.46 17.58
CA THR F 49 69.11 -45.11 17.23
C THR F 49 68.00 -44.08 17.18
N VAL F 50 67.15 -44.19 16.16
CA VAL F 50 66.01 -43.29 15.97
C VAL F 50 64.75 -44.03 16.39
N TYR F 51 63.98 -43.40 17.29
CA TYR F 51 62.75 -43.96 17.82
C TYR F 51 61.58 -43.09 17.42
N GLU F 52 60.53 -43.71 16.90
CA GLU F 52 59.31 -42.98 16.54
C GLU F 52 58.48 -42.73 17.80
N LEU F 53 58.11 -41.48 18.02
CA LEU F 53 57.39 -41.05 19.22
C LEU F 53 56.02 -40.54 18.81
N ARG F 54 54.99 -40.99 19.53
CA ARG F 54 53.61 -40.57 19.31
C ARG F 54 52.93 -40.02 20.55
N ASN F 55 53.39 -40.38 21.75
CA ASN F 55 52.82 -39.90 23.00
C ASN F 55 53.96 -39.54 23.95
N TYR F 56 53.65 -38.63 24.88
CA TYR F 56 54.65 -38.23 25.87
C TYR F 56 55.00 -39.38 26.81
N SER F 57 54.05 -40.28 27.08
CA SER F 57 54.34 -41.41 27.94
C SER F 57 55.41 -42.31 27.34
N GLN F 58 55.35 -42.54 26.02
CA GLN F 58 56.35 -43.36 25.36
C GLN F 58 57.74 -42.72 25.46
N ALA F 59 57.82 -41.40 25.26
CA ALA F 59 59.10 -40.72 25.35
C ALA F 59 59.67 -40.78 26.76
N LYS F 60 58.81 -40.60 27.77
CA LYS F 60 59.29 -40.62 29.15
C LYS F 60 59.81 -42.01 29.52
N ARG F 61 59.10 -43.06 29.10
CA ARG F 61 59.58 -44.42 29.35
C ARG F 61 60.90 -44.68 28.64
N LEU F 62 61.04 -44.20 27.40
CA LEU F 62 62.27 -44.38 26.65
C LEU F 62 63.37 -43.46 27.17
N PHE F 63 63.13 -42.15 27.09
CA PHE F 63 64.07 -41.15 27.62
C PHE F 63 63.63 -40.78 29.02
N ARG F 64 64.42 -41.17 30.02
CA ARG F 64 64.03 -40.96 31.41
C ARG F 64 63.96 -39.48 31.74
N SER F 65 64.96 -38.71 31.34
CA SER F 65 65.01 -37.28 31.63
C SER F 65 66.10 -36.65 30.77
N GLY F 66 66.09 -35.32 30.73
CA GLY F 66 67.06 -34.55 29.99
C GLY F 66 66.39 -33.43 29.22
N GLU F 67 67.23 -32.67 28.51
CA GLU F 67 66.72 -31.57 27.69
C GLU F 67 65.95 -32.08 26.49
N LEU F 68 66.28 -33.28 26.00
CA LEU F 68 65.57 -33.84 24.86
C LEU F 68 64.11 -34.12 25.21
N LEU F 69 63.85 -34.63 26.42
CA LEU F 69 62.48 -34.89 26.83
C LEU F 69 61.67 -33.60 26.94
N ASP F 70 62.30 -32.53 27.45
CA ASP F 70 61.62 -31.24 27.52
C ASP F 70 61.30 -30.72 26.13
N ALA F 71 62.21 -30.92 25.17
CA ALA F 71 61.95 -30.48 23.80
C ALA F 71 60.74 -31.20 23.21
N ILE F 72 60.61 -32.50 23.48
CA ILE F 72 59.45 -33.26 22.99
C ILE F 72 58.18 -32.70 23.61
N GLU F 73 58.22 -32.41 24.91
CA GLU F 73 57.05 -31.83 25.58
C GLU F 73 56.69 -30.47 24.99
N LEU F 74 57.72 -29.64 24.72
CA LEU F 74 57.45 -28.30 24.20
C LEU F 74 56.97 -28.33 22.76
N ALA F 75 57.38 -29.35 21.98
CA ALA F 75 57.00 -29.40 20.58
C ALA F 75 55.49 -29.57 20.42
N TRP F 76 54.89 -30.48 21.20
CA TRP F 76 53.46 -30.71 21.11
C TRP F 76 52.66 -29.59 21.78
N GLY F 77 53.22 -28.95 22.81
CA GLY F 77 52.52 -27.89 23.49
C GLY F 77 52.50 -26.56 22.76
N SER F 78 53.30 -26.42 21.70
CA SER F 78 53.32 -25.17 20.95
C SER F 78 52.10 -24.99 20.07
N ASN F 79 51.41 -26.07 19.72
CA ASN F 79 50.23 -26.03 18.84
C ASN F 79 49.12 -26.87 19.43
N PRO F 80 48.44 -26.36 20.47
CA PRO F 80 47.28 -27.10 21.02
C PRO F 80 46.14 -27.27 20.04
N ASN F 81 46.03 -26.41 19.02
CA ASN F 81 44.90 -26.42 18.09
C ASN F 81 45.17 -27.25 16.84
N TYR F 82 46.31 -27.95 16.76
CA TYR F 82 46.67 -28.74 15.60
C TYR F 82 47.04 -30.14 16.04
N THR F 83 47.05 -31.06 15.07
CA THR F 83 47.34 -32.46 15.35
C THR F 83 48.76 -32.63 15.86
N ALA F 84 48.93 -33.54 16.81
CA ALA F 84 50.24 -33.87 17.37
C ALA F 84 50.89 -34.91 16.48
N GLY F 85 51.85 -34.49 15.66
CA GLY F 85 52.50 -35.37 14.73
C GLY F 85 53.61 -36.19 15.37
N ARG F 86 54.18 -37.07 14.56
CA ARG F 86 55.28 -37.92 15.00
C ARG F 86 56.53 -37.09 15.24
N ILE F 87 57.35 -37.55 16.19
CA ILE F 87 58.63 -36.94 16.52
C ILE F 87 59.69 -38.02 16.54
N LEU F 88 60.83 -37.75 15.91
CA LEU F 88 61.98 -38.65 15.89
C LEU F 88 63.04 -38.11 16.84
N ALA F 89 63.56 -38.99 17.71
CA ALA F 89 64.48 -38.61 18.78
C ALA F 89 65.72 -39.48 18.73
N MET F 90 66.83 -38.91 19.19
CA MET F 90 68.11 -39.61 19.26
C MET F 90 68.90 -39.09 20.45
N ARG F 91 69.68 -39.98 21.06
CA ARG F 91 70.55 -39.66 22.17
C ARG F 91 71.98 -39.50 21.66
N ILE F 92 72.54 -38.29 21.83
CA ILE F 92 73.90 -38.05 21.38
C ILE F 92 74.90 -38.82 22.24
N GLU F 93 74.62 -38.99 23.53
CA GLU F 93 75.57 -39.63 24.42
C GLU F 93 75.82 -41.07 24.01
N ASP F 94 77.11 -41.46 23.97
CA ASP F 94 77.51 -42.82 23.63
C ASP F 94 77.51 -43.70 24.88
N ALA F 95 76.32 -43.86 25.46
CA ALA F 95 76.16 -44.65 26.67
C ALA F 95 76.38 -46.13 26.38
N LYS F 96 76.73 -46.86 27.43
CA LYS F 96 76.96 -48.30 27.38
C LYS F 96 76.14 -48.99 28.46
N PRO F 97 75.80 -50.26 28.28
CA PRO F 97 74.93 -50.94 29.25
C PRO F 97 75.71 -51.45 30.45
N ALA F 98 75.11 -51.34 31.63
CA ALA F 98 75.70 -51.91 32.82
C ALA F 98 75.67 -53.43 32.76
N SER F 99 76.75 -54.05 33.21
CA SER F 99 76.87 -55.50 33.17
C SER F 99 77.72 -55.97 34.35
N ALA F 100 77.53 -57.23 34.72
CA ALA F 100 78.29 -57.85 35.80
C ALA F 100 78.34 -59.35 35.57
N GLU F 101 79.55 -59.88 35.48
CA GLU F 101 79.78 -61.31 35.25
C GLU F 101 79.91 -62.00 36.60
N ILE F 102 78.81 -62.60 37.06
CA ILE F 102 78.77 -63.35 38.31
C ILE F 102 78.06 -64.67 38.06
N GLY F 103 78.61 -65.73 38.62
CA GLY F 103 78.05 -67.05 38.39
C GLY F 103 78.23 -67.49 36.94
N GLY F 104 77.30 -68.33 36.48
CA GLY F 104 77.31 -68.86 35.14
C GLY F 104 76.55 -68.04 34.12
N LEU F 105 76.08 -66.85 34.47
CA LEU F 105 75.28 -66.00 33.59
C LEU F 105 75.98 -64.66 33.42
N LYS F 106 76.04 -64.19 32.18
CA LYS F 106 76.54 -62.85 31.87
C LYS F 106 75.35 -61.89 31.89
N ILE F 107 75.28 -61.06 32.91
CA ILE F 107 74.14 -60.17 33.13
C ILE F 107 74.41 -58.86 32.40
N THR F 108 73.43 -58.41 31.64
CA THR F 108 73.49 -57.14 30.92
C THR F 108 72.16 -56.42 31.06
N SER F 109 72.23 -55.11 31.25
CA SER F 109 71.05 -54.28 31.46
C SER F 109 70.66 -53.58 30.17
N LYS F 110 69.36 -53.62 29.87
CA LYS F 110 68.85 -52.95 28.67
C LYS F 110 68.92 -51.43 28.77
N ILE F 111 68.96 -50.88 29.98
CA ILE F 111 69.07 -49.43 30.16
C ILE F 111 70.51 -49.02 29.98
N TYR F 112 70.73 -47.93 29.24
CA TYR F 112 72.05 -47.40 28.94
C TYR F 112 72.29 -46.13 29.72
N GLY F 113 73.42 -46.07 30.42
CA GLY F 113 73.84 -44.90 31.18
C GLY F 113 74.14 -45.26 32.62
N ASN F 114 74.43 -44.22 33.40
CA ASN F 114 74.75 -44.40 34.81
C ASN F 114 73.54 -44.88 35.61
N VAL F 115 72.33 -44.67 35.11
CA VAL F 115 71.13 -45.09 35.83
C VAL F 115 71.09 -46.61 35.96
N ALA F 116 71.63 -47.33 34.96
CA ALA F 116 71.61 -48.79 35.00
C ALA F 116 72.47 -49.37 36.11
N ASN F 117 73.40 -48.59 36.66
CA ASN F 117 74.26 -49.10 37.73
C ASN F 117 73.49 -49.43 38.99
N ASN F 118 72.32 -48.83 39.20
CA ASN F 118 71.50 -49.09 40.38
C ASN F 118 70.73 -50.41 40.29
N ILE F 119 70.75 -51.08 39.14
CA ILE F 119 70.00 -52.33 38.99
C ILE F 119 70.65 -53.40 39.85
N GLN F 120 69.81 -54.18 40.53
CA GLN F 120 70.24 -55.27 41.40
C GLN F 120 69.68 -56.58 40.87
N VAL F 121 70.52 -57.61 40.82
CA VAL F 121 70.14 -58.93 40.32
C VAL F 121 70.67 -59.98 41.28
N GLY F 122 69.82 -60.96 41.61
CA GLY F 122 70.21 -62.02 42.51
C GLY F 122 69.41 -63.29 42.31
N LEU F 123 70.04 -64.44 42.50
CA LEU F 123 69.42 -65.75 42.36
C LEU F 123 69.37 -66.44 43.71
N GLU F 124 68.22 -67.07 44.00
CA GLU F 124 68.02 -67.86 45.21
C GLU F 124 67.43 -69.20 44.83
N LYS F 125 67.85 -70.24 45.56
CA LYS F 125 67.43 -71.61 45.31
C LYS F 125 66.38 -72.01 46.33
N ASN F 126 65.23 -72.50 45.85
CA ASN F 126 64.15 -72.96 46.70
C ASN F 126 64.38 -74.44 47.01
N THR F 127 64.72 -74.73 48.26
CA THR F 127 64.96 -76.11 48.66
C THR F 127 63.68 -76.93 48.62
N LEU F 128 62.53 -76.32 48.91
CA LEU F 128 61.27 -77.05 48.91
C LEU F 128 60.93 -77.58 47.52
N SER F 129 61.10 -76.77 46.48
CA SER F 129 60.79 -77.17 45.11
C SER F 129 62.03 -77.50 44.26
N ASP F 130 63.23 -77.27 44.77
CA ASP F 130 64.47 -77.51 44.01
C ASP F 130 64.47 -76.69 42.72
N SER F 131 64.06 -75.43 42.83
CA SER F 131 63.99 -74.51 41.70
C SER F 131 64.62 -73.18 42.08
N LEU F 132 65.22 -72.52 41.09
CA LEU F 132 65.85 -71.23 41.31
C LEU F 132 64.80 -70.13 41.42
N ARG F 133 65.22 -69.01 41.97
CA ARG F 133 64.35 -67.84 42.16
C ARG F 133 65.13 -66.58 41.84
N LEU F 134 64.69 -65.87 40.81
CA LEU F 134 65.34 -64.64 40.35
C LEU F 134 64.54 -63.43 40.85
N ARG F 135 65.24 -62.46 41.41
CA ARG F 135 64.64 -61.23 41.90
C ARG F 135 65.43 -60.04 41.36
N VAL F 136 64.72 -59.07 40.81
CA VAL F 136 65.31 -57.86 40.24
C VAL F 136 64.73 -56.66 40.99
N ILE F 137 65.61 -55.81 41.51
CA ILE F 137 65.23 -54.63 42.27
C ILE F 137 65.79 -53.41 41.58
N PHE F 138 64.95 -52.40 41.37
CA PHE F 138 65.36 -51.16 40.72
C PHE F 138 64.54 -50.04 41.36
N GLN F 139 65.14 -49.36 42.34
CA GLN F 139 64.40 -48.41 43.16
C GLN F 139 63.95 -47.19 42.36
N ASP F 140 64.67 -46.84 41.29
CA ASP F 140 64.34 -45.63 40.54
C ASP F 140 62.94 -45.74 39.91
N ASP F 141 62.62 -46.89 39.34
CA ASP F 141 61.29 -47.15 38.79
C ASP F 141 60.35 -47.81 39.79
N ARG F 142 60.80 -48.06 41.03
CA ARG F 142 60.02 -48.81 42.02
C ARG F 142 59.64 -50.19 41.49
N PHE F 143 60.55 -50.80 40.75
CA PHE F 143 60.33 -52.10 40.12
C PHE F 143 60.91 -53.18 41.02
N ASN F 144 60.06 -54.14 41.42
CA ASN F 144 60.50 -55.23 42.28
C ASN F 144 59.57 -56.42 42.01
N GLU F 145 60.08 -57.39 41.25
CA GLU F 145 59.34 -58.59 40.90
C GLU F 145 60.23 -59.81 41.09
N VAL F 146 59.60 -60.95 41.38
CA VAL F 146 60.29 -62.21 41.63
C VAL F 146 59.80 -63.22 40.61
N TYR F 147 60.75 -63.85 39.90
CA TYR F 147 60.46 -64.90 38.93
C TYR F 147 60.66 -66.24 39.63
N ASP F 148 59.61 -66.72 40.27
CA ASP F 148 59.67 -67.95 41.06
C ASP F 148 59.47 -69.17 40.15
N ASN F 149 59.90 -70.33 40.67
CA ASN F 149 59.73 -71.60 39.98
C ASN F 149 60.48 -71.62 38.65
N ILE F 150 61.72 -71.14 38.66
CA ILE F 150 62.57 -71.20 37.48
C ILE F 150 62.93 -72.66 37.22
N GLY F 151 62.80 -73.08 35.96
CA GLY F 151 63.00 -74.47 35.62
C GLY F 151 61.80 -75.31 36.01
N ASN F 152 62.04 -76.61 36.17
CA ASN F 152 60.99 -77.57 36.53
C ASN F 152 59.87 -77.57 35.51
N ILE F 153 60.24 -77.85 34.25
CA ILE F 153 59.30 -77.73 33.15
C ILE F 153 58.23 -78.82 33.22
N PHE F 154 58.61 -80.04 33.57
CA PHE F 154 57.65 -81.13 33.66
C PHE F 154 58.27 -82.27 34.45
N THR F 155 57.46 -83.29 34.71
CA THR F 155 57.83 -84.47 35.50
C THR F 155 57.78 -85.72 34.63
N ILE F 156 58.58 -86.71 35.03
CA ILE F 156 58.56 -88.05 34.44
C ILE F 156 58.41 -89.05 35.57
N LYS F 157 57.45 -89.95 35.44
CA LYS F 157 57.15 -90.95 36.47
C LYS F 157 57.00 -92.31 35.83
N TYR F 158 57.35 -93.34 36.60
CA TYR F 158 57.29 -94.74 36.16
C TYR F 158 56.51 -95.55 37.18
N LYS F 159 55.51 -96.30 36.71
CA LYS F 159 54.64 -97.10 37.56
C LYS F 159 54.72 -98.59 37.24
N GLY F 160 55.69 -99.03 36.43
CA GLY F 160 55.80 -100.43 36.12
C GLY F 160 56.30 -101.24 37.30
N GLU F 161 56.18 -102.56 37.17
CA GLU F 161 56.59 -103.49 38.21
C GLU F 161 58.07 -103.87 38.13
N GLU F 162 58.83 -103.31 37.19
CA GLU F 162 60.24 -103.64 37.07
C GLU F 162 61.01 -103.07 38.25
N ALA F 163 62.27 -103.51 38.37
CA ALA F 163 63.08 -103.12 39.52
C ALA F 163 63.35 -101.62 39.54
N ASN F 164 63.80 -101.06 38.43
CA ASN F 164 64.17 -99.65 38.36
C ASN F 164 63.96 -99.14 36.94
N ALA F 165 63.84 -97.82 36.82
CA ALA F 165 63.72 -97.15 35.54
C ALA F 165 64.49 -95.84 35.61
N THR F 166 65.23 -95.53 34.55
CA THR F 166 66.07 -94.35 34.48
C THR F 166 65.97 -93.72 33.09
N PHE F 167 66.29 -92.43 33.02
CA PHE F 167 66.32 -91.70 31.77
C PHE F 167 67.58 -90.83 31.73
N SER F 168 67.99 -90.49 30.51
CA SER F 168 69.18 -89.68 30.30
C SER F 168 68.99 -88.80 29.08
N VAL F 169 69.77 -87.72 29.03
CA VAL F 169 69.72 -86.74 27.95
C VAL F 169 71.12 -86.60 27.38
N GLU F 170 71.23 -86.67 26.06
CA GLU F 170 72.50 -86.56 25.35
C GLU F 170 72.56 -85.23 24.61
N HIS F 171 73.75 -84.62 24.62
CA HIS F 171 73.97 -83.31 24.02
C HIS F 171 75.01 -83.42 22.92
N ASP F 172 74.79 -82.65 21.84
CA ASP F 172 75.74 -82.60 20.75
C ASP F 172 76.97 -81.81 21.19
N GLU F 173 78.15 -82.38 20.92
CA GLU F 173 79.39 -81.75 21.38
C GLU F 173 79.62 -80.40 20.70
N GLU F 174 79.35 -80.32 19.39
CA GLU F 174 79.64 -79.09 18.66
C GLU F 174 78.76 -77.94 19.12
N THR F 175 77.46 -78.18 19.29
CA THR F 175 76.50 -77.13 19.62
C THR F 175 76.13 -77.10 21.10
N GLN F 176 76.45 -78.15 21.87
CA GLN F 176 76.09 -78.23 23.28
C GLN F 176 74.57 -78.10 23.46
N LYS F 177 73.81 -78.72 22.56
CA LYS F 177 72.36 -78.73 22.58
C LYS F 177 71.86 -80.16 22.70
N ALA F 178 70.76 -80.34 23.43
CA ALA F 178 70.19 -81.67 23.60
C ALA F 178 69.72 -82.21 22.26
N SER F 179 69.97 -83.51 22.05
CA SER F 179 69.68 -84.17 20.78
C SER F 179 68.81 -85.41 20.98
N ARG F 180 68.90 -86.06 22.14
CA ARG F 180 68.16 -87.27 22.42
C ARG F 180 67.66 -87.26 23.86
N LEU F 181 66.58 -88.02 24.08
CA LEU F 181 66.02 -88.20 25.42
C LEU F 181 65.58 -89.67 25.49
N VAL F 182 66.39 -90.50 26.13
CA VAL F 182 66.20 -91.95 26.16
C VAL F 182 65.59 -92.34 27.49
N LEU F 183 64.52 -93.14 27.42
CA LEU F 183 63.90 -93.73 28.59
C LEU F 183 64.38 -95.18 28.71
N LYS F 184 64.95 -95.52 29.86
CA LYS F 184 65.60 -96.81 30.08
C LYS F 184 64.95 -97.52 31.25
N VAL F 185 64.64 -98.80 31.06
CA VAL F 185 64.16 -99.68 32.13
C VAL F 185 65.16 -100.82 32.25
N GLY F 186 65.68 -101.02 33.46
CA GLY F 186 66.75 -101.97 33.65
C GLY F 186 68.02 -101.53 32.96
N ASP F 187 68.55 -102.38 32.06
CA ASP F 187 69.76 -102.07 31.31
C ASP F 187 69.45 -101.67 29.87
N GLN F 188 68.61 -102.42 29.17
CA GLN F 188 68.32 -102.15 27.77
C GLN F 188 67.41 -100.92 27.63
N GLU F 189 67.53 -100.25 26.49
CA GLU F 189 66.72 -99.08 26.21
C GLU F 189 65.32 -99.50 25.76
N VAL F 190 64.32 -98.74 26.22
CA VAL F 190 62.93 -99.02 25.87
C VAL F 190 62.54 -98.18 24.67
N LYS F 191 62.64 -96.86 24.79
CA LYS F 191 62.28 -95.95 23.72
C LYS F 191 63.07 -94.66 23.89
N SER F 192 63.37 -94.01 22.76
CA SER F 192 64.13 -92.77 22.73
C SER F 192 63.43 -91.77 21.81
N TYR F 193 63.51 -90.49 22.19
CA TYR F 193 62.94 -89.39 21.42
C TYR F 193 64.09 -88.57 20.83
N ASP F 194 64.02 -88.31 19.53
CA ASP F 194 65.03 -87.53 18.84
C ASP F 194 64.67 -86.05 18.93
N LEU F 195 65.56 -85.26 19.52
CA LEU F 195 65.33 -83.83 19.74
C LEU F 195 66.00 -82.95 18.68
N THR F 196 66.50 -83.55 17.58
CA THR F 196 67.13 -82.75 16.54
C THR F 196 66.15 -81.79 15.90
N GLY F 197 64.94 -82.24 15.63
CA GLY F 197 63.94 -81.38 15.05
C GLY F 197 62.82 -82.20 14.43
N GLY F 198 61.85 -81.47 13.88
CA GLY F 198 60.73 -82.09 13.21
C GLY F 198 59.59 -82.45 14.15
N ALA F 199 59.48 -83.75 14.47
CA ALA F 199 58.35 -84.21 15.29
C ALA F 199 58.44 -83.72 16.73
N TYR F 200 59.64 -83.43 17.22
CA TYR F 200 59.88 -83.05 18.61
C TYR F 200 60.62 -81.73 18.68
N ASP F 201 60.12 -80.73 17.95
CA ASP F 201 60.71 -79.39 18.02
C ASP F 201 60.54 -78.80 19.42
N TYR F 202 59.37 -78.99 20.03
CA TYR F 202 59.05 -78.46 21.34
C TYR F 202 58.77 -79.59 22.31
N THR F 203 58.85 -79.27 23.60
CA THR F 203 58.68 -80.27 24.65
C THR F 203 57.24 -80.76 24.76
N ASN F 204 56.27 -80.02 24.20
CA ASN F 204 54.87 -80.42 24.32
C ASN F 204 54.61 -81.77 23.65
N ALA F 205 55.22 -81.99 22.49
CA ALA F 205 55.05 -83.28 21.81
C ALA F 205 55.67 -84.41 22.62
N ILE F 206 56.78 -84.15 23.31
CA ILE F 206 57.42 -85.19 24.10
C ILE F 206 56.53 -85.62 25.25
N ILE F 207 55.86 -84.67 25.89
CA ILE F 207 55.01 -84.98 27.04
C ILE F 207 53.85 -85.88 26.62
N THR F 208 53.23 -85.58 25.47
CA THR F 208 52.08 -86.36 25.03
C THR F 208 52.48 -87.80 24.73
N ASP F 209 53.63 -88.00 24.07
CA ASP F 209 54.05 -89.35 23.72
C ASP F 209 54.39 -90.17 24.95
N ILE F 210 54.95 -89.53 25.99
CA ILE F 210 55.30 -90.26 27.20
C ILE F 210 54.05 -90.82 27.87
N ASN F 211 52.97 -90.03 27.93
CA ASN F 211 51.75 -90.50 28.56
C ASN F 211 51.14 -91.67 27.81
N GLN F 212 51.35 -91.77 26.50
CA GLN F 212 50.79 -92.86 25.72
C GLN F 212 51.38 -94.21 26.10
N LEU F 213 52.59 -94.24 26.65
CA LEU F 213 53.21 -95.51 27.02
C LEU F 213 52.48 -96.14 28.20
N PRO F 214 52.61 -97.46 28.40
CA PRO F 214 51.85 -98.11 29.48
C PRO F 214 52.26 -97.65 30.87
N ASP F 215 53.57 -97.68 31.15
CA ASP F 215 54.09 -97.40 32.48
C ASP F 215 54.51 -95.95 32.67
N PHE F 216 55.15 -95.34 31.68
CA PHE F 216 55.65 -93.98 31.79
C PHE F 216 54.51 -92.98 31.80
N GLU F 217 54.68 -91.92 32.58
CA GLU F 217 53.70 -90.84 32.68
C GLU F 217 54.43 -89.51 32.80
N ALA F 218 53.76 -88.44 32.40
CA ALA F 218 54.33 -87.10 32.46
C ALA F 218 53.21 -86.09 32.58
N LYS F 219 53.53 -84.96 33.21
CA LYS F 219 52.57 -83.87 33.40
C LYS F 219 53.30 -82.54 33.29
N LEU F 220 52.71 -81.60 32.55
CA LEU F 220 53.29 -80.28 32.43
C LEU F 220 53.20 -79.52 33.76
N SER F 221 54.20 -78.68 34.01
CA SER F 221 54.24 -77.94 35.26
C SER F 221 53.09 -76.95 35.32
N PRO F 222 52.50 -76.70 36.50
CA PRO F 222 51.38 -75.76 36.57
C PRO F 222 51.79 -74.29 36.55
N PHE F 223 53.07 -73.99 36.73
CA PHE F 223 53.53 -72.59 36.83
C PHE F 223 53.70 -72.01 35.42
N GLY F 224 52.57 -71.79 34.76
CA GLY F 224 52.54 -71.17 33.46
C GLY F 224 52.83 -72.15 32.33
N ASP F 225 52.49 -71.72 31.12
CA ASP F 225 52.72 -72.50 29.91
C ASP F 225 54.09 -72.12 29.36
N LYS F 226 55.09 -72.96 29.65
CA LYS F 226 56.45 -72.67 29.22
C LYS F 226 56.68 -73.07 27.77
N ASN F 227 56.50 -74.36 27.47
CA ASN F 227 56.67 -74.89 26.11
C ASN F 227 58.08 -74.62 25.59
N LEU F 228 59.07 -74.90 26.43
CA LEU F 228 60.46 -74.67 26.05
C LEU F 228 60.87 -75.63 24.94
N GLU F 229 61.81 -75.17 24.11
CA GLU F 229 62.33 -76.00 23.04
C GLU F 229 63.09 -77.20 23.60
N SER F 230 63.00 -78.32 22.87
CA SER F 230 63.66 -79.54 23.33
C SER F 230 65.19 -79.40 23.29
N SER F 231 65.72 -78.58 22.38
CA SER F 231 67.17 -78.43 22.28
C SER F 231 67.77 -77.74 23.49
N LYS F 232 66.97 -76.98 24.25
CA LYS F 232 67.46 -76.22 25.40
C LYS F 232 67.39 -77.01 26.71
N LEU F 233 67.00 -78.28 26.68
CA LEU F 233 66.92 -79.08 27.90
C LEU F 233 68.32 -79.30 28.46
N ASP F 234 68.38 -79.45 29.79
CA ASP F 234 69.64 -79.63 30.48
C ASP F 234 70.14 -81.08 30.35
N LYS F 235 71.38 -81.29 30.74
CA LYS F 235 72.04 -82.58 30.63
C LYS F 235 71.84 -83.36 31.94
N ILE F 236 71.16 -84.49 31.85
CA ILE F 236 70.92 -85.39 32.98
C ILE F 236 71.24 -86.80 32.55
N GLU F 237 71.89 -87.57 33.42
CA GLU F 237 72.24 -88.95 33.14
C GLU F 237 72.05 -89.79 34.41
N ASN F 238 71.41 -90.95 34.25
CA ASN F 238 71.23 -91.91 35.33
C ASN F 238 70.45 -91.30 36.50
N ALA F 239 69.22 -90.88 36.22
CA ALA F 239 68.32 -90.33 37.23
C ALA F 239 67.22 -91.35 37.53
N ASN F 240 67.12 -91.74 38.79
CA ASN F 240 66.12 -92.74 39.18
C ASN F 240 64.73 -92.12 39.13
N ILE F 241 63.80 -92.83 38.49
CA ILE F 241 62.45 -92.35 38.28
C ILE F 241 61.46 -93.01 39.24
N LYS F 242 61.65 -94.31 39.50
CA LYS F 242 60.68 -95.06 40.30
C LYS F 242 60.61 -94.53 41.73
N ASP F 243 61.75 -94.19 42.32
CA ASP F 243 61.77 -93.73 43.70
C ASP F 243 60.99 -92.43 43.87
N LYS F 244 61.27 -91.45 43.01
CA LYS F 244 60.56 -90.18 43.04
C LYS F 244 60.53 -89.60 41.63
N ALA F 245 59.57 -88.71 41.39
CA ALA F 245 59.47 -88.04 40.11
C ALA F 245 60.66 -87.11 39.92
N VAL F 246 61.24 -87.14 38.72
CA VAL F 246 62.42 -86.35 38.39
C VAL F 246 61.99 -85.16 37.55
N TYR F 247 62.37 -83.96 37.98
CA TYR F 247 62.07 -82.73 37.26
C TYR F 247 63.18 -82.41 36.28
N VAL F 248 62.81 -82.17 35.03
CA VAL F 248 63.75 -81.65 34.04
C VAL F 248 63.90 -80.16 34.26
N LYS F 249 65.13 -79.72 34.57
CA LYS F 249 65.32 -78.35 35.03
C LYS F 249 65.30 -77.36 33.87
N ALA F 250 66.29 -77.45 32.98
CA ALA F 250 66.46 -76.52 31.86
C ALA F 250 66.45 -75.07 32.38
N VAL F 251 67.38 -74.79 33.28
CA VAL F 251 67.37 -73.51 34.00
C VAL F 251 67.61 -72.35 33.06
N PHE F 252 68.53 -72.49 32.11
CA PHE F 252 68.86 -71.37 31.22
C PHE F 252 67.72 -71.10 30.25
N GLY F 253 67.07 -72.15 29.74
CA GLY F 253 65.99 -71.95 28.78
C GLY F 253 64.81 -71.22 29.38
N ASP F 254 64.48 -71.52 30.64
CA ASP F 254 63.34 -70.87 31.29
C ASP F 254 63.59 -69.38 31.50
N LEU F 255 64.83 -68.99 31.78
CA LEU F 255 65.14 -67.58 31.98
C LEU F 255 64.87 -66.77 30.72
N GLU F 256 65.25 -67.30 29.55
CA GLU F 256 65.06 -66.58 28.30
C GLU F 256 63.58 -66.34 28.02
N LYS F 257 62.74 -67.33 28.30
CA LYS F 257 61.30 -67.19 28.02
C LYS F 257 60.70 -66.07 28.84
N GLN F 258 61.11 -65.93 30.09
CA GLN F 258 60.57 -64.93 31.00
C GLN F 258 61.32 -63.59 30.97
N THR F 259 62.39 -63.48 30.17
CA THR F 259 63.19 -62.26 30.12
C THR F 259 63.58 -61.83 28.71
N ALA F 260 63.22 -62.59 27.67
CA ALA F 260 63.59 -62.17 26.31
C ALA F 260 62.90 -60.88 25.92
N TYR F 261 61.62 -60.73 26.27
CA TYR F 261 60.84 -59.53 25.95
C TYR F 261 60.09 -59.01 27.17
N ASN F 262 60.59 -59.28 28.38
CA ASN F 262 59.98 -58.82 29.61
C ASN F 262 61.08 -58.46 30.60
N GLY F 263 60.74 -57.61 31.55
CA GLY F 263 61.71 -57.16 32.54
C GLY F 263 62.63 -56.10 31.96
N ILE F 264 63.71 -55.85 32.70
CA ILE F 264 64.69 -54.81 32.35
C ILE F 264 66.04 -55.45 32.06
N VAL F 265 66.34 -56.58 32.70
CA VAL F 265 67.65 -57.21 32.66
C VAL F 265 67.59 -58.40 31.71
N SER F 266 68.58 -58.49 30.82
CA SER F 266 68.78 -59.63 29.94
C SER F 266 69.90 -60.52 30.50
N PHE F 267 69.90 -61.77 30.07
CA PHE F 267 70.86 -62.77 30.54
C PHE F 267 71.44 -63.53 29.36
N GLU F 268 72.71 -63.92 29.51
CA GLU F 268 73.41 -64.72 28.51
C GLU F 268 74.30 -65.73 29.23
N GLN F 269 74.60 -66.82 28.53
CA GLN F 269 75.41 -67.90 29.08
C GLN F 269 76.85 -67.75 28.60
N LEU F 270 77.79 -67.83 29.53
CA LEU F 270 79.22 -67.72 29.21
C LEU F 270 79.68 -68.89 28.37
N LYS F 298 79.96 -73.34 31.48
CA LYS F 298 79.83 -72.92 32.87
C LYS F 298 78.55 -73.47 33.48
N THR F 299 78.53 -73.59 34.81
CA THR F 299 77.39 -74.10 35.55
C THR F 299 76.69 -72.95 36.26
N ILE F 300 75.37 -72.86 36.08
CA ILE F 300 74.59 -71.80 36.70
C ILE F 300 74.30 -72.19 38.14
N GLU F 301 74.61 -71.30 39.07
CA GLU F 301 74.40 -71.50 40.50
C GLU F 301 73.88 -70.20 41.10
N PRO F 302 73.26 -70.26 42.27
CA PRO F 302 72.77 -69.02 42.90
C PRO F 302 73.92 -68.10 43.27
N PHE F 303 73.63 -66.79 43.27
CA PHE F 303 74.57 -65.77 43.71
C PHE F 303 73.82 -64.71 44.48
N GLU F 304 74.53 -64.03 45.36
CA GLU F 304 73.92 -63.03 46.22
C GLU F 304 73.52 -61.79 45.42
N LEU F 305 72.63 -60.99 46.01
CA LEU F 305 72.16 -59.76 45.40
C LEU F 305 73.30 -58.77 45.27
N THR F 306 73.65 -58.38 44.04
CA THR F 306 74.76 -57.49 43.76
C THR F 306 74.36 -56.48 42.70
N LYS F 307 74.79 -55.24 42.87
CA LYS F 307 74.53 -54.19 41.90
C LYS F 307 75.38 -54.38 40.65
N LEU F 308 74.82 -53.98 39.51
CA LEU F 308 75.55 -54.04 38.25
C LEU F 308 76.55 -52.89 38.18
N LYS F 309 77.50 -53.03 37.26
CA LYS F 309 78.57 -52.04 37.07
C LYS F 309 78.81 -51.86 35.58
N GLY F 310 79.70 -50.91 35.26
CA GLY F 310 80.06 -50.63 33.89
C GLY F 310 79.21 -49.59 33.20
N GLY F 311 78.12 -49.14 33.82
CA GLY F 311 77.30 -48.10 33.22
C GLY F 311 78.07 -46.80 33.13
N THR F 312 78.10 -46.23 31.92
CA THR F 312 78.83 -44.97 31.70
C THR F 312 78.24 -44.29 30.48
N ASN F 313 77.77 -43.05 30.64
CA ASN F 313 77.23 -42.30 29.51
C ASN F 313 78.31 -42.00 28.48
N GLY F 314 79.56 -41.87 28.91
CA GLY F 314 80.66 -41.60 28.00
C GLY F 314 80.82 -40.11 27.72
N GLU F 315 81.97 -39.78 27.14
CA GLU F 315 82.25 -38.40 26.80
C GLU F 315 81.34 -37.95 25.66
N PRO F 316 81.04 -36.65 25.56
CA PRO F 316 80.15 -36.20 24.49
C PRO F 316 80.84 -36.34 23.14
N PRO F 317 80.07 -36.49 22.05
CA PRO F 317 80.70 -36.66 20.74
C PRO F 317 81.45 -35.40 20.30
N ALA F 318 82.54 -35.63 19.57
CA ALA F 318 83.30 -34.50 19.03
C ALA F 318 82.54 -33.79 17.93
N THR F 319 81.85 -34.56 17.08
CA THR F 319 81.05 -34.02 15.98
C THR F 319 79.75 -34.78 15.88
N TRP F 320 78.71 -34.09 15.42
CA TRP F 320 77.37 -34.66 15.27
C TRP F 320 77.10 -35.16 13.86
N ALA F 321 78.11 -35.17 12.97
CA ALA F 321 77.88 -35.59 11.60
C ALA F 321 77.45 -37.06 11.54
N ASP F 322 78.09 -37.91 12.33
CA ASP F 322 77.72 -39.33 12.34
C ASP F 322 76.30 -39.52 12.87
N LYS F 323 75.92 -38.73 13.88
CA LYS F 323 74.58 -38.87 14.45
C LYS F 323 73.51 -38.50 13.43
N LEU F 324 73.75 -37.44 12.65
CA LEU F 324 72.74 -36.96 11.71
C LEU F 324 72.50 -37.95 10.58
N ASP F 325 73.50 -38.77 10.25
CA ASP F 325 73.37 -39.69 9.12
C ASP F 325 72.26 -40.71 9.35
N LYS F 326 71.96 -41.04 10.61
CA LYS F 326 70.91 -42.00 10.90
C LYS F 326 69.52 -41.47 10.56
N PHE F 327 69.36 -40.15 10.47
CA PHE F 327 68.10 -39.53 10.09
C PHE F 327 67.93 -39.40 8.58
N ALA F 328 68.78 -40.06 7.79
CA ALA F 328 68.76 -39.86 6.35
C ALA F 328 67.46 -40.35 5.73
N HIS F 329 67.06 -41.59 6.04
CA HIS F 329 65.91 -42.24 5.43
C HIS F 329 64.75 -42.41 6.40
N GLU F 330 64.68 -41.58 7.44
CA GLU F 330 63.59 -41.66 8.41
C GLU F 330 62.35 -40.87 8.00
N GLY F 331 62.42 -40.10 6.91
CA GLY F 331 61.26 -39.38 6.41
C GLY F 331 61.00 -38.03 7.06
N GLY F 332 61.88 -37.57 7.95
CA GLY F 332 61.67 -36.29 8.58
C GLY F 332 62.00 -35.12 7.67
N TYR F 333 61.43 -33.96 8.01
CA TYR F 333 61.63 -32.72 7.26
C TYR F 333 62.27 -31.64 8.11
N TYR F 334 61.78 -31.40 9.32
CA TYR F 334 62.30 -30.38 10.22
C TYR F 334 63.18 -31.02 11.28
N ILE F 335 64.34 -30.42 11.51
CA ILE F 335 65.30 -30.88 12.52
C ILE F 335 65.74 -29.68 13.35
N VAL F 336 65.78 -29.85 14.66
CA VAL F 336 66.14 -28.79 15.60
C VAL F 336 67.27 -29.29 16.50
N PRO F 337 68.54 -29.06 16.16
CA PRO F 337 69.62 -29.51 17.06
C PRO F 337 69.60 -28.75 18.38
N LEU F 338 69.59 -29.50 19.47
CA LEU F 338 69.53 -28.91 20.81
C LEU F 338 70.94 -28.59 21.32
N SER F 339 71.60 -27.68 20.61
CA SER F 339 72.93 -27.23 20.97
C SER F 339 73.13 -25.82 20.43
N SER F 340 73.80 -24.98 21.23
CA SER F 340 74.07 -23.60 20.86
C SER F 340 75.40 -23.42 20.13
N LYS F 341 76.20 -24.46 19.99
CA LYS F 341 77.48 -24.34 19.33
C LYS F 341 77.30 -24.05 17.84
N GLN F 342 78.10 -23.12 17.33
CA GLN F 342 78.05 -22.81 15.91
C GLN F 342 78.53 -23.97 15.05
N SER F 343 79.48 -24.76 15.56
CA SER F 343 79.95 -25.92 14.81
C SER F 343 78.84 -26.94 14.60
N VAL F 344 78.01 -27.15 15.62
CA VAL F 344 76.89 -28.09 15.49
C VAL F 344 75.90 -27.59 14.45
N HIS F 345 75.66 -26.28 14.43
CA HIS F 345 74.74 -25.70 13.44
C HIS F 345 75.24 -25.92 12.02
N ALA F 346 76.55 -25.77 11.82
CA ALA F 346 77.13 -25.93 10.48
C ALA F 346 76.96 -27.36 9.98
N GLU F 347 77.15 -28.35 10.86
CA GLU F 347 77.00 -29.74 10.46
C GLU F 347 75.57 -30.04 10.04
N VAL F 348 74.59 -29.54 10.80
CA VAL F 348 73.19 -29.73 10.43
C VAL F 348 72.88 -28.97 9.16
N ALA F 349 73.49 -27.80 8.98
CA ALA F 349 73.29 -27.03 7.76
C ALA F 349 73.76 -27.81 6.54
N SER F 350 74.91 -28.50 6.65
CA SER F 350 75.38 -29.32 5.56
C SER F 350 74.54 -30.58 5.38
N PHE F 351 74.02 -31.13 6.48
CA PHE F 351 73.25 -32.37 6.42
C PHE F 351 71.96 -32.17 5.62
N VAL F 352 71.22 -31.10 5.92
CA VAL F 352 69.95 -30.86 5.20
C VAL F 352 70.22 -30.57 3.74
N LYS F 353 71.33 -29.90 3.44
CA LYS F 353 71.71 -29.67 2.05
C LYS F 353 72.02 -30.99 1.34
N GLU F 354 72.71 -31.90 2.03
CA GLU F 354 73.09 -33.17 1.41
C GLU F 354 71.86 -34.00 1.02
N ARG F 355 70.88 -34.09 1.93
CA ARG F 355 69.70 -34.89 1.63
C ARG F 355 68.83 -34.24 0.57
N SER F 356 68.79 -32.91 0.52
CA SER F 356 68.04 -32.22 -0.52
C SER F 356 68.63 -32.51 -1.89
N ASP F 357 69.96 -32.55 -1.99
CA ASP F 357 70.60 -32.90 -3.25
C ASP F 357 70.31 -34.34 -3.65
N ALA F 358 70.05 -35.22 -2.68
CA ALA F 358 69.75 -36.62 -2.93
C ALA F 358 68.25 -36.89 -3.13
N GLY F 359 67.41 -35.86 -3.11
CA GLY F 359 65.98 -36.04 -3.30
C GLY F 359 65.17 -36.14 -2.04
N GLU F 360 65.74 -35.80 -0.88
CA GLU F 360 65.07 -35.86 0.42
C GLU F 360 65.26 -34.52 1.11
N PRO F 361 64.54 -33.48 0.69
CA PRO F 361 64.76 -32.15 1.26
C PRO F 361 64.41 -32.08 2.73
N MET F 362 65.16 -31.25 3.45
CA MET F 362 64.95 -31.02 4.88
C MET F 362 65.31 -29.59 5.19
N ARG F 363 64.84 -29.12 6.35
CA ARG F 363 65.11 -27.77 6.82
C ARG F 363 65.45 -27.82 8.30
N ALA F 364 66.21 -26.82 8.75
CA ALA F 364 66.74 -26.77 10.10
C ALA F 364 66.38 -25.43 10.75
N ILE F 365 66.17 -25.48 12.07
CA ILE F 365 65.91 -24.29 12.89
C ILE F 365 66.82 -24.38 14.10
N VAL F 366 67.57 -23.30 14.36
CA VAL F 366 68.57 -23.27 15.42
C VAL F 366 68.44 -21.98 16.21
N GLY F 367 69.03 -21.97 17.39
CA GLY F 367 69.04 -20.80 18.24
C GLY F 367 70.35 -20.70 18.99
N GLY F 368 70.75 -19.46 19.27
CA GLY F 368 72.05 -19.20 19.88
C GLY F 368 72.02 -18.77 21.34
N GLY F 369 72.40 -19.68 22.23
CA GLY F 369 72.75 -19.36 23.60
C GLY F 369 71.64 -18.68 24.39
N PHE F 370 72.05 -17.93 25.40
CA PHE F 370 71.16 -17.16 26.27
C PHE F 370 71.41 -15.67 26.05
N ASN F 371 70.35 -14.94 25.72
CA ASN F 371 70.37 -13.47 25.69
C ASN F 371 71.46 -12.93 24.76
N GLU F 372 71.60 -13.56 23.59
CA GLU F 372 72.58 -13.07 22.63
C GLU F 372 72.13 -11.75 22.02
N SER F 373 73.10 -10.86 21.78
CA SER F 373 72.81 -9.54 21.25
C SER F 373 72.65 -9.60 19.73
N LYS F 374 72.27 -8.46 19.13
CA LYS F 374 72.09 -8.40 17.69
C LYS F 374 73.39 -8.64 16.95
N GLU F 375 74.50 -8.11 17.46
CA GLU F 375 75.79 -8.26 16.79
C GLU F 375 76.20 -9.73 16.74
N GLN F 376 75.99 -10.46 17.84
CA GLN F 376 76.31 -11.89 17.84
C GLN F 376 75.43 -12.65 16.86
N LEU F 377 74.15 -12.29 16.77
CA LEU F 377 73.24 -12.98 15.86
C LEU F 377 73.63 -12.78 14.41
N PHE F 378 74.13 -11.58 14.07
CA PHE F 378 74.56 -11.33 12.70
C PHE F 378 75.73 -12.23 12.33
N GLY F 379 76.65 -12.48 13.28
CA GLY F 379 77.75 -13.38 13.01
C GLY F 379 77.30 -14.79 12.70
N ARG F 380 76.33 -15.30 13.46
CA ARG F 380 75.79 -16.63 13.20
C ARG F 380 75.09 -16.69 11.84
N GLN F 381 74.29 -15.67 11.53
CA GLN F 381 73.56 -15.67 10.26
C GLN F 381 74.52 -15.57 9.07
N ALA F 382 75.54 -14.73 9.18
CA ALA F 382 76.49 -14.56 8.09
C ALA F 382 77.27 -15.85 7.84
N SER F 383 77.61 -16.57 8.90
CA SER F 383 78.40 -17.79 8.75
C SER F 383 77.63 -18.85 7.98
N LEU F 384 76.33 -18.99 8.24
CA LEU F 384 75.53 -20.04 7.61
C LEU F 384 75.13 -19.65 6.20
N SER F 385 74.31 -18.62 6.07
CA SER F 385 73.83 -18.12 4.78
C SER F 385 73.19 -19.23 3.95
N ASN F 386 72.44 -20.10 4.63
CA ASN F 386 71.80 -21.26 4.02
C ASN F 386 70.30 -21.03 3.89
N PRO F 387 69.69 -21.22 2.71
CA PRO F 387 68.22 -21.11 2.65
C PRO F 387 67.49 -22.09 3.54
N ARG F 388 68.05 -23.30 3.73
CA ARG F 388 67.39 -24.35 4.49
C ARG F 388 67.74 -24.32 5.97
N VAL F 389 68.15 -23.17 6.49
CA VAL F 389 68.46 -23.00 7.91
C VAL F 389 67.84 -21.69 8.39
N SER F 390 67.24 -21.72 9.58
CA SER F 390 66.63 -20.55 10.19
C SER F 390 67.21 -20.35 11.58
N LEU F 391 67.49 -19.10 11.92
CA LEU F 391 68.09 -18.73 13.20
C LEU F 391 67.04 -18.06 14.07
N VAL F 392 66.95 -18.49 15.33
CA VAL F 392 66.01 -17.96 16.31
C VAL F 392 66.78 -17.14 17.32
N ALA F 393 66.35 -15.89 17.53
CA ALA F 393 67.04 -14.96 18.41
C ALA F 393 66.49 -14.97 19.83
N ASN F 394 65.18 -14.89 19.97
CA ASN F 394 64.56 -14.73 21.28
C ASN F 394 64.73 -15.98 22.14
N SER F 395 64.92 -15.76 23.43
CA SER F 395 64.95 -16.81 24.44
C SER F 395 64.07 -16.40 25.61
N GLY F 396 63.47 -17.38 26.27
CA GLY F 396 62.54 -17.09 27.34
C GLY F 396 62.29 -18.29 28.21
N THR F 397 61.24 -18.18 29.02
CA THR F 397 60.85 -19.19 30.00
C THR F 397 59.52 -19.80 29.60
N PHE F 398 59.44 -21.14 29.69
CA PHE F 398 58.24 -21.90 29.37
C PHE F 398 57.77 -22.63 30.61
N VAL F 399 56.45 -22.66 30.80
CA VAL F 399 55.83 -23.36 31.93
C VAL F 399 55.56 -24.79 31.47
N MET F 400 56.27 -25.75 32.07
CA MET F 400 56.13 -27.14 31.71
C MET F 400 54.92 -27.77 32.41
N ASP F 401 54.62 -29.01 32.03
CA ASP F 401 53.52 -29.73 32.67
C ASP F 401 53.78 -29.96 34.15
N ASP F 402 55.04 -30.12 34.54
CA ASP F 402 55.38 -30.28 35.94
C ASP F 402 55.22 -29.00 36.74
N GLY F 403 55.07 -27.85 36.08
CA GLY F 403 54.93 -26.57 36.74
C GLY F 403 56.21 -25.78 36.87
N ARG F 404 57.32 -26.25 36.31
CA ARG F 404 58.58 -25.54 36.40
C ARG F 404 58.61 -24.37 35.43
N LYS F 405 58.99 -23.20 35.94
CA LYS F 405 59.25 -22.03 35.09
C LYS F 405 60.71 -22.07 34.62
N ASN F 406 60.97 -23.06 33.76
CA ASN F 406 62.33 -23.35 33.33
C ASN F 406 62.77 -22.34 32.28
N HIS F 407 63.75 -21.51 32.62
CA HIS F 407 64.37 -20.63 31.64
C HIS F 407 65.23 -21.46 30.70
N VAL F 408 65.06 -21.25 29.40
CA VAL F 408 65.69 -22.10 28.38
C VAL F 408 66.37 -21.19 27.36
N PRO F 409 67.36 -21.71 26.64
CA PRO F 409 68.06 -20.88 25.63
C PRO F 409 67.22 -20.72 24.37
N ALA F 410 67.82 -20.06 23.37
CA ALA F 410 67.09 -19.73 22.15
C ALA F 410 66.70 -20.98 21.37
N TYR F 411 67.59 -21.97 21.29
CA TYR F 411 67.33 -23.13 20.44
C TYR F 411 66.17 -23.98 20.97
N MET F 412 65.83 -23.87 22.25
CA MET F 412 64.63 -24.54 22.74
C MET F 412 63.37 -23.85 22.25
N VAL F 413 63.44 -22.54 22.00
CA VAL F 413 62.32 -21.83 21.39
C VAL F 413 62.10 -22.33 19.97
N ALA F 414 63.18 -22.69 19.27
CA ALA F 414 63.06 -23.21 17.91
C ALA F 414 62.27 -24.51 17.87
N VAL F 415 62.28 -25.27 18.96
CA VAL F 415 61.49 -26.50 19.02
C VAL F 415 60.01 -26.16 18.92
N ALA F 416 59.56 -25.12 19.62
CA ALA F 416 58.17 -24.69 19.52
C ALA F 416 57.84 -24.24 18.10
N LEU F 417 58.74 -23.47 17.48
CA LEU F 417 58.53 -23.07 16.09
C LEU F 417 58.55 -24.28 15.16
N GLY F 418 59.50 -25.20 15.38
CA GLY F 418 59.54 -26.40 14.57
C GLY F 418 58.32 -27.29 14.79
N GLY F 419 57.91 -27.45 16.05
CA GLY F 419 56.70 -28.21 16.33
C GLY F 419 55.46 -27.56 15.75
N LEU F 420 55.38 -26.23 15.85
CA LEU F 420 54.26 -25.51 15.24
C LEU F 420 54.28 -25.67 13.73
N ALA F 421 55.46 -25.56 13.11
CA ALA F 421 55.57 -25.69 11.66
C ALA F 421 55.17 -27.08 11.20
N SER F 422 55.58 -28.12 11.93
CA SER F 422 55.23 -29.48 11.55
C SER F 422 53.73 -29.72 11.62
N GLY F 423 53.08 -29.16 12.65
CA GLY F 423 51.64 -29.36 12.80
C GLY F 423 50.83 -28.62 11.75
N LEU F 424 51.36 -27.53 11.21
CA LEU F 424 50.65 -26.78 10.18
C LEU F 424 50.60 -27.56 8.87
N GLU F 425 49.63 -27.21 8.04
CA GLU F 425 49.46 -27.87 6.76
C GLU F 425 50.60 -27.48 5.81
N ILE F 426 50.66 -28.18 4.68
CA ILE F 426 51.70 -27.93 3.70
C ILE F 426 51.47 -26.57 3.06
N GLY F 427 52.51 -25.74 3.03
CA GLY F 427 52.45 -24.42 2.46
C GLY F 427 52.06 -23.33 3.42
N GLU F 428 51.63 -23.68 4.64
CA GLU F 428 51.29 -22.66 5.63
C GLU F 428 52.55 -22.09 6.26
N SER F 429 52.41 -20.90 6.84
CA SER F 429 53.50 -20.16 7.44
C SER F 429 53.26 -19.99 8.94
N ILE F 430 54.35 -19.75 9.66
CA ILE F 430 54.29 -19.52 11.11
C ILE F 430 54.26 -18.03 11.40
N THR F 431 53.94 -17.22 10.39
CA THR F 431 53.93 -15.77 10.56
C THR F 431 52.72 -15.35 11.39
N PHE F 432 52.96 -14.49 12.39
CA PHE F 432 51.94 -13.94 13.28
C PHE F 432 51.21 -14.99 14.11
N LYS F 433 51.71 -16.23 14.15
CA LYS F 433 51.07 -17.27 14.94
C LYS F 433 51.47 -17.13 16.42
N PRO F 434 50.62 -17.56 17.36
CA PRO F 434 51.01 -17.47 18.77
C PRO F 434 52.09 -18.48 19.12
N LEU F 435 52.86 -18.15 20.16
CA LEU F 435 53.93 -18.99 20.66
C LEU F 435 53.64 -19.61 22.02
N ARG F 436 52.81 -18.97 22.84
CA ARG F 436 52.47 -19.46 24.17
C ARG F 436 53.73 -19.59 25.03
N VAL F 437 54.36 -18.44 25.27
CA VAL F 437 55.57 -18.34 26.08
C VAL F 437 55.29 -17.40 27.24
N SER F 438 55.74 -17.79 28.45
CA SER F 438 55.45 -17.00 29.64
C SER F 438 56.11 -15.62 29.56
N SER F 439 57.36 -15.56 29.13
CA SER F 439 58.08 -14.30 29.05
C SER F 439 59.32 -14.49 28.19
N LEU F 440 59.92 -13.37 27.80
CA LEU F 440 61.13 -13.35 26.98
C LEU F 440 62.18 -12.50 27.65
N ASP F 441 63.44 -12.90 27.48
CA ASP F 441 64.54 -12.15 28.09
C ASP F 441 64.65 -10.75 27.53
N GLN F 442 64.50 -10.60 26.21
CA GLN F 442 64.59 -9.32 25.52
C GLN F 442 63.29 -9.05 24.79
N ILE F 443 62.73 -7.87 25.03
CA ILE F 443 61.52 -7.42 24.34
C ILE F 443 62.00 -6.41 23.30
N TYR F 444 62.20 -6.89 22.08
CA TYR F 444 62.71 -6.03 21.02
C TYR F 444 61.69 -4.96 20.65
N GLU F 445 62.17 -3.75 20.38
CA GLU F 445 61.33 -2.66 19.94
C GLU F 445 61.01 -2.81 18.46
N SER F 446 60.21 -1.87 17.93
CA SER F 446 59.83 -1.94 16.52
C SER F 446 61.04 -1.81 15.62
N ILE F 447 61.97 -0.91 15.95
CA ILE F 447 63.16 -0.71 15.13
C ILE F 447 64.06 -1.94 15.20
N ASP F 448 64.17 -2.55 16.38
CA ASP F 448 65.04 -3.72 16.52
C ASP F 448 64.51 -4.90 15.73
N LEU F 449 63.18 -5.09 15.71
CA LEU F 449 62.60 -6.20 14.96
C LEU F 449 62.86 -6.06 13.47
N ASP F 450 62.79 -4.83 12.95
CA ASP F 450 63.02 -4.62 11.52
C ASP F 450 64.45 -4.98 11.14
N GLU F 451 65.42 -4.62 11.98
CA GLU F 451 66.81 -4.94 11.66
C GLU F 451 67.04 -6.45 11.60
N LEU F 452 66.47 -7.19 12.54
CA LEU F 452 66.61 -8.65 12.53
C LEU F 452 65.94 -9.24 11.30
N ASN F 453 64.77 -8.72 10.93
CA ASN F 453 64.09 -9.20 9.72
C ASN F 453 64.91 -8.90 8.47
N GLU F 454 65.53 -7.71 8.41
CA GLU F 454 66.36 -7.36 7.26
C GLU F 454 67.58 -8.26 7.15
N ASN F 455 68.07 -8.78 8.27
CA ASN F 455 69.22 -9.68 8.28
C ASN F 455 68.82 -11.15 8.25
N GLY F 456 67.56 -11.46 7.98
CA GLY F 456 67.13 -12.84 7.88
C GLY F 456 67.19 -13.61 9.19
N ILE F 457 66.72 -12.99 10.28
CA ILE F 457 66.71 -13.61 11.60
C ILE F 457 65.29 -13.55 12.13
N ILE F 458 64.79 -14.69 12.60
CA ILE F 458 63.44 -14.77 13.16
C ILE F 458 63.45 -14.13 14.54
N SER F 459 62.47 -13.24 14.78
CA SER F 459 62.32 -12.56 16.05
C SER F 459 60.88 -12.65 16.52
N ILE F 460 60.70 -12.54 17.84
CA ILE F 460 59.40 -12.67 18.48
C ILE F 460 59.11 -11.36 19.21
N GLU F 461 57.92 -10.81 18.97
CA GLU F 461 57.53 -9.50 19.50
C GLU F 461 56.44 -9.67 20.54
N PHE F 462 56.51 -8.84 21.59
CA PHE F 462 55.48 -8.79 22.62
C PHE F 462 54.46 -7.73 22.21
N VAL F 463 53.24 -8.17 21.92
CA VAL F 463 52.20 -7.29 21.39
C VAL F 463 51.61 -6.50 22.55
N ARG F 464 51.84 -5.19 22.57
CA ARG F 464 51.32 -4.29 23.58
C ARG F 464 50.18 -3.41 23.08
N ASN F 465 49.67 -3.67 21.87
CA ASN F 465 48.59 -2.86 21.31
C ASN F 465 47.22 -3.21 21.86
N ARG F 466 47.10 -4.29 22.63
CA ARG F 466 45.82 -4.73 23.19
C ARG F 466 46.01 -5.07 24.66
N THR F 467 44.90 -5.04 25.39
CA THR F 467 44.94 -5.42 26.81
C THR F 467 45.36 -6.87 26.97
N ASN F 468 44.84 -7.76 26.11
CA ASN F 468 45.20 -9.17 26.13
C ASN F 468 46.49 -9.34 25.32
N THR F 469 47.59 -8.93 25.95
CA THR F 469 48.89 -9.00 25.29
C THR F 469 49.31 -10.45 25.06
N PHE F 470 50.01 -10.67 23.96
CA PHE F 470 50.49 -12.00 23.61
C PHE F 470 51.69 -11.88 22.69
N PHE F 471 52.43 -12.97 22.56
CA PHE F 471 53.62 -13.04 21.71
C PHE F 471 53.26 -13.64 20.36
N ARG F 472 53.97 -13.20 19.32
CA ARG F 472 53.75 -13.70 17.97
C ARG F 472 55.05 -13.62 17.19
N ILE F 473 55.13 -14.40 16.12
CA ILE F 473 56.30 -14.46 15.25
C ILE F 473 56.11 -13.43 14.14
N VAL F 474 57.08 -12.53 13.99
CA VAL F 474 56.95 -11.46 13.01
C VAL F 474 57.04 -12.01 11.60
N ASP F 475 57.95 -12.96 11.37
CA ASP F 475 58.16 -13.50 10.02
C ASP F 475 58.94 -14.80 10.14
N ASP F 476 58.82 -15.63 9.09
CA ASP F 476 59.51 -16.91 8.99
C ASP F 476 60.66 -16.83 7.98
N VAL F 477 61.32 -15.68 7.90
CA VAL F 477 62.39 -15.49 6.92
C VAL F 477 63.56 -16.38 7.27
N THR F 478 64.24 -16.88 6.23
CA THR F 478 65.41 -17.73 6.39
C THR F 478 66.68 -16.89 6.48
N THR F 479 67.81 -17.57 6.72
CA THR F 479 69.08 -16.87 6.79
C THR F 479 69.46 -16.26 5.46
N PHE F 480 69.04 -16.86 4.34
CA PHE F 480 69.32 -16.32 3.03
C PHE F 480 68.56 -15.01 2.86
N ASN F 481 69.29 -13.90 2.84
CA ASN F 481 68.69 -12.57 2.87
C ASN F 481 68.16 -12.11 1.53
N ASP F 482 68.42 -12.83 0.44
CA ASP F 482 67.98 -12.43 -0.88
C ASP F 482 66.47 -12.61 -0.97
N LYS F 483 65.71 -11.55 -0.70
CA LYS F 483 64.26 -11.62 -0.76
C LYS F 483 63.72 -11.67 -2.19
N SER F 484 64.57 -11.47 -3.20
CA SER F 484 64.09 -11.55 -4.58
C SER F 484 63.61 -12.96 -4.92
N ASP F 485 64.21 -13.97 -4.30
CA ASP F 485 63.82 -15.37 -4.50
C ASP F 485 62.96 -15.83 -3.33
N PRO F 486 61.63 -15.72 -3.40
CA PRO F 486 60.81 -16.12 -2.23
C PRO F 486 60.91 -17.60 -1.89
N VAL F 487 61.30 -18.45 -2.83
CA VAL F 487 61.45 -19.88 -2.53
C VAL F 487 62.54 -20.08 -1.49
N LYS F 488 63.69 -19.44 -1.70
CA LYS F 488 64.79 -19.56 -0.75
C LYS F 488 64.57 -18.70 0.49
N ALA F 489 63.99 -17.51 0.33
CA ALA F 489 63.85 -16.58 1.45
C ALA F 489 62.76 -17.02 2.43
N GLU F 490 61.62 -17.47 1.91
CA GLU F 490 60.45 -17.79 2.73
C GLU F 490 60.37 -19.29 2.95
N MET F 491 60.23 -19.69 4.22
CA MET F 491 60.14 -21.11 4.55
C MET F 491 58.87 -21.73 3.97
N ALA F 492 57.73 -21.03 4.08
CA ALA F 492 56.46 -21.58 3.64
C ALA F 492 56.45 -21.80 2.12
N VAL F 493 56.97 -20.83 1.36
CA VAL F 493 56.99 -20.97 -0.09
C VAL F 493 57.92 -22.10 -0.50
N GLY F 494 59.11 -22.16 0.11
CA GLY F 494 60.03 -23.25 -0.17
C GLY F 494 59.52 -24.59 0.28
N GLU F 495 58.79 -24.61 1.40
CA GLU F 495 58.22 -25.87 1.89
C GLU F 495 57.24 -26.45 0.89
N ALA F 496 56.38 -25.61 0.31
CA ALA F 496 55.43 -26.09 -0.68
C ALA F 496 56.15 -26.61 -1.93
N ASN F 497 57.21 -25.92 -2.35
CA ASN F 497 57.96 -26.35 -3.51
C ASN F 497 58.62 -27.70 -3.28
N ASP F 498 59.17 -27.92 -2.08
CA ASP F 498 59.84 -29.18 -1.80
C ASP F 498 58.87 -30.35 -1.82
N PHE F 499 57.74 -30.22 -1.12
CA PHE F 499 56.76 -31.30 -1.08
C PHE F 499 56.13 -31.51 -2.46
N LEU F 500 55.83 -30.42 -3.17
CA LEU F 500 55.26 -30.54 -4.51
C LEU F 500 56.24 -31.25 -5.45
N VAL F 501 57.52 -30.86 -5.41
CA VAL F 501 58.51 -31.48 -6.28
C VAL F 501 58.80 -32.91 -5.84
N SER F 502 58.97 -33.13 -4.54
CA SER F 502 59.36 -34.44 -4.05
C SER F 502 58.24 -35.46 -4.27
N GLU F 503 56.99 -35.09 -3.96
CA GLU F 503 55.89 -36.02 -4.14
C GLU F 503 55.69 -36.38 -5.60
N LEU F 504 55.81 -35.38 -6.49
CA LEU F 504 55.68 -35.66 -7.92
C LEU F 504 56.80 -36.58 -8.40
N LYS F 505 58.00 -36.43 -7.84
CA LYS F 505 59.13 -37.27 -8.25
C LYS F 505 58.87 -38.73 -7.91
N VAL F 506 58.39 -39.00 -6.70
CA VAL F 506 58.18 -40.38 -6.26
C VAL F 506 57.02 -41.02 -7.02
N GLN F 507 55.91 -40.30 -7.18
CA GLN F 507 54.72 -40.89 -7.77
C GLN F 507 54.94 -41.28 -9.23
N LEU F 508 55.64 -40.43 -9.99
CA LEU F 508 55.86 -40.72 -11.40
C LEU F 508 56.71 -41.97 -11.59
N GLU F 509 57.73 -42.15 -10.75
CA GLU F 509 58.60 -43.32 -10.88
C GLU F 509 57.85 -44.62 -10.64
N ASP F 510 57.02 -44.67 -9.59
CA ASP F 510 56.31 -45.90 -9.27
C ASP F 510 55.24 -46.22 -10.32
N GLN F 511 54.71 -45.21 -11.00
CA GLN F 511 53.58 -45.39 -11.90
C GLN F 511 54.02 -45.73 -13.33
N PHE F 512 54.84 -44.86 -13.93
CA PHE F 512 55.08 -44.91 -15.37
C PHE F 512 56.37 -45.61 -15.76
N ILE F 513 57.41 -45.58 -14.92
CA ILE F 513 58.66 -46.24 -15.28
C ILE F 513 58.45 -47.75 -15.28
N GLY F 514 58.93 -48.41 -16.33
CA GLY F 514 58.75 -49.83 -16.52
C GLY F 514 57.52 -50.23 -17.31
N THR F 515 56.65 -49.28 -17.64
CA THR F 515 55.45 -49.54 -18.42
C THR F 515 55.72 -49.35 -19.91
N ARG F 516 54.89 -50.00 -20.72
CA ARG F 516 55.04 -49.92 -22.17
C ARG F 516 54.74 -48.51 -22.66
N THR F 517 55.45 -48.10 -23.72
CA THR F 517 55.23 -46.81 -24.36
C THR F 517 54.13 -46.95 -25.41
N ILE F 518 52.92 -47.18 -24.91
CA ILE F 518 51.75 -47.35 -25.77
C ILE F 518 51.40 -46.00 -26.40
N ASN F 519 50.50 -46.04 -27.39
CA ASN F 519 50.11 -44.80 -28.07
C ASN F 519 49.43 -43.83 -27.11
N THR F 520 48.61 -44.35 -26.21
CA THR F 520 47.88 -43.52 -25.24
C THR F 520 48.71 -43.20 -24.00
N SER F 521 50.02 -43.42 -24.02
CA SER F 521 50.85 -43.12 -22.86
C SER F 521 50.85 -41.63 -22.56
N ALA F 522 50.93 -40.79 -23.59
CA ALA F 522 50.96 -39.35 -23.37
C ALA F 522 49.65 -38.86 -22.76
N SER F 523 48.52 -39.37 -23.25
CA SER F 523 47.23 -38.97 -22.69
C SER F 523 47.08 -39.41 -21.24
N ILE F 524 47.54 -40.63 -20.93
CA ILE F 524 47.44 -41.14 -19.56
C ILE F 524 48.31 -40.31 -18.62
N ILE F 525 49.51 -39.95 -19.06
CA ILE F 525 50.39 -39.14 -18.23
C ILE F 525 49.78 -37.77 -17.99
N LYS F 526 49.17 -37.18 -19.02
CA LYS F 526 48.53 -35.87 -18.86
C LYS F 526 47.37 -35.94 -17.88
N ASP F 527 46.57 -37.01 -17.95
CA ASP F 527 45.46 -37.17 -17.02
C ASP F 527 45.96 -37.32 -15.59
N PHE F 528 47.05 -38.08 -15.40
CA PHE F 528 47.61 -38.25 -14.07
C PHE F 528 48.11 -36.93 -13.49
N ILE F 529 48.73 -36.11 -14.32
CA ILE F 529 49.25 -34.82 -13.85
C ILE F 529 48.10 -33.91 -13.43
N GLN F 530 47.04 -33.85 -14.23
CA GLN F 530 45.91 -32.99 -13.91
C GLN F 530 45.23 -33.42 -12.62
N SER F 531 45.08 -34.73 -12.41
CA SER F 531 44.51 -35.22 -11.16
C SER F 531 45.39 -34.88 -9.98
N TYR F 532 46.72 -35.02 -10.14
CA TYR F 532 47.64 -34.69 -9.06
C TYR F 532 47.58 -33.21 -8.71
N LEU F 533 47.58 -32.34 -9.73
CA LEU F 533 47.50 -30.91 -9.47
C LEU F 533 46.14 -30.51 -8.93
N GLY F 534 45.08 -31.21 -9.33
CA GLY F 534 43.77 -30.92 -8.78
C GLY F 534 43.69 -31.18 -7.30
N ARG F 535 44.34 -32.25 -6.83
CA ARG F 535 44.36 -32.52 -5.40
C ARG F 535 45.10 -31.42 -4.63
N LYS F 536 46.18 -30.91 -5.20
CA LYS F 536 46.91 -29.82 -4.56
C LYS F 536 46.05 -28.57 -4.43
N LYS F 537 45.30 -28.24 -5.49
CA LYS F 537 44.37 -27.13 -5.41
C LYS F 537 43.26 -27.41 -4.41
N ARG F 538 42.81 -28.66 -4.33
CA ARG F 538 41.78 -29.03 -3.37
C ARG F 538 42.26 -28.82 -1.94
N ASP F 539 43.51 -29.18 -1.67
CA ASP F 539 44.12 -29.01 -0.35
C ASP F 539 44.75 -27.64 -0.16
N ASN F 540 44.61 -26.73 -1.14
CA ASN F 540 45.15 -25.37 -1.06
C ASN F 540 46.67 -25.37 -0.93
N GLU F 541 47.34 -26.42 -1.44
CA GLU F 541 48.79 -26.42 -1.48
C GLU F 541 49.33 -25.57 -2.63
N ILE F 542 48.51 -25.30 -3.65
CA ILE F 542 48.87 -24.39 -4.74
C ILE F 542 47.68 -23.49 -5.00
N GLN F 543 47.94 -22.37 -5.66
CA GLN F 543 46.88 -21.41 -5.96
C GLN F 543 45.99 -21.91 -7.09
N ASP F 544 46.58 -22.12 -8.26
CA ASP F 544 45.85 -22.60 -9.44
C ASP F 544 46.87 -23.03 -10.48
N PHE F 545 46.40 -23.78 -11.48
CA PHE F 545 47.22 -24.18 -12.60
C PHE F 545 46.37 -24.16 -13.87
N PRO F 546 46.93 -23.81 -15.03
CA PRO F 546 46.19 -23.96 -16.28
C PRO F 546 46.33 -25.37 -16.83
N ALA F 547 45.19 -26.05 -17.03
CA ALA F 547 45.22 -27.41 -17.53
C ALA F 547 45.66 -27.47 -18.99
N GLU F 548 45.34 -26.44 -19.77
CA GLU F 548 45.67 -26.46 -21.19
C GLU F 548 47.18 -26.46 -21.42
N ASP F 549 47.93 -25.69 -20.62
CA ASP F 549 49.37 -25.58 -20.81
C ASP F 549 50.12 -26.86 -20.46
N VAL F 550 49.48 -27.82 -19.79
CA VAL F 550 50.14 -29.08 -19.45
C VAL F 550 50.32 -29.88 -20.74
N GLN F 551 51.58 -29.99 -21.19
CA GLN F 551 51.93 -30.71 -22.41
C GLN F 551 52.88 -31.84 -22.09
N VAL F 552 52.66 -32.98 -22.72
CA VAL F 552 53.47 -34.18 -22.52
C VAL F 552 53.99 -34.64 -23.88
N ILE F 553 55.31 -34.86 -23.95
CA ILE F 553 55.97 -35.34 -25.15
C ILE F 553 56.72 -36.61 -24.80
N VAL F 554 56.48 -37.67 -25.58
CA VAL F 554 57.10 -38.97 -25.37
C VAL F 554 57.91 -39.31 -26.61
N GLU F 555 59.17 -39.68 -26.41
CA GLU F 555 60.06 -40.05 -27.51
C GLU F 555 61.10 -41.03 -26.97
N GLY F 556 60.95 -42.30 -27.33
CA GLY F 556 61.88 -43.30 -26.83
C GLY F 556 61.75 -43.48 -25.34
N ASN F 557 62.89 -43.71 -24.68
CA ASN F 557 62.88 -43.87 -23.23
C ASN F 557 62.44 -42.59 -22.54
N GLU F 558 62.91 -41.44 -23.01
CA GLU F 558 62.60 -40.17 -22.38
C GLU F 558 61.12 -39.83 -22.55
N ALA F 559 60.59 -39.09 -21.57
CA ALA F 559 59.21 -38.60 -21.58
C ALA F 559 59.21 -37.19 -21.03
N ARG F 560 59.32 -36.20 -21.92
CA ARG F 560 59.38 -34.81 -21.51
C ARG F 560 58.02 -34.33 -21.06
N ILE F 561 57.98 -33.64 -19.91
CA ILE F 561 56.76 -33.11 -19.33
C ILE F 561 56.96 -31.63 -19.06
N SER F 562 55.96 -30.83 -19.38
CA SER F 562 55.96 -29.39 -19.12
C SER F 562 54.62 -29.00 -18.50
N MET F 563 54.68 -28.18 -17.46
CA MET F 563 53.48 -27.75 -16.75
C MET F 563 53.71 -26.37 -16.18
N THR F 564 52.61 -25.68 -15.90
CA THR F 564 52.60 -24.37 -15.26
C THR F 564 51.78 -24.43 -13.99
N VAL F 565 52.31 -23.82 -12.93
CA VAL F 565 51.66 -23.81 -11.62
C VAL F 565 51.81 -22.43 -11.02
N TYR F 566 50.72 -21.90 -10.46
CA TYR F 566 50.77 -20.63 -9.73
C TYR F 566 51.01 -20.95 -8.25
N PRO F 567 52.16 -20.63 -7.68
CA PRO F 567 52.46 -21.09 -6.32
C PRO F 567 51.60 -20.39 -5.28
N ILE F 568 51.38 -21.09 -4.17
CA ILE F 568 50.68 -20.51 -3.03
C ILE F 568 51.64 -19.58 -2.29
N ARG F 569 51.11 -18.47 -1.79
CA ARG F 569 51.90 -17.46 -1.11
C ARG F 569 51.19 -17.01 0.16
N SER F 570 51.98 -16.55 1.12
CA SER F 570 51.48 -16.05 2.40
C SER F 570 51.50 -14.53 2.39
N PHE F 571 50.40 -13.93 2.83
CA PHE F 571 50.31 -12.47 2.86
C PHE F 571 51.34 -11.89 3.82
N LYS F 572 52.05 -10.86 3.36
CA LYS F 572 53.01 -10.15 4.19
C LYS F 572 52.95 -8.64 4.02
N LYS F 573 52.05 -8.11 3.19
CA LYS F 573 51.90 -6.67 3.03
C LYS F 573 50.50 -6.41 2.49
N ILE F 574 49.77 -5.51 3.17
CA ILE F 574 48.42 -5.13 2.78
C ILE F 574 48.39 -3.62 2.62
N SER F 575 48.12 -3.16 1.40
CA SER F 575 48.07 -1.74 1.07
C SER F 575 46.62 -1.32 0.90
N VAL F 576 46.23 -0.24 1.58
CA VAL F 576 44.88 0.30 1.55
C VAL F 576 44.97 1.73 1.05
N SER F 577 44.16 2.07 0.05
CA SER F 577 44.09 3.41 -0.52
C SER F 577 42.71 3.97 -0.19
N LEU F 578 42.61 4.64 0.96
CA LEU F 578 41.36 5.22 1.42
C LEU F 578 41.20 6.61 0.82
N VAL F 579 40.05 6.84 0.16
CA VAL F 579 39.74 8.08 -0.51
C VAL F 579 38.43 8.62 0.07
N TYR F 580 38.47 9.87 0.50
CA TYR F 580 37.29 10.56 1.03
C TYR F 580 36.65 11.41 -0.06
N LYS F 581 35.32 11.40 -0.11
CA LYS F 581 34.57 12.14 -1.11
C LYS F 581 33.32 12.74 -0.46
N GLN F 582 32.76 13.73 -1.13
CA GLN F 582 31.56 14.40 -0.67
C GLN F 582 30.31 13.70 -1.20
N GLN F 583 29.23 13.80 -0.43
CA GLN F 583 27.92 13.28 -0.81
C GLN F 583 26.86 14.32 -0.48
N THR F 584 25.88 14.45 -1.37
CA THR F 584 24.81 15.44 -1.24
C THR F 584 23.52 14.73 -0.85
N LEU F 585 22.83 15.27 0.15
CA LEU F 585 21.57 14.74 0.64
C LEU F 585 20.43 15.65 0.23
N GLN F 586 19.25 15.06 0.07
CA GLN F 586 18.06 15.81 -0.30
C GLN F 586 16.84 15.16 0.35
N ALA F 587 15.78 15.95 0.46
CA ALA F 587 14.51 15.51 1.04
C ALA F 587 14.70 15.05 2.50
N VAL G 3 40.46 -75.90 -50.40
CA VAL G 3 39.15 -76.12 -50.99
C VAL G 3 38.90 -77.62 -51.13
N GLU G 4 38.21 -78.19 -50.16
CA GLU G 4 37.91 -79.61 -50.18
C GLU G 4 36.72 -79.88 -51.10
N PRO G 5 36.87 -80.67 -52.17
CA PRO G 5 35.71 -80.97 -53.02
C PRO G 5 34.80 -82.00 -52.39
N PHE G 6 33.63 -82.18 -53.01
CA PHE G 6 32.65 -83.15 -52.56
C PHE G 6 31.80 -83.59 -53.76
N PRO G 7 31.76 -84.89 -54.12
CA PRO G 7 32.47 -86.06 -53.56
C PRO G 7 33.93 -86.07 -53.97
N ARG G 8 34.81 -86.68 -53.17
CA ARG G 8 36.23 -86.71 -53.53
C ARG G 8 36.48 -87.58 -54.75
N ARG G 9 35.70 -88.65 -54.92
CA ARG G 9 35.81 -89.49 -56.10
C ARG G 9 35.10 -88.83 -57.28
N PRO G 10 35.77 -88.51 -58.39
CA PRO G 10 35.03 -87.96 -59.53
C PRO G 10 34.07 -88.98 -60.11
N ILE G 11 32.95 -88.47 -60.63
CA ILE G 11 31.95 -89.26 -61.32
C ILE G 11 31.53 -88.51 -62.58
N THR G 12 31.55 -89.21 -63.72
CA THR G 12 31.25 -88.58 -65.00
C THR G 12 29.77 -88.49 -65.30
N ARG G 13 28.94 -89.26 -64.61
CA ARG G 13 27.50 -89.19 -64.83
C ARG G 13 26.95 -87.88 -64.27
N PRO G 14 25.74 -87.48 -64.67
CA PRO G 14 25.16 -86.25 -64.11
C PRO G 14 25.04 -86.32 -62.60
N HIS G 15 25.34 -85.21 -61.95
CA HIS G 15 25.39 -85.14 -60.49
C HIS G 15 25.50 -83.67 -60.09
N ALA G 16 25.66 -83.44 -58.79
CA ALA G 16 25.91 -82.12 -58.23
C ALA G 16 27.18 -82.19 -57.38
N SER G 17 28.09 -81.24 -57.61
CA SER G 17 29.37 -81.19 -56.92
C SER G 17 29.43 -79.91 -56.08
N ILE G 18 29.93 -80.06 -54.86
CA ILE G 18 30.05 -78.95 -53.91
C ILE G 18 31.52 -78.83 -53.52
N GLU G 19 32.07 -77.63 -53.67
CA GLU G 19 33.44 -77.32 -53.27
C GLU G 19 33.37 -76.54 -51.96
N VAL G 20 33.91 -77.14 -50.89
CA VAL G 20 33.86 -76.56 -49.55
C VAL G 20 35.17 -75.82 -49.31
N ASP G 21 35.08 -74.52 -49.02
CA ASP G 21 36.22 -73.67 -48.71
C ASP G 21 36.20 -73.41 -47.21
N THR G 22 37.10 -74.06 -46.48
CA THR G 22 37.15 -73.96 -45.02
C THR G 22 37.97 -72.77 -44.52
N SER G 23 38.57 -71.99 -45.42
CA SER G 23 39.32 -70.83 -44.98
C SER G 23 38.38 -69.73 -44.48
N GLY G 24 38.93 -68.82 -43.68
CA GLY G 24 38.18 -67.71 -43.13
C GLY G 24 37.53 -67.97 -41.78
N ILE G 25 37.58 -69.21 -41.28
CA ILE G 25 37.05 -69.55 -39.96
C ILE G 25 38.15 -70.10 -39.08
N GLY G 26 39.19 -70.69 -39.69
CA GLY G 26 40.30 -71.21 -38.93
C GLY G 26 41.16 -70.12 -38.32
N SER G 32 53.05 -65.80 -28.21
CA SER G 32 53.88 -66.94 -27.86
C SER G 32 53.80 -67.23 -26.36
N GLU G 33 54.03 -68.48 -25.98
CA GLU G 33 53.95 -68.88 -24.58
C GLU G 33 55.15 -68.38 -23.78
N LYS G 34 56.32 -68.29 -24.41
CA LYS G 34 57.55 -67.86 -23.74
C LYS G 34 57.87 -68.78 -22.56
N VAL G 35 58.16 -70.04 -22.89
CA VAL G 35 58.39 -71.06 -21.88
C VAL G 35 59.72 -70.81 -21.18
N PHE G 36 59.77 -71.15 -19.89
CA PHE G 36 60.95 -70.97 -19.05
C PHE G 36 61.69 -72.29 -18.91
N CYS G 37 62.99 -72.20 -18.67
CA CYS G 37 63.87 -73.37 -18.59
C CYS G 37 64.71 -73.31 -17.32
N LEU G 38 65.07 -74.49 -16.82
CA LEU G 38 65.91 -74.62 -15.64
C LEU G 38 66.78 -75.85 -15.77
N ILE G 39 68.03 -75.74 -15.34
CA ILE G 39 68.97 -76.85 -15.30
C ILE G 39 69.68 -76.82 -13.95
N GLY G 40 69.76 -77.98 -13.30
CA GLY G 40 70.42 -78.06 -12.01
C GLY G 40 70.35 -79.45 -11.45
N GLN G 41 70.89 -79.60 -10.24
CA GLN G 41 70.92 -80.89 -9.58
C GLN G 41 69.53 -81.29 -9.10
N ALA G 42 69.27 -82.59 -9.13
CA ALA G 42 67.99 -83.12 -8.65
C ALA G 42 68.19 -84.58 -8.25
N GLU G 43 67.25 -85.07 -7.44
CA GLU G 43 67.26 -86.44 -6.94
C GLU G 43 66.26 -87.33 -7.67
N GLY G 44 65.82 -86.93 -8.87
CA GLY G 44 64.86 -87.73 -9.62
C GLY G 44 64.79 -87.27 -11.05
N GLY G 45 64.18 -88.10 -11.87
CA GLY G 45 64.03 -87.84 -13.29
C GLY G 45 65.13 -88.50 -14.10
N GLU G 46 64.83 -88.80 -15.35
CA GLU G 46 65.79 -89.45 -16.22
C GLU G 46 66.92 -88.47 -16.58
N PRO G 47 68.11 -88.97 -16.87
CA PRO G 47 69.19 -88.07 -17.29
C PRO G 47 69.07 -87.66 -18.74
N ASN G 48 69.47 -86.41 -19.02
CA ASN G 48 69.46 -85.85 -20.37
C ASN G 48 68.06 -85.89 -20.97
N THR G 49 67.06 -85.59 -20.14
CA THR G 49 65.66 -85.59 -20.55
C THR G 49 64.99 -84.31 -20.10
N VAL G 50 64.17 -83.73 -20.97
CA VAL G 50 63.44 -82.50 -20.69
C VAL G 50 61.99 -82.87 -20.40
N TYR G 51 61.49 -82.41 -19.25
CA TYR G 51 60.13 -82.68 -18.80
C TYR G 51 59.35 -81.38 -18.70
N GLU G 52 58.16 -81.36 -19.28
CA GLU G 52 57.28 -80.19 -19.20
C GLU G 52 56.58 -80.18 -17.85
N LEU G 53 56.70 -79.06 -17.14
CA LEU G 53 56.16 -78.89 -15.80
C LEU G 53 55.07 -77.84 -15.82
N ARG G 54 53.93 -78.16 -15.18
CA ARG G 54 52.80 -77.24 -15.07
C ARG G 54 52.35 -77.02 -13.64
N ASN G 55 52.63 -77.93 -12.71
CA ASN G 55 52.26 -77.80 -11.31
C ASN G 55 53.43 -78.23 -10.44
N TYR G 56 53.46 -77.70 -9.22
CA TYR G 56 54.53 -78.06 -8.29
C TYR G 56 54.44 -79.53 -7.87
N SER G 57 53.23 -80.08 -7.82
CA SER G 57 53.08 -81.49 -7.47
C SER G 57 53.76 -82.39 -8.49
N GLN G 58 53.63 -82.07 -9.77
CA GLN G 58 54.29 -82.87 -10.81
C GLN G 58 55.81 -82.81 -10.65
N ALA G 59 56.36 -81.63 -10.38
CA ALA G 59 57.79 -81.51 -10.22
C ALA G 59 58.29 -82.29 -9.00
N LYS G 60 57.55 -82.22 -7.89
CA LYS G 60 57.96 -82.94 -6.69
C LYS G 60 57.95 -84.44 -6.90
N ARG G 61 56.91 -84.96 -7.58
CA ARG G 61 56.86 -86.38 -7.90
C ARG G 61 58.01 -86.77 -8.81
N LEU G 62 58.33 -85.93 -9.81
CA LEU G 62 59.42 -86.22 -10.72
C LEU G 62 60.77 -85.99 -10.05
N PHE G 63 61.03 -84.75 -9.62
CA PHE G 63 62.25 -84.41 -8.90
C PHE G 63 61.96 -84.47 -7.40
N ARG G 64 62.55 -85.46 -6.73
CA ARG G 64 62.24 -85.67 -5.31
C ARG G 64 62.70 -84.49 -4.47
N SER G 65 63.91 -84.02 -4.69
CA SER G 65 64.47 -82.91 -3.91
C SER G 65 65.72 -82.41 -4.63
N GLY G 66 66.20 -81.25 -4.19
CA GLY G 66 67.39 -80.62 -4.71
C GLY G 66 67.18 -79.14 -4.94
N GLU G 67 68.23 -78.50 -5.44
CA GLU G 67 68.16 -77.07 -5.73
C GLU G 67 67.28 -76.79 -6.94
N LEU G 68 67.16 -77.75 -7.86
CA LEU G 68 66.30 -77.57 -9.02
C LEU G 68 64.84 -77.44 -8.61
N LEU G 69 64.40 -78.26 -7.65
CA LEU G 69 63.02 -78.18 -7.18
C LEU G 69 62.74 -76.84 -6.53
N ASP G 70 63.70 -76.32 -5.75
CA ASP G 70 63.52 -75.01 -5.14
C ASP G 70 63.42 -73.92 -6.19
N ALA G 71 64.21 -74.04 -7.27
CA ALA G 71 64.15 -73.05 -8.35
C ALA G 71 62.77 -73.04 -9.00
N ILE G 72 62.18 -74.22 -9.20
CA ILE G 72 60.84 -74.30 -9.78
C ILE G 72 59.83 -73.63 -8.84
N GLU G 73 59.96 -73.87 -7.54
CA GLU G 73 59.08 -73.24 -6.57
C GLU G 73 59.23 -71.73 -6.58
N LEU G 74 60.49 -71.24 -6.66
CA LEU G 74 60.73 -69.81 -6.63
C LEU G 74 60.28 -69.13 -7.92
N ALA G 75 60.31 -69.84 -9.04
CA ALA G 75 59.95 -69.24 -10.32
C ALA G 75 58.49 -68.82 -10.34
N TRP G 76 57.60 -69.70 -9.87
CA TRP G 76 56.18 -69.37 -9.85
C TRP G 76 55.82 -68.40 -8.74
N GLY G 77 56.57 -68.42 -7.62
CA GLY G 77 56.29 -67.52 -6.52
C GLY G 77 56.76 -66.10 -6.73
N SER G 78 57.56 -65.84 -7.75
CA SER G 78 58.04 -64.49 -8.00
C SER G 78 56.97 -63.59 -8.61
N ASN G 79 55.94 -64.15 -9.23
CA ASN G 79 54.87 -63.40 -9.89
C ASN G 79 53.51 -63.97 -9.49
N PRO G 80 53.06 -63.69 -8.26
CA PRO G 80 51.71 -64.14 -7.87
C PRO G 80 50.59 -63.53 -8.70
N ASN G 81 50.81 -62.38 -9.32
CA ASN G 81 49.77 -61.66 -10.03
C ASN G 81 49.74 -61.97 -11.53
N TYR G 82 50.55 -62.93 -12.00
CA TYR G 82 50.62 -63.30 -13.41
C TYR G 82 50.45 -64.81 -13.55
N THR G 83 50.14 -65.23 -14.77
CA THR G 83 49.90 -66.64 -15.03
C THR G 83 51.16 -67.47 -14.80
N ALA G 84 50.98 -68.66 -14.27
CA ALA G 84 52.08 -69.60 -14.04
C ALA G 84 52.32 -70.38 -15.32
N GLY G 85 53.38 -70.02 -16.03
CA GLY G 85 53.69 -70.66 -17.31
C GLY G 85 54.42 -71.97 -17.15
N ARG G 86 54.65 -72.62 -18.29
CA ARG G 86 55.36 -73.88 -18.31
C ARG G 86 56.83 -73.68 -17.95
N ILE G 87 57.41 -74.73 -17.34
CA ILE G 87 58.82 -74.74 -16.98
C ILE G 87 59.42 -76.04 -17.48
N LEU G 88 60.59 -75.96 -18.10
CA LEU G 88 61.34 -77.12 -18.58
C LEU G 88 62.52 -77.37 -17.65
N ALA G 89 62.67 -78.63 -17.23
CA ALA G 89 63.65 -79.01 -16.22
C ALA G 89 64.50 -80.16 -16.73
N MET G 90 65.74 -80.21 -16.24
CA MET G 90 66.68 -81.27 -16.58
C MET G 90 67.58 -81.54 -15.40
N ARG G 91 67.98 -82.80 -15.26
CA ARG G 91 68.90 -83.25 -14.21
C ARG G 91 70.30 -83.39 -14.81
N ILE G 92 71.25 -82.60 -14.29
CA ILE G 92 72.62 -82.68 -14.79
C ILE G 92 73.26 -84.01 -14.42
N GLU G 93 72.92 -84.55 -13.24
CA GLU G 93 73.57 -85.76 -12.75
C GLU G 93 73.29 -86.94 -13.68
N ASP G 94 74.36 -87.68 -14.01
CA ASP G 94 74.24 -88.86 -14.87
C ASP G 94 73.91 -90.10 -14.03
N ALA G 95 72.73 -90.05 -13.41
CA ALA G 95 72.30 -91.13 -12.54
C ALA G 95 71.98 -92.38 -13.37
N LYS G 96 72.01 -93.53 -12.70
CA LYS G 96 71.72 -94.82 -13.29
C LYS G 96 70.69 -95.54 -12.44
N PRO G 97 69.92 -96.46 -13.02
CA PRO G 97 68.86 -97.12 -12.24
C PRO G 97 69.39 -98.29 -11.42
N ALA G 98 68.85 -98.43 -10.22
CA ALA G 98 69.19 -99.57 -9.37
C ALA G 98 68.61 -100.85 -9.97
N SER G 99 69.39 -101.93 -9.92
CA SER G 99 68.98 -103.20 -10.49
C SER G 99 69.59 -104.33 -9.68
N ALA G 100 68.95 -105.50 -9.76
CA ALA G 100 69.42 -106.68 -9.07
C ALA G 100 68.94 -107.91 -9.83
N GLU G 101 69.88 -108.75 -10.26
CA GLU G 101 69.58 -109.96 -11.01
C GLU G 101 69.44 -111.11 -10.02
N ILE G 102 68.19 -111.44 -9.67
CA ILE G 102 67.88 -112.53 -8.77
C ILE G 102 66.74 -113.34 -9.39
N GLY G 103 66.86 -114.68 -9.32
CA GLY G 103 65.87 -115.53 -9.94
C GLY G 103 65.90 -115.41 -11.46
N GLY G 104 64.74 -115.66 -12.06
CA GLY G 104 64.58 -115.60 -13.50
C GLY G 104 64.16 -114.26 -14.05
N LEU G 105 64.15 -113.21 -13.24
CA LEU G 105 63.72 -111.88 -13.65
C LEU G 105 64.85 -110.89 -13.41
N LYS G 106 65.09 -110.02 -14.41
CA LYS G 106 66.04 -108.92 -14.28
C LYS G 106 65.28 -107.71 -13.77
N ILE G 107 65.51 -107.36 -12.51
CA ILE G 107 64.76 -106.29 -11.85
C ILE G 107 65.49 -104.98 -12.08
N THR G 108 64.74 -103.96 -12.52
CA THR G 108 65.26 -102.61 -12.74
C THR G 108 64.28 -101.60 -12.18
N SER G 109 64.82 -100.56 -11.54
CA SER G 109 64.02 -99.53 -10.90
C SER G 109 63.90 -98.31 -11.80
N LYS G 110 62.68 -97.79 -11.93
CA LYS G 110 62.47 -96.59 -12.73
C LYS G 110 63.07 -95.34 -12.11
N ILE G 111 63.30 -95.33 -10.80
CA ILE G 111 63.91 -94.20 -10.13
C ILE G 111 65.42 -94.25 -10.33
N TYR G 112 66.01 -93.11 -10.64
CA TYR G 112 67.44 -92.99 -10.91
C TYR G 112 68.11 -92.26 -9.75
N GLY G 113 69.19 -92.85 -9.24
CA GLY G 113 69.97 -92.28 -8.17
C GLY G 113 70.11 -93.24 -7.00
N ASN G 114 70.76 -92.74 -5.95
CA ASN G 114 70.96 -93.53 -4.74
C ASN G 114 69.66 -93.83 -4.02
N VAL G 115 68.60 -93.05 -4.26
CA VAL G 115 67.32 -93.30 -3.59
C VAL G 115 66.75 -94.64 -4.02
N ALA G 116 67.00 -95.06 -5.25
CA ALA G 116 66.45 -96.32 -5.74
C ALA G 116 67.04 -97.54 -5.03
N ASN G 117 68.18 -97.39 -4.36
CA ASN G 117 68.79 -98.51 -3.66
C ASN G 117 67.93 -99.02 -2.50
N ASN G 118 67.06 -98.19 -1.95
CA ASN G 118 66.19 -98.59 -0.86
C ASN G 118 65.00 -99.43 -1.30
N ILE G 119 64.78 -99.58 -2.61
CA ILE G 119 63.65 -100.35 -3.10
C ILE G 119 63.85 -101.82 -2.78
N GLN G 120 62.78 -102.47 -2.32
CA GLN G 120 62.78 -103.88 -1.96
C GLN G 120 61.79 -104.62 -2.85
N VAL G 121 62.20 -105.77 -3.37
CA VAL G 121 61.38 -106.59 -4.26
C VAL G 121 61.49 -108.04 -3.80
N GLY G 122 60.35 -108.72 -3.74
CA GLY G 122 60.31 -110.11 -3.33
C GLY G 122 59.11 -110.86 -3.88
N LEU G 123 59.29 -112.14 -4.20
CA LEU G 123 58.24 -113.00 -4.71
C LEU G 123 57.92 -114.09 -3.70
N GLU G 124 56.62 -114.36 -3.52
CA GLU G 124 56.14 -115.42 -2.65
C GLU G 124 55.11 -116.25 -3.41
N LYS G 125 55.12 -117.55 -3.15
CA LYS G 125 54.24 -118.50 -3.83
C LYS G 125 53.10 -118.89 -2.89
N ASN G 126 51.87 -118.73 -3.37
CA ASN G 126 50.68 -119.09 -2.61
C ASN G 126 50.35 -120.55 -2.87
N THR G 127 50.56 -121.40 -1.86
CA THR G 127 50.29 -122.82 -2.02
C THR G 127 48.80 -123.09 -2.19
N LEU G 128 47.94 -122.28 -1.55
CA LEU G 128 46.50 -122.48 -1.67
C LEU G 128 45.99 -122.30 -3.09
N SER G 129 46.47 -121.27 -3.79
CA SER G 129 46.05 -120.99 -5.17
C SER G 129 47.09 -121.36 -6.22
N ASP G 130 48.30 -121.77 -5.82
CA ASP G 130 49.37 -122.10 -6.77
C ASP G 130 49.69 -120.91 -7.66
N SER G 131 49.75 -119.72 -7.07
CA SER G 131 50.03 -118.48 -7.77
C SER G 131 51.09 -117.69 -7.02
N LEU G 132 51.89 -116.95 -7.78
CA LEU G 132 52.94 -116.13 -7.19
C LEU G 132 52.36 -114.87 -6.56
N ARG G 133 53.15 -114.25 -5.70
CA ARG G 133 52.75 -113.03 -5.00
C ARG G 133 53.95 -112.08 -4.96
N LEU G 134 53.80 -110.93 -5.58
CA LEU G 134 54.85 -109.91 -5.66
C LEU G 134 54.53 -108.79 -4.67
N ARG G 135 55.53 -108.40 -3.88
CA ARG G 135 55.41 -107.32 -2.92
C ARG G 135 56.57 -106.36 -3.09
N VAL G 136 56.27 -105.06 -3.17
CA VAL G 136 57.26 -104.01 -3.34
C VAL G 136 57.14 -103.07 -2.15
N ILE G 137 58.25 -102.82 -1.47
CA ILE G 137 58.31 -101.98 -0.29
C ILE G 137 59.29 -100.85 -0.58
N PHE G 138 58.87 -99.61 -0.30
CA PHE G 138 59.70 -98.44 -0.50
C PHE G 138 59.34 -97.43 0.59
N GLN G 139 60.13 -97.42 1.67
CA GLN G 139 59.76 -96.66 2.86
C GLN G 139 59.80 -95.15 2.61
N ASP G 140 60.60 -94.69 1.65
CA ASP G 140 60.74 -93.26 1.43
C ASP G 140 59.42 -92.64 0.98
N ASP G 141 58.69 -93.31 0.08
CA ASP G 141 57.37 -92.87 -0.35
C ASP G 141 56.24 -93.52 0.46
N ARG G 142 56.56 -94.35 1.45
CA ARG G 142 55.55 -95.10 2.21
C ARG G 142 54.71 -95.95 1.27
N PHE G 143 55.35 -96.51 0.24
CA PHE G 143 54.68 -97.33 -0.76
C PHE G 143 54.82 -98.80 -0.40
N ASN G 144 53.69 -99.49 -0.26
CA ASN G 144 53.69 -100.91 0.10
C ASN G 144 52.41 -101.51 -0.46
N GLU G 145 52.53 -102.23 -1.58
CA GLU G 145 51.41 -102.89 -2.23
C GLU G 145 51.81 -104.30 -2.61
N VAL G 146 50.81 -105.19 -2.67
CA VAL G 146 50.99 -106.60 -2.98
C VAL G 146 50.19 -106.93 -4.23
N TYR G 147 50.86 -107.52 -5.21
CA TYR G 147 50.23 -107.95 -6.46
C TYR G 147 49.93 -109.44 -6.31
N ASP G 148 48.75 -109.75 -5.76
CA ASP G 148 48.36 -111.12 -5.47
C ASP G 148 47.75 -111.77 -6.72
N ASN G 149 47.72 -113.10 -6.71
CA ASN G 149 47.13 -113.89 -7.79
C ASN G 149 47.84 -113.65 -9.12
N ILE G 150 49.17 -113.66 -9.09
CA ILE G 150 49.94 -113.55 -10.32
C ILE G 150 49.76 -114.83 -11.13
N GLY G 151 49.51 -114.67 -12.42
CA GLY G 151 49.20 -115.81 -13.26
C GLY G 151 47.77 -116.28 -13.04
N ASN G 152 47.52 -117.53 -13.39
CA ASN G 152 46.20 -118.16 -13.27
C ASN G 152 45.17 -117.38 -14.09
N ILE G 153 45.43 -117.28 -15.38
CA ILE G 153 44.60 -116.43 -16.24
C ILE G 153 43.22 -117.04 -16.44
N PHE G 154 43.13 -118.36 -16.59
CA PHE G 154 41.83 -119.02 -16.78
C PHE G 154 42.00 -120.51 -16.54
N THR G 155 40.86 -121.20 -16.55
CA THR G 155 40.78 -122.63 -16.30
C THR G 155 40.31 -123.38 -17.53
N ILE G 156 40.67 -124.65 -17.62
CA ILE G 156 40.19 -125.58 -18.64
C ILE G 156 39.68 -126.82 -17.94
N LYS G 157 38.45 -127.22 -18.25
CA LYS G 157 37.81 -128.37 -17.62
C LYS G 157 37.19 -129.25 -18.69
N TYR G 158 37.13 -130.55 -18.39
CA TYR G 158 36.58 -131.56 -19.28
C TYR G 158 35.56 -132.40 -18.52
N LYS G 159 34.36 -132.52 -19.11
CA LYS G 159 33.25 -133.24 -18.49
C LYS G 159 32.79 -134.43 -19.33
N GLY G 160 33.54 -134.83 -20.36
CA GLY G 160 33.15 -135.96 -21.16
C GLY G 160 33.32 -137.28 -20.42
N GLU G 161 32.74 -138.32 -21.00
CA GLU G 161 32.76 -139.66 -20.42
C GLU G 161 34.01 -140.45 -20.81
N GLU G 162 34.92 -139.87 -21.59
CA GLU G 162 36.12 -140.58 -21.99
C GLU G 162 37.04 -140.79 -20.79
N ALA G 163 38.06 -141.64 -20.98
CA ALA G 163 38.93 -142.02 -19.89
C ALA G 163 39.73 -140.83 -19.37
N ASN G 164 40.36 -140.07 -20.27
CA ASN G 164 41.21 -138.96 -19.87
C ASN G 164 41.22 -137.91 -20.97
N ALA G 165 41.59 -136.69 -20.59
CA ALA G 165 41.73 -135.57 -21.51
C ALA G 165 42.92 -134.73 -21.08
N THR G 166 43.73 -134.32 -22.05
CA THR G 166 44.94 -133.55 -21.80
C THR G 166 45.08 -132.45 -22.85
N PHE G 167 45.85 -131.43 -22.49
CA PHE G 167 46.16 -130.33 -23.40
C PHE G 167 47.63 -129.99 -23.28
N SER G 168 48.17 -129.37 -24.34
CA SER G 168 49.56 -129.00 -24.38
C SER G 168 49.71 -127.71 -25.17
N VAL G 169 50.83 -127.02 -24.93
CA VAL G 169 51.16 -125.75 -25.58
C VAL G 169 52.52 -125.89 -26.24
N GLU G 170 52.61 -125.48 -27.49
CA GLU G 170 53.84 -125.55 -28.27
C GLU G 170 54.39 -124.14 -28.49
N HIS G 171 55.71 -124.02 -28.41
CA HIS G 171 56.40 -122.74 -28.52
C HIS G 171 57.34 -122.75 -29.72
N ASP G 172 57.42 -121.61 -30.41
CA ASP G 172 58.35 -121.47 -31.53
C ASP G 172 59.78 -121.38 -31.00
N GLU G 173 60.67 -122.16 -31.58
CA GLU G 173 62.05 -122.21 -31.09
C GLU G 173 62.76 -120.87 -31.28
N GLU G 174 62.55 -120.22 -32.42
CA GLU G 174 63.27 -118.98 -32.69
C GLU G 174 62.86 -117.85 -31.74
N THR G 175 61.56 -117.69 -31.51
CA THR G 175 61.03 -116.60 -30.70
C THR G 175 60.68 -117.00 -29.28
N GLN G 176 60.59 -118.30 -28.99
CA GLN G 176 60.20 -118.78 -27.67
C GLN G 176 58.84 -118.23 -27.26
N LYS G 177 57.92 -118.17 -28.22
CA LYS G 177 56.56 -117.70 -28.02
C LYS G 177 55.57 -118.80 -28.36
N ALA G 178 54.48 -118.87 -27.60
CA ALA G 178 53.47 -119.89 -27.85
C ALA G 178 52.84 -119.69 -29.23
N SER G 179 52.62 -120.81 -29.92
CA SER G 179 52.12 -120.81 -31.29
C SER G 179 50.86 -121.65 -31.45
N ARG G 180 50.71 -122.68 -30.61
CA ARG G 180 49.58 -123.59 -30.70
C ARG G 180 49.10 -123.95 -29.31
N LEU G 181 47.82 -124.33 -29.22
CA LEU G 181 47.19 -124.81 -27.99
C LEU G 181 46.26 -125.95 -28.38
N VAL G 182 46.72 -127.18 -28.18
CA VAL G 182 46.03 -128.37 -28.66
C VAL G 182 45.29 -129.01 -27.50
N LEU G 183 44.01 -129.32 -27.71
CA LEU G 183 43.20 -130.07 -26.75
C LEU G 183 43.13 -131.51 -27.23
N LYS G 184 43.53 -132.44 -26.35
CA LYS G 184 43.67 -133.85 -26.69
C LYS G 184 42.79 -134.68 -25.78
N VAL G 185 42.05 -135.61 -26.37
CA VAL G 185 41.26 -136.62 -25.64
C VAL G 185 41.80 -137.98 -26.06
N GLY G 186 42.19 -138.78 -25.08
CA GLY G 186 42.85 -140.04 -25.38
C GLY G 186 44.20 -139.82 -26.02
N ASP G 187 44.40 -140.39 -27.21
CA ASP G 187 45.65 -140.25 -27.96
C ASP G 187 45.52 -139.26 -29.11
N GLN G 188 44.46 -139.36 -29.91
CA GLN G 188 44.31 -138.49 -31.07
C GLN G 188 43.91 -137.09 -30.65
N GLU G 189 44.28 -136.12 -31.48
CA GLU G 189 43.94 -134.73 -31.23
C GLU G 189 42.49 -134.44 -31.61
N VAL G 190 41.82 -133.63 -30.80
CA VAL G 190 40.44 -133.26 -31.03
C VAL G 190 40.39 -131.95 -31.81
N LYS G 191 40.95 -130.89 -31.23
CA LYS G 191 40.96 -129.58 -31.86
C LYS G 191 42.16 -128.80 -31.34
N SER G 192 42.68 -127.91 -32.19
CA SER G 192 43.83 -127.08 -31.86
C SER G 192 43.56 -125.65 -32.27
N TYR G 193 44.08 -124.71 -31.48
CA TYR G 193 43.96 -123.29 -31.72
C TYR G 193 45.32 -122.73 -32.11
N ASP G 194 45.37 -122.00 -33.22
CA ASP G 194 46.61 -121.40 -33.71
C ASP G 194 46.79 -120.04 -33.04
N LEU G 195 47.91 -119.87 -32.33
CA LEU G 195 48.21 -118.66 -31.60
C LEU G 195 49.15 -117.72 -32.35
N THR G 196 49.41 -117.99 -33.63
CA THR G 196 50.31 -117.12 -34.40
C THR G 196 49.75 -115.71 -34.51
N GLY G 197 48.46 -115.60 -34.78
CA GLY G 197 47.83 -114.30 -34.88
C GLY G 197 46.51 -114.39 -35.61
N GLY G 198 45.86 -113.23 -35.73
CA GLY G 198 44.60 -113.13 -36.44
C GLY G 198 43.40 -113.42 -35.55
N ALA G 199 42.83 -114.62 -35.69
CA ALA G 199 41.61 -114.95 -34.97
C ALA G 199 41.85 -115.09 -33.47
N TYR G 200 43.06 -115.43 -33.06
CA TYR G 200 43.40 -115.73 -31.67
C TYR G 200 44.57 -114.86 -31.22
N ASP G 201 44.47 -113.55 -31.49
CA ASP G 201 45.50 -112.62 -31.01
C ASP G 201 45.54 -112.58 -29.50
N TYR G 202 44.38 -112.58 -28.85
CA TYR G 202 44.25 -112.51 -27.40
C TYR G 202 43.57 -113.77 -26.87
N THR G 203 43.74 -114.00 -25.57
CA THR G 203 43.21 -115.20 -24.94
C THR G 203 41.69 -115.17 -24.83
N ASN G 204 41.06 -114.01 -24.96
CA ASN G 204 39.62 -113.92 -24.82
C ASN G 204 38.90 -114.75 -25.89
N ALA G 205 39.39 -114.71 -27.12
CA ALA G 205 38.78 -115.50 -28.19
C ALA G 205 38.94 -116.99 -27.92
N ILE G 206 40.06 -117.40 -27.33
CA ILE G 206 40.29 -118.82 -27.05
C ILE G 206 39.27 -119.33 -26.02
N ILE G 207 38.98 -118.51 -25.00
CA ILE G 207 38.06 -118.94 -23.95
C ILE G 207 36.66 -119.16 -24.51
N THR G 208 36.21 -118.26 -25.38
CA THR G 208 34.86 -118.38 -25.94
C THR G 208 34.73 -119.64 -26.78
N ASP G 209 35.72 -119.95 -27.60
CA ASP G 209 35.65 -121.12 -28.46
C ASP G 209 35.66 -122.41 -27.65
N ILE G 210 36.39 -122.45 -26.54
CA ILE G 210 36.44 -123.64 -25.71
C ILE G 210 35.07 -123.97 -25.15
N ASN G 211 34.35 -122.94 -24.68
CA ASN G 211 33.03 -123.17 -24.10
C ASN G 211 32.03 -123.70 -25.14
N GLN G 212 32.23 -123.34 -26.41
CA GLN G 212 31.32 -123.81 -27.45
C GLN G 212 31.38 -125.31 -27.66
N LEU G 213 32.48 -125.96 -27.30
CA LEU G 213 32.61 -127.40 -27.50
C LEU G 213 31.69 -128.14 -26.54
N PRO G 214 31.32 -129.40 -26.85
CA PRO G 214 30.37 -130.12 -25.98
C PRO G 214 30.91 -130.39 -24.59
N ASP G 215 32.11 -130.96 -24.50
CA ASP G 215 32.69 -131.39 -23.23
C ASP G 215 33.60 -130.36 -22.60
N PHE G 216 34.42 -129.67 -23.37
CA PHE G 216 35.38 -128.71 -22.85
C PHE G 216 34.67 -127.46 -22.34
N GLU G 217 35.21 -126.90 -21.25
CA GLU G 217 34.67 -125.68 -20.67
C GLU G 217 35.84 -124.83 -20.16
N ALA G 218 35.59 -123.53 -20.07
CA ALA G 218 36.60 -122.59 -19.60
C ALA G 218 35.92 -121.38 -18.99
N LYS G 219 36.62 -120.75 -18.04
CA LYS G 219 36.12 -119.56 -17.36
C LYS G 219 37.28 -118.62 -17.08
N LEU G 220 37.07 -117.33 -17.34
CA LEU G 220 38.09 -116.34 -17.07
C LEU G 220 38.26 -116.17 -15.56
N SER G 221 39.48 -115.87 -15.15
CA SER G 221 39.78 -115.72 -13.74
C SER G 221 39.05 -114.49 -13.17
N PRO G 222 38.59 -114.54 -11.92
CA PRO G 222 37.87 -113.37 -11.38
C PRO G 222 38.79 -112.24 -10.92
N PHE G 223 40.09 -112.47 -10.81
CA PHE G 223 41.01 -111.46 -10.28
C PHE G 223 41.41 -110.48 -11.39
N GLY G 224 40.43 -109.67 -11.78
CA GLY G 224 40.65 -108.63 -12.76
C GLY G 224 40.58 -109.14 -14.18
N ASP G 225 40.43 -108.20 -15.12
CA ASP G 225 40.38 -108.50 -16.55
C ASP G 225 41.80 -108.42 -17.10
N LYS G 226 42.43 -109.58 -17.25
CA LYS G 226 43.81 -109.63 -17.71
C LYS G 226 43.90 -109.51 -19.23
N ASN G 227 43.26 -110.44 -19.95
CA ASN G 227 43.25 -110.45 -21.41
C ASN G 227 44.67 -110.48 -21.98
N LEU G 228 45.49 -111.37 -21.42
CA LEU G 228 46.87 -111.50 -21.86
C LEU G 228 46.92 -112.05 -23.29
N GLU G 229 47.97 -111.66 -24.01
CA GLU G 229 48.17 -112.14 -25.36
C GLU G 229 48.44 -113.64 -25.37
N SER G 230 47.97 -114.31 -26.43
CA SER G 230 48.15 -115.75 -26.53
C SER G 230 49.62 -116.13 -26.70
N SER G 231 50.41 -115.26 -27.32
CA SER G 231 51.82 -115.57 -27.54
C SER G 231 52.62 -115.64 -26.25
N LYS G 232 52.14 -115.01 -25.17
CA LYS G 232 52.85 -114.96 -23.90
C LYS G 232 52.49 -116.10 -22.96
N LEU G 233 51.67 -117.05 -23.39
CA LEU G 233 51.30 -118.17 -22.55
C LEU G 233 52.52 -119.05 -22.27
N ASP G 234 52.49 -119.70 -21.11
CA ASP G 234 53.60 -120.56 -20.69
C ASP G 234 53.54 -121.91 -21.40
N LYS G 235 54.63 -122.66 -21.26
CA LYS G 235 54.77 -123.96 -21.91
C LYS G 235 54.31 -125.06 -20.96
N ILE G 236 53.25 -125.77 -21.36
CA ILE G 236 52.71 -126.89 -20.59
C ILE G 236 52.50 -128.05 -21.54
N GLU G 237 52.81 -129.26 -21.08
CA GLU G 237 52.65 -130.48 -21.88
C GLU G 237 52.16 -131.60 -20.99
N ASN G 238 51.15 -132.32 -21.47
CA ASN G 238 50.62 -133.50 -20.79
C ASN G 238 50.10 -133.16 -19.39
N ALA G 239 49.10 -132.28 -19.35
CA ALA G 239 48.44 -131.88 -18.11
C ALA G 239 47.06 -132.51 -18.05
N ASN G 240 46.80 -133.29 -17.01
CA ASN G 240 45.51 -133.96 -16.87
C ASN G 240 44.43 -132.94 -16.53
N ILE G 241 43.32 -133.00 -17.26
CA ILE G 241 42.23 -132.04 -17.12
C ILE G 241 41.06 -132.66 -16.34
N LYS G 242 40.77 -133.93 -16.58
CA LYS G 242 39.58 -134.55 -15.99
C LYS G 242 39.69 -134.62 -14.47
N ASP G 243 40.88 -134.93 -13.95
CA ASP G 243 41.04 -135.06 -12.50
C ASP G 243 40.77 -133.74 -11.80
N LYS G 244 41.39 -132.66 -12.27
CA LYS G 244 41.19 -131.34 -11.70
C LYS G 244 41.39 -130.30 -12.78
N ALA G 245 40.81 -129.12 -12.57
CA ALA G 245 40.98 -128.02 -13.50
C ALA G 245 42.42 -127.55 -13.50
N VAL G 246 42.97 -127.32 -14.69
CA VAL G 246 44.36 -126.91 -14.86
C VAL G 246 44.39 -125.41 -15.16
N TYR G 247 45.18 -124.68 -14.38
CA TYR G 247 45.34 -123.24 -14.57
C TYR G 247 46.51 -122.96 -15.50
N VAL G 248 46.27 -122.15 -16.53
CA VAL G 248 47.34 -121.66 -17.38
C VAL G 248 48.01 -120.51 -16.66
N LYS G 249 49.31 -120.66 -16.37
CA LYS G 249 49.98 -119.71 -15.48
C LYS G 249 50.33 -118.42 -16.20
N ALA G 250 51.22 -118.49 -17.18
CA ALA G 250 51.73 -117.31 -17.90
C ALA G 250 52.24 -116.26 -16.90
N VAL G 251 53.20 -116.67 -16.08
CA VAL G 251 53.63 -115.85 -14.96
C VAL G 251 54.29 -114.56 -15.45
N PHE G 252 55.11 -114.64 -16.50
CA PHE G 252 55.82 -113.45 -16.96
C PHE G 252 54.87 -112.46 -17.62
N GLY G 253 53.89 -112.95 -18.38
CA GLY G 253 52.98 -112.06 -19.06
C GLY G 253 52.12 -111.26 -18.09
N ASP G 254 51.70 -111.88 -17.00
CA ASP G 254 50.86 -111.18 -16.03
C ASP G 254 51.62 -110.05 -15.33
N LEU G 255 52.92 -110.24 -15.09
CA LEU G 255 53.70 -109.20 -14.43
C LEU G 255 53.77 -107.93 -15.28
N GLU G 256 53.95 -108.09 -16.60
CA GLU G 256 54.04 -106.93 -17.47
C GLU G 256 52.75 -106.11 -17.47
N LYS G 257 51.59 -106.79 -17.45
CA LYS G 257 50.32 -106.09 -17.48
C LYS G 257 50.14 -105.22 -16.24
N GLN G 258 50.57 -105.71 -15.08
CA GLN G 258 50.40 -105.01 -13.82
C GLN G 258 51.58 -104.11 -13.47
N THR G 259 52.64 -104.07 -14.30
CA THR G 259 53.82 -103.26 -14.01
C THR G 259 54.36 -102.48 -15.21
N ALA G 260 53.76 -102.63 -16.40
CA ALA G 260 54.26 -101.88 -17.56
C ALA G 260 54.10 -100.38 -17.37
N TYR G 261 52.95 -99.95 -16.82
CA TYR G 261 52.66 -98.54 -16.60
C TYR G 261 52.13 -98.30 -15.19
N ASN G 262 52.48 -99.16 -14.24
CA ASN G 262 52.07 -99.02 -12.85
C ASN G 262 53.21 -99.46 -11.95
N GLY G 263 53.18 -98.98 -10.72
CA GLY G 263 54.23 -99.28 -9.77
C GLY G 263 55.49 -98.46 -10.04
N ILE G 264 56.58 -98.89 -9.40
CA ILE G 264 57.87 -98.19 -9.47
C ILE G 264 58.90 -99.08 -10.14
N VAL G 265 58.76 -100.40 -9.98
CA VAL G 265 59.76 -101.37 -10.42
C VAL G 265 59.30 -102.01 -11.71
N SER G 266 60.19 -102.09 -12.69
CA SER G 266 59.99 -102.81 -13.93
C SER G 266 60.71 -104.16 -13.88
N PHE G 267 60.26 -105.08 -14.73
CA PHE G 267 60.79 -106.44 -14.77
C PHE G 267 61.07 -106.85 -16.20
N GLU G 268 62.11 -107.67 -16.37
CA GLU G 268 62.50 -108.22 -17.66
C GLU G 268 62.96 -109.66 -17.47
N GLN G 269 62.85 -110.44 -18.54
CA GLN G 269 63.22 -111.85 -18.53
C GLN G 269 64.62 -112.02 -19.10
N LEU G 270 65.46 -112.76 -18.38
CA LEU G 270 66.83 -113.01 -18.81
C LEU G 270 66.85 -113.86 -20.08
N LYS G 298 65.48 -118.97 -18.82
CA LYS G 298 65.49 -119.10 -17.36
C LYS G 298 64.09 -119.37 -16.83
N THR G 299 64.02 -119.97 -15.65
CA THR G 299 62.75 -120.31 -14.99
C THR G 299 62.51 -119.35 -13.85
N ILE G 300 61.32 -118.75 -13.81
CA ILE G 300 60.96 -117.81 -12.76
C ILE G 300 60.52 -118.60 -11.52
N GLU G 301 61.14 -118.29 -10.39
CA GLU G 301 60.84 -118.93 -9.12
C GLU G 301 60.82 -117.87 -8.03
N PRO G 302 60.19 -118.15 -6.88
CA PRO G 302 60.19 -117.16 -5.80
C PRO G 302 61.59 -116.89 -5.26
N PHE G 303 61.79 -115.66 -4.78
CA PHE G 303 63.02 -115.27 -4.12
C PHE G 303 62.69 -114.39 -2.93
N GLU G 304 63.59 -114.37 -1.96
CA GLU G 304 63.36 -113.63 -0.73
C GLU G 304 63.45 -112.13 -0.98
N LEU G 305 62.90 -111.36 -0.03
CA LEU G 305 62.91 -109.90 -0.10
C LEU G 305 64.33 -109.39 -0.01
N THR G 306 64.81 -108.71 -1.06
CA THR G 306 66.17 -108.21 -1.14
C THR G 306 66.17 -106.80 -1.71
N LYS G 307 67.03 -105.95 -1.15
CA LYS G 307 67.16 -104.58 -1.65
C LYS G 307 67.90 -104.56 -2.98
N LEU G 308 67.53 -103.60 -3.82
CA LEU G 308 68.21 -103.41 -5.09
C LEU G 308 69.57 -102.74 -4.88
N LYS G 309 70.42 -102.82 -5.90
CA LYS G 309 71.76 -102.26 -5.86
C LYS G 309 72.07 -101.62 -7.20
N GLY G 310 73.24 -100.97 -7.27
CA GLY G 310 73.70 -100.34 -8.48
C GLY G 310 73.28 -98.89 -8.64
N GLY G 311 72.42 -98.37 -7.77
CA GLY G 311 72.04 -96.98 -7.85
C GLY G 311 73.22 -96.07 -7.57
N THR G 312 73.47 -95.14 -8.48
CA THR G 312 74.61 -94.22 -8.34
C THR G 312 74.31 -92.96 -9.16
N ASN G 313 74.32 -91.81 -8.49
CA ASN G 313 74.11 -90.55 -9.20
C ASN G 313 75.22 -90.26 -10.20
N GLY G 314 76.44 -90.73 -9.90
CA GLY G 314 77.57 -90.52 -10.78
C GLY G 314 78.25 -89.19 -10.54
N GLU G 315 79.46 -89.07 -11.09
CA GLU G 315 80.22 -87.85 -10.95
C GLU G 315 79.54 -86.72 -11.73
N PRO G 316 79.72 -85.46 -11.32
CA PRO G 316 79.08 -84.37 -12.04
C PRO G 316 79.68 -84.21 -13.43
N PRO G 317 78.92 -83.67 -14.39
CA PRO G 317 79.47 -83.53 -15.75
C PRO G 317 80.61 -82.54 -15.80
N ALA G 318 81.57 -82.82 -16.69
CA ALA G 318 82.69 -81.90 -16.88
C ALA G 318 82.24 -80.61 -17.56
N THR G 319 81.34 -80.72 -18.53
CA THR G 319 80.81 -79.58 -19.25
C THR G 319 79.31 -79.76 -19.46
N TRP G 320 78.60 -78.63 -19.50
CA TRP G 320 77.15 -78.62 -19.68
C TRP G 320 76.73 -78.42 -21.13
N ALA G 321 77.66 -78.43 -22.07
CA ALA G 321 77.33 -78.20 -23.47
C ALA G 321 76.40 -79.30 -24.00
N ASP G 322 76.67 -80.55 -23.65
CA ASP G 322 75.82 -81.65 -24.10
C ASP G 322 74.42 -81.54 -23.50
N LYS G 323 74.33 -81.12 -22.24
CA LYS G 323 73.03 -81.00 -21.58
C LYS G 323 72.19 -79.93 -22.26
N LEU G 324 72.80 -78.80 -22.63
CA LEU G 324 72.03 -77.70 -23.21
C LEU G 324 71.47 -78.04 -24.58
N ASP G 325 72.11 -78.95 -25.31
CA ASP G 325 71.67 -79.28 -26.66
C ASP G 325 70.27 -79.88 -26.68
N LYS G 326 69.87 -80.53 -25.58
CA LYS G 326 68.53 -81.12 -25.53
C LYS G 326 67.43 -80.07 -25.48
N PHE G 327 67.75 -78.83 -25.07
CA PHE G 327 66.80 -77.74 -25.05
C PHE G 327 66.71 -76.99 -26.38
N ALA G 328 67.28 -77.56 -27.45
CA ALA G 328 67.35 -76.83 -28.72
C ALA G 328 65.96 -76.58 -29.29
N HIS G 329 65.14 -77.64 -29.40
CA HIS G 329 63.84 -77.58 -30.05
C HIS G 329 62.69 -77.69 -29.07
N GLU G 330 62.91 -77.35 -27.80
CA GLU G 330 61.85 -77.42 -26.79
C GLU G 330 60.98 -76.17 -26.74
N GLY G 331 61.34 -75.11 -27.48
CA GLY G 331 60.52 -73.91 -27.53
C GLY G 331 60.75 -72.91 -26.42
N GLY G 332 61.73 -73.15 -25.54
CA GLY G 332 61.99 -72.20 -24.47
C GLY G 332 62.72 -70.96 -24.95
N TYR G 333 62.60 -69.90 -24.14
CA TYR G 333 63.25 -68.62 -24.42
C TYR G 333 64.23 -68.22 -23.33
N TYR G 334 63.83 -68.31 -22.06
CA TYR G 334 64.67 -67.94 -20.93
C TYR G 334 65.26 -69.20 -20.30
N ILE G 335 66.55 -69.15 -19.99
CA ILE G 335 67.26 -70.26 -19.35
C ILE G 335 68.10 -69.68 -18.21
N VAL G 336 68.06 -70.34 -17.07
CA VAL G 336 68.77 -69.91 -15.86
C VAL G 336 69.63 -71.05 -15.35
N PRO G 337 70.91 -71.16 -15.74
CA PRO G 337 71.73 -72.25 -15.21
C PRO G 337 71.97 -72.08 -13.71
N LEU G 338 71.69 -73.14 -12.96
CA LEU G 338 71.83 -73.12 -11.50
C LEU G 338 73.25 -73.51 -11.11
N SER G 339 74.19 -72.67 -11.52
CA SER G 339 75.60 -72.87 -11.19
C SER G 339 76.29 -71.52 -11.21
N SER G 340 77.21 -71.33 -10.25
CA SER G 340 77.97 -70.08 -10.14
C SER G 340 79.28 -70.10 -10.91
N LYS G 341 79.65 -71.22 -11.52
CA LYS G 341 80.91 -71.30 -12.25
C LYS G 341 80.86 -70.42 -13.49
N GLN G 342 81.94 -69.69 -13.74
CA GLN G 342 82.02 -68.86 -14.94
C GLN G 342 82.06 -69.70 -16.20
N SER G 343 82.66 -70.90 -16.14
CA SER G 343 82.70 -71.77 -17.30
C SER G 343 81.30 -72.18 -17.73
N VAL G 344 80.43 -72.49 -16.76
CA VAL G 344 79.06 -72.88 -17.07
C VAL G 344 78.32 -71.71 -17.72
N HIS G 345 78.56 -70.49 -17.24
CA HIS G 345 77.92 -69.32 -17.84
C HIS G 345 78.34 -69.14 -19.28
N ALA G 346 79.62 -69.37 -19.59
CA ALA G 346 80.11 -69.19 -20.95
C ALA G 346 79.44 -70.19 -21.91
N GLU G 347 79.26 -71.43 -21.48
CA GLU G 347 78.62 -72.43 -22.32
C GLU G 347 77.18 -72.05 -22.64
N VAL G 348 76.44 -71.58 -21.62
CA VAL G 348 75.07 -71.13 -21.86
C VAL G 348 75.07 -69.88 -22.73
N ALA G 349 76.06 -69.01 -22.56
CA ALA G 349 76.16 -67.82 -23.40
C ALA G 349 76.34 -68.19 -24.86
N SER G 350 77.16 -69.21 -25.13
CA SER G 350 77.33 -69.67 -26.51
C SER G 350 76.08 -70.40 -27.00
N PHE G 351 75.39 -71.12 -26.12
CA PHE G 351 74.22 -71.89 -26.53
C PHE G 351 73.10 -70.99 -27.04
N VAL G 352 72.79 -69.93 -26.28
CA VAL G 352 71.71 -69.03 -26.70
C VAL G 352 72.08 -68.32 -27.99
N LYS G 353 73.36 -68.00 -28.17
CA LYS G 353 73.80 -67.41 -29.42
C LYS G 353 73.63 -68.38 -30.58
N GLU G 354 73.93 -69.65 -30.35
CA GLU G 354 73.84 -70.64 -31.43
C GLU G 354 72.41 -70.80 -31.92
N ARG G 355 71.45 -70.89 -31.01
CA ARG G 355 70.06 -71.07 -31.42
C ARG G 355 69.49 -69.81 -32.06
N SER G 356 69.94 -68.63 -31.62
CA SER G 356 69.50 -67.39 -32.24
C SER G 356 69.96 -67.33 -33.69
N ASP G 357 71.19 -67.77 -33.97
CA ASP G 357 71.67 -67.81 -35.35
C ASP G 357 70.89 -68.80 -36.19
N ALA G 358 70.33 -69.83 -35.56
CA ALA G 358 69.54 -70.84 -36.26
C ALA G 358 68.05 -70.51 -36.35
N GLY G 359 67.63 -69.34 -35.87
CA GLY G 359 66.24 -68.94 -35.92
C GLY G 359 65.43 -69.24 -34.68
N GLU G 360 66.08 -69.57 -33.56
CA GLU G 360 65.40 -69.89 -32.30
C GLU G 360 66.06 -69.06 -31.21
N PRO G 361 65.76 -67.76 -31.15
CA PRO G 361 66.45 -66.91 -30.17
C PRO G 361 66.12 -67.28 -28.73
N MET G 362 67.11 -67.10 -27.86
CA MET G 362 66.97 -67.37 -26.44
C MET G 362 67.83 -66.36 -25.67
N ARG G 363 67.54 -66.24 -24.38
CA ARG G 363 68.27 -65.35 -23.49
C ARG G 363 68.56 -66.08 -22.18
N ALA G 364 69.63 -65.64 -21.51
CA ALA G 364 70.11 -66.27 -20.30
C ALA G 364 70.25 -65.25 -19.18
N ILE G 365 70.02 -65.71 -17.95
CA ILE G 365 70.20 -64.92 -16.74
C ILE G 365 71.00 -65.76 -15.76
N VAL G 366 72.08 -65.18 -15.23
CA VAL G 366 73.01 -65.89 -14.36
C VAL G 366 73.35 -65.02 -13.15
N GLY G 367 73.89 -65.68 -12.13
CA GLY G 367 74.31 -64.98 -10.93
C GLY G 367 75.56 -65.62 -10.36
N GLY G 368 76.38 -64.80 -9.71
CA GLY G 368 77.68 -65.24 -9.22
C GLY G 368 77.77 -65.41 -7.71
N GLY G 369 77.79 -66.67 -7.26
CA GLY G 369 78.22 -67.03 -5.92
C GLY G 369 77.42 -66.36 -4.81
N PHE G 370 78.07 -66.23 -3.65
CA PHE G 370 77.50 -65.60 -2.46
C PHE G 370 78.27 -64.32 -2.16
N ASN G 371 77.55 -63.20 -2.09
CA ASN G 371 78.08 -61.94 -1.59
C ASN G 371 79.31 -61.48 -2.39
N GLU G 372 79.24 -61.62 -3.71
CA GLU G 372 80.34 -61.18 -4.56
C GLU G 372 80.39 -59.65 -4.59
N SER G 373 81.62 -59.12 -4.61
CA SER G 373 81.83 -57.68 -4.60
C SER G 373 81.67 -57.10 -6.00
N LYS G 374 81.75 -55.78 -6.09
CA LYS G 374 81.60 -55.12 -7.39
C LYS G 374 82.75 -55.47 -8.32
N GLU G 375 83.97 -55.58 -7.80
CA GLU G 375 85.12 -55.90 -8.64
C GLU G 375 84.98 -57.28 -9.26
N GLN G 376 84.50 -58.26 -8.48
CA GLN G 376 84.29 -59.60 -9.02
C GLN G 376 83.22 -59.59 -10.10
N LEU G 377 82.15 -58.81 -9.89
CA LEU G 377 81.06 -58.76 -10.86
C LEU G 377 81.53 -58.17 -12.19
N PHE G 378 82.42 -57.17 -12.14
CA PHE G 378 82.94 -56.59 -13.37
C PHE G 378 83.71 -57.62 -14.18
N GLY G 379 84.45 -58.49 -13.51
CA GLY G 379 85.17 -59.53 -14.22
C GLY G 379 84.24 -60.49 -14.95
N ARG G 380 83.14 -60.89 -14.30
CA ARG G 380 82.17 -61.75 -14.95
C ARG G 380 81.52 -61.06 -16.14
N GLN G 381 81.12 -59.79 -15.97
CA GLN G 381 80.46 -59.07 -17.05
C GLN G 381 81.40 -58.85 -18.23
N ALA G 382 82.66 -58.52 -17.95
CA ALA G 382 83.62 -58.27 -19.03
C ALA G 382 83.89 -59.54 -19.82
N SER G 383 83.94 -60.69 -19.14
CA SER G 383 84.24 -61.95 -19.81
C SER G 383 83.14 -62.31 -20.80
N LEU G 384 81.88 -62.09 -20.44
CA LEU G 384 80.77 -62.50 -21.31
C LEU G 384 80.55 -61.49 -22.43
N SER G 385 80.15 -60.27 -22.07
CA SER G 385 79.91 -59.19 -23.03
C SER G 385 78.91 -59.61 -24.11
N ASN G 386 77.89 -60.37 -23.71
CA ASN G 386 76.89 -60.93 -24.60
C ASN G 386 75.57 -60.17 -24.45
N PRO G 387 74.94 -59.68 -25.53
CA PRO G 387 73.62 -59.08 -25.37
C PRO G 387 72.57 -60.02 -24.80
N ARG G 388 72.66 -61.31 -25.12
CA ARG G 388 71.66 -62.29 -24.71
C ARG G 388 71.98 -62.94 -23.37
N VAL G 389 72.77 -62.29 -22.53
CA VAL G 389 73.10 -62.78 -21.20
C VAL G 389 72.99 -61.62 -20.22
N SER G 390 72.40 -61.89 -19.05
CA SER G 390 72.24 -60.92 -17.99
C SER G 390 72.84 -61.47 -16.70
N LEU G 391 73.54 -60.61 -15.98
CA LEU G 391 74.22 -60.97 -14.74
C LEU G 391 73.47 -60.37 -13.56
N VAL G 392 73.23 -61.19 -12.53
CA VAL G 392 72.52 -60.79 -11.32
C VAL G 392 73.53 -60.72 -10.18
N ALA G 393 73.57 -59.58 -9.49
CA ALA G 393 74.55 -59.34 -8.44
C ALA G 393 74.01 -59.70 -7.05
N ASN G 394 72.80 -59.24 -6.73
CA ASN G 394 72.28 -59.39 -5.38
C ASN G 394 71.98 -60.86 -5.06
N SER G 395 72.21 -61.21 -3.80
CA SER G 395 71.84 -62.51 -3.25
C SER G 395 71.16 -62.30 -1.92
N GLY G 396 70.24 -63.21 -1.59
CA GLY G 396 69.47 -63.05 -0.37
C GLY G 396 68.79 -64.33 0.05
N THR G 397 67.84 -64.18 0.97
CA THR G 397 67.11 -65.29 1.56
C THR G 397 65.65 -65.22 1.14
N PHE G 398 65.09 -66.38 0.76
CA PHE G 398 63.70 -66.51 0.34
C PHE G 398 62.98 -67.45 1.27
N VAL G 399 61.74 -67.10 1.62
CA VAL G 399 60.90 -67.92 2.49
C VAL G 399 60.14 -68.90 1.59
N MET G 400 60.45 -70.18 1.71
CA MET G 400 59.82 -71.21 0.90
C MET G 400 58.46 -71.60 1.48
N ASP G 401 57.74 -72.43 0.72
CA ASP G 401 56.45 -72.92 1.18
C ASP G 401 56.58 -73.77 2.44
N ASP G 402 57.70 -74.48 2.58
CA ASP G 402 57.95 -75.26 3.79
C ASP G 402 58.25 -74.40 5.00
N GLY G 403 58.53 -73.11 4.82
CA GLY G 403 58.85 -72.21 5.91
C GLY G 403 60.33 -72.01 6.15
N ARG G 404 61.19 -72.59 5.32
CA ARG G 404 62.63 -72.43 5.50
C ARG G 404 63.09 -71.06 5.02
N LYS G 405 63.86 -70.37 5.85
CA LYS G 405 64.53 -69.13 5.46
C LYS G 405 65.88 -69.48 4.82
N ASN G 406 65.79 -70.10 3.64
CA ASN G 406 66.95 -70.64 2.97
C ASN G 406 67.74 -69.52 2.30
N HIS G 407 68.95 -69.26 2.79
CA HIS G 407 69.85 -68.34 2.12
C HIS G 407 70.37 -68.99 0.85
N VAL G 408 70.30 -68.26 -0.26
CA VAL G 408 70.60 -68.81 -1.59
C VAL G 408 71.58 -67.88 -2.29
N PRO G 409 72.32 -68.38 -3.27
CA PRO G 409 73.28 -67.53 -3.99
C PRO G 409 72.56 -66.63 -4.99
N ALA G 410 73.37 -65.88 -5.76
CA ALA G 410 72.83 -64.89 -6.68
C ALA G 410 72.03 -65.54 -7.80
N TYR G 411 72.51 -66.67 -8.34
CA TYR G 411 71.85 -67.25 -9.51
C TYR G 411 70.46 -67.79 -9.18
N MET G 412 70.16 -68.07 -7.91
CA MET G 412 68.80 -68.43 -7.54
C MET G 412 67.88 -67.22 -7.59
N VAL G 413 68.41 -66.02 -7.37
CA VAL G 413 67.62 -64.81 -7.54
C VAL G 413 67.26 -64.63 -9.00
N ALA G 414 68.15 -65.03 -9.92
CA ALA G 414 67.86 -64.93 -11.34
C ALA G 414 66.66 -65.77 -11.74
N VAL G 415 66.39 -66.85 -11.01
CA VAL G 415 65.21 -67.66 -11.29
C VAL G 415 63.94 -66.82 -11.08
N ALA G 416 63.90 -66.04 -10.00
CA ALA G 416 62.75 -65.16 -9.77
C ALA G 416 62.63 -64.13 -10.87
N LEU G 417 63.74 -63.53 -11.29
CA LEU G 417 63.71 -62.60 -12.41
C LEU G 417 63.31 -63.29 -13.70
N GLY G 418 63.86 -64.48 -13.95
CA GLY G 418 63.47 -65.23 -15.14
C GLY G 418 62.02 -65.67 -15.09
N GLY G 419 61.56 -66.15 -13.94
CA GLY G 419 60.16 -66.51 -13.79
C GLY G 419 59.24 -65.30 -13.94
N LEU G 420 59.63 -64.16 -13.36
CA LEU G 420 58.87 -62.94 -13.54
C LEU G 420 58.84 -62.51 -15.00
N ALA G 421 59.99 -62.59 -15.67
CA ALA G 421 60.05 -62.17 -17.07
C ALA G 421 59.19 -63.07 -17.94
N SER G 422 59.19 -64.38 -17.68
CA SER G 422 58.39 -65.30 -18.49
C SER G 422 56.90 -65.01 -18.31
N GLY G 423 56.47 -64.71 -17.09
CA GLY G 423 55.07 -64.45 -16.84
C GLY G 423 54.58 -63.15 -17.44
N LEU G 424 55.48 -62.18 -17.63
CA LEU G 424 55.09 -60.91 -18.21
C LEU G 424 54.78 -61.07 -19.69
N GLU G 425 54.01 -60.12 -20.22
CA GLU G 425 53.63 -60.15 -21.62
C GLU G 425 54.85 -59.85 -22.50
N ILE G 426 54.66 -60.04 -23.81
CA ILE G 426 55.75 -59.79 -24.76
C ILE G 426 56.03 -58.30 -24.83
N GLY G 427 57.30 -57.94 -24.70
CA GLY G 427 57.71 -56.55 -24.74
C GLY G 427 57.73 -55.84 -23.41
N GLU G 428 57.19 -56.46 -22.35
CA GLU G 428 57.22 -55.85 -21.03
C GLU G 428 58.60 -56.01 -20.41
N SER G 429 58.88 -55.16 -19.43
CA SER G 429 60.16 -55.11 -18.74
C SER G 429 59.98 -55.46 -17.27
N ILE G 430 61.08 -55.90 -16.64
CA ILE G 430 61.09 -56.22 -15.21
C ILE G 430 61.59 -55.03 -14.41
N THR G 431 61.60 -53.84 -15.01
CA THR G 431 62.10 -52.66 -14.33
C THR G 431 61.12 -52.20 -13.27
N PHE G 432 61.63 -51.93 -12.07
CA PHE G 432 60.86 -51.43 -10.92
C PHE G 432 59.80 -52.42 -10.43
N LYS G 433 59.82 -53.67 -10.91
CA LYS G 433 58.84 -54.65 -10.46
C LYS G 433 59.26 -55.21 -9.09
N PRO G 434 58.29 -55.66 -8.28
CA PRO G 434 58.67 -56.25 -6.99
C PRO G 434 59.31 -57.62 -7.16
N LEU G 435 60.14 -57.98 -6.17
CA LEU G 435 60.83 -59.26 -6.15
C LEU G 435 60.31 -60.21 -5.08
N ARG G 436 59.76 -59.68 -3.98
CA ARG G 436 59.25 -60.49 -2.88
C ARG G 436 60.37 -61.36 -2.28
N VAL G 437 61.37 -60.68 -1.73
CA VAL G 437 62.53 -61.30 -1.09
C VAL G 437 62.59 -60.84 0.35
N SER G 438 62.85 -61.78 1.26
CA SER G 438 62.86 -61.46 2.68
C SER G 438 63.95 -60.46 3.03
N SER G 439 65.16 -60.66 2.49
CA SER G 439 66.28 -59.78 2.78
C SER G 439 67.38 -60.04 1.76
N LEU G 440 68.35 -59.13 1.72
CA LEU G 440 69.49 -59.20 0.82
C LEU G 440 70.78 -59.08 1.61
N ASP G 441 71.81 -59.79 1.16
CA ASP G 441 73.10 -59.75 1.84
C ASP G 441 73.70 -58.36 1.81
N GLN G 442 73.64 -57.69 0.66
CA GLN G 442 74.19 -56.35 0.47
C GLN G 442 73.08 -55.40 0.06
N ILE G 443 72.97 -54.28 0.77
CA ILE G 443 72.02 -53.22 0.44
C ILE G 443 72.84 -52.11 -0.21
N TYR G 444 72.88 -52.14 -1.54
CA TYR G 444 73.67 -51.17 -2.29
C TYR G 444 73.10 -49.76 -2.12
N GLU G 445 74.00 -48.79 -1.99
CA GLU G 445 73.60 -47.40 -1.90
C GLU G 445 73.27 -46.86 -3.30
N SER G 446 72.87 -45.58 -3.34
CA SER G 446 72.51 -44.98 -4.62
C SER G 446 73.70 -44.92 -5.57
N ILE G 447 74.88 -44.59 -5.05
CA ILE G 447 76.07 -44.51 -5.90
C ILE G 447 76.48 -45.90 -6.38
N ASP G 448 76.34 -46.91 -5.52
CA ASP G 448 76.73 -48.26 -5.91
C ASP G 448 75.82 -48.81 -7.01
N LEU G 449 74.51 -48.51 -6.92
CA LEU G 449 73.58 -48.99 -7.94
C LEU G 449 73.89 -48.39 -9.30
N ASP G 450 74.27 -47.11 -9.33
CA ASP G 450 74.58 -46.46 -10.61
C ASP G 450 75.79 -47.11 -11.27
N GLU G 451 76.81 -47.45 -10.49
CA GLU G 451 78.00 -48.07 -11.06
C GLU G 451 77.68 -49.42 -11.69
N LEU G 452 76.86 -50.23 -11.01
CA LEU G 452 76.47 -51.53 -11.56
C LEU G 452 75.65 -51.34 -12.84
N ASN G 453 74.74 -50.37 -12.85
CA ASN G 453 73.96 -50.10 -14.05
C ASN G 453 74.85 -49.64 -15.21
N GLU G 454 75.84 -48.80 -14.91
CA GLU G 454 76.75 -48.33 -15.95
C GLU G 454 77.58 -49.48 -16.52
N ASN G 455 77.83 -50.53 -15.75
CA ASN G 455 78.59 -51.69 -16.19
C ASN G 455 77.69 -52.81 -16.71
N GLY G 456 76.41 -52.54 -16.90
CA GLY G 456 75.50 -53.56 -17.43
C GLY G 456 75.27 -54.73 -16.50
N ILE G 457 75.05 -54.47 -15.22
CA ILE G 457 74.80 -55.49 -14.21
C ILE G 457 73.48 -55.16 -13.52
N ILE G 458 72.60 -56.16 -13.43
CA ILE G 458 71.31 -55.98 -12.77
C ILE G 458 71.52 -55.95 -11.26
N SER G 459 70.93 -54.96 -10.60
CA SER G 459 71.02 -54.79 -9.16
C SER G 459 69.63 -54.57 -8.59
N ILE G 460 69.49 -54.90 -7.31
CA ILE G 460 68.22 -54.82 -6.59
C ILE G 460 68.42 -53.88 -5.41
N GLU G 461 67.51 -52.90 -5.28
CA GLU G 461 67.62 -51.85 -4.28
C GLU G 461 66.52 -52.01 -3.23
N PHE G 462 66.87 -51.72 -1.98
CA PHE G 462 65.91 -51.73 -0.88
C PHE G 462 65.34 -50.31 -0.75
N VAL G 463 64.05 -50.17 -1.04
CA VAL G 463 63.40 -48.86 -1.07
C VAL G 463 63.13 -48.42 0.37
N ARG G 464 63.81 -47.38 0.81
CA ARG G 464 63.64 -46.81 2.14
C ARG G 464 62.89 -45.47 2.13
N ASN G 465 62.34 -45.07 0.99
CA ASN G 465 61.64 -43.80 0.89
C ASN G 465 60.21 -43.84 1.45
N ARG G 466 59.71 -45.03 1.79
CA ARG G 466 58.35 -45.19 2.30
C ARG G 466 58.39 -46.10 3.53
N THR G 467 57.35 -45.99 4.35
CA THR G 467 57.23 -46.85 5.52
C THR G 467 57.10 -48.31 5.10
N ASN G 468 56.31 -48.58 4.05
CA ASN G 468 56.14 -49.92 3.53
C ASN G 468 57.29 -50.20 2.56
N THR G 469 58.46 -50.45 3.14
CA THR G 469 59.65 -50.70 2.34
C THR G 469 59.54 -52.00 1.56
N PHE G 470 60.12 -52.02 0.36
CA PHE G 470 60.10 -53.20 -0.49
C PHE G 470 61.27 -53.13 -1.45
N PHE G 471 61.57 -54.28 -2.05
CA PHE G 471 62.65 -54.42 -3.01
C PHE G 471 62.12 -54.30 -4.43
N ARG G 472 62.95 -53.77 -5.32
CA ARG G 472 62.59 -53.62 -6.72
C ARG G 472 63.85 -53.69 -7.58
N ILE G 473 63.64 -53.98 -8.86
CA ILE G 473 64.73 -54.10 -9.82
C ILE G 473 64.93 -52.73 -10.46
N VAL G 474 66.17 -52.22 -10.40
CA VAL G 474 66.44 -50.88 -10.91
C VAL G 474 66.35 -50.85 -12.43
N ASP G 475 66.85 -51.89 -13.10
CA ASP G 475 66.86 -51.92 -14.56
C ASP G 475 67.13 -53.35 -15.01
N ASP G 476 66.73 -53.62 -16.26
CA ASP G 476 66.93 -54.92 -16.90
C ASP G 476 68.03 -54.86 -17.95
N VAL G 477 69.06 -54.06 -17.69
CA VAL G 477 70.14 -53.88 -18.66
C VAL G 477 70.92 -55.18 -18.81
N THR G 478 71.38 -55.45 -20.04
CA THR G 478 72.17 -56.64 -20.34
C THR G 478 73.65 -56.37 -20.12
N THR G 479 74.45 -57.42 -20.28
CA THR G 479 75.89 -57.29 -20.13
C THR G 479 76.49 -56.37 -21.19
N PHE G 480 75.89 -56.33 -22.38
CA PHE G 480 76.36 -55.46 -23.45
C PHE G 480 76.12 -54.01 -23.03
N ASN G 481 77.21 -53.29 -22.75
CA ASN G 481 77.11 -51.96 -22.17
C ASN G 481 76.81 -50.86 -23.18
N ASP G 482 76.81 -51.17 -24.48
CA ASP G 482 76.54 -50.17 -25.50
C ASP G 482 75.07 -49.80 -25.46
N LYS G 483 74.75 -48.72 -24.74
CA LYS G 483 73.37 -48.26 -24.63
C LYS G 483 72.86 -47.59 -25.91
N SER G 484 73.74 -47.31 -26.87
CA SER G 484 73.29 -46.71 -28.12
C SER G 484 72.33 -47.63 -28.87
N ASP G 485 72.52 -48.94 -28.74
CA ASP G 485 71.66 -49.94 -29.38
C ASP G 485 70.68 -50.49 -28.35
N PRO G 486 69.47 -49.92 -28.20
CA PRO G 486 68.56 -50.44 -27.17
C PRO G 486 68.12 -51.87 -27.39
N VAL G 487 68.18 -52.37 -28.62
CA VAL G 487 67.80 -53.77 -28.87
C VAL G 487 68.74 -54.70 -28.12
N LYS G 488 70.04 -54.47 -28.23
CA LYS G 488 71.02 -55.30 -27.52
C LYS G 488 71.10 -54.96 -26.04
N ALA G 489 70.99 -53.67 -25.69
CA ALA G 489 71.18 -53.25 -24.31
C ALA G 489 69.99 -53.63 -23.43
N GLU G 490 68.77 -53.43 -23.92
CA GLU G 490 67.56 -53.63 -23.13
C GLU G 490 66.94 -54.98 -23.45
N MET G 491 66.65 -55.75 -22.40
CA MET G 491 66.05 -57.08 -22.60
C MET G 491 64.65 -56.96 -23.19
N ALA G 492 63.84 -56.02 -22.69
CA ALA G 492 62.47 -55.90 -23.14
C ALA G 492 62.39 -55.51 -24.62
N VAL G 493 63.22 -54.56 -25.04
CA VAL G 493 63.22 -54.14 -26.44
C VAL G 493 63.69 -55.27 -27.34
N GLY G 494 64.77 -55.95 -26.94
CA GLY G 494 65.24 -57.09 -27.71
C GLY G 494 64.27 -58.25 -27.71
N GLU G 495 63.57 -58.45 -26.59
CA GLU G 495 62.59 -59.53 -26.52
C GLU G 495 61.48 -59.32 -27.53
N ALA G 496 60.98 -58.08 -27.65
CA ALA G 496 59.93 -57.81 -28.62
C ALA G 496 60.42 -58.02 -30.05
N ASN G 497 61.67 -57.62 -30.32
CA ASN G 497 62.24 -57.81 -31.66
C ASN G 497 62.36 -59.29 -32.00
N ASP G 498 62.77 -60.11 -31.04
CA ASP G 498 62.95 -61.54 -31.31
C ASP G 498 61.63 -62.21 -31.62
N PHE G 499 60.61 -61.98 -30.78
CA PHE G 499 59.31 -62.59 -31.02
C PHE G 499 58.65 -62.04 -32.28
N LEU G 500 58.78 -60.74 -32.52
CA LEU G 500 58.23 -60.14 -33.74
C LEU G 500 58.89 -60.72 -34.98
N VAL G 501 60.22 -60.84 -34.96
CA VAL G 501 60.94 -61.36 -36.11
C VAL G 501 60.69 -62.87 -36.25
N SER G 502 60.76 -63.61 -35.14
CA SER G 502 60.63 -65.05 -35.21
C SER G 502 59.23 -65.48 -35.64
N GLU G 503 58.21 -64.85 -35.06
CA GLU G 503 56.83 -65.21 -35.42
C GLU G 503 56.54 -64.89 -36.88
N LEU G 504 57.01 -63.74 -37.37
CA LEU G 504 56.83 -63.40 -38.77
C LEU G 504 57.54 -64.39 -39.68
N LYS G 505 58.70 -64.88 -39.27
CA LYS G 505 59.47 -65.83 -40.08
C LYS G 505 58.70 -67.13 -40.25
N VAL G 506 58.13 -67.66 -39.17
CA VAL G 506 57.44 -68.94 -39.24
C VAL G 506 56.13 -68.82 -40.02
N GLN G 507 55.37 -67.76 -39.78
CA GLN G 507 54.04 -67.63 -40.38
C GLN G 507 54.13 -67.50 -41.89
N LEU G 508 55.09 -66.72 -42.38
CA LEU G 508 55.21 -66.52 -43.82
C LEU G 508 55.55 -67.81 -44.55
N GLU G 509 56.43 -68.63 -43.96
CA GLU G 509 56.84 -69.87 -44.62
C GLU G 509 55.66 -70.83 -44.76
N ASP G 510 54.86 -70.99 -43.71
CA ASP G 510 53.75 -71.92 -43.76
C ASP G 510 52.65 -71.45 -44.71
N GLN G 511 52.53 -70.14 -44.91
CA GLN G 511 51.41 -69.58 -45.67
C GLN G 511 51.73 -69.48 -47.16
N PHE G 512 52.80 -68.78 -47.52
CA PHE G 512 53.03 -68.35 -48.89
C PHE G 512 53.99 -69.24 -49.67
N ILE G 513 54.95 -69.89 -49.01
CA ILE G 513 55.89 -70.75 -49.74
C ILE G 513 55.15 -71.97 -50.25
N GLY G 514 55.38 -72.30 -51.51
CA GLY G 514 54.69 -73.40 -52.17
C GLY G 514 53.42 -73.03 -52.89
N THR G 515 52.95 -71.78 -52.76
CA THR G 515 51.74 -71.32 -53.42
C THR G 515 52.08 -70.68 -54.76
N ARG G 516 51.09 -70.65 -55.64
CA ARG G 516 51.28 -70.09 -56.97
C ARG G 516 51.51 -68.58 -56.89
N THR G 517 52.33 -68.07 -57.81
CA THR G 517 52.59 -66.64 -57.91
C THR G 517 51.53 -65.99 -58.79
N ILE G 518 50.30 -65.97 -58.26
CA ILE G 518 49.17 -65.40 -58.98
C ILE G 518 49.32 -63.89 -59.03
N ASN G 519 48.49 -63.23 -59.85
CA ASN G 519 48.58 -61.78 -59.99
C ASN G 519 48.28 -61.07 -58.68
N THR G 520 47.31 -61.60 -57.91
CA THR G 520 46.93 -61.01 -56.64
C THR G 520 47.80 -61.47 -55.48
N SER G 521 48.94 -62.09 -55.74
CA SER G 521 49.81 -62.56 -54.66
C SER G 521 50.34 -61.38 -53.84
N ALA G 522 50.73 -60.30 -54.51
CA ALA G 522 51.27 -59.14 -53.80
C ALA G 522 50.21 -58.52 -52.89
N SER G 523 48.98 -58.39 -53.38
CA SER G 523 47.91 -57.82 -52.56
C SER G 523 47.60 -58.71 -51.36
N ILE G 524 47.59 -60.03 -51.57
CA ILE G 524 47.30 -60.94 -50.47
C ILE G 524 48.39 -60.88 -49.41
N ILE G 525 49.65 -60.81 -49.84
CA ILE G 525 50.76 -60.72 -48.89
C ILE G 525 50.67 -59.42 -48.09
N LYS G 526 50.33 -58.32 -48.77
CA LYS G 526 50.19 -57.04 -48.08
C LYS G 526 49.09 -57.08 -47.04
N ASP G 527 47.95 -57.70 -47.39
CA ASP G 527 46.85 -57.81 -46.44
C ASP G 527 47.24 -58.67 -45.24
N PHE G 528 47.99 -59.75 -45.48
CA PHE G 528 48.43 -60.60 -44.37
C PHE G 528 49.35 -59.84 -43.43
N ILE G 529 50.25 -59.02 -43.98
CA ILE G 529 51.18 -58.27 -43.15
C ILE G 529 50.44 -57.26 -42.30
N GLN G 530 49.48 -56.54 -42.88
CA GLN G 530 48.73 -55.54 -42.13
C GLN G 530 47.93 -56.18 -41.00
N SER G 531 47.31 -57.34 -41.26
CA SER G 531 46.59 -58.03 -40.21
C SER G 531 47.52 -58.48 -39.10
N TYR G 532 48.71 -58.98 -39.47
CA TYR G 532 49.67 -59.43 -38.47
C TYR G 532 50.15 -58.26 -37.61
N LEU G 533 50.47 -57.13 -38.24
CA LEU G 533 50.91 -55.96 -37.49
C LEU G 533 49.77 -55.37 -36.66
N GLY G 534 48.54 -55.46 -37.15
CA GLY G 534 47.41 -54.98 -36.38
C GLY G 534 47.22 -55.73 -35.08
N ARG G 535 47.45 -57.05 -35.11
CA ARG G 535 47.36 -57.85 -33.89
C ARG G 535 48.42 -57.43 -32.88
N LYS G 536 49.63 -57.14 -33.37
CA LYS G 536 50.69 -56.69 -32.47
C LYS G 536 50.33 -55.37 -31.80
N LYS G 537 49.76 -54.43 -32.57
CA LYS G 537 49.29 -53.18 -31.98
C LYS G 537 48.14 -53.43 -31.01
N ARG G 538 47.27 -54.39 -31.34
CA ARG G 538 46.16 -54.73 -30.45
C ARG G 538 46.68 -55.26 -29.11
N ASP G 539 47.71 -56.08 -29.15
CA ASP G 539 48.32 -56.64 -27.94
C ASP G 539 49.41 -55.74 -27.35
N ASN G 540 49.61 -54.54 -27.92
CA ASN G 540 50.60 -53.58 -27.42
C ASN G 540 52.02 -54.14 -27.50
N GLU G 541 52.27 -55.07 -28.42
CA GLU G 541 53.63 -55.55 -28.65
C GLU G 541 54.45 -54.57 -29.47
N ILE G 542 53.80 -53.68 -30.22
CA ILE G 542 54.47 -52.60 -30.94
C ILE G 542 53.68 -51.32 -30.72
N GLN G 543 54.34 -50.19 -30.96
CA GLN G 543 53.70 -48.90 -30.75
C GLN G 543 52.70 -48.60 -31.88
N ASP G 544 53.19 -48.54 -33.12
CA ASP G 544 52.35 -48.27 -34.27
C ASP G 544 53.16 -48.58 -35.52
N PHE G 545 52.47 -48.68 -36.65
CA PHE G 545 53.10 -48.89 -37.94
C PHE G 545 52.33 -48.11 -39.00
N PRO G 546 53.00 -47.55 -40.02
CA PRO G 546 52.26 -46.95 -41.14
C PRO G 546 51.89 -48.02 -42.16
N ALA G 547 50.59 -48.13 -42.44
CA ALA G 547 50.12 -49.13 -43.40
C ALA G 547 50.54 -48.78 -44.82
N GLU G 548 50.63 -47.49 -45.15
CA GLU G 548 50.94 -47.08 -46.51
C GLU G 548 52.35 -47.50 -46.90
N ASP G 549 53.31 -47.39 -45.99
CA ASP G 549 54.69 -47.71 -46.31
C ASP G 549 54.93 -49.20 -46.53
N VAL G 550 53.99 -50.06 -46.18
CA VAL G 550 54.15 -51.50 -46.39
C VAL G 550 54.05 -51.76 -47.89
N GLN G 551 55.18 -52.11 -48.51
CA GLN G 551 55.27 -52.38 -49.94
C GLN G 551 55.75 -53.81 -50.16
N VAL G 552 55.14 -54.48 -51.13
CA VAL G 552 55.46 -55.86 -51.48
C VAL G 552 55.79 -55.91 -52.96
N ILE G 553 56.94 -56.52 -53.27
CA ILE G 553 57.41 -56.70 -54.64
C ILE G 553 57.65 -58.19 -54.87
N VAL G 554 57.06 -58.72 -55.93
CA VAL G 554 57.16 -60.13 -56.29
C VAL G 554 57.81 -60.23 -57.65
N GLU G 555 58.86 -61.04 -57.76
CA GLU G 555 59.57 -61.25 -59.02
C GLU G 555 60.17 -62.64 -59.00
N GLY G 556 59.59 -63.55 -59.76
CA GLY G 556 60.08 -64.91 -59.78
C GLY G 556 59.89 -65.59 -58.44
N ASN G 557 60.86 -66.43 -58.05
CA ASN G 557 60.77 -67.11 -56.78
C ASN G 557 60.82 -66.13 -55.62
N GLU G 558 61.67 -65.11 -55.71
CA GLU G 558 61.82 -64.15 -54.63
C GLU G 558 60.57 -63.29 -54.48
N ALA G 559 60.33 -62.84 -53.24
CA ALA G 559 59.21 -61.96 -52.91
C ALA G 559 59.72 -60.95 -51.89
N ARG G 560 60.18 -59.79 -52.38
CA ARG G 560 60.73 -58.77 -51.52
C ARG G 560 59.63 -58.07 -50.75
N ILE G 561 59.84 -57.90 -49.44
CA ILE G 561 58.87 -57.25 -48.55
C ILE G 561 59.59 -56.14 -47.80
N SER G 562 58.95 -54.98 -47.69
CA SER G 562 59.46 -53.85 -46.93
C SER G 562 58.35 -53.30 -46.05
N MET G 563 58.68 -53.02 -44.80
CA MET G 563 57.71 -52.50 -43.84
C MET G 563 58.42 -51.59 -42.85
N THR G 564 57.63 -50.74 -42.20
CA THR G 564 58.09 -49.85 -41.15
C THR G 564 57.29 -50.12 -39.89
N VAL G 565 57.99 -50.16 -38.75
CA VAL G 565 57.36 -50.43 -37.45
C VAL G 565 58.00 -49.50 -36.42
N TYR G 566 57.16 -48.91 -35.58
CA TYR G 566 57.65 -48.11 -34.46
C TYR G 566 57.74 -49.02 -33.24
N PRO G 567 58.93 -49.35 -32.74
CA PRO G 567 59.02 -50.36 -31.68
C PRO G 567 58.47 -49.86 -30.36
N ILE G 568 57.99 -50.82 -29.56
CA ILE G 568 57.53 -50.51 -28.20
C ILE G 568 58.75 -50.32 -27.31
N ARG G 569 58.65 -49.36 -26.38
CA ARG G 569 59.74 -49.01 -25.49
C ARG G 569 59.23 -48.87 -24.06
N SER G 570 60.12 -49.10 -23.10
CA SER G 570 59.81 -48.99 -21.68
C SER G 570 60.38 -47.68 -21.15
N PHE G 571 59.56 -46.95 -20.39
CA PHE G 571 60.00 -45.68 -19.83
C PHE G 571 61.16 -45.89 -18.87
N LYS G 572 62.20 -45.07 -19.01
CA LYS G 572 63.35 -45.08 -18.11
C LYS G 572 63.83 -43.70 -17.71
N LYS G 573 63.19 -42.63 -18.20
CA LYS G 573 63.56 -41.27 -17.81
C LYS G 573 62.36 -40.37 -18.03
N ILE G 574 62.00 -39.61 -16.99
CA ILE G 574 60.87 -38.69 -17.05
C ILE G 574 61.40 -37.31 -16.65
N SER G 575 61.32 -36.36 -17.58
CA SER G 575 61.79 -35.00 -17.38
C SER G 575 60.58 -34.08 -17.20
N VAL G 576 60.61 -33.28 -16.13
CA VAL G 576 59.53 -32.35 -15.81
C VAL G 576 60.13 -30.95 -15.75
N SER G 577 59.52 -30.01 -16.47
CA SER G 577 59.93 -28.62 -16.51
C SER G 577 58.84 -27.79 -15.83
N LEU G 578 58.99 -27.61 -14.51
CA LEU G 578 58.02 -26.86 -13.73
C LEU G 578 58.37 -25.38 -13.76
N VAL G 579 57.39 -24.57 -14.15
CA VAL G 579 57.56 -23.12 -14.28
C VAL G 579 56.53 -22.44 -13.39
N TYR G 580 57.00 -21.53 -12.55
CA TYR G 580 56.14 -20.74 -11.67
C TYR G 580 55.86 -19.39 -12.30
N LYS G 581 54.62 -18.93 -12.17
CA LYS G 581 54.19 -17.66 -12.74
C LYS G 581 53.24 -16.97 -11.77
N GLN G 582 53.08 -15.67 -11.96
CA GLN G 582 52.19 -14.86 -11.15
C GLN G 582 50.78 -14.84 -11.73
N GLN G 583 49.80 -14.69 -10.85
CA GLN G 583 48.40 -14.56 -11.22
C GLN G 583 47.78 -13.42 -10.41
N THR G 584 46.92 -12.65 -11.06
CA THR G 584 46.28 -11.48 -10.45
C THR G 584 44.81 -11.81 -10.19
N LEU G 585 44.35 -11.49 -8.98
CA LEU G 585 42.98 -11.71 -8.55
C LEU G 585 42.24 -10.37 -8.47
N GLN G 586 40.93 -10.44 -8.67
CA GLN G 586 40.09 -9.25 -8.61
C GLN G 586 38.72 -9.63 -8.08
N ALA G 587 38.00 -8.64 -7.56
CA ALA G 587 36.65 -8.83 -7.02
C ALA G 587 36.64 -9.83 -5.86
N VAL H 3 28.64 -76.91 -90.52
CA VAL H 3 27.34 -76.44 -90.99
C VAL H 3 26.56 -77.59 -91.62
N GLU H 4 25.70 -78.22 -90.84
CA GLU H 4 24.92 -79.34 -91.32
C GLU H 4 23.72 -78.82 -92.12
N PRO H 5 23.59 -79.14 -93.40
CA PRO H 5 22.42 -78.68 -94.16
C PRO H 5 21.18 -79.52 -93.83
N PHE H 6 20.03 -79.04 -94.32
CA PHE H 6 18.76 -79.72 -94.13
C PHE H 6 17.82 -79.36 -95.28
N PRO H 7 17.32 -80.32 -96.08
CA PRO H 7 17.56 -81.78 -96.06
C PRO H 7 18.93 -82.12 -96.63
N ARG H 8 19.52 -83.25 -96.22
CA ARG H 8 20.83 -83.61 -96.74
C ARG H 8 20.76 -83.99 -98.22
N ARG H 9 19.66 -84.59 -98.66
CA ARG H 9 19.48 -84.91 -100.06
C ARG H 9 19.06 -83.65 -100.83
N PRO H 10 19.82 -83.18 -101.82
CA PRO H 10 19.34 -82.04 -102.60
C PRO H 10 18.07 -82.36 -103.38
N ILE H 11 17.23 -81.34 -103.52
CA ILE H 11 16.01 -81.42 -104.32
C ILE H 11 15.91 -80.17 -105.17
N THR H 12 15.69 -80.35 -106.48
CA THR H 12 15.66 -79.22 -107.40
C THR H 12 14.30 -78.53 -107.46
N ARG H 13 13.24 -79.17 -106.99
CA ARG H 13 11.93 -78.55 -107.00
C ARG H 13 11.88 -77.44 -105.94
N PRO H 14 10.90 -76.53 -106.01
CA PRO H 14 10.79 -75.49 -104.98
C PRO H 14 10.63 -76.08 -103.59
N HIS H 15 11.31 -75.47 -102.63
CA HIS H 15 11.37 -75.98 -101.26
C HIS H 15 12.00 -74.90 -100.39
N ALA H 16 12.21 -75.25 -99.12
CA ALA H 16 12.91 -74.40 -98.16
C ALA H 16 14.06 -75.21 -97.55
N SER H 17 15.25 -74.63 -97.55
CA SER H 17 16.46 -75.26 -97.05
C SER H 17 16.96 -74.50 -95.83
N ILE H 18 17.36 -75.25 -94.80
CA ILE H 18 17.87 -74.71 -93.55
C ILE H 18 19.27 -75.24 -93.33
N GLU H 19 20.22 -74.33 -93.11
CA GLU H 19 21.60 -74.68 -92.80
C GLU H 19 21.81 -74.49 -91.30
N VAL H 20 22.08 -75.57 -90.59
CA VAL H 20 22.23 -75.57 -89.15
C VAL H 20 23.71 -75.48 -88.82
N ASP H 21 24.08 -74.44 -88.07
CA ASP H 21 25.46 -74.20 -87.64
C ASP H 21 25.52 -74.53 -86.14
N THR H 22 26.12 -75.67 -85.81
CA THR H 22 26.17 -76.15 -84.43
C THR H 22 27.36 -75.60 -83.66
N SER H 23 28.21 -74.78 -84.28
CA SER H 23 29.34 -74.19 -83.55
C SER H 23 28.84 -73.12 -82.58
N GLY H 24 29.67 -72.83 -81.59
CA GLY H 24 29.36 -71.83 -80.59
C GLY H 24 28.65 -72.34 -79.35
N ILE H 25 28.24 -73.61 -79.33
CA ILE H 25 27.61 -74.22 -78.17
C ILE H 25 28.44 -75.41 -77.68
N GLY H 26 29.19 -76.03 -78.58
CA GLY H 26 30.04 -77.15 -78.22
C GLY H 26 31.22 -76.73 -77.36
N SER H 32 43.74 -80.83 -67.96
CA SER H 32 44.10 -82.24 -68.15
C SER H 32 43.91 -83.02 -66.85
N GLU H 33 43.67 -84.32 -66.98
CA GLU H 33 43.44 -85.16 -65.81
C GLU H 33 44.73 -85.44 -65.04
N LYS H 34 45.86 -85.52 -65.74
CA LYS H 34 47.16 -85.81 -65.13
C LYS H 34 47.11 -87.17 -64.40
N VAL H 35 46.92 -88.22 -65.20
CA VAL H 35 46.76 -89.56 -64.65
C VAL H 35 48.09 -90.06 -64.07
N PHE H 36 48.00 -90.85 -63.02
CA PHE H 36 49.14 -91.41 -62.32
C PHE H 36 49.36 -92.86 -62.75
N CYS H 37 50.61 -93.31 -62.67
CA CYS H 37 51.01 -94.64 -63.12
C CYS H 37 51.80 -95.35 -62.02
N LEU H 38 51.70 -96.68 -62.03
CA LEU H 38 52.43 -97.52 -61.09
C LEU H 38 52.79 -98.83 -61.76
N ILE H 39 54.00 -99.32 -61.48
CA ILE H 39 54.48 -100.61 -61.96
C ILE H 39 55.12 -101.33 -60.78
N GLY H 40 54.78 -102.61 -60.61
CA GLY H 40 55.36 -103.38 -59.52
C GLY H 40 54.78 -104.78 -59.49
N GLN H 41 55.22 -105.54 -58.49
CA GLN H 41 54.78 -106.92 -58.34
C GLN H 41 53.33 -106.97 -57.88
N ALA H 42 52.61 -107.99 -58.32
CA ALA H 42 51.23 -108.20 -57.92
C ALA H 42 50.88 -109.67 -58.08
N GLU H 43 49.82 -110.09 -57.39
CA GLU H 43 49.32 -111.46 -57.42
C GLU H 43 48.09 -111.62 -58.30
N GLY H 44 47.83 -110.67 -59.19
CA GLY H 44 46.66 -110.74 -60.05
C GLY H 44 46.77 -109.79 -61.20
N GLY H 45 45.91 -110.00 -62.19
CA GLY H 45 45.88 -109.18 -63.39
C GLY H 45 46.69 -109.81 -64.52
N GLU H 46 46.31 -109.49 -65.75
CA GLU H 46 46.99 -110.06 -66.90
C GLU H 46 48.38 -109.46 -67.03
N PRO H 47 49.33 -110.18 -67.64
CA PRO H 47 50.67 -109.61 -67.83
C PRO H 47 50.71 -108.66 -69.01
N ASN H 48 51.55 -107.63 -68.86
CA ASN H 48 51.75 -106.63 -69.91
C ASN H 48 50.44 -105.96 -70.31
N THR H 49 49.60 -105.66 -69.32
CA THR H 49 48.30 -105.05 -69.53
C THR H 49 48.13 -103.88 -68.55
N VAL H 50 47.59 -102.78 -69.05
CA VAL H 50 47.34 -101.58 -68.26
C VAL H 50 45.85 -101.52 -67.93
N TYR H 51 45.54 -101.39 -66.65
CA TYR H 51 44.17 -101.33 -66.16
C TYR H 51 43.92 -99.99 -65.51
N GLU H 52 42.81 -99.35 -65.89
CA GLU H 52 42.42 -98.08 -65.29
C GLU H 52 41.75 -98.33 -63.94
N LEU H 53 42.25 -97.68 -62.90
CA LEU H 53 41.79 -97.86 -61.53
C LEU H 53 41.14 -96.58 -61.03
N ARG H 54 39.97 -96.71 -60.42
CA ARG H 54 39.24 -95.59 -59.85
C ARG H 54 38.88 -95.77 -58.38
N ASN H 55 38.81 -97.01 -57.89
CA ASN H 55 38.49 -97.30 -56.50
C ASN H 55 39.42 -98.40 -55.99
N TYR H 56 39.63 -98.41 -54.67
CA TYR H 56 40.48 -99.43 -54.08
C TYR H 56 39.87 -100.82 -54.20
N SER H 57 38.54 -100.91 -54.21
CA SER H 57 37.89 -102.20 -54.36
C SER H 57 38.20 -102.83 -55.71
N GLN H 58 38.22 -102.02 -56.77
CA GLN H 58 38.56 -102.54 -58.09
C GLN H 58 39.99 -103.07 -58.12
N ALA H 59 40.92 -102.33 -57.51
CA ALA H 59 42.31 -102.78 -57.51
C ALA H 59 42.48 -104.07 -56.72
N LYS H 60 41.80 -104.19 -55.58
CA LYS H 60 41.91 -105.40 -54.76
C LYS H 60 41.36 -106.61 -55.50
N ARG H 61 40.23 -106.44 -56.18
CA ARG H 61 39.67 -107.54 -56.98
C ARG H 61 40.61 -107.92 -58.11
N LEU H 62 41.21 -106.93 -58.77
CA LEU H 62 42.14 -107.21 -59.86
C LEU H 62 43.47 -107.71 -59.32
N PHE H 63 44.15 -106.89 -58.52
CA PHE H 63 45.41 -107.28 -57.88
C PHE H 63 45.09 -107.80 -56.48
N ARG H 64 45.28 -109.11 -56.27
CA ARG H 64 44.90 -109.72 -55.00
C ARG H 64 45.74 -109.18 -53.86
N SER H 65 47.06 -109.09 -54.06
CA SER H 65 47.96 -108.62 -53.01
C SER H 65 49.32 -108.34 -53.64
N GLY H 66 50.17 -107.66 -52.88
CA GLY H 66 51.51 -107.33 -53.30
C GLY H 66 51.85 -105.90 -52.96
N GLU H 67 53.08 -105.51 -53.32
CA GLU H 67 53.53 -104.15 -53.07
C GLU H 67 52.81 -103.14 -53.98
N LEU H 68 52.37 -103.60 -55.16
CA LEU H 68 51.65 -102.71 -56.06
C LEU H 68 50.33 -102.26 -55.46
N LEU H 69 49.62 -103.17 -54.79
CA LEU H 69 48.35 -102.82 -54.17
C LEU H 69 48.56 -101.81 -53.04
N ASP H 70 49.62 -101.98 -52.26
CA ASP H 70 49.94 -101.03 -51.20
C ASP H 70 50.25 -99.65 -51.78
N ALA H 71 50.95 -99.61 -52.92
CA ALA H 71 51.25 -98.34 -53.56
C ALA H 71 49.98 -97.61 -53.99
N ILE H 72 49.01 -98.36 -54.52
CA ILE H 72 47.74 -97.75 -54.91
C ILE H 72 47.03 -97.19 -53.68
N GLU H 73 47.05 -97.94 -52.57
CA GLU H 73 46.44 -97.46 -51.33
C GLU H 73 47.14 -96.21 -50.84
N LEU H 74 48.47 -96.17 -50.89
CA LEU H 74 49.22 -95.03 -50.38
C LEU H 74 49.06 -93.82 -51.27
N ALA H 75 48.84 -94.01 -52.58
CA ALA H 75 48.74 -92.88 -53.50
C ALA H 75 47.53 -92.02 -53.18
N TRP H 76 46.37 -92.66 -52.95
CA TRP H 76 45.16 -91.90 -52.63
C TRP H 76 45.17 -91.37 -51.21
N GLY H 77 45.84 -92.06 -50.29
CA GLY H 77 45.90 -91.61 -48.91
C GLY H 77 46.84 -90.45 -48.65
N SER H 78 47.71 -90.12 -49.61
CA SER H 78 48.64 -89.03 -49.41
C SER H 78 47.97 -87.66 -49.52
N ASN H 79 46.81 -87.57 -50.18
CA ASN H 79 46.10 -86.30 -50.38
C ASN H 79 44.62 -86.49 -50.03
N PRO H 80 44.28 -86.55 -48.75
CA PRO H 80 42.86 -86.64 -48.37
C PRO H 80 42.04 -85.43 -48.79
N ASN H 81 42.67 -84.27 -48.97
CA ASN H 81 41.97 -83.02 -49.25
C ASN H 81 41.84 -82.73 -50.75
N TYR H 82 42.25 -83.65 -51.62
CA TYR H 82 42.20 -83.45 -53.06
C TYR H 82 41.51 -84.65 -53.71
N THR H 83 41.08 -84.44 -54.96
CA THR H 83 40.34 -85.48 -55.67
C THR H 83 41.23 -86.69 -55.91
N ALA H 84 40.62 -87.88 -55.83
CA ALA H 84 41.30 -89.14 -56.08
C ALA H 84 41.27 -89.41 -57.58
N GLY H 85 42.39 -89.18 -58.24
CA GLY H 85 42.47 -89.36 -59.68
C GLY H 85 42.67 -90.79 -60.10
N ARG H 86 42.67 -91.00 -61.41
CA ARG H 86 42.88 -92.33 -61.97
C ARG H 86 44.31 -92.79 -61.75
N ILE H 87 44.48 -94.11 -61.63
CA ILE H 87 45.79 -94.73 -61.48
C ILE H 87 45.88 -95.87 -62.49
N LEU H 88 47.01 -95.95 -63.18
CA LEU H 88 47.29 -97.03 -64.13
C LEU H 88 48.29 -97.99 -63.50
N ALA H 89 47.98 -99.29 -63.58
CA ALA H 89 48.74 -100.32 -62.90
C ALA H 89 49.13 -101.42 -63.90
N MET H 90 50.26 -102.07 -63.62
CA MET H 90 50.76 -103.16 -64.43
C MET H 90 51.49 -104.15 -63.54
N ARG H 91 51.41 -105.43 -63.92
CA ARG H 91 52.09 -106.52 -63.22
C ARG H 91 53.35 -106.89 -64.00
N ILE H 92 54.51 -106.72 -63.36
CA ILE H 92 55.77 -107.06 -64.02
C ILE H 92 55.89 -108.57 -64.22
N GLU H 93 55.36 -109.36 -63.29
CA GLU H 93 55.53 -110.80 -63.35
C GLU H 93 54.86 -111.38 -64.59
N ASP H 94 55.58 -112.25 -65.30
CA ASP H 94 55.06 -112.91 -66.50
C ASP H 94 54.30 -114.18 -66.12
N ALA H 95 53.21 -113.97 -65.38
CA ALA H 95 52.41 -115.09 -64.92
C ALA H 95 51.67 -115.74 -66.08
N LYS H 96 51.28 -117.00 -65.88
CA LYS H 96 50.55 -117.79 -66.84
C LYS H 96 49.31 -118.39 -66.18
N PRO H 97 48.27 -118.71 -66.95
CA PRO H 97 47.03 -119.21 -66.33
C PRO H 97 47.11 -120.70 -66.06
N ALA H 98 46.53 -121.10 -64.92
CA ALA H 98 46.43 -122.51 -64.60
C ALA H 98 45.44 -123.19 -65.54
N SER H 99 45.78 -124.41 -65.96
CA SER H 99 44.94 -125.15 -66.89
C SER H 99 45.10 -126.64 -66.62
N ALA H 100 44.08 -127.40 -67.03
CA ALA H 100 44.09 -128.84 -66.88
C ALA H 100 43.20 -129.45 -67.96
N GLU H 101 43.79 -130.33 -68.77
CA GLU H 101 43.08 -130.99 -69.87
C GLU H 101 42.52 -132.31 -69.34
N ILE H 102 41.24 -132.30 -68.98
CA ILE H 102 40.54 -133.48 -68.49
C ILE H 102 39.20 -133.57 -69.22
N GLY H 103 38.83 -134.77 -69.64
CA GLY H 103 37.61 -134.94 -70.39
C GLY H 103 37.68 -134.28 -71.75
N GLY H 104 36.53 -133.86 -72.26
CA GLY H 104 36.41 -133.22 -73.55
C GLY H 104 36.51 -131.72 -73.53
N LEU H 105 36.86 -131.11 -72.40
CA LEU H 105 36.95 -129.66 -72.25
C LEU H 105 38.37 -129.28 -71.83
N LYS H 106 38.91 -128.25 -72.47
CA LYS H 106 40.19 -127.67 -72.08
C LYS H 106 39.91 -126.55 -71.07
N ILE H 107 40.23 -126.80 -69.81
CA ILE H 107 39.91 -125.88 -68.73
C ILE H 107 41.07 -124.89 -68.56
N THR H 108 40.74 -123.61 -68.51
CA THR H 108 41.72 -122.54 -68.31
C THR H 108 41.15 -121.55 -67.30
N SER H 109 42.02 -121.08 -66.41
CA SER H 109 41.64 -120.16 -65.35
C SER H 109 41.98 -118.73 -65.73
N LYS H 110 41.04 -117.82 -65.51
CA LYS H 110 41.26 -116.41 -65.79
C LYS H 110 42.27 -115.77 -64.85
N ILE H 111 42.47 -116.33 -63.67
CA ILE H 111 43.45 -115.81 -62.72
C ILE H 111 44.83 -116.29 -63.12
N TYR H 112 45.81 -115.40 -63.07
CA TYR H 112 47.18 -115.67 -63.45
C TYR H 112 48.06 -115.71 -62.21
N GLY H 113 48.85 -116.77 -62.08
CA GLY H 113 49.77 -116.95 -60.98
C GLY H 113 49.55 -118.26 -60.26
N ASN H 114 50.31 -118.45 -59.18
CA ASN H 114 50.20 -119.65 -58.38
C ASN H 114 48.87 -119.75 -57.65
N VAL H 115 48.17 -118.63 -57.46
CA VAL H 115 46.88 -118.65 -56.77
C VAL H 115 45.86 -119.46 -57.56
N ALA H 116 45.96 -119.44 -58.90
CA ALA H 116 45.01 -120.16 -59.73
C ALA H 116 45.11 -121.68 -59.57
N ASN H 117 46.22 -122.19 -59.05
CA ASN H 117 46.37 -123.63 -58.87
C ASN H 117 45.38 -124.21 -57.88
N ASN H 118 44.84 -123.40 -56.97
CA ASN H 118 43.88 -123.87 -55.98
C ASN H 118 42.48 -124.02 -56.55
N ILE H 119 42.23 -123.59 -57.79
CA ILE H 119 40.90 -123.68 -58.37
C ILE H 119 40.56 -125.14 -58.62
N GLN H 120 39.32 -125.52 -58.29
CA GLN H 120 38.81 -126.87 -58.46
C GLN H 120 37.63 -126.83 -59.42
N VAL H 121 37.61 -127.78 -60.37
CA VAL H 121 36.56 -127.87 -61.38
C VAL H 121 36.13 -129.33 -61.49
N GLY H 122 34.82 -129.55 -61.53
CA GLY H 122 34.28 -130.89 -61.65
C GLY H 122 32.90 -130.92 -62.26
N LEU H 123 32.62 -131.97 -63.04
CA LEU H 123 31.33 -132.16 -63.69
C LEU H 123 30.63 -133.38 -63.10
N GLU H 124 29.32 -133.24 -62.87
CA GLU H 124 28.47 -134.32 -62.39
C GLU H 124 27.23 -134.40 -63.25
N LYS H 125 26.76 -135.63 -63.48
CA LYS H 125 25.61 -135.89 -64.32
C LYS H 125 24.39 -136.19 -63.46
N ASN H 126 23.30 -135.46 -63.70
CA ASN H 126 22.06 -135.65 -62.96
C ASN H 126 21.23 -136.71 -63.69
N THR H 127 21.11 -137.89 -63.08
CA THR H 127 20.34 -138.97 -63.70
C THR H 127 18.86 -138.62 -63.77
N LEU H 128 18.34 -137.89 -62.78
CA LEU H 128 16.93 -137.52 -62.78
C LEU H 128 16.54 -136.66 -63.97
N SER H 129 17.36 -135.67 -64.31
CA SER H 129 17.09 -134.77 -65.43
C SER H 129 17.94 -135.04 -66.66
N ASP H 130 18.92 -135.95 -66.60
CA ASP H 130 19.81 -136.24 -67.72
C ASP H 130 20.54 -134.98 -68.17
N SER H 131 21.03 -134.21 -67.20
CA SER H 131 21.73 -132.96 -67.45
C SER H 131 23.00 -132.92 -66.60
N LEU H 132 24.03 -132.27 -67.14
CA LEU H 132 25.29 -132.14 -66.44
C LEU H 132 25.19 -131.09 -65.34
N ARG H 133 26.15 -131.15 -64.41
CA ARG H 133 26.20 -130.23 -63.28
C ARG H 133 27.66 -129.83 -63.05
N LEU H 134 27.95 -128.54 -63.21
CA LEU H 134 29.29 -128.00 -63.03
C LEU H 134 29.39 -127.30 -61.69
N ARG H 135 30.44 -127.59 -60.94
CA ARG H 135 30.71 -126.98 -59.65
C ARG H 135 32.15 -126.49 -59.61
N VAL H 136 32.33 -125.24 -59.20
CA VAL H 136 33.64 -124.60 -59.09
C VAL H 136 33.85 -124.20 -57.65
N ILE H 137 34.97 -124.62 -57.07
CA ILE H 137 35.31 -124.36 -55.68
C ILE H 137 36.64 -123.60 -55.65
N PHE H 138 36.67 -122.50 -54.91
CA PHE H 138 37.89 -121.68 -54.78
C PHE H 138 37.89 -121.11 -53.37
N GLN H 139 38.63 -121.77 -52.47
CA GLN H 139 38.54 -121.44 -51.05
C GLN H 139 39.12 -120.07 -50.74
N ASP H 140 40.05 -119.58 -51.57
CA ASP H 140 40.68 -118.30 -51.28
C ASP H 140 39.68 -117.15 -51.30
N ASP H 141 38.78 -117.15 -52.29
CA ASP H 141 37.71 -116.17 -52.36
C ASP H 141 36.41 -116.64 -51.71
N ARG H 142 36.41 -117.85 -51.12
CA ARG H 142 35.18 -118.44 -50.57
C ARG H 142 34.09 -118.53 -51.63
N PHE H 143 34.51 -118.84 -52.86
CA PHE H 143 33.60 -118.94 -54.00
C PHE H 143 33.20 -120.40 -54.20
N ASN H 144 31.89 -120.66 -54.17
CA ASN H 144 31.38 -122.01 -54.36
C ASN H 144 29.97 -121.89 -54.93
N GLU H 145 29.84 -122.14 -56.24
CA GLU H 145 28.57 -122.08 -56.93
C GLU H 145 28.43 -123.29 -57.83
N VAL H 146 27.19 -123.69 -58.08
CA VAL H 146 26.85 -124.86 -58.89
C VAL H 146 26.00 -124.40 -60.06
N TYR H 147 26.43 -124.75 -61.28
CA TYR H 147 25.68 -124.45 -62.50
C TYR H 147 24.87 -125.68 -62.85
N ASP H 148 23.66 -125.76 -62.31
CA ASP H 148 22.80 -126.92 -62.49
C ASP H 148 22.01 -126.80 -63.79
N ASN H 149 21.51 -127.95 -64.26
CA ASN H 149 20.67 -128.02 -65.46
C ASN H 149 21.44 -127.55 -66.70
N ILE H 150 22.68 -128.01 -66.84
CA ILE H 150 23.45 -127.71 -68.04
C ILE H 150 22.84 -128.45 -69.21
N GLY H 151 22.68 -127.74 -70.32
CA GLY H 151 21.98 -128.30 -71.47
C GLY H 151 20.48 -128.30 -71.25
N ASN H 152 19.80 -129.17 -72.00
CA ASN H 152 18.35 -129.31 -71.93
C ASN H 152 17.67 -127.99 -72.28
N ILE H 153 17.97 -127.49 -73.48
CA ILE H 153 17.51 -126.16 -73.87
C ILE H 153 16.00 -126.14 -74.10
N PHE H 154 15.44 -127.20 -74.70
CA PHE H 154 14.00 -127.25 -74.94
C PHE H 154 13.61 -128.68 -75.28
N THR H 155 12.30 -128.91 -75.39
CA THR H 155 11.71 -130.20 -75.66
C THR H 155 11.02 -130.21 -77.01
N ILE H 156 10.90 -131.40 -77.59
CA ILE H 156 10.13 -131.64 -78.80
C ILE H 156 9.20 -132.82 -78.52
N LYS H 157 7.91 -132.63 -78.81
CA LYS H 157 6.90 -133.64 -78.55
C LYS H 157 6.01 -133.79 -79.78
N TYR H 158 5.48 -135.01 -79.95
CA TYR H 158 4.62 -135.35 -81.08
C TYR H 158 3.35 -136.01 -80.55
N LYS H 159 2.19 -135.49 -80.98
CA LYS H 159 0.90 -135.97 -80.53
C LYS H 159 0.04 -136.53 -81.67
N GLY H 160 0.62 -136.74 -82.85
CA GLY H 160 -0.14 -137.28 -83.95
C GLY H 160 -0.47 -138.75 -83.76
N GLU H 161 -1.38 -139.24 -84.59
CA GLU H 161 -1.84 -140.62 -84.54
C GLU H 161 -0.96 -141.57 -85.33
N GLU H 162 0.10 -141.08 -85.96
CA GLU H 162 0.98 -141.95 -86.74
C GLU H 162 1.74 -142.90 -85.82
N ALA H 163 2.38 -143.89 -86.43
CA ALA H 163 3.06 -144.94 -85.65
C ALA H 163 4.22 -144.37 -84.85
N ASN H 164 5.10 -143.60 -85.49
CA ASN H 164 6.28 -143.07 -84.83
C ASN H 164 6.68 -141.76 -85.48
N ALA H 165 7.45 -140.97 -84.74
CA ALA H 165 8.00 -139.71 -85.21
C ALA H 165 9.41 -139.54 -84.67
N THR H 166 10.32 -139.08 -85.53
CA THR H 166 11.72 -138.93 -85.17
C THR H 166 12.27 -137.64 -85.76
N PHE H 167 13.35 -137.15 -85.17
CA PHE H 167 14.04 -135.96 -85.66
C PHE H 167 15.54 -136.21 -85.61
N SER H 168 16.27 -135.46 -86.42
CA SER H 168 17.72 -135.60 -86.52
C SER H 168 18.33 -134.23 -86.80
N VAL H 169 19.61 -134.10 -86.48
CA VAL H 169 20.37 -132.88 -86.66
C VAL H 169 21.61 -133.21 -87.49
N GLU H 170 21.86 -132.41 -88.53
CA GLU H 170 22.99 -132.59 -89.43
C GLU H 170 24.01 -131.48 -89.18
N HIS H 171 25.29 -131.84 -89.24
CA HIS H 171 26.39 -130.94 -88.98
C HIS H 171 27.27 -130.82 -90.21
N ASP H 172 27.76 -129.60 -90.46
CA ASP H 172 28.69 -129.37 -91.55
C ASP H 172 30.05 -129.97 -91.20
N GLU H 173 30.62 -130.73 -92.15
CA GLU H 173 31.88 -131.42 -91.88
C GLU H 173 33.02 -130.43 -91.66
N GLU H 174 33.08 -129.36 -92.45
CA GLU H 174 34.20 -128.43 -92.37
C GLU H 174 34.21 -127.69 -91.03
N THR H 175 33.05 -127.20 -90.59
CA THR H 175 32.95 -126.38 -89.39
C THR H 175 32.46 -127.15 -88.17
N GLN H 176 31.90 -128.35 -88.35
CA GLN H 176 31.35 -129.14 -87.25
C GLN H 176 30.27 -128.35 -86.51
N LYS H 177 29.45 -127.63 -87.26
CA LYS H 177 28.35 -126.83 -86.73
C LYS H 177 27.03 -127.34 -87.32
N ALA H 178 25.98 -127.30 -86.50
CA ALA H 178 24.67 -127.75 -86.96
C ALA H 178 24.18 -126.85 -88.10
N SER H 179 23.57 -127.48 -89.10
CA SER H 179 23.13 -126.79 -90.31
C SER H 179 21.66 -127.03 -90.60
N ARG H 180 21.13 -128.18 -90.18
CA ARG H 180 19.74 -128.55 -90.44
C ARG H 180 19.15 -129.23 -89.22
N LEU H 181 17.82 -129.15 -89.12
CA LEU H 181 17.05 -129.83 -88.06
C LEU H 181 15.78 -130.34 -88.71
N VAL H 182 15.76 -131.63 -89.04
CA VAL H 182 14.69 -132.24 -89.81
C VAL H 182 13.75 -132.99 -88.86
N LEU H 183 12.45 -132.74 -89.01
CA LEU H 183 11.41 -133.47 -88.29
C LEU H 183 10.84 -134.52 -89.24
N LYS H 184 10.87 -135.79 -88.81
CA LYS H 184 10.50 -136.92 -89.65
C LYS H 184 9.36 -137.69 -88.98
N VAL H 185 8.33 -138.01 -89.77
CA VAL H 185 7.25 -138.89 -89.35
C VAL H 185 7.25 -140.08 -90.29
N GLY H 186 7.33 -141.29 -89.73
CA GLY H 186 7.48 -142.47 -90.53
C GLY H 186 8.84 -142.50 -91.21
N ASP H 187 8.83 -142.60 -92.54
CA ASP H 187 10.05 -142.62 -93.35
C ASP H 187 10.30 -141.29 -94.05
N GLN H 188 9.29 -140.72 -94.69
CA GLN H 188 9.47 -139.48 -95.43
C GLN H 188 9.60 -138.30 -94.49
N GLU H 189 10.30 -137.26 -94.96
CA GLU H 189 10.48 -136.05 -94.18
C GLU H 189 9.25 -135.17 -94.26
N VAL H 190 8.90 -134.55 -93.12
CA VAL H 190 7.73 -133.67 -93.04
C VAL H 190 8.18 -132.24 -93.29
N LYS H 191 9.07 -131.73 -92.44
CA LYS H 191 9.56 -130.36 -92.56
C LYS H 191 10.95 -130.29 -91.95
N SER H 192 11.77 -129.39 -92.49
CA SER H 192 13.14 -129.18 -92.03
C SER H 192 13.41 -127.70 -91.86
N TYR H 193 14.22 -127.37 -90.86
CA TYR H 193 14.62 -126.00 -90.57
C TYR H 193 16.09 -125.84 -90.91
N ASP H 194 16.42 -124.80 -91.68
CA ASP H 194 17.80 -124.52 -92.07
C ASP H 194 18.45 -123.66 -90.99
N LEU H 195 19.54 -124.16 -90.42
CA LEU H 195 20.25 -123.49 -89.34
C LEU H 195 21.48 -122.73 -89.82
N THR H 196 21.64 -122.55 -91.13
CA THR H 196 22.80 -121.82 -91.64
C THR H 196 22.78 -120.37 -91.17
N GLY H 197 21.62 -119.73 -91.22
CA GLY H 197 21.51 -118.36 -90.78
C GLY H 197 20.24 -117.73 -91.31
N GLY H 198 20.07 -116.46 -90.93
CA GLY H 198 18.94 -115.69 -91.39
C GLY H 198 17.70 -115.86 -90.53
N ALA H 199 16.74 -116.64 -91.02
CA ALA H 199 15.46 -116.79 -90.31
C ALA H 199 15.62 -117.57 -89.00
N TYR H 200 16.63 -118.43 -88.91
CA TYR H 200 16.83 -119.32 -87.76
C TYR H 200 18.22 -119.13 -87.18
N ASP H 201 18.61 -117.87 -86.95
CA ASP H 201 19.88 -117.60 -86.30
C ASP H 201 19.92 -118.15 -84.89
N TYR H 202 18.83 -117.99 -84.14
CA TYR H 202 18.72 -118.44 -82.77
C TYR H 202 17.63 -119.50 -82.64
N THR H 203 17.70 -120.25 -81.54
CA THR H 203 16.76 -121.35 -81.32
C THR H 203 15.34 -120.86 -81.01
N ASN H 204 15.18 -119.59 -80.63
CA ASN H 204 13.86 -119.07 -80.29
C ASN H 204 12.90 -119.14 -81.49
N ALA H 205 13.40 -118.81 -82.68
CA ALA H 205 12.56 -118.88 -83.87
C ALA H 205 12.16 -120.32 -84.18
N ILE H 206 13.05 -121.28 -83.92
CA ILE H 206 12.75 -122.68 -84.19
C ILE H 206 11.61 -123.16 -83.29
N ILE H 207 11.62 -122.75 -82.02
CA ILE H 207 10.59 -123.21 -81.08
C ILE H 207 9.22 -122.71 -81.51
N THR H 208 9.13 -121.45 -81.93
CA THR H 208 7.84 -120.89 -82.32
C THR H 208 7.26 -121.61 -83.53
N ASP H 209 8.10 -121.90 -84.53
CA ASP H 209 7.61 -122.57 -85.73
C ASP H 209 7.14 -123.99 -85.45
N ILE H 210 7.81 -124.69 -84.51
CA ILE H 210 7.41 -126.05 -84.18
C ILE H 210 6.01 -126.08 -83.60
N ASN H 211 5.69 -125.13 -82.71
CA ASN H 211 4.38 -125.09 -82.09
C ASN H 211 3.28 -124.83 -83.12
N GLN H 212 3.59 -124.11 -84.20
CA GLN H 212 2.59 -123.81 -85.21
C GLN H 212 2.11 -125.05 -85.95
N LEU H 213 2.90 -126.11 -85.98
CA LEU H 213 2.51 -127.31 -86.70
C LEU H 213 1.37 -128.01 -85.95
N PRO H 214 0.58 -128.86 -86.65
CA PRO H 214 -0.58 -129.48 -85.98
C PRO H 214 -0.19 -130.43 -84.85
N ASP H 215 0.72 -131.35 -85.13
CA ASP H 215 1.09 -132.40 -84.18
C ASP H 215 2.30 -132.06 -83.33
N PHE H 216 3.33 -131.44 -83.92
CA PHE H 216 4.57 -131.15 -83.21
C PHE H 216 4.35 -130.02 -82.20
N GLU H 217 5.04 -130.12 -81.07
CA GLU H 217 4.97 -129.11 -80.02
C GLU H 217 6.35 -128.96 -79.40
N ALA H 218 6.59 -127.80 -78.81
CA ALA H 218 7.87 -127.51 -78.17
C ALA H 218 7.66 -126.47 -77.09
N LYS H 219 8.52 -126.51 -76.08
CA LYS H 219 8.48 -125.58 -74.96
C LYS H 219 9.90 -125.27 -74.51
N LEU H 220 10.16 -123.98 -74.27
CA LEU H 220 11.47 -123.57 -73.78
C LEU H 220 11.67 -124.05 -72.35
N SER H 221 12.92 -124.36 -72.02
CA SER H 221 13.23 -124.87 -70.69
C SER H 221 13.00 -123.78 -69.65
N PRO H 222 12.54 -124.13 -68.44
CA PRO H 222 12.28 -123.09 -67.43
C PRO H 222 13.52 -122.59 -66.72
N PHE H 223 14.67 -123.27 -66.86
CA PHE H 223 15.88 -122.92 -66.13
C PHE H 223 16.60 -121.79 -66.86
N GLY H 224 16.00 -120.61 -66.81
CA GLY H 224 16.58 -119.41 -67.37
C GLY H 224 16.35 -119.30 -68.87
N ASP H 225 16.57 -118.08 -69.37
CA ASP H 225 16.42 -117.78 -70.80
C ASP H 225 17.79 -117.98 -71.46
N LYS H 226 17.96 -119.14 -72.10
CA LYS H 226 19.23 -119.48 -72.71
C LYS H 226 19.37 -118.83 -74.08
N ASN H 227 18.45 -119.14 -75.00
CA ASN H 227 18.46 -118.59 -76.36
C ASN H 227 19.78 -118.89 -77.07
N LEU H 228 20.21 -120.14 -76.98
CA LEU H 228 21.46 -120.56 -77.60
C LEU H 228 21.33 -120.50 -79.13
N GLU H 229 22.46 -120.25 -79.79
CA GLU H 229 22.49 -120.21 -81.25
C GLU H 229 22.20 -121.60 -81.81
N SER H 230 21.54 -121.62 -82.97
CA SER H 230 21.19 -122.88 -83.60
C SER H 230 22.42 -123.65 -84.08
N SER H 231 23.48 -122.93 -84.45
CA SER H 231 24.69 -123.59 -84.94
C SER H 231 25.39 -124.40 -83.86
N LYS H 232 25.16 -124.11 -82.58
CA LYS H 232 25.83 -124.77 -81.48
C LYS H 232 25.06 -126.00 -80.97
N LEU H 233 23.96 -126.37 -81.61
CA LEU H 233 23.21 -127.54 -81.17
C LEU H 233 24.02 -128.81 -81.39
N ASP H 234 23.75 -129.81 -80.55
CA ASP H 234 24.47 -131.08 -80.59
C ASP H 234 23.94 -131.95 -81.72
N LYS H 235 24.69 -133.02 -82.00
CA LYS H 235 24.36 -133.94 -83.09
C LYS H 235 23.51 -135.08 -82.53
N ILE H 236 22.27 -135.20 -83.02
CA ILE H 236 21.35 -136.26 -82.64
C ILE H 236 20.75 -136.84 -83.92
N GLU H 237 20.62 -138.16 -83.96
CA GLU H 237 20.04 -138.85 -85.11
C GLU H 237 19.15 -140.00 -84.63
N ASN H 238 17.95 -140.09 -85.20
CA ASN H 238 17.02 -141.20 -84.93
C ASN H 238 16.66 -141.25 -83.44
N ALA H 239 16.04 -140.16 -82.97
CA ALA H 239 15.55 -140.07 -81.59
C ALA H 239 14.04 -140.16 -81.59
N ASN H 240 13.50 -141.15 -80.87
CA ASN H 240 12.06 -141.35 -80.82
C ASN H 240 11.40 -140.23 -80.01
N ILE H 241 10.37 -139.63 -80.57
CA ILE H 241 9.68 -138.50 -79.95
C ILE H 241 8.36 -138.91 -79.30
N LYS H 242 7.63 -139.83 -79.94
CA LYS H 242 6.30 -140.18 -79.47
C LYS H 242 6.35 -140.86 -78.10
N ASP H 243 7.35 -141.73 -77.88
CA ASP H 243 7.43 -142.44 -76.61
C ASP H 243 7.65 -141.47 -75.44
N LYS H 244 8.63 -140.57 -75.58
CA LYS H 244 8.91 -139.58 -74.55
C LYS H 244 9.48 -138.34 -75.22
N ALA H 245 9.36 -137.21 -74.52
CA ALA H 245 9.92 -135.97 -75.01
C ALA H 245 11.44 -136.05 -75.03
N VAL H 246 12.05 -135.58 -76.11
CA VAL H 246 13.49 -135.63 -76.30
C VAL H 246 14.07 -134.24 -76.04
N TYR H 247 15.06 -134.17 -75.16
CA TYR H 247 15.73 -132.92 -74.85
C TYR H 247 16.93 -132.72 -75.76
N VAL H 248 17.01 -131.55 -76.39
CA VAL H 248 18.19 -131.16 -77.14
C VAL H 248 19.23 -130.67 -76.14
N LYS H 249 20.38 -131.34 -76.09
CA LYS H 249 21.34 -131.09 -75.01
C LYS H 249 22.13 -129.82 -75.26
N ALA H 250 22.95 -129.81 -76.31
CA ALA H 250 23.87 -128.70 -76.61
C ALA H 250 24.70 -128.34 -75.38
N VAL H 251 25.44 -129.33 -74.89
CA VAL H 251 26.13 -129.19 -73.62
C VAL H 251 27.21 -128.11 -73.69
N PHE H 252 27.96 -128.06 -74.79
CA PHE H 252 29.06 -127.10 -74.88
C PHE H 252 28.54 -125.68 -75.02
N GLY H 253 27.46 -125.49 -75.78
CA GLY H 253 26.93 -124.15 -75.98
C GLY H 253 26.40 -123.54 -74.69
N ASP H 254 25.78 -124.35 -73.84
CA ASP H 254 25.23 -123.83 -72.59
C ASP H 254 26.34 -123.38 -71.64
N LEU H 255 27.48 -124.07 -71.64
CA LEU H 255 28.58 -123.68 -70.77
C LEU H 255 29.10 -122.30 -71.11
N GLU H 256 29.23 -121.99 -72.40
CA GLU H 256 29.75 -120.69 -72.81
C GLU H 256 28.83 -119.56 -72.35
N LYS H 257 27.51 -119.75 -72.44
CA LYS H 257 26.58 -118.71 -72.06
C LYS H 257 26.71 -118.36 -70.58
N GLN H 258 26.92 -119.38 -69.73
CA GLN H 258 27.00 -119.18 -68.28
C GLN H 258 28.42 -118.94 -67.79
N THR H 259 29.43 -118.94 -68.68
CA THR H 259 30.82 -118.75 -68.27
C THR H 259 31.61 -117.82 -69.17
N ALA H 260 31.02 -117.29 -70.25
CA ALA H 260 31.78 -116.38 -71.12
C ALA H 260 32.16 -115.10 -70.39
N TYR H 261 31.23 -114.55 -69.59
CA TYR H 261 31.47 -113.32 -68.84
C TYR H 261 31.04 -113.47 -67.38
N ASN H 262 31.05 -114.70 -66.84
CA ASN H 262 30.69 -114.96 -65.46
C ASN H 262 31.60 -116.06 -64.92
N GLY H 263 31.72 -116.10 -63.61
CA GLY H 263 32.59 -117.07 -62.98
C GLY H 263 34.06 -116.69 -63.10
N ILE H 264 34.92 -117.65 -62.79
CA ILE H 264 36.36 -117.46 -62.77
C ILE H 264 37.02 -118.34 -63.84
N VAL H 265 36.41 -119.48 -64.14
CA VAL H 265 37.00 -120.49 -65.02
C VAL H 265 36.36 -120.40 -66.39
N SER H 266 37.18 -120.40 -67.43
CA SER H 266 36.74 -120.49 -68.81
C SER H 266 36.92 -121.90 -69.33
N PHE H 267 36.19 -122.23 -70.39
CA PHE H 267 36.18 -123.56 -70.98
C PHE H 267 36.33 -123.47 -72.49
N GLU H 268 37.00 -124.46 -73.06
CA GLU H 268 37.18 -124.58 -74.50
C GLU H 268 37.08 -126.05 -74.90
N GLN H 269 36.72 -126.29 -76.15
CA GLN H 269 36.56 -127.63 -76.70
C GLN H 269 37.81 -128.03 -77.45
N LEU H 270 38.32 -129.23 -77.16
CA LEU H 270 39.51 -129.75 -77.82
C LEU H 270 39.24 -130.00 -79.30
N LYS H 298 36.10 -134.42 -79.78
CA LYS H 298 36.06 -135.09 -78.49
C LYS H 298 34.64 -135.04 -77.92
N THR H 299 34.34 -135.98 -77.02
CA THR H 299 33.03 -136.10 -76.39
C THR H 299 33.14 -135.62 -74.94
N ILE H 300 32.24 -134.73 -74.55
CA ILE H 300 32.23 -134.19 -73.20
C ILE H 300 31.53 -135.18 -72.28
N GLU H 301 32.20 -135.55 -71.19
CA GLU H 301 31.67 -136.48 -70.21
C GLU H 301 32.03 -135.98 -68.82
N PRO H 302 31.33 -136.45 -67.78
CA PRO H 302 31.66 -135.99 -66.42
C PRO H 302 33.06 -136.43 -66.01
N PHE H 303 33.68 -135.63 -65.15
CA PHE H 303 34.97 -135.95 -64.56
C PHE H 303 34.96 -135.53 -63.10
N GLU H 304 35.80 -136.19 -62.30
CA GLU H 304 35.84 -135.93 -60.87
C GLU H 304 36.46 -134.57 -60.58
N LEU H 305 36.21 -134.09 -59.36
CA LEU H 305 36.74 -132.81 -58.91
C LEU H 305 38.26 -132.88 -58.81
N THR H 306 38.96 -132.06 -59.61
CA THR H 306 40.41 -132.06 -59.67
C THR H 306 40.92 -130.62 -59.70
N LYS H 307 42.02 -130.39 -58.99
CA LYS H 307 42.65 -129.07 -58.97
C LYS H 307 43.36 -128.79 -60.29
N LEU H 308 43.38 -127.53 -60.68
CA LEU H 308 44.09 -127.11 -61.87
C LEU H 308 45.59 -127.06 -61.61
N LYS H 309 46.36 -127.04 -62.69
CA LYS H 309 47.82 -127.03 -62.63
C LYS H 309 48.36 -126.07 -63.68
N GLY H 310 49.68 -125.89 -63.66
CA GLY H 310 50.35 -125.03 -64.61
C GLY H 310 50.49 -123.58 -64.20
N GLY H 311 49.86 -123.18 -63.09
CA GLY H 311 50.00 -121.82 -62.62
C GLY H 311 51.43 -121.53 -62.19
N THR H 312 52.02 -120.47 -62.73
CA THR H 312 53.40 -120.11 -62.42
C THR H 312 53.58 -118.63 -62.68
N ASN H 313 54.00 -117.88 -61.66
CA ASN H 313 54.26 -116.46 -61.85
C ASN H 313 55.42 -116.22 -62.80
N GLY H 314 56.38 -117.14 -62.85
CA GLY H 314 57.52 -117.01 -63.73
C GLY H 314 58.64 -116.18 -63.11
N GLU H 315 59.81 -116.28 -63.74
CA GLU H 315 60.96 -115.53 -63.26
C GLU H 315 60.74 -114.03 -63.50
N PRO H 316 61.36 -113.17 -62.69
CA PRO H 316 61.16 -111.73 -62.89
C PRO H 316 61.79 -111.27 -64.19
N PRO H 317 61.30 -110.19 -64.79
CA PRO H 317 61.87 -109.75 -66.07
C PRO H 317 63.30 -109.25 -65.91
N ALA H 318 64.10 -109.48 -66.95
CA ALA H 318 65.47 -109.00 -66.94
C ALA H 318 65.53 -107.48 -67.06
N THR H 319 64.65 -106.90 -67.87
CA THR H 319 64.58 -105.46 -68.07
C THR H 319 63.13 -105.03 -68.13
N TRP H 320 62.86 -103.81 -67.69
CA TRP H 320 61.52 -103.24 -67.66
C TRP H 320 61.21 -102.38 -68.88
N ALA H 321 62.10 -102.35 -69.88
CA ALA H 321 61.88 -101.51 -71.05
C ALA H 321 60.62 -101.93 -71.81
N ASP H 322 60.43 -103.25 -71.98
CA ASP H 322 59.25 -103.74 -72.68
C ASP H 322 57.98 -103.40 -71.90
N LYS H 323 58.03 -103.48 -70.57
CA LYS H 323 56.86 -103.18 -69.76
C LYS H 323 56.44 -101.72 -69.90
N LEU H 324 57.42 -100.82 -69.92
CA LEU H 324 57.12 -99.39 -69.96
C LEU H 324 56.49 -98.97 -71.28
N ASP H 325 56.77 -99.71 -72.37
CA ASP H 325 56.26 -99.33 -73.68
C ASP H 325 54.74 -99.36 -73.73
N LYS H 326 54.11 -100.20 -72.90
CA LYS H 326 52.65 -100.28 -72.89
C LYS H 326 52.00 -99.01 -72.33
N PHE H 327 52.73 -98.22 -71.55
CA PHE H 327 52.24 -96.96 -71.01
C PHE H 327 52.45 -95.79 -71.97
N ALA H 328 52.79 -96.06 -73.24
CA ALA H 328 53.13 -94.98 -74.15
C ALA H 328 51.93 -94.07 -74.43
N HIS H 329 50.79 -94.67 -74.80
CA HIS H 329 49.60 -93.93 -75.23
C HIS H 329 48.47 -94.02 -74.21
N GLU H 330 48.78 -94.27 -72.94
CA GLU H 330 47.77 -94.36 -71.90
C GLU H 330 47.41 -93.00 -71.29
N GLY H 331 48.12 -91.93 -71.65
CA GLY H 331 47.79 -90.60 -71.16
C GLY H 331 48.35 -90.24 -69.81
N GLY H 332 49.17 -91.10 -69.20
CA GLY H 332 49.74 -90.79 -67.91
C GLY H 332 50.87 -89.78 -68.00
N TYR H 333 51.14 -89.13 -66.87
CA TYR H 333 52.20 -88.13 -66.74
C TYR H 333 53.25 -88.54 -65.71
N TYR H 334 52.82 -88.96 -64.52
CA TYR H 334 53.74 -89.35 -63.45
C TYR H 334 53.83 -90.87 -63.38
N ILE H 335 55.04 -91.39 -63.26
CA ILE H 335 55.30 -92.81 -63.14
C ILE H 335 56.28 -93.04 -61.99
N VAL H 336 55.98 -94.03 -61.15
CA VAL H 336 56.79 -94.34 -59.97
C VAL H 336 57.18 -95.82 -60.02
N PRO H 337 58.34 -96.19 -60.57
CA PRO H 337 58.70 -97.61 -60.58
C PRO H 337 58.96 -98.11 -59.17
N LEU H 338 58.31 -99.21 -58.81
CA LEU H 338 58.44 -99.79 -57.47
C LEU H 338 59.61 -100.76 -57.42
N SER H 339 60.81 -100.20 -57.62
CA SER H 339 62.04 -100.97 -57.56
C SER H 339 63.18 -100.04 -57.18
N SER H 340 64.09 -100.54 -56.34
CA SER H 340 65.24 -99.77 -55.89
C SER H 340 66.47 -99.92 -56.78
N LYS H 341 66.42 -100.80 -57.78
CA LYS H 341 67.57 -101.01 -58.65
C LYS H 341 67.85 -99.77 -59.48
N GLN H 342 69.13 -99.41 -59.59
CA GLN H 342 69.51 -98.26 -60.41
C GLN H 342 69.27 -98.53 -61.89
N SER H 343 69.40 -99.78 -62.33
CA SER H 343 69.13 -100.10 -63.72
C SER H 343 67.68 -99.83 -64.08
N VAL H 344 66.75 -100.17 -63.18
CA VAL H 344 65.33 -99.92 -63.44
C VAL H 344 65.07 -98.43 -63.54
N HIS H 345 65.74 -97.63 -62.70
CA HIS H 345 65.56 -96.18 -62.75
C HIS H 345 66.03 -95.61 -64.07
N ALA H 346 67.15 -96.14 -64.60
CA ALA H 346 67.68 -95.63 -65.86
C ALA H 346 66.72 -95.90 -67.01
N GLU H 347 66.10 -97.09 -67.03
CA GLU H 347 65.15 -97.40 -68.09
C GLU H 347 63.95 -96.47 -68.06
N VAL H 348 63.42 -96.20 -66.87
CA VAL H 348 62.30 -95.26 -66.76
C VAL H 348 62.75 -93.85 -67.11
N ALA H 349 63.99 -93.51 -66.77
CA ALA H 349 64.53 -92.19 -67.13
C ALA H 349 64.58 -92.02 -68.64
N SER H 350 64.98 -93.06 -69.36
CA SER H 350 64.98 -93.00 -70.82
C SER H 350 63.57 -93.03 -71.38
N PHE H 351 62.65 -93.74 -70.73
CA PHE H 351 61.29 -93.86 -71.25
C PHE H 351 60.58 -92.52 -71.25
N VAL H 352 60.65 -91.78 -70.14
CA VAL H 352 59.98 -90.50 -70.06
C VAL H 352 60.59 -89.51 -71.06
N LYS H 353 61.90 -89.60 -71.26
CA LYS H 353 62.55 -88.76 -72.27
C LYS H 353 62.06 -89.09 -73.67
N GLU H 354 61.87 -90.39 -73.95
CA GLU H 354 61.44 -90.81 -75.29
C GLU H 354 60.05 -90.27 -75.62
N ARG H 355 59.12 -90.37 -74.68
CA ARG H 355 57.77 -89.90 -74.95
C ARG H 355 57.69 -88.39 -75.03
N SER H 356 58.53 -87.69 -74.25
CA SER H 356 58.57 -86.24 -74.34
C SER H 356 59.04 -85.79 -75.71
N ASP H 357 60.03 -86.48 -76.28
CA ASP H 357 60.49 -86.15 -77.63
C ASP H 357 59.41 -86.42 -78.66
N ALA H 358 58.50 -87.36 -78.39
CA ALA H 358 57.41 -87.70 -79.29
C ALA H 358 56.16 -86.88 -79.07
N GLY H 359 56.18 -85.91 -78.15
CA GLY H 359 55.02 -85.08 -77.88
C GLY H 359 54.14 -85.53 -76.74
N GLU H 360 54.61 -86.46 -75.91
CA GLU H 360 53.85 -86.98 -74.77
C GLU H 360 54.75 -86.90 -73.53
N PRO H 361 54.93 -85.71 -72.98
CA PRO H 361 55.87 -85.56 -71.85
C PRO H 361 55.41 -86.33 -70.61
N MET H 362 56.39 -86.83 -69.87
CA MET H 362 56.15 -87.55 -68.63
C MET H 362 57.30 -87.26 -67.68
N ARG H 363 57.06 -87.55 -66.39
CA ARG H 363 58.06 -87.37 -65.35
C ARG H 363 58.05 -88.58 -64.44
N ALA H 364 59.19 -88.82 -63.79
CA ALA H 364 59.40 -89.99 -62.95
C ALA H 364 59.88 -89.58 -61.57
N ILE H 365 59.49 -90.37 -60.57
CA ILE H 365 59.92 -90.20 -59.19
C ILE H 365 60.36 -91.56 -58.68
N VAL H 366 61.57 -91.63 -58.12
CA VAL H 366 62.17 -92.88 -57.69
C VAL H 366 62.78 -92.71 -56.30
N GLY H 367 63.06 -93.83 -55.66
CA GLY H 367 63.68 -93.84 -54.34
C GLY H 367 64.60 -95.02 -54.21
N GLY H 368 65.66 -94.84 -53.41
CA GLY H 368 66.70 -95.83 -53.27
C GLY H 368 66.72 -96.58 -51.96
N GLY H 369 66.28 -97.85 -51.99
CA GLY H 369 66.53 -98.81 -50.93
C GLY H 369 66.01 -98.37 -49.56
N PHE H 370 66.64 -98.92 -48.53
CA PHE H 370 66.33 -98.64 -47.13
C PHE H 370 67.50 -97.91 -46.50
N ASN H 371 67.23 -96.73 -45.93
CA ASN H 371 68.18 -96.01 -45.08
C ASN H 371 69.49 -95.73 -45.82
N GLU H 372 69.40 -95.33 -47.09
CA GLU H 372 70.59 -94.99 -47.85
C GLU H 372 71.19 -93.69 -47.34
N SER H 373 72.52 -93.63 -47.33
CA SER H 373 73.24 -92.47 -46.83
C SER H 373 73.32 -91.39 -47.90
N LYS H 374 73.87 -90.23 -47.53
CA LYS H 374 73.99 -89.12 -48.47
C LYS H 374 74.94 -89.46 -49.61
N GLU H 375 76.03 -90.17 -49.31
CA GLU H 375 77.00 -90.52 -50.35
C GLU H 375 76.38 -91.43 -51.39
N GLN H 376 75.58 -92.40 -50.96
CA GLN H 376 74.90 -93.28 -51.92
C GLN H 376 73.91 -92.50 -52.77
N LEU H 377 73.20 -91.55 -52.17
CA LEU H 377 72.21 -90.77 -52.91
C LEU H 377 72.87 -89.91 -53.99
N PHE H 378 74.06 -89.37 -53.70
CA PHE H 378 74.77 -88.58 -54.69
C PHE H 378 75.13 -89.42 -55.91
N GLY H 379 75.51 -90.69 -55.70
CA GLY H 379 75.80 -91.56 -56.81
C GLY H 379 74.60 -91.79 -57.71
N ARG H 380 73.42 -92.00 -57.11
CA ARG H 380 72.21 -92.17 -57.90
C ARG H 380 71.87 -90.91 -58.68
N GLN H 381 71.97 -89.75 -58.02
CA GLN H 381 71.62 -88.50 -58.68
C GLN H 381 72.58 -88.18 -59.82
N ALA H 382 73.88 -88.41 -59.60
CA ALA H 382 74.87 -88.12 -60.63
C ALA H 382 74.67 -89.02 -61.85
N SER H 383 74.30 -90.28 -61.63
CA SER H 383 74.13 -91.20 -62.73
C SER H 383 72.99 -90.78 -63.66
N LEU H 384 71.89 -90.29 -63.08
CA LEU H 384 70.72 -89.95 -63.88
C LEU H 384 70.88 -88.57 -64.53
N SER H 385 70.95 -87.53 -63.72
CA SER H 385 71.12 -86.15 -64.20
C SER H 385 70.05 -85.78 -65.21
N ASN H 386 68.82 -86.24 -64.98
CA ASN H 386 67.70 -86.04 -65.89
C ASN H 386 66.74 -85.00 -65.32
N PRO H 387 66.35 -83.96 -66.06
CA PRO H 387 65.32 -83.04 -65.51
C PRO H 387 64.00 -83.72 -65.21
N ARG H 388 63.62 -84.74 -65.96
CA ARG H 388 62.33 -85.41 -65.81
C ARG H 388 62.38 -86.58 -64.85
N VAL H 389 63.34 -86.60 -63.93
CA VAL H 389 63.46 -87.64 -62.92
C VAL H 389 63.77 -86.98 -61.58
N SER H 390 63.10 -87.45 -60.53
CA SER H 390 63.29 -86.96 -59.17
C SER H 390 63.63 -88.12 -58.25
N LEU H 391 64.60 -87.89 -57.36
CA LEU H 391 65.08 -88.91 -56.43
C LEU H 391 64.58 -88.58 -55.03
N VAL H 392 64.05 -89.59 -54.34
CA VAL H 392 63.52 -89.46 -52.99
C VAL H 392 64.47 -90.17 -52.04
N ALA H 393 64.90 -89.47 -51.00
CA ALA H 393 65.89 -89.99 -50.06
C ALA H 393 65.24 -90.64 -48.84
N ASN H 394 64.28 -89.96 -48.23
CA ASN H 394 63.72 -90.42 -46.96
C ASN H 394 62.91 -91.71 -47.15
N SER H 395 62.98 -92.56 -46.14
CA SER H 395 62.17 -93.77 -46.06
C SER H 395 61.59 -93.86 -44.65
N GLY H 396 60.41 -94.46 -44.55
CA GLY H 396 59.73 -94.52 -43.27
C GLY H 396 58.63 -95.55 -43.26
N THR H 397 57.78 -95.46 -42.23
CA THR H 397 56.69 -96.39 -42.00
C THR H 397 55.36 -95.67 -42.17
N PHE H 398 54.43 -96.34 -42.87
CA PHE H 398 53.10 -95.82 -43.13
C PHE H 398 52.07 -96.75 -42.50
N VAL H 399 51.04 -96.17 -41.91
CA VAL H 399 49.95 -96.92 -41.29
C VAL H 399 48.90 -97.16 -42.38
N MET H 400 48.72 -98.41 -42.75
CA MET H 400 47.77 -98.77 -43.80
C MET H 400 46.36 -98.89 -43.23
N ASP H 401 45.39 -99.07 -44.14
CA ASP H 401 44.01 -99.22 -43.72
C ASP H 401 43.81 -100.48 -42.87
N ASP H 402 44.60 -101.53 -43.14
CA ASP H 402 44.53 -102.73 -42.34
C ASP H 402 45.11 -102.56 -40.94
N GLY H 403 45.84 -101.47 -40.68
CA GLY H 403 46.45 -101.22 -39.40
C GLY H 403 47.90 -101.63 -39.28
N ARG H 404 48.51 -102.10 -40.36
CA ARG H 404 49.91 -102.52 -40.32
C ARG H 404 50.83 -101.31 -40.34
N LYS H 405 51.79 -101.30 -39.42
CA LYS H 405 52.86 -100.30 -39.42
C LYS H 405 54.00 -100.82 -40.30
N ASN H 406 53.70 -100.88 -41.60
CA ASN H 406 54.62 -101.49 -42.57
C ASN H 406 55.75 -100.52 -42.89
N HIS H 407 56.97 -100.89 -42.49
CA HIS H 407 58.15 -100.15 -42.91
C HIS H 407 58.42 -100.41 -44.37
N VAL H 408 58.62 -99.34 -45.14
CA VAL H 408 58.73 -99.42 -46.60
C VAL H 408 59.98 -98.67 -47.04
N PRO H 409 60.50 -98.98 -48.22
CA PRO H 409 61.71 -98.30 -48.70
C PRO H 409 61.38 -96.90 -49.23
N ALA H 410 62.42 -96.24 -49.76
CA ALA H 410 62.27 -94.86 -50.20
C ALA H 410 61.30 -94.73 -51.37
N TYR H 411 61.35 -95.66 -52.32
CA TYR H 411 60.54 -95.50 -53.53
C TYR H 411 59.04 -95.62 -53.25
N MET H 412 58.66 -96.24 -52.13
CA MET H 412 57.25 -96.23 -51.74
C MET H 412 56.82 -94.85 -51.25
N VAL H 413 57.76 -94.08 -50.68
CA VAL H 413 57.45 -92.71 -50.31
C VAL H 413 57.21 -91.87 -51.55
N ALA H 414 57.90 -92.18 -52.65
CA ALA H 414 57.69 -91.45 -53.90
C ALA H 414 56.26 -91.62 -54.41
N VAL H 415 55.61 -92.74 -54.08
CA VAL H 415 54.22 -92.93 -54.49
C VAL H 415 53.34 -91.86 -53.84
N ALA H 416 53.57 -91.58 -52.56
CA ALA H 416 52.81 -90.53 -51.88
C ALA H 416 53.08 -89.17 -52.53
N LEU H 417 54.34 -88.88 -52.85
CA LEU H 417 54.66 -87.63 -53.53
C LEU H 417 54.05 -87.62 -54.93
N GLY H 418 54.13 -88.73 -55.65
CA GLY H 418 53.52 -88.80 -56.96
C GLY H 418 52.01 -88.71 -56.90
N GLY H 419 51.40 -89.40 -55.94
CA GLY H 419 49.95 -89.29 -55.76
C GLY H 419 49.53 -87.88 -55.36
N LEU H 420 50.30 -87.26 -54.46
CA LEU H 420 50.02 -85.88 -54.09
C LEU H 420 50.18 -84.94 -55.29
N ALA H 421 51.23 -85.14 -56.08
CA ALA H 421 51.46 -84.29 -57.24
C ALA H 421 50.34 -84.43 -58.26
N SER H 422 49.87 -85.65 -58.49
CA SER H 422 48.80 -85.87 -59.45
C SER H 422 47.51 -85.20 -59.01
N GLY H 423 47.21 -85.25 -57.71
CA GLY H 423 45.98 -84.65 -57.21
C GLY H 423 46.01 -83.13 -57.24
N LEU H 424 47.19 -82.54 -57.18
CA LEU H 424 47.30 -81.08 -57.22
C LEU H 424 46.97 -80.55 -58.61
N GLU H 425 46.60 -79.28 -58.66
CA GLU H 425 46.25 -78.65 -59.92
C GLU H 425 47.50 -78.47 -60.78
N ILE H 426 47.28 -78.07 -62.04
CA ILE H 426 48.38 -77.87 -62.97
C ILE H 426 49.17 -76.65 -62.53
N GLY H 427 50.50 -76.81 -62.44
CA GLY H 427 51.38 -75.74 -62.04
C GLY H 427 51.64 -75.64 -60.56
N GLU H 428 50.90 -76.38 -59.73
CA GLU H 428 51.13 -76.38 -58.30
C GLU H 428 52.36 -77.22 -57.95
N SER H 429 52.91 -76.95 -56.77
CA SER H 429 54.12 -77.60 -56.28
C SER H 429 53.80 -78.39 -55.02
N ILE H 430 54.66 -79.38 -54.73
CA ILE H 430 54.54 -80.20 -53.53
C ILE H 430 55.42 -79.64 -52.42
N THR H 431 55.87 -78.39 -52.56
CA THR H 431 56.76 -77.80 -51.57
C THR H 431 55.99 -77.48 -50.30
N PHE H 432 56.55 -77.86 -49.15
CA PHE H 432 56.00 -77.62 -47.82
C PHE H 432 54.65 -78.29 -47.58
N LYS H 433 54.23 -79.20 -48.47
CA LYS H 433 52.96 -79.89 -48.28
C LYS H 433 53.12 -81.02 -47.28
N PRO H 434 52.06 -81.40 -46.56
CA PRO H 434 52.18 -82.52 -45.62
C PRO H 434 52.29 -83.84 -46.35
N LEU H 435 52.92 -84.81 -45.66
CA LEU H 435 53.11 -86.15 -46.19
C LEU H 435 52.27 -87.20 -45.47
N ARG H 436 51.93 -86.98 -44.20
CA ARG H 436 51.14 -87.93 -43.40
C ARG H 436 51.87 -89.27 -43.30
N VAL H 437 53.04 -89.23 -42.67
CA VAL H 437 53.89 -90.41 -42.45
C VAL H 437 54.10 -90.57 -40.95
N SER H 438 53.99 -91.81 -40.48
CA SER H 438 54.10 -92.07 -39.04
C SER H 438 55.48 -91.71 -38.52
N SER H 439 56.53 -92.09 -39.23
CA SER H 439 57.89 -91.82 -38.78
C SER H 439 58.83 -92.03 -39.96
N LEU H 440 60.07 -91.55 -39.79
CA LEU H 440 61.12 -91.67 -40.80
C LEU H 440 62.35 -92.29 -40.18
N ASP H 441 63.07 -93.08 -41.00
CA ASP H 441 64.28 -93.74 -40.51
C ASP H 441 65.34 -92.73 -40.11
N GLN H 442 65.54 -91.69 -40.94
CA GLN H 442 66.54 -90.66 -40.70
C GLN H 442 65.85 -89.30 -40.61
N ILE H 443 66.14 -88.58 -39.53
CA ILE H 443 65.64 -87.21 -39.33
C ILE H 443 66.81 -86.29 -39.66
N TYR H 444 66.85 -85.82 -40.90
CA TYR H 444 67.95 -84.97 -41.34
C TYR H 444 67.92 -83.63 -40.61
N GLU H 445 69.10 -83.14 -40.26
CA GLU H 445 69.23 -81.84 -39.62
C GLU H 445 69.14 -80.74 -40.68
N SER H 446 69.22 -79.48 -40.23
CA SER H 446 69.11 -78.36 -41.15
C SER H 446 70.26 -78.36 -42.15
N ILE H 447 71.48 -78.66 -41.71
CA ILE H 447 72.62 -78.67 -42.61
C ILE H 447 72.51 -79.83 -43.60
N ASP H 448 72.01 -80.98 -43.15
CA ASP H 448 71.88 -82.12 -44.04
C ASP H 448 70.86 -81.88 -45.14
N LEU H 449 69.74 -81.22 -44.79
CA LEU H 449 68.71 -80.93 -45.79
C LEU H 449 69.23 -80.00 -46.87
N ASP H 450 70.04 -79.01 -46.49
CA ASP H 450 70.59 -78.08 -47.48
C ASP H 450 71.49 -78.80 -48.48
N GLU H 451 72.31 -79.73 -48.01
CA GLU H 451 73.21 -80.44 -48.91
C GLU H 451 72.43 -81.26 -49.93
N LEU H 452 71.37 -81.94 -49.48
CA LEU H 452 70.54 -82.72 -50.41
C LEU H 452 69.85 -81.80 -51.41
N ASN H 453 69.36 -80.65 -50.97
CA ASN H 453 68.75 -79.70 -51.89
C ASN H 453 69.75 -79.17 -52.90
N GLU H 454 70.98 -78.90 -52.46
CA GLU H 454 72.01 -78.40 -53.36
C GLU H 454 72.37 -79.45 -54.42
N ASN H 455 72.22 -80.73 -54.09
CA ASN H 455 72.51 -81.82 -55.02
C ASN H 455 71.28 -82.30 -55.78
N GLY H 456 70.17 -81.56 -55.71
CA GLY H 456 68.97 -81.94 -56.45
C GLY H 456 68.33 -83.22 -55.97
N ILE H 457 68.20 -83.39 -54.66
CA ILE H 457 67.58 -84.57 -54.06
C ILE H 457 66.46 -84.11 -53.14
N ILE H 458 65.28 -84.70 -53.30
CA ILE H 458 64.14 -84.37 -52.47
C ILE H 458 64.33 -84.98 -51.09
N SER H 459 64.12 -84.17 -50.05
CA SER H 459 64.26 -84.61 -48.66
C SER H 459 63.04 -84.16 -47.87
N ILE H 460 62.76 -84.88 -46.79
CA ILE H 460 61.61 -84.65 -45.94
C ILE H 460 62.11 -84.35 -44.54
N GLU H 461 61.61 -83.25 -43.96
CA GLU H 461 62.07 -82.76 -42.66
C GLU H 461 60.98 -82.93 -41.62
N PHE H 462 61.40 -83.27 -40.40
CA PHE H 462 60.49 -83.36 -39.26
C PHE H 462 60.47 -82.00 -38.57
N VAL H 463 59.32 -81.33 -38.61
CA VAL H 463 59.19 -79.97 -38.10
C VAL H 463 59.06 -80.05 -36.59
N ARG H 464 60.07 -79.54 -35.88
CA ARG H 464 60.10 -79.50 -34.42
C ARG H 464 59.88 -78.10 -33.86
N ASN H 465 59.53 -77.13 -34.71
CA ASN H 465 59.33 -75.75 -34.26
C ASN H 465 57.99 -75.53 -33.58
N ARG H 466 57.08 -76.51 -33.63
CA ARG H 466 55.75 -76.39 -33.03
C ARG H 466 55.44 -77.64 -32.23
N THR H 467 54.51 -77.50 -31.29
CA THR H 467 54.07 -78.66 -30.51
C THR H 467 53.43 -79.71 -31.40
N ASN H 468 52.61 -79.27 -32.36
CA ASN H 468 51.97 -80.18 -33.32
C ASN H 468 52.96 -80.44 -34.45
N THR H 469 53.95 -81.27 -34.15
CA THR H 469 54.99 -81.58 -35.12
C THR H 469 54.42 -82.38 -36.30
N PHE H 470 54.97 -82.14 -37.48
CA PHE H 470 54.52 -82.82 -38.69
C PHE H 470 55.66 -82.80 -39.71
N PHE H 471 55.53 -83.66 -40.71
CA PHE H 471 56.51 -83.79 -41.78
C PHE H 471 56.07 -82.97 -42.99
N ARG H 472 57.05 -82.45 -43.73
CA ARG H 472 56.78 -81.67 -44.92
C ARG H 472 57.94 -81.83 -45.90
N ILE H 473 57.66 -81.53 -47.17
CA ILE H 473 58.64 -81.63 -48.24
C ILE H 473 59.33 -80.28 -48.37
N VAL H 474 60.66 -80.29 -48.28
CA VAL H 474 61.41 -79.02 -48.31
C VAL H 474 61.35 -78.40 -49.70
N ASP H 475 61.45 -79.21 -50.75
CA ASP H 475 61.47 -78.69 -52.11
C ASP H 475 61.21 -79.83 -53.07
N ASP H 476 60.76 -79.47 -54.28
CA ASP H 476 60.48 -80.41 -55.36
C ASP H 476 61.54 -80.33 -56.45
N VAL H 477 62.79 -80.09 -56.06
CA VAL H 477 63.87 -79.93 -57.03
C VAL H 477 64.13 -81.25 -57.73
N THR H 478 64.49 -81.18 -59.01
CA THR H 478 64.78 -82.35 -59.81
C THR H 478 66.26 -82.71 -59.70
N THR H 479 66.63 -83.82 -60.33
CA THR H 479 68.03 -84.25 -60.32
C THR H 479 68.92 -83.26 -61.05
N PHE H 480 68.39 -82.59 -62.06
CA PHE H 480 69.16 -81.58 -62.80
C PHE H 480 69.46 -80.41 -61.87
N ASN H 481 70.73 -80.26 -61.49
CA ASN H 481 71.11 -79.30 -60.45
C ASN H 481 71.23 -77.87 -60.98
N ASP H 482 71.14 -77.65 -62.28
CA ASP H 482 71.27 -76.30 -62.83
C ASP H 482 70.02 -75.51 -62.48
N LYS H 483 70.10 -74.74 -61.39
CA LYS H 483 68.98 -73.93 -60.95
C LYS H 483 68.76 -72.69 -61.83
N SER H 484 69.68 -72.38 -62.73
CA SER H 484 69.50 -71.24 -63.62
C SER H 484 68.29 -71.42 -64.53
N ASP H 485 67.98 -72.66 -64.90
CA ASP H 485 66.83 -72.99 -65.73
C ASP H 485 65.71 -73.53 -64.85
N PRO H 486 64.78 -72.69 -64.36
CA PRO H 486 63.74 -73.21 -63.47
C PRO H 486 62.81 -74.22 -64.13
N VAL H 487 62.70 -74.20 -65.46
CA VAL H 487 61.85 -75.19 -66.14
C VAL H 487 62.37 -76.60 -65.90
N LYS H 488 63.69 -76.79 -66.07
CA LYS H 488 64.28 -78.10 -65.84
C LYS H 488 64.46 -78.39 -64.36
N ALA H 489 64.82 -77.38 -63.56
CA ALA H 489 65.12 -77.61 -62.16
C ALA H 489 63.88 -77.87 -61.33
N GLU H 490 62.81 -77.10 -61.56
CA GLU H 490 61.60 -77.16 -60.75
C GLU H 490 60.54 -77.99 -61.45
N MET H 491 59.98 -78.96 -60.72
CA MET H 491 58.95 -79.81 -61.29
C MET H 491 57.70 -79.03 -61.63
N ALA H 492 57.28 -78.13 -60.72
CA ALA H 492 56.03 -77.39 -60.94
C ALA H 492 56.12 -76.48 -62.15
N VAL H 493 57.25 -75.77 -62.30
CA VAL H 493 57.41 -74.88 -63.44
C VAL H 493 57.46 -75.68 -64.74
N GLY H 494 58.21 -76.77 -64.75
CA GLY H 494 58.25 -77.62 -65.93
C GLY H 494 56.93 -78.30 -66.22
N GLU H 495 56.19 -78.66 -65.16
CA GLU H 495 54.88 -79.29 -65.36
C GLU H 495 53.93 -78.35 -66.08
N ALA H 496 53.92 -77.07 -65.69
CA ALA H 496 53.04 -76.11 -66.36
C ALA H 496 53.45 -75.93 -67.82
N ASN H 497 54.76 -75.90 -68.09
CA ASN H 497 55.23 -75.74 -69.45
C ASN H 497 54.82 -76.93 -70.33
N ASP H 498 54.91 -78.14 -69.78
CA ASP H 498 54.56 -79.33 -70.56
C ASP H 498 53.08 -79.34 -70.92
N PHE H 499 52.21 -79.12 -69.94
CA PHE H 499 50.78 -79.12 -70.21
C PHE H 499 50.38 -77.94 -71.10
N LEU H 500 50.97 -76.77 -70.87
CA LEU H 500 50.69 -75.61 -71.71
C LEU H 500 51.11 -75.87 -73.15
N VAL H 501 52.30 -76.42 -73.35
CA VAL H 501 52.80 -76.69 -74.69
C VAL H 501 52.03 -77.84 -75.32
N SER H 502 51.82 -78.92 -74.57
CA SER H 502 51.18 -80.11 -75.14
C SER H 502 49.73 -79.83 -75.51
N GLU H 503 48.99 -79.16 -74.62
CA GLU H 503 47.57 -78.88 -74.91
C GLU H 503 47.43 -77.95 -76.10
N LEU H 504 48.30 -76.94 -76.21
CA LEU H 504 48.26 -76.05 -77.36
C LEU H 504 48.58 -76.80 -78.64
N LYS H 505 49.48 -77.77 -78.57
CA LYS H 505 49.86 -78.54 -79.76
C LYS H 505 48.69 -79.34 -80.30
N VAL H 506 47.95 -80.00 -79.41
CA VAL H 506 46.85 -80.85 -79.84
C VAL H 506 45.69 -80.02 -80.36
N GLN H 507 45.34 -78.93 -79.66
CA GLN H 507 44.16 -78.16 -80.01
C GLN H 507 44.30 -77.50 -81.38
N LEU H 508 45.49 -76.96 -81.67
CA LEU H 508 45.69 -76.28 -82.94
C LEU H 508 45.56 -77.24 -84.12
N GLU H 509 46.07 -78.45 -83.98
CA GLU H 509 46.01 -79.42 -85.07
C GLU H 509 44.57 -79.80 -85.41
N ASP H 510 43.75 -80.06 -84.39
CA ASP H 510 42.37 -80.48 -84.64
C ASP H 510 41.54 -79.34 -85.20
N GLN H 511 41.89 -78.09 -84.91
CA GLN H 511 41.07 -76.94 -85.27
C GLN H 511 41.41 -76.40 -86.65
N PHE H 512 42.67 -76.03 -86.87
CA PHE H 512 43.05 -75.21 -88.02
C PHE H 512 43.63 -76.01 -89.17
N ILE H 513 44.30 -77.14 -88.92
CA ILE H 513 44.87 -77.92 -90.01
C ILE H 513 43.74 -78.53 -90.83
N GLY H 514 43.86 -78.42 -92.16
CA GLY H 514 42.84 -78.89 -93.06
C GLY H 514 41.78 -77.86 -93.44
N THR H 515 41.79 -76.69 -92.81
CA THR H 515 40.85 -75.63 -93.11
C THR H 515 41.40 -74.68 -94.16
N ARG H 516 40.50 -73.98 -94.84
CA ARG H 516 40.90 -73.07 -95.90
C ARG H 516 41.65 -71.87 -95.32
N THR H 517 42.61 -71.36 -96.09
CA THR H 517 43.38 -70.18 -95.70
C THR H 517 42.62 -68.93 -96.15
N ILE H 518 41.48 -68.70 -95.50
CA ILE H 518 40.63 -67.55 -95.82
C ILE H 518 41.32 -66.28 -95.34
N ASN H 519 40.79 -65.13 -95.76
CA ASN H 519 41.40 -63.85 -95.39
C ASN H 519 41.35 -63.64 -93.89
N THR H 520 40.27 -64.05 -93.24
CA THR H 520 40.10 -63.89 -91.80
C THR H 520 40.73 -65.03 -91.00
N SER H 521 41.58 -65.86 -91.62
CA SER H 521 42.20 -66.95 -90.88
C SER H 521 43.11 -66.42 -89.78
N ALA H 522 43.88 -65.37 -90.06
CA ALA H 522 44.78 -64.82 -89.05
C ALA H 522 44.02 -64.27 -87.86
N SER H 523 42.92 -63.57 -88.11
CA SER H 523 42.12 -63.02 -87.02
C SER H 523 41.49 -64.13 -86.18
N ILE H 524 41.00 -65.19 -86.84
CA ILE H 524 40.39 -66.30 -86.12
C ILE H 524 41.42 -67.01 -85.25
N ILE H 525 42.63 -67.20 -85.78
CA ILE H 525 43.69 -67.86 -85.00
C ILE H 525 44.06 -67.01 -83.80
N LYS H 526 44.15 -65.70 -83.99
CA LYS H 526 44.48 -64.80 -82.88
C LYS H 526 43.41 -64.86 -81.79
N ASP H 527 42.13 -64.89 -82.19
CA ASP H 527 41.05 -64.97 -81.21
C ASP H 527 41.10 -66.29 -80.45
N PHE H 528 41.41 -67.38 -81.16
CA PHE H 528 41.50 -68.68 -80.49
C PHE H 528 42.62 -68.69 -79.46
N ILE H 529 43.77 -68.09 -79.79
CA ILE H 529 44.89 -68.06 -78.87
C ILE H 529 44.55 -67.27 -77.63
N GLN H 530 43.92 -66.10 -77.79
CA GLN H 530 43.57 -65.27 -76.65
C GLN H 530 42.59 -65.97 -75.73
N SER H 531 41.61 -66.67 -76.31
CA SER H 531 40.65 -67.42 -75.49
C SER H 531 41.35 -68.55 -74.75
N TYR H 532 42.29 -69.24 -75.41
CA TYR H 532 43.01 -70.33 -74.76
C TYR H 532 43.87 -69.80 -73.61
N LEU H 533 44.58 -68.70 -73.84
CA LEU H 533 45.40 -68.13 -72.77
C LEU H 533 44.55 -67.54 -71.66
N GLY H 534 43.36 -67.02 -71.99
CA GLY H 534 42.47 -66.51 -70.96
C GLY H 534 42.01 -67.60 -70.00
N ARG H 535 41.75 -68.79 -70.53
CA ARG H 535 41.36 -69.91 -69.67
C ARG H 535 42.50 -70.29 -68.73
N LYS H 536 43.74 -70.26 -69.22
CA LYS H 536 44.88 -70.57 -68.36
C LYS H 536 45.00 -69.56 -67.22
N LYS H 537 44.82 -68.28 -67.53
CA LYS H 537 44.82 -67.26 -66.48
C LYS H 537 43.66 -67.46 -65.54
N ARG H 538 42.50 -67.87 -66.06
CA ARG H 538 41.34 -68.11 -65.22
C ARG H 538 41.61 -69.25 -64.23
N ASP H 539 42.28 -70.31 -64.69
CA ASP H 539 42.63 -71.44 -63.86
C ASP H 539 43.96 -71.25 -63.13
N ASN H 540 44.59 -70.09 -63.25
CA ASN H 540 45.85 -69.77 -62.57
C ASN H 540 46.98 -70.70 -63.02
N GLU H 541 46.88 -71.25 -64.23
CA GLU H 541 47.98 -72.02 -64.79
C GLU H 541 49.11 -71.15 -65.30
N ILE H 542 48.84 -69.87 -65.60
CA ILE H 542 49.85 -68.90 -65.97
C ILE H 542 49.57 -67.62 -65.20
N GLN H 543 50.60 -66.77 -65.11
CA GLN H 543 50.47 -65.52 -64.38
C GLN H 543 49.66 -64.50 -65.18
N ASP H 544 50.15 -64.14 -66.36
CA ASP H 544 49.48 -63.19 -67.24
C ASP H 544 50.13 -63.26 -68.61
N PHE H 545 49.47 -62.69 -69.60
CA PHE H 545 50.00 -62.59 -70.95
C PHE H 545 49.57 -61.25 -71.55
N PRO H 546 50.41 -60.62 -72.38
CA PRO H 546 49.95 -59.43 -73.11
C PRO H 546 49.23 -59.84 -74.39
N ALA H 547 47.97 -59.40 -74.53
CA ALA H 547 47.20 -59.73 -75.72
C ALA H 547 47.73 -59.03 -76.96
N GLU H 548 48.27 -57.82 -76.81
CA GLU H 548 48.73 -57.06 -77.97
C GLU H 548 49.90 -57.76 -78.66
N ASP H 549 50.83 -58.33 -77.89
CA ASP H 549 52.01 -58.96 -78.48
C ASP H 549 51.70 -60.23 -79.24
N VAL H 550 50.50 -60.80 -79.10
CA VAL H 550 50.14 -62.00 -79.84
C VAL H 550 49.96 -61.62 -81.31
N GLN H 551 50.90 -62.08 -82.15
CA GLN H 551 50.91 -61.80 -83.57
C GLN H 551 50.85 -63.10 -84.35
N VAL H 552 50.04 -63.12 -85.42
CA VAL H 552 49.84 -64.28 -86.26
C VAL H 552 50.17 -63.88 -87.69
N ILE H 553 51.02 -64.68 -88.34
CA ILE H 553 51.41 -64.47 -89.73
C ILE H 553 51.10 -65.75 -90.50
N VAL H 554 50.36 -65.60 -91.60
CA VAL H 554 49.96 -66.72 -92.45
C VAL H 554 50.54 -66.51 -93.83
N GLU H 555 51.24 -67.53 -94.35
CA GLU H 555 51.84 -67.46 -95.68
C GLU H 555 51.89 -68.88 -96.23
N GLY H 556 51.03 -69.17 -97.20
CA GLY H 556 51.01 -70.51 -97.76
C GLY H 556 50.55 -71.53 -96.74
N ASN H 557 51.16 -72.72 -96.80
CA ASN H 557 50.83 -73.78 -95.85
C ASN H 557 51.21 -73.37 -94.43
N GLU H 558 52.37 -72.75 -94.26
CA GLU H 558 52.85 -72.38 -92.93
C GLU H 558 51.98 -71.29 -92.34
N ALA H 559 51.90 -71.28 -91.00
CA ALA H 559 51.17 -70.26 -90.24
C ALA H 559 52.00 -69.96 -88.99
N ARG H 560 52.85 -68.93 -89.10
CA ARG H 560 53.72 -68.56 -88.00
C ARG H 560 52.93 -67.87 -86.90
N ILE H 561 53.17 -68.28 -85.66
CA ILE H 561 52.50 -67.74 -84.49
C ILE H 561 53.56 -67.31 -83.48
N SER H 562 53.37 -66.14 -82.88
CA SER H 562 54.25 -65.62 -81.84
C SER H 562 53.40 -65.10 -80.69
N MET H 563 53.81 -65.43 -79.47
CA MET H 563 53.06 -65.03 -78.28
C MET H 563 54.04 -64.87 -77.13
N THR H 564 53.60 -64.11 -76.12
CA THR H 564 54.35 -63.89 -74.89
C THR H 564 53.49 -64.33 -73.71
N VAL H 565 54.10 -65.04 -72.77
CA VAL H 565 53.42 -65.55 -71.59
C VAL H 565 54.32 -65.35 -70.38
N TYR H 566 53.76 -64.86 -69.27
CA TYR H 566 54.48 -64.77 -68.02
C TYR H 566 54.22 -66.04 -67.22
N PRO H 567 55.22 -66.92 -67.03
CA PRO H 567 54.92 -68.22 -66.42
C PRO H 567 54.56 -68.11 -64.95
N ILE H 568 53.76 -69.07 -64.49
CA ILE H 568 53.44 -69.15 -63.07
C ILE H 568 54.62 -69.75 -62.32
N ARG H 569 54.87 -69.24 -61.11
CA ARG H 569 56.01 -69.65 -60.30
C ARG H 569 55.55 -69.89 -58.86
N SER H 570 56.29 -70.75 -58.17
CA SER H 570 56.02 -71.08 -56.78
C SER H 570 57.02 -70.35 -55.89
N PHE H 571 56.51 -69.73 -54.83
CA PHE H 571 57.38 -69.00 -53.91
C PHE H 571 58.37 -69.94 -53.24
N LYS H 572 59.64 -69.52 -53.21
CA LYS H 572 60.69 -70.26 -52.52
C LYS H 572 61.64 -69.38 -51.73
N LYS H 573 61.43 -68.06 -51.71
CA LYS H 573 62.25 -67.17 -50.91
C LYS H 573 61.46 -65.90 -50.64
N ILE H 574 61.39 -65.51 -49.37
CA ILE H 574 60.67 -64.31 -48.95
C ILE H 574 61.65 -63.46 -48.15
N SER H 575 61.93 -62.26 -48.67
CA SER H 575 62.85 -61.32 -48.06
C SER H 575 62.06 -60.18 -47.41
N VAL H 576 62.35 -59.91 -46.14
CA VAL H 576 61.69 -58.86 -45.37
C VAL H 576 62.75 -57.88 -44.89
N SER H 577 62.52 -56.60 -45.15
CA SER H 577 63.42 -55.52 -44.74
C SER H 577 62.68 -54.70 -43.67
N LEU H 578 62.87 -55.09 -42.41
CA LEU H 578 62.23 -54.42 -41.30
C LEU H 578 63.08 -53.24 -40.84
N VAL H 579 62.47 -52.05 -40.79
CA VAL H 579 63.15 -50.81 -40.42
C VAL H 579 62.41 -50.23 -39.23
N TYR H 580 63.18 -49.92 -38.17
CA TYR H 580 62.65 -49.28 -36.97
C TYR H 580 62.89 -47.78 -37.04
N LYS H 581 61.89 -47.01 -36.61
CA LYS H 581 61.96 -45.56 -36.62
C LYS H 581 61.30 -45.01 -35.36
N GLN H 582 61.62 -43.76 -35.05
CA GLN H 582 61.08 -43.07 -33.89
C GLN H 582 59.78 -42.36 -34.26
N GLN H 583 58.90 -42.23 -33.26
CA GLN H 583 57.65 -41.50 -33.38
C GLN H 583 57.47 -40.62 -32.15
N THR H 584 56.95 -39.42 -32.36
CA THR H 584 56.76 -38.43 -31.31
C THR H 584 55.28 -38.32 -30.98
N LEU H 585 54.95 -38.34 -29.70
CA LEU H 585 53.59 -38.22 -29.21
C LEU H 585 53.37 -36.87 -28.57
N GLN H 586 52.14 -36.39 -28.61
CA GLN H 586 51.77 -35.10 -28.03
C GLN H 586 50.35 -35.18 -27.49
N ALA H 587 50.04 -34.28 -26.57
CA ALA H 587 48.71 -34.19 -25.97
C ALA H 587 48.33 -35.49 -25.26
#